data_2JOZ
#
_entry.id   2JOZ
#
_entity_poly.entity_id   1
_entity_poly.type   'polypeptide(L)'
_entity_poly.pdbx_seq_one_letter_code
;MIMVSGCQQQKEETPFYYGTWDEGRAPGPTDGVKSATVTFTEDEVVETEVMEGRGEVQLPFMAYKVISQSTDGSIEIQYL
GPYYPLKSTLKRGENGTLIWEQNGQRKTMTRIESKTGREEKDEKSKSLEHHHHHH
;
_entity_poly.pdbx_strand_id   A
#
# COMPACT_ATOMS: atom_id res chain seq x y z
N MET A 1 -1.31 21.45 38.78
CA MET A 1 -2.05 20.43 38.01
C MET A 1 -1.05 19.46 37.36
N ILE A 2 -1.56 18.42 36.72
CA ILE A 2 -0.69 17.41 36.13
C ILE A 2 -1.16 17.03 34.72
N MET A 3 -0.28 16.37 33.99
CA MET A 3 -0.62 15.81 32.70
C MET A 3 -0.71 14.30 32.84
N VAL A 4 -1.89 13.75 32.63
CA VAL A 4 -2.13 12.33 32.84
C VAL A 4 -1.42 11.50 31.78
N SER A 5 -0.39 10.78 32.20
CA SER A 5 0.39 9.96 31.30
C SER A 5 -0.38 8.69 30.92
N GLY A 6 0.03 8.07 29.83
CA GLY A 6 -0.61 6.85 29.40
C GLY A 6 -0.25 6.53 27.96
N CYS A 7 0.01 5.27 27.69
CA CYS A 7 0.36 4.84 26.35
C CYS A 7 -0.27 3.50 26.03
N GLN A 8 0.04 2.48 26.83
CA GLN A 8 -0.49 1.13 26.64
C GLN A 8 -0.01 0.55 25.32
N GLN A 9 -0.63 -0.55 24.91
CA GLN A 9 -0.36 -1.14 23.61
C GLN A 9 -1.64 -1.71 23.03
N GLN A 10 -1.74 -1.72 21.72
CA GLN A 10 -2.92 -2.23 21.05
C GLN A 10 -2.80 -3.74 20.84
N LYS A 11 -3.78 -4.47 21.35
CA LYS A 11 -3.86 -5.90 21.13
C LYS A 11 -4.49 -6.17 19.77
N GLU A 12 -5.23 -5.17 19.30
CA GLU A 12 -5.74 -5.19 17.95
C GLU A 12 -4.61 -4.87 16.98
N GLU A 13 -4.54 -5.62 15.90
CA GLU A 13 -3.46 -5.47 14.96
C GLU A 13 -3.51 -4.12 14.26
N THR A 14 -2.34 -3.60 13.97
CA THR A 14 -2.21 -2.35 13.23
C THR A 14 -0.98 -2.42 12.32
N PRO A 15 -1.12 -3.07 11.15
CA PRO A 15 -0.04 -3.14 10.17
C PRO A 15 0.20 -1.80 9.49
N PHE A 16 1.38 -1.24 9.71
CA PHE A 16 1.70 0.10 9.24
C PHE A 16 1.77 0.16 7.71
N TYR A 17 1.84 -0.99 7.04
CA TYR A 17 1.94 -1.01 5.59
C TYR A 17 0.57 -1.17 4.93
N TYR A 18 -0.40 -1.62 5.71
CA TYR A 18 -1.72 -1.93 5.17
C TYR A 18 -2.52 -0.65 4.95
N GLY A 19 -3.25 -0.60 3.84
CA GLY A 19 -4.07 0.55 3.54
C GLY A 19 -3.96 0.98 2.10
N THR A 20 -4.17 2.26 1.84
CA THR A 20 -4.06 2.82 0.51
C THR A 20 -3.13 4.02 0.55
N TRP A 21 -2.13 4.03 -0.33
CA TRP A 21 -1.10 5.06 -0.30
C TRP A 21 -1.08 5.88 -1.58
N ASP A 22 -0.80 7.17 -1.44
CA ASP A 22 -0.78 8.12 -2.55
C ASP A 22 0.60 8.23 -3.19
N GLU A 23 0.66 7.91 -4.48
CA GLU A 23 1.81 8.09 -5.31
C GLU A 23 1.51 9.29 -6.27
N GLY A 24 0.80 10.26 -5.72
CA GLY A 24 0.34 11.39 -6.49
C GLY A 24 1.44 12.39 -6.77
N ARG A 25 2.34 11.99 -7.64
CA ARG A 25 3.36 12.88 -8.15
C ARG A 25 2.92 13.45 -9.49
N ALA A 26 3.85 14.09 -10.19
CA ALA A 26 3.55 14.75 -11.45
C ALA A 26 3.37 13.74 -12.59
N PRO A 27 2.45 14.02 -13.52
CA PRO A 27 2.14 13.14 -14.64
C PRO A 27 3.23 13.09 -15.70
N GLY A 28 2.98 12.32 -16.75
CA GLY A 28 3.94 12.12 -17.80
C GLY A 28 3.26 12.08 -19.16
N PRO A 29 3.86 11.35 -20.12
CA PRO A 29 3.27 11.14 -21.46
C PRO A 29 1.94 10.40 -21.40
N THR A 30 1.50 9.85 -22.54
CA THR A 30 0.23 9.13 -22.63
C THR A 30 0.12 8.03 -21.57
N ASP A 31 1.25 7.42 -21.26
CA ASP A 31 1.31 6.35 -20.28
C ASP A 31 1.84 6.86 -18.95
N GLY A 32 1.82 8.18 -18.80
CA GLY A 32 2.23 8.82 -17.58
C GLY A 32 1.04 9.39 -16.85
N VAL A 33 0.31 8.50 -16.20
CA VAL A 33 -0.93 8.82 -15.51
C VAL A 33 -0.74 9.95 -14.49
N LYS A 34 -1.78 10.79 -14.36
CA LYS A 34 -1.74 12.00 -13.54
C LYS A 34 -1.34 11.71 -12.11
N SER A 35 -1.86 10.63 -11.56
CA SER A 35 -1.62 10.26 -10.19
C SER A 35 -1.79 8.77 -10.02
N ALA A 36 -1.28 8.24 -8.92
CA ALA A 36 -1.41 6.83 -8.64
C ALA A 36 -1.61 6.59 -7.15
N THR A 37 -2.31 5.53 -6.82
CA THR A 37 -2.52 5.12 -5.45
C THR A 37 -2.28 3.61 -5.35
N VAL A 38 -1.65 3.17 -4.28
CA VAL A 38 -1.38 1.75 -4.13
C VAL A 38 -2.19 1.17 -2.97
N THR A 39 -2.88 0.08 -3.25
CA THR A 39 -3.70 -0.58 -2.26
C THR A 39 -3.06 -1.90 -1.85
N PHE A 40 -2.87 -2.08 -0.55
CA PHE A 40 -2.28 -3.31 -0.04
C PHE A 40 -3.38 -4.22 0.49
N THR A 41 -3.49 -5.37 -0.14
CA THR A 41 -4.49 -6.36 0.23
C THR A 41 -3.82 -7.48 1.03
N GLU A 42 -4.63 -8.46 1.43
CA GLU A 42 -4.18 -9.61 2.23
C GLU A 42 -2.86 -10.21 1.74
N ASP A 43 -2.87 -10.86 0.58
CA ASP A 43 -1.67 -11.52 0.05
C ASP A 43 -1.37 -11.03 -1.34
N GLU A 44 -2.08 -9.99 -1.75
CA GLU A 44 -1.91 -9.40 -3.06
C GLU A 44 -1.83 -7.88 -2.94
N VAL A 45 -1.11 -7.26 -3.86
CA VAL A 45 -1.02 -5.81 -3.91
C VAL A 45 -1.71 -5.29 -5.16
N VAL A 46 -2.54 -4.27 -5.02
CA VAL A 46 -3.25 -3.72 -6.14
C VAL A 46 -2.83 -2.27 -6.40
N GLU A 47 -2.35 -2.01 -7.60
CA GLU A 47 -1.99 -0.67 -7.99
C GLU A 47 -3.12 0.03 -8.70
N THR A 48 -3.29 1.29 -8.39
CA THR A 48 -4.32 2.10 -9.02
C THR A 48 -3.70 3.38 -9.57
N GLU A 49 -4.03 3.73 -10.78
CA GLU A 49 -3.57 4.97 -11.36
C GLU A 49 -4.77 5.77 -11.86
N VAL A 50 -4.80 7.07 -11.55
CA VAL A 50 -5.96 7.88 -11.92
C VAL A 50 -5.73 8.51 -13.28
N MET A 51 -6.47 8.01 -14.25
CA MET A 51 -6.26 8.39 -15.63
C MET A 51 -7.27 9.44 -16.05
N GLU A 52 -6.82 10.44 -16.79
CA GLU A 52 -7.68 11.51 -17.23
C GLU A 52 -8.76 10.97 -18.17
N GLY A 53 -10.01 11.06 -17.72
CA GLY A 53 -11.12 10.58 -18.53
C GLY A 53 -11.56 9.19 -18.13
N ARG A 54 -10.74 8.50 -17.34
CA ARG A 54 -11.06 7.14 -16.92
C ARG A 54 -11.30 7.10 -15.41
N GLY A 55 -10.53 7.89 -14.68
CA GLY A 55 -10.60 7.89 -13.23
C GLY A 55 -9.66 6.85 -12.66
N GLU A 56 -9.91 6.44 -11.42
CA GLU A 56 -9.14 5.38 -10.82
C GLU A 56 -9.33 4.09 -11.59
N VAL A 57 -8.22 3.50 -11.97
CA VAL A 57 -8.22 2.22 -12.64
C VAL A 57 -7.32 1.27 -11.88
N GLN A 58 -7.87 0.16 -11.43
CA GLN A 58 -7.11 -0.82 -10.68
C GLN A 58 -6.45 -1.81 -11.62
N LEU A 59 -5.16 -2.04 -11.42
CA LEU A 59 -4.38 -2.91 -12.26
C LEU A 59 -4.46 -4.34 -11.76
N PRO A 60 -4.05 -5.31 -12.60
CA PRO A 60 -3.95 -6.71 -12.21
C PRO A 60 -3.17 -6.87 -10.90
N PHE A 61 -3.83 -7.45 -9.90
CA PHE A 61 -3.24 -7.58 -8.58
C PHE A 61 -2.01 -8.49 -8.60
N MET A 62 -0.96 -8.03 -7.94
CA MET A 62 0.29 -8.77 -7.87
C MET A 62 0.43 -9.46 -6.52
N ALA A 63 0.74 -10.74 -6.53
CA ALA A 63 0.91 -11.49 -5.29
C ALA A 63 2.25 -11.17 -4.65
N TYR A 64 2.32 -11.21 -3.33
CA TYR A 64 3.57 -10.96 -2.62
C TYR A 64 3.73 -11.91 -1.45
N LYS A 65 4.96 -12.18 -1.07
CA LYS A 65 5.26 -12.94 0.13
C LYS A 65 6.21 -12.16 1.02
N VAL A 66 6.07 -12.38 2.31
CA VAL A 66 6.89 -11.70 3.30
C VAL A 66 8.10 -12.55 3.65
N ILE A 67 9.28 -12.03 3.34
CA ILE A 67 10.53 -12.72 3.64
C ILE A 67 10.94 -12.41 5.07
N SER A 68 11.00 -11.12 5.37
CA SER A 68 11.34 -10.66 6.70
C SER A 68 10.35 -9.58 7.12
N GLN A 69 10.11 -9.47 8.41
CA GLN A 69 9.12 -8.54 8.90
C GLN A 69 9.49 -8.02 10.28
N SER A 70 8.97 -6.85 10.61
CA SER A 70 9.12 -6.27 11.93
C SER A 70 7.73 -5.95 12.47
N THR A 71 7.60 -5.82 13.79
CA THR A 71 6.33 -5.44 14.37
C THR A 71 6.01 -3.99 14.00
N ASP A 72 7.07 -3.19 13.87
CA ASP A 72 6.97 -1.82 13.41
C ASP A 72 8.36 -1.26 13.14
N GLY A 73 8.83 -1.42 11.91
CA GLY A 73 10.12 -0.89 11.53
C GLY A 73 10.35 -1.01 10.04
N SER A 74 10.70 -2.20 9.59
CA SER A 74 10.91 -2.46 8.19
C SER A 74 10.33 -3.81 7.81
N ILE A 75 10.01 -3.95 6.54
CA ILE A 75 9.45 -5.18 5.99
C ILE A 75 10.14 -5.55 4.69
N GLU A 76 10.46 -6.81 4.52
CA GLU A 76 11.08 -7.28 3.29
C GLU A 76 10.16 -8.26 2.60
N ILE A 77 9.79 -7.95 1.37
CA ILE A 77 8.81 -8.74 0.65
C ILE A 77 9.29 -9.05 -0.77
N GLN A 78 8.84 -10.17 -1.30
CA GLN A 78 9.14 -10.55 -2.67
C GLN A 78 7.85 -10.80 -3.42
N TYR A 79 7.78 -10.31 -4.65
CA TYR A 79 6.57 -10.41 -5.45
C TYR A 79 6.45 -11.80 -6.07
N LEU A 80 5.30 -12.07 -6.65
CA LEU A 80 5.09 -13.29 -7.41
C LEU A 80 4.45 -12.94 -8.75
N GLY A 81 4.78 -13.71 -9.77
CA GLY A 81 4.33 -13.40 -11.10
C GLY A 81 5.50 -13.19 -12.04
N PRO A 82 5.34 -12.40 -13.11
CA PRO A 82 6.41 -12.16 -14.09
C PRO A 82 7.57 -11.34 -13.49
N TYR A 83 7.32 -10.74 -12.33
CA TYR A 83 8.32 -9.91 -11.66
C TYR A 83 8.54 -10.41 -10.24
N TYR A 84 8.71 -11.72 -10.08
CA TYR A 84 8.77 -12.32 -8.76
C TYR A 84 10.17 -12.27 -8.16
N PRO A 85 11.27 -12.43 -8.93
CA PRO A 85 12.57 -12.59 -8.30
C PRO A 85 13.13 -11.29 -7.74
N LEU A 86 12.43 -10.20 -7.98
CA LEU A 86 12.89 -8.91 -7.49
C LEU A 86 12.12 -8.53 -6.24
N LYS A 87 12.79 -8.55 -5.11
CA LYS A 87 12.16 -8.23 -3.85
C LYS A 87 12.19 -6.72 -3.59
N SER A 88 11.41 -6.28 -2.62
CA SER A 88 11.28 -4.88 -2.32
C SER A 88 11.44 -4.63 -0.82
N THR A 89 11.69 -3.40 -0.44
CA THR A 89 11.87 -3.05 0.95
C THR A 89 10.85 -2.01 1.39
N LEU A 90 10.37 -2.15 2.60
CA LEU A 90 9.38 -1.25 3.18
C LEU A 90 9.86 -0.76 4.54
N LYS A 91 9.66 0.51 4.80
CA LYS A 91 10.06 1.10 6.09
C LYS A 91 9.02 2.12 6.53
N ARG A 92 8.96 2.37 7.82
CA ARG A 92 8.06 3.39 8.35
C ARG A 92 8.65 4.78 8.13
N GLY A 93 7.80 5.75 7.84
CA GLY A 93 8.27 7.08 7.56
C GLY A 93 7.76 8.12 8.55
N GLU A 94 8.01 9.38 8.24
CA GLU A 94 7.62 10.48 9.10
C GLU A 94 6.14 10.79 8.95
N ASN A 95 5.56 11.39 9.99
CA ASN A 95 4.15 11.79 10.02
C ASN A 95 3.22 10.58 10.12
N GLY A 96 3.39 9.67 9.18
CA GLY A 96 2.57 8.48 9.13
C GLY A 96 2.62 7.88 7.75
N THR A 97 3.82 7.89 7.16
CA THR A 97 4.00 7.48 5.79
C THR A 97 4.72 6.13 5.69
N LEU A 98 4.78 5.61 4.49
CA LEU A 98 5.47 4.36 4.22
C LEU A 98 6.60 4.61 3.25
N ILE A 99 7.77 4.09 3.56
CA ILE A 99 8.92 4.21 2.69
C ILE A 99 9.05 2.96 1.86
N TRP A 100 8.79 3.08 0.58
CA TRP A 100 8.81 1.96 -0.33
C TRP A 100 10.08 2.04 -1.16
N GLU A 101 10.96 1.07 -0.99
CA GLU A 101 12.18 1.03 -1.75
C GLU A 101 12.19 -0.14 -2.72
N GLN A 102 12.54 0.18 -3.94
CA GLN A 102 12.55 -0.78 -5.03
C GLN A 102 13.60 -0.37 -6.05
N ASN A 103 14.44 -1.31 -6.46
CA ASN A 103 15.41 -1.07 -7.52
C ASN A 103 16.47 -0.07 -7.09
N GLY A 104 16.52 0.22 -5.78
CA GLY A 104 17.44 1.20 -5.26
C GLY A 104 16.82 2.58 -5.17
N GLN A 105 15.58 2.71 -5.62
CA GLN A 105 14.87 3.98 -5.54
C GLN A 105 14.05 4.04 -4.25
N ARG A 106 14.13 5.18 -3.59
CA ARG A 106 13.42 5.39 -2.33
C ARG A 106 12.18 6.24 -2.56
N LYS A 107 11.01 5.68 -2.30
CA LYS A 107 9.75 6.37 -2.51
C LYS A 107 8.98 6.55 -1.20
N THR A 108 8.58 7.77 -0.90
CA THR A 108 7.77 8.05 0.26
C THR A 108 6.29 8.08 -0.11
N MET A 109 5.52 7.18 0.50
CA MET A 109 4.10 7.08 0.21
C MET A 109 3.27 7.62 1.38
N THR A 110 2.25 8.41 1.07
CA THR A 110 1.35 8.94 2.10
C THR A 110 0.10 8.05 2.19
N ARG A 111 -0.47 7.91 3.38
CA ARG A 111 -1.63 7.05 3.56
C ARG A 111 -2.92 7.85 3.42
N ILE A 112 -3.81 7.35 2.59
CA ILE A 112 -5.10 7.97 2.38
C ILE A 112 -6.08 7.50 3.45
N GLU A 113 -7.03 8.35 3.79
CA GLU A 113 -8.01 8.02 4.81
C GLU A 113 -9.26 7.44 4.16
N SER A 114 -9.33 6.13 4.19
CA SER A 114 -10.46 5.39 3.67
C SER A 114 -10.53 4.05 4.39
N LYS A 115 -11.64 3.33 4.22
CA LYS A 115 -11.84 2.03 4.89
C LYS A 115 -11.76 2.21 6.41
N THR A 116 -12.17 3.38 6.87
CA THR A 116 -12.10 3.74 8.29
C THR A 116 -13.24 3.08 9.08
N GLY A 117 -13.42 1.80 8.84
CA GLY A 117 -14.47 1.04 9.49
C GLY A 117 -15.62 0.77 8.53
N ARG A 118 -15.30 0.75 7.25
CA ARG A 118 -16.30 0.56 6.22
C ARG A 118 -15.74 -0.31 5.11
N GLU A 119 -16.51 -1.32 4.76
CA GLU A 119 -16.15 -2.24 3.68
C GLU A 119 -15.95 -1.48 2.36
N GLU A 120 -14.79 -1.64 1.77
CA GLU A 120 -14.51 -1.06 0.46
C GLU A 120 -13.93 -2.15 -0.45
N LYS A 121 -14.72 -2.54 -1.44
CA LYS A 121 -14.36 -3.62 -2.35
C LYS A 121 -13.45 -3.11 -3.47
N ASP A 122 -12.55 -3.97 -3.91
CA ASP A 122 -11.66 -3.66 -5.03
C ASP A 122 -12.44 -3.69 -6.34
N GLU A 123 -11.90 -3.06 -7.37
CA GLU A 123 -12.51 -3.12 -8.69
C GLU A 123 -11.64 -3.94 -9.62
N LYS A 124 -12.27 -4.62 -10.57
CA LYS A 124 -11.57 -5.48 -11.51
C LYS A 124 -11.67 -4.91 -12.92
N SER A 125 -10.52 -4.58 -13.49
CA SER A 125 -10.47 -4.09 -14.86
C SER A 125 -9.28 -4.70 -15.59
N LYS A 126 -9.53 -5.28 -16.75
CA LYS A 126 -8.48 -5.88 -17.54
C LYS A 126 -8.01 -4.92 -18.62
N SER A 127 -6.85 -4.34 -18.41
CA SER A 127 -6.31 -3.36 -19.33
C SER A 127 -5.10 -3.94 -20.07
N LEU A 128 -5.12 -3.82 -21.39
CA LEU A 128 -3.95 -4.18 -22.19
C LEU A 128 -3.02 -2.99 -22.24
N GLU A 129 -1.99 -3.02 -21.41
CA GLU A 129 -1.20 -1.82 -21.16
C GLU A 129 0.27 -2.14 -20.96
N HIS A 130 1.11 -1.13 -21.17
CA HIS A 130 2.53 -1.21 -20.88
C HIS A 130 2.99 0.11 -20.28
N HIS A 131 2.04 0.82 -19.69
CA HIS A 131 2.28 2.11 -19.03
C HIS A 131 3.40 2.02 -18.00
N HIS A 132 4.26 3.04 -18.00
CA HIS A 132 5.40 3.10 -17.09
C HIS A 132 5.64 4.52 -16.62
N HIS A 133 5.04 4.91 -15.49
CA HIS A 133 5.38 6.20 -14.91
C HIS A 133 6.75 6.08 -14.26
N HIS A 134 7.66 6.96 -14.65
CA HIS A 134 9.05 6.85 -14.22
C HIS A 134 9.66 8.21 -13.98
N HIS A 135 10.87 8.21 -13.45
CA HIS A 135 11.61 9.43 -13.25
C HIS A 135 12.24 9.87 -14.56
N MET A 1 -1.20 27.09 31.09
CA MET A 1 -0.21 26.40 31.97
C MET A 1 -0.70 24.99 32.29
N ILE A 2 -0.33 24.03 31.46
CA ILE A 2 -0.70 22.64 31.67
C ILE A 2 0.47 21.72 31.33
N MET A 3 0.38 20.47 31.77
CA MET A 3 1.38 19.47 31.43
C MET A 3 0.69 18.22 30.91
N VAL A 4 0.75 18.02 29.59
CA VAL A 4 0.15 16.86 28.96
C VAL A 4 0.83 15.59 29.45
N SER A 5 0.04 14.58 29.76
CA SER A 5 0.56 13.33 30.28
C SER A 5 -0.04 12.13 29.55
N GLY A 6 0.82 11.20 29.16
CA GLY A 6 0.35 10.01 28.49
C GLY A 6 1.04 9.81 27.16
N CYS A 7 0.36 9.13 26.24
CA CYS A 7 0.87 8.87 24.89
C CYS A 7 2.13 8.02 24.92
N GLN A 8 2.35 7.33 26.03
CA GLN A 8 3.51 6.49 26.20
C GLN A 8 3.10 5.07 26.59
N GLN A 9 3.92 4.09 26.22
CA GLN A 9 3.64 2.68 26.44
C GLN A 9 2.42 2.22 25.64
N GLN A 10 2.11 2.94 24.57
CA GLN A 10 1.01 2.57 23.69
C GLN A 10 1.54 1.66 22.57
N LYS A 11 0.98 0.46 22.48
CA LYS A 11 1.38 -0.48 21.44
C LYS A 11 0.20 -0.85 20.56
N GLU A 12 0.33 -0.61 19.27
CA GLU A 12 -0.68 -1.02 18.30
C GLU A 12 -0.05 -1.99 17.32
N GLU A 13 -0.55 -3.22 17.30
CA GLU A 13 -0.03 -4.25 16.42
C GLU A 13 -0.55 -4.11 15.00
N THR A 14 -1.28 -3.05 14.81
CA THR A 14 -1.84 -2.70 13.51
C THR A 14 -0.73 -2.54 12.48
N PRO A 15 -0.76 -3.35 11.40
CA PRO A 15 0.27 -3.33 10.36
C PRO A 15 0.45 -1.94 9.75
N PHE A 16 1.59 -1.32 10.04
CA PHE A 16 1.88 0.03 9.60
C PHE A 16 1.90 0.15 8.07
N TYR A 17 2.23 -0.96 7.40
CA TYR A 17 2.39 -0.97 5.96
C TYR A 17 1.07 -1.25 5.24
N TYR A 18 0.07 -1.70 5.99
CA TYR A 18 -1.18 -2.12 5.40
C TYR A 18 -2.11 -0.92 5.23
N GLY A 19 -2.85 -0.90 4.13
CA GLY A 19 -3.81 0.16 3.88
C GLY A 19 -3.77 0.67 2.46
N THR A 20 -4.27 1.87 2.25
CA THR A 20 -4.25 2.49 0.94
C THR A 20 -3.39 3.76 0.98
N TRP A 21 -2.38 3.80 0.13
CA TRP A 21 -1.40 4.88 0.19
C TRP A 21 -1.41 5.71 -1.08
N ASP A 22 -1.36 7.02 -0.90
CA ASP A 22 -1.29 7.98 -2.01
C ASP A 22 0.09 8.62 -2.03
N GLU A 23 0.56 9.02 -3.21
CA GLU A 23 1.88 9.63 -3.36
C GLU A 23 1.99 10.94 -2.58
N GLY A 24 0.86 11.56 -2.31
CA GLY A 24 0.86 12.80 -1.56
C GLY A 24 0.46 13.99 -2.41
N ARG A 25 1.21 14.23 -3.48
CA ARG A 25 0.97 15.37 -4.35
C ARG A 25 1.82 15.24 -5.61
N ALA A 26 1.56 16.13 -6.58
CA ALA A 26 2.30 16.18 -7.85
C ALA A 26 1.90 15.05 -8.79
N PRO A 27 1.96 15.29 -10.11
CA PRO A 27 1.57 14.31 -11.12
C PRO A 27 2.61 13.18 -11.28
N GLY A 28 2.28 12.23 -12.14
CA GLY A 28 3.13 11.07 -12.34
C GLY A 28 3.73 11.03 -13.73
N PRO A 29 4.03 9.82 -14.24
CA PRO A 29 4.60 9.62 -15.58
C PRO A 29 3.86 10.38 -16.68
N THR A 30 4.57 10.68 -17.77
CA THR A 30 4.05 11.51 -18.85
C THR A 30 2.95 10.79 -19.64
N ASP A 31 2.71 9.54 -19.29
CA ASP A 31 1.63 8.76 -19.92
C ASP A 31 0.28 9.44 -19.72
N GLY A 32 0.20 10.29 -18.69
CA GLY A 32 -1.02 11.02 -18.42
C GLY A 32 -1.50 10.82 -17.00
N VAL A 33 -0.58 10.43 -16.14
CA VAL A 33 -0.92 10.16 -14.76
C VAL A 33 -0.81 11.43 -13.92
N LYS A 34 -1.83 11.69 -13.13
CA LYS A 34 -1.87 12.86 -12.29
C LYS A 34 -1.47 12.50 -10.87
N SER A 35 -1.49 11.20 -10.60
CA SER A 35 -1.04 10.63 -9.33
C SER A 35 -1.26 9.12 -9.34
N ALA A 36 -0.56 8.43 -8.48
CA ALA A 36 -0.72 6.99 -8.37
C ALA A 36 -1.10 6.62 -6.94
N THR A 37 -2.05 5.71 -6.82
CA THR A 37 -2.48 5.25 -5.53
C THR A 37 -2.23 3.76 -5.40
N VAL A 38 -1.60 3.35 -4.31
CA VAL A 38 -1.28 1.95 -4.14
C VAL A 38 -2.10 1.35 -3.00
N THR A 39 -2.65 0.18 -3.24
CA THR A 39 -3.48 -0.48 -2.25
C THR A 39 -2.88 -1.84 -1.90
N PHE A 40 -2.67 -2.07 -0.61
CA PHE A 40 -2.12 -3.33 -0.14
C PHE A 40 -3.22 -4.22 0.39
N THR A 41 -3.38 -5.37 -0.25
CA THR A 41 -4.37 -6.34 0.15
C THR A 41 -3.70 -7.40 1.03
N GLU A 42 -4.46 -8.32 1.56
CA GLU A 42 -3.94 -9.31 2.49
C GLU A 42 -2.84 -10.17 1.85
N ASP A 43 -2.99 -10.47 0.57
CA ASP A 43 -2.01 -11.30 -0.13
C ASP A 43 -1.55 -10.64 -1.42
N GLU A 44 -2.21 -9.56 -1.81
CA GLU A 44 -2.00 -8.97 -3.13
C GLU A 44 -1.64 -7.50 -3.06
N VAL A 45 -0.93 -7.03 -4.08
CA VAL A 45 -0.68 -5.61 -4.25
C VAL A 45 -1.50 -5.08 -5.40
N VAL A 46 -2.36 -4.11 -5.12
CA VAL A 46 -3.18 -3.49 -6.15
C VAL A 46 -2.67 -2.10 -6.46
N GLU A 47 -2.39 -1.84 -7.72
CA GLU A 47 -1.88 -0.54 -8.13
C GLU A 47 -2.90 0.19 -8.97
N THR A 48 -3.20 1.41 -8.57
CA THR A 48 -4.17 2.25 -9.26
C THR A 48 -3.51 3.50 -9.81
N GLU A 49 -3.70 3.76 -11.08
CA GLU A 49 -3.20 4.97 -11.69
C GLU A 49 -4.33 5.97 -11.81
N VAL A 50 -4.09 7.18 -11.34
CA VAL A 50 -5.04 8.25 -11.61
C VAL A 50 -4.62 8.93 -12.90
N MET A 51 -5.42 8.75 -13.92
CA MET A 51 -5.07 9.22 -15.24
C MET A 51 -6.15 10.16 -15.76
N GLU A 52 -5.74 11.17 -16.50
CA GLU A 52 -6.69 12.12 -17.06
C GLU A 52 -7.65 11.43 -18.01
N GLY A 53 -8.92 11.73 -17.88
CA GLY A 53 -9.92 11.14 -18.75
C GLY A 53 -10.57 9.90 -18.15
N ARG A 54 -9.77 8.91 -17.79
CA ARG A 54 -10.31 7.64 -17.32
C ARG A 54 -10.39 7.56 -15.80
N GLY A 55 -9.44 8.19 -15.12
CA GLY A 55 -9.44 8.20 -13.68
C GLY A 55 -8.59 7.08 -13.10
N GLU A 56 -8.98 6.58 -11.93
CA GLU A 56 -8.28 5.47 -11.29
C GLU A 56 -8.57 4.17 -12.00
N VAL A 57 -7.52 3.61 -12.57
CA VAL A 57 -7.60 2.31 -13.21
C VAL A 57 -6.84 1.30 -12.36
N GLN A 58 -7.56 0.25 -11.96
CA GLN A 58 -6.99 -0.77 -11.11
C GLN A 58 -6.28 -1.82 -11.95
N LEU A 59 -4.98 -1.96 -11.71
CA LEU A 59 -4.20 -2.97 -12.41
C LEU A 59 -4.34 -4.32 -11.72
N PRO A 60 -4.14 -5.42 -12.48
CA PRO A 60 -4.18 -6.78 -11.95
C PRO A 60 -3.36 -6.93 -10.68
N PHE A 61 -4.02 -7.37 -9.62
CA PHE A 61 -3.36 -7.53 -8.32
C PHE A 61 -2.27 -8.60 -8.39
N MET A 62 -1.15 -8.34 -7.74
CA MET A 62 -0.03 -9.26 -7.72
C MET A 62 0.17 -9.84 -6.32
N ALA A 63 0.35 -11.15 -6.25
CA ALA A 63 0.55 -11.83 -4.98
C ALA A 63 1.98 -11.66 -4.50
N TYR A 64 2.13 -11.34 -3.22
CA TYR A 64 3.45 -11.11 -2.64
C TYR A 64 3.63 -11.89 -1.35
N LYS A 65 4.88 -12.15 -0.99
CA LYS A 65 5.21 -12.78 0.28
C LYS A 65 6.22 -11.96 1.03
N VAL A 66 6.27 -12.18 2.33
CA VAL A 66 7.15 -11.43 3.21
C VAL A 66 8.43 -12.20 3.48
N ILE A 67 9.56 -11.61 3.11
CA ILE A 67 10.86 -12.21 3.35
C ILE A 67 11.29 -11.92 4.78
N SER A 68 11.34 -10.65 5.10
CA SER A 68 11.76 -10.19 6.40
C SER A 68 10.71 -9.26 6.98
N GLN A 69 10.65 -9.18 8.30
CA GLN A 69 9.59 -8.45 8.96
C GLN A 69 10.08 -7.84 10.27
N SER A 70 9.51 -6.71 10.62
CA SER A 70 9.77 -6.07 11.90
C SER A 70 8.49 -5.38 12.37
N THR A 71 8.28 -5.34 13.68
CA THR A 71 7.13 -4.65 14.23
C THR A 71 7.38 -3.15 14.22
N ASP A 72 8.66 -2.77 14.28
CA ASP A 72 9.05 -1.38 14.25
C ASP A 72 10.45 -1.23 13.66
N GLY A 73 10.53 -1.47 12.36
CA GLY A 73 11.78 -1.28 11.66
C GLY A 73 11.58 -1.26 10.15
N SER A 74 11.62 -2.42 9.54
CA SER A 74 11.45 -2.55 8.10
C SER A 74 10.88 -3.90 7.75
N ILE A 75 10.27 -3.98 6.58
CA ILE A 75 9.69 -5.21 6.08
C ILE A 75 10.10 -5.39 4.62
N GLU A 76 10.51 -6.59 4.25
CA GLU A 76 10.93 -6.84 2.90
C GLU A 76 10.02 -7.88 2.24
N ILE A 77 9.51 -7.56 1.06
CA ILE A 77 8.55 -8.42 0.41
C ILE A 77 9.01 -8.79 -1.00
N GLN A 78 8.49 -9.90 -1.49
CA GLN A 78 8.85 -10.40 -2.81
C GLN A 78 7.60 -10.81 -3.57
N TYR A 79 7.61 -10.60 -4.88
CA TYR A 79 6.49 -10.97 -5.72
C TYR A 79 6.71 -12.36 -6.28
N LEU A 80 5.63 -13.07 -6.55
CA LEU A 80 5.72 -14.42 -7.07
C LEU A 80 5.49 -14.42 -8.58
N GLY A 81 5.86 -15.50 -9.25
CA GLY A 81 5.78 -15.54 -10.69
C GLY A 81 7.08 -15.07 -11.32
N PRO A 82 7.04 -14.52 -12.55
CA PRO A 82 8.23 -13.97 -13.21
C PRO A 82 8.79 -12.76 -12.45
N TYR A 83 8.06 -12.33 -11.44
CA TYR A 83 8.48 -11.21 -10.60
C TYR A 83 9.26 -11.73 -9.39
N TYR A 84 9.61 -13.02 -9.43
CA TYR A 84 10.40 -13.65 -8.38
C TYR A 84 11.77 -12.96 -8.29
N PRO A 85 12.55 -13.28 -7.24
CA PRO A 85 13.52 -12.44 -6.55
C PRO A 85 13.60 -10.93 -6.86
N LEU A 86 12.80 -10.41 -7.77
CA LEU A 86 12.64 -8.98 -7.90
C LEU A 86 11.78 -8.49 -6.74
N LYS A 87 12.42 -7.87 -5.75
CA LYS A 87 11.74 -7.62 -4.49
C LYS A 87 11.50 -6.14 -4.22
N SER A 88 10.77 -5.88 -3.14
CA SER A 88 10.43 -4.54 -2.72
C SER A 88 10.56 -4.42 -1.20
N THR A 89 10.90 -3.24 -0.73
CA THR A 89 11.17 -3.04 0.69
C THR A 89 10.24 -1.96 1.27
N LEU A 90 9.82 -2.17 2.51
CA LEU A 90 8.95 -1.24 3.20
C LEU A 90 9.61 -0.74 4.47
N LYS A 91 9.60 0.57 4.68
CA LYS A 91 10.17 1.17 5.89
C LYS A 91 9.23 2.21 6.47
N ARG A 92 9.37 2.47 7.77
CA ARG A 92 8.51 3.43 8.44
C ARG A 92 8.89 4.86 8.06
N GLY A 93 7.90 5.71 7.96
CA GLY A 93 8.14 7.11 7.74
C GLY A 93 7.61 7.93 8.89
N GLU A 94 8.30 9.00 9.22
CA GLU A 94 7.90 9.84 10.32
C GLU A 94 6.63 10.60 9.99
N ASN A 95 5.94 11.05 11.04
CA ASN A 95 4.66 11.76 10.92
C ASN A 95 3.56 10.84 10.40
N GLY A 96 3.83 9.54 10.40
CA GLY A 96 2.83 8.58 9.97
C GLY A 96 2.82 8.37 8.47
N THR A 97 3.97 8.00 7.92
CA THR A 97 4.07 7.73 6.49
C THR A 97 4.76 6.39 6.25
N LEU A 98 4.79 5.96 4.99
CA LEU A 98 5.43 4.70 4.64
C LEU A 98 6.41 4.90 3.49
N ILE A 99 7.60 4.35 3.63
CA ILE A 99 8.60 4.40 2.58
C ILE A 99 8.58 3.11 1.78
N TRP A 100 8.20 3.21 0.53
CA TRP A 100 8.10 2.05 -0.34
C TRP A 100 9.29 2.00 -1.30
N GLU A 101 10.13 1.00 -1.12
CA GLU A 101 11.26 0.78 -1.99
C GLU A 101 10.98 -0.35 -2.95
N GLN A 102 11.39 -0.15 -4.18
CA GLN A 102 11.24 -1.18 -5.19
C GLN A 102 12.40 -1.12 -6.15
N ASN A 103 13.11 -2.23 -6.27
CA ASN A 103 14.27 -2.33 -7.18
C ASN A 103 15.42 -1.42 -6.72
N GLY A 104 15.29 -0.88 -5.51
CA GLY A 104 16.32 -0.02 -4.99
C GLY A 104 15.88 1.43 -4.86
N GLN A 105 14.78 1.78 -5.53
CA GLN A 105 14.27 3.14 -5.48
C GLN A 105 13.24 3.27 -4.37
N ARG A 106 13.34 4.32 -3.57
CA ARG A 106 12.38 4.57 -2.52
C ARG A 106 11.38 5.66 -2.89
N LYS A 107 10.11 5.33 -2.82
CA LYS A 107 9.03 6.27 -3.01
C LYS A 107 8.31 6.46 -1.69
N THR A 108 8.09 7.70 -1.28
CA THR A 108 7.45 7.98 -0.02
C THR A 108 5.95 8.15 -0.20
N MET A 109 5.19 7.30 0.45
CA MET A 109 3.74 7.31 0.33
C MET A 109 3.09 7.82 1.60
N THR A 110 1.96 8.49 1.45
CA THR A 110 1.20 8.99 2.58
C THR A 110 -0.16 8.29 2.64
N ARG A 111 -0.77 8.27 3.80
CA ARG A 111 -2.05 7.60 3.97
C ARG A 111 -3.17 8.45 3.38
N ILE A 112 -4.04 7.83 2.60
CA ILE A 112 -5.18 8.52 2.03
C ILE A 112 -6.18 8.83 3.13
N GLU A 113 -6.94 9.90 2.93
CA GLU A 113 -7.93 10.33 3.91
C GLU A 113 -9.03 9.28 4.08
N SER A 114 -9.63 9.26 5.25
CA SER A 114 -10.73 8.35 5.52
C SER A 114 -12.04 9.00 5.08
N LYS A 115 -12.58 8.52 3.98
CA LYS A 115 -13.76 9.12 3.39
C LYS A 115 -15.02 8.31 3.70
N THR A 116 -16.10 9.02 3.94
CA THR A 116 -17.40 8.39 4.08
C THR A 116 -18.43 9.23 3.35
N GLY A 117 -18.53 9.00 2.06
CA GLY A 117 -19.45 9.73 1.23
C GLY A 117 -20.62 8.88 0.81
N ARG A 118 -21.82 9.32 1.17
CA ARG A 118 -23.02 8.57 0.87
C ARG A 118 -23.66 9.08 -0.41
N GLU A 119 -23.35 8.41 -1.51
CA GLU A 119 -23.92 8.74 -2.81
C GLU A 119 -23.92 7.51 -3.70
N GLU A 120 -25.10 6.92 -3.86
CA GLU A 120 -25.25 5.70 -4.62
C GLU A 120 -25.07 5.98 -6.12
N LYS A 121 -24.65 4.96 -6.86
CA LYS A 121 -24.32 5.10 -8.28
C LYS A 121 -25.40 5.84 -9.06
N ASP A 122 -25.01 6.96 -9.65
CA ASP A 122 -25.90 7.76 -10.48
C ASP A 122 -25.58 7.52 -11.95
N GLU A 123 -26.60 7.31 -12.75
CA GLU A 123 -26.41 6.94 -14.16
C GLU A 123 -26.27 8.19 -15.04
N LYS A 124 -25.08 8.36 -15.61
CA LYS A 124 -24.82 9.50 -16.47
C LYS A 124 -23.95 9.08 -17.65
N SER A 125 -24.55 9.02 -18.83
CA SER A 125 -23.81 8.75 -20.05
C SER A 125 -23.51 10.06 -20.78
N LYS A 126 -22.27 10.51 -20.67
CA LYS A 126 -21.87 11.78 -21.26
C LYS A 126 -21.40 11.56 -22.70
N SER A 127 -21.64 12.55 -23.55
CA SER A 127 -21.23 12.49 -24.94
C SER A 127 -19.70 12.33 -25.06
N LEU A 128 -19.26 11.47 -25.98
CA LEU A 128 -17.84 11.19 -26.14
C LEU A 128 -17.18 12.20 -27.08
N GLU A 129 -17.62 13.45 -26.97
CA GLU A 129 -17.01 14.53 -27.73
C GLU A 129 -16.51 15.60 -26.76
N HIS A 130 -15.35 16.17 -27.03
CA HIS A 130 -14.84 17.25 -26.20
C HIS A 130 -15.56 18.56 -26.52
N HIS A 131 -16.85 18.56 -26.25
CA HIS A 131 -17.69 19.73 -26.42
C HIS A 131 -17.52 20.64 -25.22
N HIS A 132 -16.82 21.73 -25.41
CA HIS A 132 -16.53 22.64 -24.31
C HIS A 132 -16.67 24.09 -24.73
N HIS A 133 -17.67 24.75 -24.17
CA HIS A 133 -17.86 26.18 -24.41
C HIS A 133 -18.16 26.90 -23.12
N HIS A 134 -17.47 28.00 -22.91
CA HIS A 134 -17.72 28.86 -21.77
C HIS A 134 -17.81 30.30 -22.26
N HIS A 135 -18.27 31.20 -21.41
CA HIS A 135 -18.36 32.60 -21.76
C HIS A 135 -17.47 33.42 -20.85
N MET A 1 26.37 -3.73 7.29
CA MET A 1 25.01 -4.25 7.53
C MET A 1 25.08 -5.67 8.10
N ILE A 2 24.22 -5.97 9.06
CA ILE A 2 24.15 -7.32 9.60
C ILE A 2 23.47 -8.23 8.59
N MET A 3 24.22 -9.18 8.06
CA MET A 3 23.71 -10.07 7.03
C MET A 3 23.12 -11.32 7.65
N VAL A 4 21.82 -11.30 7.87
CA VAL A 4 21.12 -12.42 8.48
C VAL A 4 20.36 -13.21 7.41
N SER A 5 20.26 -14.51 7.59
CA SER A 5 19.56 -15.37 6.66
C SER A 5 18.69 -16.37 7.42
N GLY A 6 17.44 -16.51 6.99
CA GLY A 6 16.52 -17.41 7.65
C GLY A 6 15.08 -17.07 7.34
N CYS A 7 14.16 -17.64 8.10
CA CYS A 7 12.73 -17.39 7.92
C CYS A 7 11.93 -17.98 9.08
N GLN A 8 10.88 -17.29 9.47
CA GLN A 8 10.04 -17.74 10.57
C GLN A 8 8.59 -17.87 10.10
N GLN A 9 7.90 -18.89 10.58
CA GLN A 9 6.53 -19.12 10.21
C GLN A 9 5.60 -18.99 11.41
N GLN A 10 5.13 -17.78 11.64
CA GLN A 10 4.23 -17.51 12.74
C GLN A 10 2.96 -16.83 12.23
N LYS A 11 2.14 -16.34 13.15
CA LYS A 11 0.90 -15.67 12.79
C LYS A 11 1.19 -14.23 12.36
N GLU A 12 0.36 -13.72 11.46
CA GLU A 12 0.49 -12.35 11.00
C GLU A 12 0.28 -11.36 12.15
N GLU A 13 1.12 -10.35 12.21
CA GLU A 13 0.99 -9.31 13.21
C GLU A 13 0.16 -8.17 12.64
N THR A 14 0.04 -7.07 13.37
CA THR A 14 -0.77 -5.95 12.94
C THR A 14 -0.15 -5.30 11.69
N PRO A 15 -0.90 -5.29 10.58
CA PRO A 15 -0.41 -4.76 9.31
C PRO A 15 -0.51 -3.25 9.24
N PHE A 16 0.60 -2.57 9.52
CA PHE A 16 0.64 -1.11 9.44
C PHE A 16 0.76 -0.67 7.98
N TYR A 17 1.04 -1.63 7.12
CA TYR A 17 1.19 -1.39 5.69
C TYR A 17 -0.12 -1.62 4.96
N TYR A 18 -1.12 -2.10 5.68
CA TYR A 18 -2.43 -2.40 5.08
C TYR A 18 -3.20 -1.12 4.80
N GLY A 19 -3.80 -1.05 3.62
CA GLY A 19 -4.60 0.10 3.27
C GLY A 19 -4.19 0.71 1.94
N THR A 20 -4.68 1.91 1.68
CA THR A 20 -4.34 2.62 0.47
C THR A 20 -3.43 3.80 0.79
N TRP A 21 -2.31 3.88 0.09
CA TRP A 21 -1.34 4.94 0.33
C TRP A 21 -1.30 5.90 -0.86
N ASP A 22 -1.05 7.17 -0.59
CA ASP A 22 -1.00 8.19 -1.63
C ASP A 22 0.43 8.65 -1.85
N GLU A 23 0.79 8.85 -3.13
CA GLU A 23 2.13 9.29 -3.51
C GLU A 23 2.64 10.45 -2.65
N GLY A 24 1.92 11.57 -2.69
CA GLY A 24 2.44 12.79 -2.08
C GLY A 24 3.75 13.22 -2.72
N ARG A 25 3.97 12.74 -3.93
CA ARG A 25 5.21 12.95 -4.64
C ARG A 25 4.98 13.77 -5.90
N ALA A 26 5.99 13.80 -6.75
CA ALA A 26 5.90 14.49 -8.02
C ALA A 26 5.17 13.64 -9.05
N PRO A 27 4.42 14.28 -9.97
CA PRO A 27 3.65 13.58 -11.01
C PRO A 27 4.51 12.67 -11.88
N GLY A 28 3.89 11.63 -12.43
CA GLY A 28 4.60 10.67 -13.25
C GLY A 28 4.57 11.02 -14.72
N PRO A 29 4.69 10.03 -15.61
CA PRO A 29 4.67 10.24 -17.07
C PRO A 29 3.46 11.04 -17.51
N THR A 30 3.70 12.23 -18.05
CA THR A 30 2.60 13.10 -18.43
C THR A 30 2.06 12.72 -19.81
N ASP A 31 1.42 11.58 -19.81
CA ASP A 31 0.71 11.09 -20.99
C ASP A 31 -0.71 10.71 -20.63
N GLY A 32 -0.85 9.72 -19.76
CA GLY A 32 -2.15 9.28 -19.33
C GLY A 32 -2.30 9.31 -17.83
N VAL A 33 -1.32 8.74 -17.14
CA VAL A 33 -1.35 8.69 -15.68
C VAL A 33 -0.64 9.90 -15.11
N LYS A 34 -1.25 10.55 -14.13
CA LYS A 34 -0.64 11.71 -13.52
C LYS A 34 -0.18 11.39 -12.10
N SER A 35 -0.73 10.33 -11.55
CA SER A 35 -0.48 9.95 -10.16
C SER A 35 -0.86 8.49 -9.95
N ALA A 36 -0.43 7.92 -8.84
CA ALA A 36 -0.73 6.53 -8.54
C ALA A 36 -1.10 6.36 -7.09
N THR A 37 -2.01 5.44 -6.82
CA THR A 37 -2.36 5.08 -5.48
C THR A 37 -2.16 3.58 -5.28
N VAL A 38 -1.50 3.21 -4.20
CA VAL A 38 -1.19 1.81 -3.98
C VAL A 38 -1.96 1.26 -2.80
N THR A 39 -2.61 0.13 -3.00
CA THR A 39 -3.36 -0.52 -1.96
C THR A 39 -2.77 -1.91 -1.69
N PHE A 40 -2.49 -2.19 -0.43
CA PHE A 40 -1.96 -3.47 -0.05
C PHE A 40 -3.07 -4.33 0.51
N THR A 41 -3.33 -5.44 -0.16
CA THR A 41 -4.40 -6.34 0.21
C THR A 41 -3.81 -7.55 0.95
N GLU A 42 -4.68 -8.43 1.42
CA GLU A 42 -4.29 -9.61 2.19
C GLU A 42 -3.19 -10.41 1.50
N ASP A 43 -3.41 -10.81 0.24
CA ASP A 43 -2.46 -11.71 -0.43
C ASP A 43 -1.83 -11.04 -1.64
N GLU A 44 -2.48 -10.01 -2.15
CA GLU A 44 -2.04 -9.35 -3.37
C GLU A 44 -1.92 -7.84 -3.20
N VAL A 45 -1.10 -7.22 -4.04
CA VAL A 45 -0.97 -5.78 -4.06
C VAL A 45 -1.66 -5.23 -5.31
N VAL A 46 -2.54 -4.26 -5.11
CA VAL A 46 -3.21 -3.61 -6.22
C VAL A 46 -2.82 -2.15 -6.29
N GLU A 47 -2.31 -1.72 -7.44
CA GLU A 47 -2.01 -0.32 -7.65
C GLU A 47 -3.05 0.27 -8.59
N THR A 48 -3.52 1.45 -8.25
CA THR A 48 -4.47 2.15 -9.07
C THR A 48 -3.80 3.35 -9.72
N GLU A 49 -3.89 3.44 -11.03
CA GLU A 49 -3.26 4.53 -11.75
C GLU A 49 -4.29 5.59 -12.05
N VAL A 50 -3.98 6.82 -11.67
CA VAL A 50 -4.90 7.92 -11.89
C VAL A 50 -4.67 8.49 -13.27
N MET A 51 -5.64 8.28 -14.13
CA MET A 51 -5.56 8.68 -15.52
C MET A 51 -6.55 9.78 -15.81
N GLU A 52 -6.08 10.83 -16.45
CA GLU A 52 -6.90 12.00 -16.71
C GLU A 52 -8.08 11.65 -17.61
N GLY A 53 -9.28 11.82 -17.08
CA GLY A 53 -10.49 11.52 -17.84
C GLY A 53 -11.06 10.16 -17.50
N ARG A 54 -10.21 9.27 -17.00
CA ARG A 54 -10.60 7.92 -16.66
C ARG A 54 -10.90 7.82 -15.17
N GLY A 55 -9.89 8.15 -14.39
CA GLY A 55 -9.97 8.03 -12.95
C GLY A 55 -8.91 7.09 -12.44
N GLU A 56 -9.18 6.43 -11.31
CA GLU A 56 -8.28 5.43 -10.80
C GLU A 56 -8.54 4.09 -11.46
N VAL A 57 -7.55 3.61 -12.18
CA VAL A 57 -7.65 2.34 -12.88
C VAL A 57 -6.85 1.28 -12.15
N GLN A 58 -7.52 0.19 -11.80
CA GLN A 58 -6.90 -0.88 -11.03
C GLN A 58 -6.04 -1.76 -11.91
N LEU A 59 -4.79 -1.94 -11.53
CA LEU A 59 -3.89 -2.83 -12.23
C LEU A 59 -4.12 -4.27 -11.77
N PRO A 60 -3.70 -5.25 -12.60
CA PRO A 60 -3.75 -6.68 -12.23
C PRO A 60 -3.11 -6.93 -10.87
N PHE A 61 -3.70 -7.84 -10.11
CA PHE A 61 -3.23 -8.10 -8.75
C PHE A 61 -1.86 -8.76 -8.77
N MET A 62 -0.95 -8.17 -8.01
CA MET A 62 0.41 -8.68 -7.92
C MET A 62 0.59 -9.42 -6.59
N ALA A 63 0.92 -10.69 -6.68
CA ALA A 63 1.09 -11.51 -5.49
C ALA A 63 2.40 -11.17 -4.79
N TYR A 64 2.35 -11.02 -3.48
CA TYR A 64 3.53 -10.69 -2.71
C TYR A 64 3.72 -11.68 -1.56
N LYS A 65 4.97 -11.94 -1.23
CA LYS A 65 5.31 -12.76 -0.07
C LYS A 65 6.20 -11.97 0.86
N VAL A 66 6.24 -12.37 2.11
CA VAL A 66 6.98 -11.65 3.12
C VAL A 66 8.31 -12.33 3.42
N ILE A 67 9.40 -11.60 3.24
CA ILE A 67 10.72 -12.12 3.57
C ILE A 67 11.05 -11.79 5.01
N SER A 68 10.83 -10.54 5.37
CA SER A 68 11.08 -10.07 6.71
C SER A 68 10.02 -9.04 7.08
N GLN A 69 9.80 -8.87 8.37
CA GLN A 69 8.83 -7.91 8.86
C GLN A 69 9.25 -7.38 10.23
N SER A 70 9.25 -6.07 10.36
CA SER A 70 9.64 -5.42 11.60
C SER A 70 9.36 -3.92 11.50
N THR A 71 9.29 -3.27 12.65
CA THR A 71 9.14 -1.83 12.69
C THR A 71 10.50 -1.17 12.59
N ASP A 72 11.49 -1.80 13.20
CA ASP A 72 12.86 -1.29 13.18
C ASP A 72 13.68 -2.03 12.14
N GLY A 73 13.47 -3.34 12.06
CA GLY A 73 14.16 -4.15 11.08
C GLY A 73 13.55 -4.02 9.70
N SER A 74 12.46 -3.24 9.62
CA SER A 74 11.77 -2.97 8.36
C SER A 74 11.12 -4.23 7.80
N ILE A 75 10.27 -4.05 6.80
CA ILE A 75 9.62 -5.16 6.13
C ILE A 75 10.22 -5.36 4.75
N GLU A 76 10.46 -6.61 4.40
CA GLU A 76 10.94 -6.93 3.07
C GLU A 76 9.97 -7.89 2.41
N ILE A 77 9.55 -7.56 1.20
CA ILE A 77 8.58 -8.37 0.50
C ILE A 77 9.14 -8.82 -0.84
N GLN A 78 8.58 -9.88 -1.37
CA GLN A 78 9.04 -10.42 -2.64
C GLN A 78 7.83 -10.71 -3.52
N TYR A 79 7.93 -10.36 -4.80
CA TYR A 79 6.84 -10.56 -5.72
C TYR A 79 6.80 -12.01 -6.19
N LEU A 80 5.61 -12.48 -6.50
CA LEU A 80 5.43 -13.82 -7.04
C LEU A 80 5.01 -13.74 -8.49
N GLY A 81 4.67 -14.88 -9.08
CA GLY A 81 4.36 -14.89 -10.49
C GLY A 81 5.61 -14.77 -11.32
N PRO A 82 5.53 -14.21 -12.54
CA PRO A 82 6.72 -13.95 -13.36
C PRO A 82 7.71 -13.02 -12.66
N TYR A 83 7.23 -12.32 -11.62
CA TYR A 83 8.04 -11.37 -10.89
C TYR A 83 8.67 -12.03 -9.66
N TYR A 84 8.74 -13.36 -9.67
CA TYR A 84 9.28 -14.11 -8.55
C TYR A 84 10.75 -13.71 -8.29
N PRO A 85 11.34 -14.16 -7.16
CA PRO A 85 12.37 -13.52 -6.37
C PRO A 85 12.76 -12.04 -6.60
N LEU A 86 12.15 -11.34 -7.54
CA LEU A 86 12.27 -9.89 -7.59
C LEU A 86 11.57 -9.31 -6.36
N LYS A 87 12.32 -8.66 -5.50
CA LYS A 87 11.78 -8.26 -4.20
C LYS A 87 11.56 -6.76 -4.11
N SER A 88 11.07 -6.33 -2.96
CA SER A 88 10.80 -4.94 -2.66
C SER A 88 10.92 -4.73 -1.15
N THR A 89 11.01 -3.49 -0.71
CA THR A 89 11.16 -3.19 0.71
C THR A 89 10.10 -2.21 1.19
N LEU A 90 9.63 -2.44 2.40
CA LEU A 90 8.64 -1.58 3.04
C LEU A 90 9.18 -1.09 4.37
N LYS A 91 9.27 0.21 4.54
CA LYS A 91 9.90 0.79 5.70
C LYS A 91 9.02 1.90 6.27
N ARG A 92 9.20 2.22 7.53
CA ARG A 92 8.34 3.18 8.20
C ARG A 92 8.85 4.61 8.05
N GLY A 93 7.92 5.55 8.11
CA GLY A 93 8.27 6.95 8.10
C GLY A 93 7.99 7.57 9.45
N GLU A 94 8.59 8.72 9.68
CA GLU A 94 8.52 9.38 10.97
C GLU A 94 7.29 10.28 11.10
N ASN A 95 6.59 10.51 9.99
CA ASN A 95 5.46 11.43 9.99
C ASN A 95 4.24 10.80 9.34
N GLY A 96 3.88 9.60 9.80
CA GLY A 96 2.74 8.89 9.25
C GLY A 96 3.00 8.44 7.82
N THR A 97 4.26 8.22 7.51
CA THR A 97 4.67 7.86 6.17
C THR A 97 5.10 6.41 6.06
N LEU A 98 5.10 5.90 4.85
CA LEU A 98 5.64 4.58 4.56
C LEU A 98 6.62 4.71 3.40
N ILE A 99 7.77 4.07 3.54
CA ILE A 99 8.79 4.11 2.51
C ILE A 99 8.81 2.80 1.75
N TRP A 100 8.42 2.86 0.49
CA TRP A 100 8.36 1.68 -0.36
C TRP A 100 9.54 1.68 -1.33
N GLU A 101 10.45 0.75 -1.15
CA GLU A 101 11.63 0.68 -2.02
C GLU A 101 11.45 -0.40 -3.05
N GLN A 102 11.72 -0.03 -4.28
CA GLN A 102 11.58 -0.95 -5.39
C GLN A 102 12.53 -0.58 -6.50
N ASN A 103 13.40 -1.52 -6.85
CA ASN A 103 14.21 -1.45 -8.08
C ASN A 103 15.37 -0.46 -7.95
N GLY A 104 15.07 0.77 -7.58
CA GLY A 104 16.12 1.77 -7.49
C GLY A 104 15.76 2.96 -6.61
N GLN A 105 14.47 3.24 -6.43
CA GLN A 105 14.08 4.43 -5.71
C GLN A 105 13.24 4.08 -4.49
N ARG A 106 13.28 4.94 -3.49
CA ARG A 106 12.43 4.81 -2.34
C ARG A 106 11.18 5.68 -2.54
N LYS A 107 10.02 5.08 -2.42
CA LYS A 107 8.77 5.82 -2.45
C LYS A 107 8.41 6.29 -1.06
N THR A 108 8.17 7.57 -0.93
CA THR A 108 7.72 8.13 0.33
C THR A 108 6.27 8.53 0.18
N MET A 109 5.39 7.82 0.87
CA MET A 109 3.97 8.00 0.70
C MET A 109 3.27 8.05 2.05
N THR A 110 2.11 8.67 2.08
CA THR A 110 1.36 8.80 3.31
C THR A 110 0.08 7.99 3.23
N ARG A 111 -0.43 7.60 4.38
CA ARG A 111 -1.64 6.79 4.44
C ARG A 111 -2.87 7.65 4.22
N ILE A 112 -3.75 7.23 3.32
CA ILE A 112 -4.96 7.97 3.05
C ILE A 112 -5.97 7.75 4.16
N GLU A 113 -6.74 8.77 4.43
CA GLU A 113 -7.76 8.73 5.46
C GLU A 113 -8.98 9.49 4.97
N SER A 114 -10.10 8.79 4.87
CA SER A 114 -11.31 9.36 4.32
C SER A 114 -11.94 10.32 5.32
N LYS A 115 -11.86 11.62 5.00
CA LYS A 115 -12.48 12.68 5.79
C LYS A 115 -11.86 12.78 7.19
N THR A 116 -10.76 13.49 7.27
CA THR A 116 -10.08 13.71 8.54
C THR A 116 -10.59 15.00 9.18
N GLY A 117 -10.55 15.06 10.51
CA GLY A 117 -11.05 16.23 11.20
C GLY A 117 -10.01 16.92 12.03
N ARG A 118 -10.36 17.26 13.27
CA ARG A 118 -9.51 17.99 14.15
C ARG A 118 -9.45 17.29 15.49
N GLU A 119 -8.36 17.52 16.20
CA GLU A 119 -8.16 16.96 17.54
C GLU A 119 -7.21 17.85 18.31
N GLU A 120 -7.35 17.89 19.63
CA GLU A 120 -6.54 18.78 20.46
C GLU A 120 -6.50 18.31 21.90
N LYS A 121 -7.54 18.65 22.65
CA LYS A 121 -7.66 18.32 24.08
C LYS A 121 -6.65 19.11 24.92
N ASP A 122 -7.14 19.72 25.99
CA ASP A 122 -6.29 20.43 26.93
C ASP A 122 -5.79 19.49 28.01
N GLU A 123 -4.76 19.91 28.74
CA GLU A 123 -4.22 19.10 29.82
C GLU A 123 -4.33 19.85 31.15
N LYS A 124 -5.33 19.49 31.94
CA LYS A 124 -5.49 20.07 33.25
C LYS A 124 -4.76 19.20 34.27
N SER A 125 -3.59 19.64 34.68
CA SER A 125 -2.78 18.89 35.62
C SER A 125 -2.09 19.83 36.61
N LYS A 126 -1.66 19.29 37.73
CA LYS A 126 -0.99 20.07 38.76
C LYS A 126 0.04 19.22 39.47
N SER A 127 1.14 19.84 39.88
CA SER A 127 2.23 19.12 40.52
C SER A 127 2.60 19.78 41.84
N LEU A 128 2.28 19.11 42.94
CA LEU A 128 2.57 19.63 44.27
C LEU A 128 3.61 18.78 44.99
N GLU A 129 4.85 19.22 44.94
CA GLU A 129 5.93 18.58 45.69
C GLU A 129 6.42 19.57 46.73
N HIS A 130 5.87 19.48 47.93
CA HIS A 130 6.16 20.45 48.96
C HIS A 130 6.52 19.75 50.28
N HIS A 131 7.79 19.48 50.46
CA HIS A 131 8.28 18.82 51.68
C HIS A 131 9.55 19.50 52.17
N HIS A 132 9.77 19.51 53.48
CA HIS A 132 10.95 20.15 54.05
C HIS A 132 11.28 19.58 55.42
N HIS A 133 12.57 19.60 55.76
CA HIS A 133 13.04 19.17 57.07
C HIS A 133 14.35 19.88 57.40
N HIS A 134 14.28 20.86 58.28
CA HIS A 134 15.43 21.71 58.56
C HIS A 134 16.37 21.05 59.57
N HIS A 135 17.32 20.28 59.06
CA HIS A 135 18.38 19.67 59.87
C HIS A 135 19.32 18.88 58.98
N MET A 1 -3.58 1.63 38.26
CA MET A 1 -2.14 1.58 38.59
C MET A 1 -1.46 0.39 37.92
N ILE A 2 -2.25 -0.52 37.37
CA ILE A 2 -1.71 -1.64 36.63
C ILE A 2 -1.38 -1.19 35.21
N MET A 3 -0.13 -1.39 34.82
CA MET A 3 0.33 -0.92 33.52
C MET A 3 1.10 -2.02 32.78
N VAL A 4 0.83 -2.16 31.49
CA VAL A 4 1.45 -3.21 30.69
C VAL A 4 2.58 -2.65 29.84
N SER A 5 3.80 -3.05 30.17
CA SER A 5 4.98 -2.64 29.44
C SER A 5 6.07 -3.69 29.58
N GLY A 6 6.85 -3.87 28.52
CA GLY A 6 7.90 -4.87 28.55
C GLY A 6 7.36 -6.25 28.28
N CYS A 7 6.49 -6.73 29.15
CA CYS A 7 5.83 -8.01 28.96
C CYS A 7 4.67 -7.84 27.99
N GLN A 8 5.01 -7.62 26.73
CA GLN A 8 4.01 -7.41 25.68
C GLN A 8 4.25 -8.39 24.55
N GLN A 9 3.80 -9.63 24.76
CA GLN A 9 4.03 -10.71 23.81
C GLN A 9 2.86 -10.83 22.84
N GLN A 10 1.99 -9.83 22.83
CA GLN A 10 0.90 -9.80 21.88
C GLN A 10 1.38 -9.26 20.54
N LYS A 11 1.64 -10.15 19.60
CA LYS A 11 2.14 -9.80 18.29
C LYS A 11 1.07 -9.07 17.46
N GLU A 12 -0.18 -9.39 17.75
CA GLU A 12 -1.31 -8.82 17.01
C GLU A 12 -1.47 -7.34 17.33
N GLU A 13 -1.04 -6.49 16.40
CA GLU A 13 -1.12 -5.05 16.57
C GLU A 13 -1.39 -4.39 15.22
N THR A 14 -1.58 -3.08 15.24
CA THR A 14 -1.92 -2.32 14.04
C THR A 14 -0.82 -2.39 12.98
N PRO A 15 -1.12 -2.94 11.79
CA PRO A 15 -0.20 -2.98 10.68
C PRO A 15 -0.09 -1.62 9.99
N PHE A 16 1.07 -0.99 10.14
CA PHE A 16 1.28 0.38 9.65
C PHE A 16 1.15 0.47 8.13
N TYR A 17 1.52 -0.60 7.44
CA TYR A 17 1.59 -0.60 5.99
C TYR A 17 0.22 -0.87 5.35
N TYR A 18 -0.73 -1.33 6.15
CA TYR A 18 -2.01 -1.78 5.63
C TYR A 18 -2.91 -0.60 5.30
N GLY A 19 -3.58 -0.68 4.16
CA GLY A 19 -4.48 0.38 3.74
C GLY A 19 -4.22 0.82 2.31
N THR A 20 -4.74 1.99 1.96
CA THR A 20 -4.53 2.54 0.63
C THR A 20 -3.60 3.76 0.69
N TRP A 21 -2.50 3.69 -0.03
CA TRP A 21 -1.53 4.77 -0.03
C TRP A 21 -1.58 5.54 -1.35
N ASP A 22 -1.37 6.84 -1.26
CA ASP A 22 -1.35 7.71 -2.44
C ASP A 22 0.08 8.08 -2.78
N GLU A 23 0.50 7.73 -3.98
CA GLU A 23 1.83 8.07 -4.46
C GLU A 23 1.78 9.41 -5.19
N GLY A 24 1.15 10.39 -4.54
CA GLY A 24 1.10 11.74 -5.09
C GLY A 24 2.41 12.47 -4.87
N ARG A 25 3.49 11.79 -5.19
CA ARG A 25 4.83 12.32 -5.04
C ARG A 25 5.77 11.47 -5.88
N ALA A 26 6.77 12.12 -6.46
CA ALA A 26 7.76 11.47 -7.32
C ALA A 26 7.12 11.00 -8.63
N PRO A 27 7.94 10.67 -9.65
CA PRO A 27 7.46 10.19 -10.96
C PRO A 27 6.72 8.85 -10.85
N GLY A 28 5.59 8.77 -11.54
CA GLY A 28 4.79 7.55 -11.56
C GLY A 28 4.54 7.08 -12.97
N PRO A 29 3.44 6.34 -13.20
CA PRO A 29 3.05 5.85 -14.53
C PRO A 29 3.10 6.94 -15.60
N THR A 30 3.86 6.67 -16.65
CA THR A 30 4.23 7.69 -17.62
C THR A 30 3.14 7.94 -18.66
N ASP A 31 2.10 7.12 -18.64
CA ASP A 31 0.98 7.27 -19.58
C ASP A 31 0.39 8.67 -19.51
N GLY A 32 0.41 9.26 -18.33
CA GLY A 32 -0.17 10.57 -18.13
C GLY A 32 -1.02 10.60 -16.88
N VAL A 33 -0.54 9.92 -15.85
CA VAL A 33 -1.32 9.75 -14.64
C VAL A 33 -0.96 10.83 -13.63
N LYS A 34 -1.98 11.39 -12.99
CA LYS A 34 -1.79 12.46 -12.03
C LYS A 34 -1.18 11.93 -10.74
N SER A 35 -1.66 10.77 -10.32
CA SER A 35 -1.24 10.16 -9.06
C SER A 35 -1.60 8.69 -9.08
N ALA A 36 -0.96 7.91 -8.25
CA ALA A 36 -1.26 6.49 -8.17
C ALA A 36 -1.65 6.12 -6.75
N THR A 37 -2.70 5.34 -6.60
CA THR A 37 -3.12 4.91 -5.29
C THR A 37 -3.01 3.39 -5.20
N VAL A 38 -2.31 2.92 -4.20
CA VAL A 38 -2.02 1.51 -4.08
C VAL A 38 -2.59 0.94 -2.79
N THR A 39 -3.36 -0.13 -2.92
CA THR A 39 -3.95 -0.78 -1.77
C THR A 39 -3.22 -2.08 -1.48
N PHE A 40 -2.74 -2.22 -0.25
CA PHE A 40 -1.97 -3.39 0.13
C PHE A 40 -2.81 -4.36 0.95
N THR A 41 -2.98 -5.55 0.42
CA THR A 41 -3.53 -6.65 1.20
C THR A 41 -2.39 -7.54 1.67
N GLU A 42 -2.67 -8.59 2.39
CA GLU A 42 -1.62 -9.39 2.99
C GLU A 42 -0.82 -10.14 1.93
N ASP A 43 -1.50 -10.60 0.89
CA ASP A 43 -0.85 -11.42 -0.13
C ASP A 43 -0.74 -10.72 -1.48
N GLU A 44 -1.42 -9.59 -1.64
CA GLU A 44 -1.54 -8.99 -2.95
C GLU A 44 -1.31 -7.48 -2.92
N VAL A 45 -0.72 -6.97 -4.00
CA VAL A 45 -0.56 -5.54 -4.18
C VAL A 45 -1.44 -5.09 -5.36
N VAL A 46 -2.39 -4.22 -5.09
CA VAL A 46 -3.24 -3.68 -6.15
C VAL A 46 -2.89 -2.21 -6.39
N GLU A 47 -2.52 -1.91 -7.63
CA GLU A 47 -2.14 -0.55 -7.98
C GLU A 47 -3.23 0.09 -8.82
N THR A 48 -3.59 1.31 -8.47
CA THR A 48 -4.63 2.02 -9.17
C THR A 48 -4.10 3.35 -9.67
N GLU A 49 -4.40 3.67 -10.91
CA GLU A 49 -3.93 4.90 -11.51
C GLU A 49 -5.03 5.95 -11.49
N VAL A 50 -4.76 7.10 -10.93
CA VAL A 50 -5.72 8.19 -10.97
C VAL A 50 -5.47 8.98 -12.24
N MET A 51 -6.39 8.89 -13.17
CA MET A 51 -6.18 9.43 -14.50
C MET A 51 -7.16 10.57 -14.77
N GLU A 52 -6.61 11.73 -15.06
CA GLU A 52 -7.41 12.93 -15.28
C GLU A 52 -8.30 12.75 -16.50
N GLY A 53 -9.61 12.77 -16.28
CA GLY A 53 -10.55 12.60 -17.36
C GLY A 53 -11.31 11.29 -17.26
N ARG A 54 -10.68 10.29 -16.65
CA ARG A 54 -11.30 8.99 -16.49
C ARG A 54 -11.61 8.75 -15.02
N GLY A 55 -10.57 8.78 -14.22
CA GLY A 55 -10.68 8.44 -12.82
C GLY A 55 -9.68 7.36 -12.46
N GLU A 56 -9.88 6.72 -11.31
CA GLU A 56 -9.03 5.63 -10.91
C GLU A 56 -9.27 4.40 -11.76
N VAL A 57 -8.17 3.90 -12.31
CA VAL A 57 -8.18 2.69 -13.12
C VAL A 57 -7.32 1.62 -12.45
N GLN A 58 -7.92 0.47 -12.17
CA GLN A 58 -7.23 -0.61 -11.48
C GLN A 58 -6.34 -1.41 -12.42
N LEU A 59 -5.09 -1.56 -12.02
CA LEU A 59 -4.13 -2.36 -12.76
C LEU A 59 -4.17 -3.82 -12.27
N PRO A 60 -3.58 -4.76 -13.03
CA PRO A 60 -3.55 -6.17 -12.66
C PRO A 60 -2.88 -6.39 -11.29
N PHE A 61 -3.56 -7.15 -10.44
CA PHE A 61 -3.07 -7.42 -9.09
C PHE A 61 -1.76 -8.21 -9.15
N MET A 62 -0.89 -7.95 -8.17
CA MET A 62 0.37 -8.66 -8.08
C MET A 62 0.49 -9.33 -6.70
N ALA A 63 0.58 -10.65 -6.69
CA ALA A 63 0.65 -11.40 -5.45
C ALA A 63 2.10 -11.54 -4.99
N TYR A 64 2.32 -11.37 -3.69
CA TYR A 64 3.67 -11.39 -3.14
C TYR A 64 3.70 -12.19 -1.84
N LYS A 65 4.90 -12.42 -1.33
CA LYS A 65 5.06 -13.05 -0.02
C LYS A 65 6.02 -12.25 0.84
N VAL A 66 5.85 -12.40 2.14
CA VAL A 66 6.67 -11.69 3.10
C VAL A 66 7.84 -12.58 3.54
N ILE A 67 9.06 -12.06 3.38
CA ILE A 67 10.25 -12.77 3.78
C ILE A 67 10.57 -12.46 5.24
N SER A 68 10.53 -11.17 5.57
CA SER A 68 10.75 -10.72 6.93
C SER A 68 9.84 -9.54 7.22
N GLN A 69 9.55 -9.32 8.49
CA GLN A 69 8.63 -8.26 8.89
C GLN A 69 9.02 -7.71 10.26
N SER A 70 8.70 -6.45 10.50
CA SER A 70 8.91 -5.85 11.79
C SER A 70 7.74 -4.93 12.13
N THR A 71 7.39 -4.88 13.41
CA THR A 71 6.38 -3.96 13.87
C THR A 71 6.94 -2.54 13.89
N ASP A 72 8.25 -2.45 14.02
CA ASP A 72 8.95 -1.17 14.01
C ASP A 72 10.37 -1.34 13.51
N GLY A 73 10.49 -1.48 12.20
CA GLY A 73 11.79 -1.54 11.58
C GLY A 73 11.68 -1.52 10.07
N SER A 74 11.65 -2.70 9.49
CA SER A 74 11.51 -2.84 8.05
C SER A 74 10.80 -4.15 7.71
N ILE A 75 10.15 -4.17 6.56
CA ILE A 75 9.52 -5.37 6.05
C ILE A 75 10.17 -5.74 4.73
N GLU A 76 10.43 -7.02 4.52
CA GLU A 76 11.03 -7.49 3.28
C GLU A 76 10.07 -8.42 2.57
N ILE A 77 9.72 -8.08 1.34
CA ILE A 77 8.74 -8.84 0.59
C ILE A 77 9.29 -9.17 -0.81
N GLN A 78 8.75 -10.21 -1.41
CA GLN A 78 9.17 -10.59 -2.76
C GLN A 78 7.93 -10.81 -3.63
N TYR A 79 8.00 -10.32 -4.87
CA TYR A 79 6.80 -10.17 -5.71
C TYR A 79 6.34 -11.47 -6.37
N LEU A 80 7.06 -12.55 -6.13
CA LEU A 80 6.77 -13.85 -6.74
C LEU A 80 6.61 -13.74 -8.26
N GLY A 81 6.15 -14.81 -8.90
CA GLY A 81 5.91 -14.75 -10.34
C GLY A 81 7.19 -14.53 -11.11
N PRO A 82 7.12 -13.90 -12.29
CA PRO A 82 8.31 -13.53 -13.08
C PRO A 82 9.25 -12.59 -12.30
N TYR A 83 8.76 -12.08 -11.18
CA TYR A 83 9.51 -11.17 -10.34
C TYR A 83 9.86 -11.85 -9.01
N TYR A 84 10.03 -13.17 -9.04
CA TYR A 84 10.23 -13.93 -7.83
C TYR A 84 11.67 -13.86 -7.35
N PRO A 85 12.65 -13.44 -8.17
CA PRO A 85 13.93 -13.07 -7.61
C PRO A 85 14.03 -11.58 -7.27
N LEU A 86 12.99 -10.82 -7.59
CA LEU A 86 12.95 -9.40 -7.32
C LEU A 86 12.18 -9.14 -6.02
N LYS A 87 12.88 -8.66 -5.02
CA LYS A 87 12.24 -8.35 -3.75
C LYS A 87 12.23 -6.84 -3.51
N SER A 88 11.40 -6.42 -2.57
CA SER A 88 11.20 -5.02 -2.29
C SER A 88 11.24 -4.78 -0.78
N THR A 89 11.57 -3.56 -0.39
CA THR A 89 11.68 -3.22 1.02
C THR A 89 10.58 -2.24 1.41
N LEU A 90 10.05 -2.44 2.59
CA LEU A 90 9.01 -1.57 3.13
C LEU A 90 9.46 -1.04 4.49
N LYS A 91 9.46 0.27 4.62
CA LYS A 91 9.89 0.91 5.85
C LYS A 91 8.92 2.02 6.22
N ARG A 92 8.85 2.37 7.49
CA ARG A 92 7.97 3.44 7.91
C ARG A 92 8.70 4.77 7.80
N GLY A 93 7.93 5.83 7.78
CA GLY A 93 8.51 7.15 7.86
C GLY A 93 8.54 7.64 9.28
N GLU A 94 9.00 8.85 9.47
CA GLU A 94 9.09 9.42 10.81
C GLU A 94 7.81 10.17 11.17
N ASN A 95 6.94 10.38 10.18
CA ASN A 95 5.71 11.12 10.40
C ASN A 95 4.64 10.74 9.36
N GLY A 96 3.80 9.77 9.73
CA GLY A 96 2.64 9.41 8.91
C GLY A 96 2.98 9.15 7.46
N THR A 97 4.09 8.48 7.22
CA THR A 97 4.59 8.26 5.88
C THR A 97 5.11 6.83 5.73
N LEU A 98 5.19 6.37 4.49
CA LEU A 98 5.71 5.04 4.19
C LEU A 98 6.88 5.14 3.22
N ILE A 99 7.93 4.41 3.50
CA ILE A 99 9.08 4.35 2.62
C ILE A 99 9.07 3.02 1.87
N TRP A 100 8.82 3.10 0.57
CA TRP A 100 8.77 1.91 -0.26
C TRP A 100 10.00 1.87 -1.16
N GLU A 101 10.86 0.90 -0.95
CA GLU A 101 12.02 0.73 -1.79
C GLU A 101 11.84 -0.46 -2.70
N GLN A 102 12.08 -0.22 -3.97
CA GLN A 102 11.89 -1.25 -4.99
C GLN A 102 12.81 -0.98 -6.18
N ASN A 103 13.49 -2.01 -6.67
CA ASN A 103 14.35 -1.90 -7.85
C ASN A 103 15.46 -0.88 -7.64
N GLY A 104 15.75 -0.53 -6.40
CA GLY A 104 16.79 0.43 -6.11
C GLY A 104 16.24 1.82 -5.83
N GLN A 105 14.96 2.02 -6.15
CA GLN A 105 14.33 3.32 -5.96
C GLN A 105 13.65 3.41 -4.61
N ARG A 106 13.87 4.53 -3.93
CA ARG A 106 13.22 4.81 -2.67
C ARG A 106 12.06 5.78 -2.88
N LYS A 107 10.84 5.32 -2.60
CA LYS A 107 9.66 6.15 -2.75
C LYS A 107 9.03 6.49 -1.40
N THR A 108 8.56 7.72 -1.25
CA THR A 108 7.82 8.11 -0.06
C THR A 108 6.41 8.55 -0.45
N MET A 109 5.41 7.81 0.01
CA MET A 109 4.03 8.11 -0.34
C MET A 109 3.22 8.54 0.88
N THR A 110 2.06 9.12 0.61
CA THR A 110 1.14 9.57 1.65
C THR A 110 0.00 8.56 1.80
N ARG A 111 -0.74 8.61 2.90
CA ARG A 111 -1.80 7.63 3.11
C ARG A 111 -3.18 8.26 2.92
N ILE A 112 -4.04 7.56 2.19
CA ILE A 112 -5.41 7.99 1.99
C ILE A 112 -6.26 7.59 3.20
N GLU A 113 -7.35 8.31 3.41
CA GLU A 113 -8.23 8.02 4.54
C GLU A 113 -9.06 6.78 4.28
N SER A 114 -8.48 5.63 4.57
CA SER A 114 -9.16 4.36 4.43
C SER A 114 -10.10 4.13 5.61
N LYS A 115 -11.35 4.52 5.45
CA LYS A 115 -12.33 4.38 6.50
C LYS A 115 -13.22 3.18 6.23
N THR A 116 -12.86 2.43 5.20
CA THR A 116 -13.63 1.27 4.79
C THR A 116 -13.33 0.07 5.67
N GLY A 117 -12.32 0.22 6.50
CA GLY A 117 -11.93 -0.84 7.40
C GLY A 117 -11.40 -2.05 6.68
N ARG A 118 -11.64 -3.21 7.25
CA ARG A 118 -11.18 -4.47 6.68
C ARG A 118 -12.22 -5.55 6.88
N GLU A 119 -12.75 -6.07 5.78
CA GLU A 119 -13.69 -7.19 5.84
C GLU A 119 -12.94 -8.51 5.84
N GLU A 120 -13.34 -9.41 6.73
CA GLU A 120 -12.76 -10.74 6.77
C GLU A 120 -13.36 -11.59 5.65
N LYS A 121 -14.65 -11.90 5.78
CA LYS A 121 -15.41 -12.62 4.76
C LYS A 121 -14.82 -13.99 4.44
N ASP A 122 -13.98 -14.50 5.34
CA ASP A 122 -13.38 -15.81 5.17
C ASP A 122 -13.07 -16.39 6.55
N GLU A 123 -12.65 -17.64 6.60
CA GLU A 123 -12.44 -18.33 7.86
C GLU A 123 -10.95 -18.48 8.18
N LYS A 124 -10.65 -19.07 9.32
CA LYS A 124 -9.28 -19.28 9.77
C LYS A 124 -9.12 -20.68 10.31
N SER A 125 -8.02 -20.91 11.01
CA SER A 125 -7.78 -22.17 11.71
C SER A 125 -7.72 -23.36 10.75
N LYS A 126 -7.12 -23.15 9.58
CA LYS A 126 -6.97 -24.22 8.63
C LYS A 126 -5.74 -25.05 8.94
N SER A 127 -5.91 -26.08 9.75
CA SER A 127 -4.84 -26.97 10.11
C SER A 127 -5.35 -28.41 10.24
N LEU A 128 -4.66 -29.33 9.60
CA LEU A 128 -5.02 -30.74 9.66
C LEU A 128 -3.76 -31.60 9.76
N GLU A 129 -3.83 -32.66 10.53
CA GLU A 129 -2.68 -33.52 10.74
C GLU A 129 -2.93 -34.93 10.24
N HIS A 130 -1.87 -35.55 9.75
CA HIS A 130 -1.90 -36.95 9.36
C HIS A 130 -0.58 -37.61 9.75
N HIS A 131 -0.41 -37.84 11.05
CA HIS A 131 0.83 -38.41 11.56
C HIS A 131 0.57 -39.28 12.78
N HIS A 132 1.48 -40.21 13.02
CA HIS A 132 1.39 -41.09 14.18
C HIS A 132 2.76 -41.64 14.55
N HIS A 133 3.74 -41.43 13.67
CA HIS A 133 5.11 -41.91 13.86
C HIS A 133 5.16 -43.43 13.73
N HIS A 134 4.79 -44.12 14.80
CA HIS A 134 4.76 -45.58 14.83
C HIS A 134 4.04 -46.06 16.09
N HIS A 135 4.47 -45.54 17.23
CA HIS A 135 3.84 -45.86 18.50
C HIS A 135 4.11 -44.76 19.51
N MET A 1 -15.42 12.69 26.37
CA MET A 1 -14.23 12.57 25.49
C MET A 1 -14.64 11.99 24.15
N ILE A 2 -14.86 12.85 23.17
CA ILE A 2 -15.29 12.42 21.86
C ILE A 2 -14.14 12.51 20.86
N MET A 3 -13.64 11.34 20.47
CA MET A 3 -12.55 11.22 19.49
C MET A 3 -11.27 11.84 20.02
N VAL A 4 -10.50 11.05 20.77
CA VAL A 4 -9.22 11.49 21.30
C VAL A 4 -8.08 10.96 20.43
N SER A 5 -8.36 9.85 19.74
CA SER A 5 -7.43 9.27 18.76
C SER A 5 -6.15 8.77 19.42
N GLY A 6 -5.22 8.31 18.60
CA GLY A 6 -3.94 7.86 19.12
C GLY A 6 -2.94 9.00 19.16
N CYS A 7 -2.15 9.05 20.22
CA CYS A 7 -1.17 10.11 20.39
C CYS A 7 0.18 9.72 19.79
N GLN A 8 0.16 8.67 18.97
CA GLN A 8 1.38 8.12 18.35
C GLN A 8 2.28 7.48 19.40
N GLN A 9 3.29 6.74 18.94
CA GLN A 9 4.29 6.11 19.82
C GLN A 9 3.65 5.02 20.68
N GLN A 10 2.42 4.63 20.36
CA GLN A 10 1.67 3.68 21.15
C GLN A 10 1.62 2.32 20.47
N LYS A 11 1.81 1.27 21.26
CA LYS A 11 1.78 -0.10 20.77
C LYS A 11 0.32 -0.56 20.67
N GLU A 12 -0.42 0.01 19.73
CA GLU A 12 -1.85 -0.21 19.64
C GLU A 12 -2.20 -1.43 18.79
N GLU A 13 -2.36 -1.24 17.49
CA GLU A 13 -2.90 -2.29 16.63
C GLU A 13 -2.84 -1.87 15.15
N THR A 14 -3.28 -2.78 14.26
CA THR A 14 -3.41 -2.51 12.84
C THR A 14 -2.06 -2.44 12.11
N PRO A 15 -1.94 -3.21 10.99
CA PRO A 15 -0.77 -3.17 10.12
C PRO A 15 -0.52 -1.77 9.56
N PHE A 16 0.66 -1.23 9.83
CA PHE A 16 0.99 0.15 9.46
C PHE A 16 0.97 0.36 7.94
N TYR A 17 1.23 -0.69 7.18
CA TYR A 17 1.34 -0.55 5.73
C TYR A 17 0.01 -0.80 5.02
N TYR A 18 -0.98 -1.29 5.74
CA TYR A 18 -2.25 -1.64 5.13
C TYR A 18 -3.03 -0.41 4.71
N GLY A 19 -3.53 -0.41 3.48
CA GLY A 19 -4.32 0.70 2.99
C GLY A 19 -3.86 1.17 1.63
N THR A 20 -4.30 2.36 1.25
CA THR A 20 -3.92 2.94 -0.02
C THR A 20 -3.03 4.16 0.20
N TRP A 21 -1.88 4.18 -0.45
CA TRP A 21 -0.93 5.26 -0.30
C TRP A 21 -0.74 5.97 -1.64
N ASP A 22 -0.42 7.25 -1.62
CA ASP A 22 -0.19 7.99 -2.85
C ASP A 22 1.28 7.88 -3.23
N GLU A 23 1.53 7.54 -4.49
CA GLU A 23 2.87 7.32 -5.00
C GLU A 23 3.81 8.48 -4.72
N GLY A 24 3.39 9.68 -5.11
CA GLY A 24 4.28 10.83 -5.01
C GLY A 24 5.55 10.62 -5.82
N ARG A 25 5.41 9.93 -6.94
CA ARG A 25 6.53 9.58 -7.80
C ARG A 25 6.60 10.56 -8.95
N ALA A 26 7.81 10.80 -9.43
CA ALA A 26 8.02 11.68 -10.57
C ALA A 26 8.69 10.93 -11.73
N PRO A 27 7.91 10.14 -12.48
CA PRO A 27 8.36 9.47 -13.68
C PRO A 27 7.94 10.22 -14.92
N GLY A 28 8.00 9.57 -16.07
CA GLY A 28 7.45 10.15 -17.26
C GLY A 28 6.04 9.66 -17.48
N PRO A 29 5.35 10.21 -18.47
CA PRO A 29 3.98 9.83 -18.81
C PRO A 29 3.91 8.47 -19.50
N THR A 30 3.02 7.63 -19.04
CA THR A 30 2.76 6.35 -19.66
C THR A 30 1.75 6.50 -20.79
N ASP A 31 1.41 7.75 -21.07
CA ASP A 31 0.42 8.11 -22.09
C ASP A 31 -0.98 7.70 -21.64
N GLY A 32 -1.60 8.56 -20.85
CA GLY A 32 -2.93 8.29 -20.35
C GLY A 32 -3.02 8.48 -18.84
N VAL A 33 -1.96 8.08 -18.15
CA VAL A 33 -1.91 8.20 -16.70
C VAL A 33 -1.12 9.45 -16.30
N LYS A 34 -1.62 10.15 -15.30
CA LYS A 34 -0.93 11.31 -14.77
C LYS A 34 -0.02 10.90 -13.62
N SER A 35 -0.51 9.98 -12.82
CA SER A 35 0.11 9.58 -11.57
C SER A 35 -0.55 8.30 -11.08
N ALA A 36 -0.02 7.69 -10.04
CA ALA A 36 -0.56 6.43 -9.56
C ALA A 36 -0.67 6.41 -8.04
N THR A 37 -1.44 5.46 -7.55
CA THR A 37 -1.53 5.20 -6.12
C THR A 37 -1.27 3.73 -5.88
N VAL A 38 -0.85 3.37 -4.68
CA VAL A 38 -0.56 1.98 -4.39
C VAL A 38 -1.42 1.48 -3.23
N THR A 39 -2.13 0.39 -3.47
CA THR A 39 -2.97 -0.21 -2.45
C THR A 39 -2.34 -1.52 -1.97
N PHE A 40 -2.09 -1.61 -0.68
CA PHE A 40 -1.51 -2.82 -0.11
C PHE A 40 -2.60 -3.63 0.56
N THR A 41 -2.81 -4.83 0.06
CA THR A 41 -3.81 -5.72 0.61
C THR A 41 -3.10 -6.77 1.47
N GLU A 42 -3.87 -7.64 2.11
CA GLU A 42 -3.33 -8.58 3.07
C GLU A 42 -2.35 -9.57 2.44
N ASP A 43 -2.64 -10.04 1.24
CA ASP A 43 -1.77 -11.04 0.60
C ASP A 43 -1.37 -10.63 -0.80
N GLU A 44 -1.90 -9.51 -1.27
CA GLU A 44 -1.65 -9.06 -2.62
C GLU A 44 -1.43 -7.56 -2.68
N VAL A 45 -0.76 -7.12 -3.74
CA VAL A 45 -0.54 -5.70 -3.98
C VAL A 45 -1.32 -5.26 -5.21
N VAL A 46 -2.02 -4.14 -5.09
CA VAL A 46 -2.81 -3.61 -6.20
C VAL A 46 -2.37 -2.20 -6.54
N GLU A 47 -2.01 -1.99 -7.80
CA GLU A 47 -1.64 -0.66 -8.26
C GLU A 47 -2.81 0.00 -8.98
N THR A 48 -2.99 1.27 -8.69
CA THR A 48 -4.05 2.05 -9.28
C THR A 48 -3.49 3.24 -10.05
N GLU A 49 -3.78 3.29 -11.35
CA GLU A 49 -3.29 4.37 -12.18
C GLU A 49 -4.38 5.41 -12.40
N VAL A 50 -4.05 6.67 -12.21
CA VAL A 50 -5.02 7.75 -12.34
C VAL A 50 -5.07 8.26 -13.77
N MET A 51 -6.20 8.03 -14.40
CA MET A 51 -6.43 8.45 -15.78
C MET A 51 -7.55 9.48 -15.83
N GLU A 52 -7.34 10.54 -16.60
CA GLU A 52 -8.31 11.63 -16.69
C GLU A 52 -9.56 11.18 -17.45
N GLY A 53 -10.72 11.42 -16.84
CA GLY A 53 -11.98 11.04 -17.45
C GLY A 53 -12.40 9.62 -17.09
N ARG A 54 -11.40 8.80 -16.81
CA ARG A 54 -11.64 7.40 -16.46
C ARG A 54 -11.73 7.25 -14.95
N GLY A 55 -10.63 7.58 -14.30
CA GLY A 55 -10.52 7.41 -12.87
C GLY A 55 -9.28 6.61 -12.53
N GLU A 56 -9.27 5.96 -11.38
CA GLU A 56 -8.17 5.09 -11.03
C GLU A 56 -8.40 3.70 -11.57
N VAL A 57 -7.40 3.18 -12.26
CA VAL A 57 -7.48 1.88 -12.90
C VAL A 57 -6.70 0.87 -12.09
N GLN A 58 -7.38 -0.19 -11.67
CA GLN A 58 -6.82 -1.20 -10.81
C GLN A 58 -6.21 -2.33 -11.62
N LEU A 59 -4.97 -2.68 -11.29
CA LEU A 59 -4.33 -3.83 -11.90
C LEU A 59 -4.70 -5.10 -11.16
N PRO A 60 -4.64 -6.25 -11.85
CA PRO A 60 -4.94 -7.56 -11.27
C PRO A 60 -4.18 -7.80 -9.97
N PHE A 61 -4.83 -8.47 -9.02
CA PHE A 61 -4.22 -8.74 -7.72
C PHE A 61 -2.94 -9.55 -7.87
N MET A 62 -1.84 -8.98 -7.44
CA MET A 62 -0.55 -9.65 -7.53
C MET A 62 -0.07 -10.04 -6.15
N ALA A 63 0.16 -11.33 -5.97
CA ALA A 63 0.54 -11.87 -4.68
C ALA A 63 1.99 -11.54 -4.34
N TYR A 64 2.27 -11.40 -3.05
CA TYR A 64 3.62 -11.15 -2.59
C TYR A 64 3.96 -12.10 -1.45
N LYS A 65 5.25 -12.28 -1.20
CA LYS A 65 5.69 -13.14 -0.12
C LYS A 65 6.55 -12.34 0.85
N VAL A 66 6.43 -12.67 2.12
CA VAL A 66 7.13 -11.93 3.16
C VAL A 66 8.46 -12.59 3.50
N ILE A 67 9.54 -11.89 3.23
CA ILE A 67 10.87 -12.39 3.50
C ILE A 67 11.34 -11.93 4.87
N SER A 68 11.24 -10.64 5.10
CA SER A 68 11.60 -10.04 6.39
C SER A 68 10.43 -9.24 6.94
N GLN A 69 10.40 -9.11 8.25
CA GLN A 69 9.25 -8.49 8.91
C GLN A 69 9.67 -7.77 10.19
N SER A 70 8.97 -6.70 10.50
CA SER A 70 9.13 -6.00 11.75
C SER A 70 7.78 -5.39 12.15
N THR A 71 7.51 -5.33 13.44
CA THR A 71 6.30 -4.70 13.94
C THR A 71 6.40 -3.19 13.82
N ASP A 72 7.64 -2.70 13.81
CA ASP A 72 7.91 -1.28 13.62
C ASP A 72 9.36 -1.08 13.19
N GLY A 73 9.62 -1.34 11.92
CA GLY A 73 10.95 -1.14 11.38
C GLY A 73 10.97 -1.26 9.88
N SER A 74 11.09 -2.49 9.39
CA SER A 74 11.13 -2.74 7.97
C SER A 74 10.43 -4.06 7.64
N ILE A 75 9.85 -4.11 6.46
CA ILE A 75 9.25 -5.33 5.94
C ILE A 75 9.78 -5.57 4.54
N GLU A 76 10.21 -6.79 4.27
CA GLU A 76 10.76 -7.12 2.97
C GLU A 76 9.85 -8.14 2.29
N ILE A 77 9.41 -7.79 1.10
CA ILE A 77 8.47 -8.62 0.37
C ILE A 77 8.91 -8.78 -1.08
N GLN A 78 8.58 -9.90 -1.68
CA GLN A 78 8.88 -10.17 -3.07
C GLN A 78 7.61 -10.52 -3.81
N TYR A 79 7.44 -9.96 -5.00
CA TYR A 79 6.25 -10.19 -5.81
C TYR A 79 6.31 -11.56 -6.46
N LEU A 80 5.16 -12.10 -6.82
CA LEU A 80 5.10 -13.36 -7.53
C LEU A 80 4.38 -13.17 -8.86
N GLY A 81 4.49 -14.16 -9.73
CA GLY A 81 3.95 -14.02 -11.07
C GLY A 81 5.05 -13.76 -12.07
N PRO A 82 4.74 -13.08 -13.19
CA PRO A 82 5.74 -12.72 -14.20
C PRO A 82 6.84 -11.81 -13.63
N TYR A 83 6.63 -11.32 -12.42
CA TYR A 83 7.60 -10.49 -11.73
C TYR A 83 7.96 -11.14 -10.39
N TYR A 84 8.43 -12.38 -10.46
CA TYR A 84 8.64 -13.22 -9.29
C TYR A 84 9.99 -12.98 -8.63
N PRO A 85 11.06 -12.55 -9.34
CA PRO A 85 12.31 -12.28 -8.67
C PRO A 85 12.41 -10.85 -8.17
N LEU A 86 11.40 -10.04 -8.47
CA LEU A 86 11.43 -8.64 -8.10
C LEU A 86 10.83 -8.43 -6.71
N LYS A 87 11.65 -7.94 -5.79
CA LYS A 87 11.17 -7.68 -4.45
C LYS A 87 11.19 -6.19 -4.16
N SER A 88 10.46 -5.80 -3.13
CA SER A 88 10.37 -4.42 -2.73
C SER A 88 10.61 -4.29 -1.23
N THR A 89 10.96 -3.10 -0.80
CA THR A 89 11.22 -2.86 0.60
C THR A 89 10.20 -1.89 1.18
N LEU A 90 9.77 -2.17 2.38
CA LEU A 90 8.82 -1.33 3.10
C LEU A 90 9.41 -0.94 4.43
N LYS A 91 9.49 0.35 4.69
CA LYS A 91 10.09 0.83 5.92
C LYS A 91 9.21 1.87 6.59
N ARG A 92 9.34 1.96 7.90
CA ARG A 92 8.47 2.80 8.72
C ARG A 92 8.74 4.28 8.47
N GLY A 93 7.72 5.08 8.66
CA GLY A 93 7.87 6.52 8.61
C GLY A 93 7.31 7.15 9.86
N GLU A 94 7.84 8.29 10.23
CA GLU A 94 7.43 8.97 11.44
C GLU A 94 5.97 9.42 11.35
N ASN A 95 5.29 9.37 12.49
CA ASN A 95 3.89 9.77 12.61
C ASN A 95 2.98 8.82 11.83
N GLY A 96 3.48 7.61 11.55
CA GLY A 96 2.66 6.60 10.90
C GLY A 96 2.62 6.76 9.39
N THR A 97 3.79 6.86 8.77
CA THR A 97 3.89 6.92 7.33
C THR A 97 4.66 5.72 6.80
N LEU A 98 4.72 5.56 5.49
CA LEU A 98 5.38 4.40 4.89
C LEU A 98 6.42 4.81 3.86
N ILE A 99 7.58 4.17 3.93
CA ILE A 99 8.61 4.36 2.94
C ILE A 99 8.73 3.12 2.07
N TRP A 100 8.34 3.24 0.82
CA TRP A 100 8.35 2.12 -0.10
C TRP A 100 9.50 2.24 -1.08
N GLU A 101 10.41 1.28 -1.04
CA GLU A 101 11.50 1.22 -1.98
C GLU A 101 11.22 0.17 -3.04
N GLN A 102 11.44 0.57 -4.28
CA GLN A 102 11.09 -0.26 -5.42
C GLN A 102 12.01 0.04 -6.59
N ASN A 103 12.68 -0.99 -7.09
CA ASN A 103 13.60 -0.88 -8.23
C ASN A 103 14.76 0.06 -7.91
N GLY A 104 15.04 0.23 -6.62
CA GLY A 104 16.15 1.05 -6.21
C GLY A 104 15.73 2.47 -5.88
N GLN A 105 14.48 2.81 -6.16
CA GLN A 105 13.98 4.14 -5.84
C GLN A 105 13.31 4.14 -4.48
N ARG A 106 13.62 5.14 -3.67
CA ARG A 106 13.00 5.29 -2.36
C ARG A 106 11.91 6.35 -2.41
N LYS A 107 10.72 6.01 -1.95
CA LYS A 107 9.64 6.98 -1.91
C LYS A 107 9.01 7.05 -0.53
N THR A 108 8.70 8.26 -0.12
CA THR A 108 8.02 8.49 1.14
C THR A 108 6.57 8.88 0.85
N MET A 109 5.64 8.04 1.24
CA MET A 109 4.24 8.22 0.87
C MET A 109 3.36 8.39 2.10
N THR A 110 2.30 9.16 1.94
CA THR A 110 1.36 9.40 3.02
C THR A 110 0.14 8.49 2.87
N ARG A 111 -0.49 8.18 3.99
CA ARG A 111 -1.64 7.30 4.01
C ARG A 111 -2.91 8.06 3.69
N ILE A 112 -3.63 7.62 2.67
CA ILE A 112 -4.88 8.25 2.30
C ILE A 112 -5.96 7.87 3.30
N GLU A 113 -6.98 8.71 3.44
CA GLU A 113 -8.08 8.45 4.36
C GLU A 113 -8.95 7.31 3.81
N SER A 114 -8.59 6.10 4.21
CA SER A 114 -9.25 4.89 3.75
C SER A 114 -8.99 4.62 2.26
N LYS A 115 -9.41 3.47 1.80
CA LYS A 115 -9.29 3.13 0.39
C LYS A 115 -10.57 3.52 -0.35
N THR A 116 -10.46 4.53 -1.21
CA THR A 116 -11.61 5.03 -1.95
C THR A 116 -11.82 4.23 -3.23
N GLY A 117 -13.05 3.82 -3.47
CA GLY A 117 -13.36 3.07 -4.66
C GLY A 117 -13.79 1.65 -4.35
N ARG A 118 -13.73 0.78 -5.34
CA ARG A 118 -14.13 -0.60 -5.17
C ARG A 118 -13.33 -1.46 -6.14
N GLU A 119 -12.62 -2.46 -5.62
CA GLU A 119 -11.83 -3.34 -6.47
C GLU A 119 -12.73 -4.30 -7.24
N GLU A 120 -12.76 -4.12 -8.55
CA GLU A 120 -13.63 -4.91 -9.40
C GLU A 120 -13.04 -5.02 -10.80
N LYS A 121 -13.07 -3.90 -11.55
CA LYS A 121 -12.54 -3.83 -12.91
C LYS A 121 -13.28 -4.78 -13.84
N ASP A 122 -14.11 -4.23 -14.70
CA ASP A 122 -14.89 -5.04 -15.62
C ASP A 122 -14.17 -5.21 -16.95
N GLU A 123 -14.17 -6.45 -17.44
CA GLU A 123 -13.59 -6.81 -18.73
C GLU A 123 -12.06 -6.79 -18.69
N LYS A 124 -11.46 -7.94 -19.02
CA LYS A 124 -10.02 -8.11 -19.04
C LYS A 124 -9.40 -7.29 -20.17
N SER A 125 -8.48 -6.43 -19.80
CA SER A 125 -7.76 -5.62 -20.76
C SER A 125 -6.28 -6.01 -20.82
N LYS A 126 -5.92 -6.84 -21.80
CA LYS A 126 -4.54 -7.27 -21.94
C LYS A 126 -3.90 -6.62 -23.17
N SER A 127 -3.63 -5.31 -23.05
CA SER A 127 -2.97 -4.55 -24.09
C SER A 127 -2.68 -3.15 -23.56
N LEU A 128 -1.45 -2.92 -23.14
CA LEU A 128 -1.08 -1.66 -22.51
C LEU A 128 -0.24 -0.81 -23.45
N GLU A 129 -0.64 0.45 -23.62
CA GLU A 129 0.10 1.39 -24.45
C GLU A 129 1.34 1.88 -23.70
N HIS A 130 2.36 1.04 -23.67
CA HIS A 130 3.59 1.36 -22.97
C HIS A 130 4.34 2.51 -23.63
N HIS A 131 4.22 3.69 -23.03
CA HIS A 131 4.92 4.87 -23.49
C HIS A 131 5.77 5.46 -22.37
N HIS A 132 6.73 6.29 -22.72
CA HIS A 132 7.60 6.92 -21.72
C HIS A 132 8.45 8.02 -22.36
N HIS A 133 8.33 9.23 -21.85
CA HIS A 133 9.09 10.37 -22.36
C HIS A 133 9.18 11.46 -21.32
N HIS A 134 10.34 11.59 -20.68
CA HIS A 134 10.58 12.66 -19.73
C HIS A 134 11.63 13.61 -20.29
N HIS A 135 11.26 14.86 -20.47
CA HIS A 135 12.15 15.86 -21.06
C HIS A 135 13.20 16.28 -20.04
N MET A 1 -0.86 23.23 38.02
CA MET A 1 0.20 22.36 37.45
C MET A 1 -0.42 21.16 36.77
N ILE A 2 -0.49 21.21 35.45
CA ILE A 2 -0.97 20.09 34.64
C ILE A 2 -0.13 19.96 33.38
N MET A 3 -0.25 18.83 32.71
CA MET A 3 0.44 18.62 31.46
C MET A 3 -0.52 18.86 30.30
N VAL A 4 -0.19 19.82 29.46
CA VAL A 4 -1.05 20.20 28.34
C VAL A 4 -1.02 19.13 27.25
N SER A 5 -2.18 18.89 26.67
CA SER A 5 -2.31 17.89 25.61
C SER A 5 -1.52 18.28 24.37
N GLY A 6 -0.49 17.51 24.06
CA GLY A 6 0.28 17.74 22.86
C GLY A 6 -0.15 16.83 21.74
N CYS A 7 0.28 17.13 20.53
CA CYS A 7 -0.07 16.33 19.37
C CYS A 7 0.62 14.97 19.41
N GLN A 8 -0.11 13.97 19.91
CA GLN A 8 0.42 12.62 19.98
C GLN A 8 -0.73 11.62 20.11
N GLN A 9 -0.47 10.38 19.72
CA GLN A 9 -1.44 9.32 19.86
C GLN A 9 -0.81 8.11 20.55
N GLN A 10 -0.36 7.15 19.74
CA GLN A 10 0.27 5.92 20.22
C GLN A 10 0.33 4.91 19.07
N LYS A 11 1.52 4.47 18.69
CA LYS A 11 1.64 3.50 17.60
C LYS A 11 2.40 2.27 18.06
N GLU A 12 1.65 1.22 18.39
CA GLU A 12 2.23 -0.05 18.80
C GLU A 12 1.41 -1.21 18.24
N GLU A 13 0.48 -0.89 17.35
CA GLU A 13 -0.46 -1.87 16.83
C GLU A 13 -0.82 -1.55 15.38
N THR A 14 -1.36 -2.55 14.67
CA THR A 14 -1.77 -2.42 13.28
C THR A 14 -0.56 -2.29 12.32
N PRO A 15 -0.54 -3.09 11.24
CA PRO A 15 0.52 -3.05 10.24
C PRO A 15 0.68 -1.66 9.65
N PHE A 16 1.88 -1.08 9.79
CA PHE A 16 2.11 0.31 9.41
C PHE A 16 2.07 0.52 7.90
N TYR A 17 2.14 -0.57 7.14
CA TYR A 17 2.15 -0.48 5.70
C TYR A 17 0.76 -0.74 5.13
N TYR A 18 -0.18 -1.12 5.98
CA TYR A 18 -1.48 -1.56 5.52
C TYR A 18 -2.42 -0.38 5.30
N GLY A 19 -3.14 -0.42 4.19
CA GLY A 19 -4.07 0.65 3.88
C GLY A 19 -3.97 1.07 2.43
N THR A 20 -4.11 2.36 2.18
CA THR A 20 -4.01 2.91 0.84
C THR A 20 -3.02 4.06 0.85
N TRP A 21 -2.03 4.00 -0.03
CA TRP A 21 -0.98 5.01 -0.05
C TRP A 21 -0.96 5.77 -1.36
N ASP A 22 -0.76 7.07 -1.26
CA ASP A 22 -0.66 7.96 -2.42
C ASP A 22 0.73 7.96 -3.01
N GLU A 23 0.83 7.69 -4.31
CA GLU A 23 2.08 7.80 -5.03
C GLU A 23 2.21 9.21 -5.60
N GLY A 24 2.47 10.16 -4.72
CA GLY A 24 2.63 11.54 -5.13
C GLY A 24 4.06 11.86 -5.51
N ARG A 25 4.98 10.99 -5.12
CA ARG A 25 6.37 11.19 -5.41
C ARG A 25 6.78 10.36 -6.59
N ALA A 26 7.64 10.92 -7.41
CA ALA A 26 8.15 10.29 -8.64
C ALA A 26 7.06 10.21 -9.71
N PRO A 27 7.44 10.35 -10.99
CA PRO A 27 6.50 10.29 -12.11
C PRO A 27 5.95 8.88 -12.34
N GLY A 28 4.72 8.81 -12.81
CA GLY A 28 4.11 7.53 -13.10
C GLY A 28 4.34 7.09 -14.54
N PRO A 29 3.54 6.15 -15.05
CA PRO A 29 3.64 5.70 -16.44
C PRO A 29 3.36 6.81 -17.45
N THR A 30 3.95 6.68 -18.63
CA THR A 30 3.81 7.67 -19.69
C THR A 30 2.48 7.54 -20.42
N ASP A 31 1.64 6.62 -19.95
CA ASP A 31 0.34 6.36 -20.56
C ASP A 31 -0.63 7.50 -20.32
N GLY A 32 -0.25 8.41 -19.42
CA GLY A 32 -1.07 9.59 -19.19
C GLY A 32 -1.70 9.59 -17.82
N VAL A 33 -0.91 9.31 -16.80
CA VAL A 33 -1.42 9.25 -15.44
C VAL A 33 -0.97 10.49 -14.66
N LYS A 34 -1.90 11.08 -13.92
CA LYS A 34 -1.58 12.22 -13.06
C LYS A 34 -0.86 11.77 -11.80
N SER A 35 -1.34 10.69 -11.24
CA SER A 35 -0.83 10.15 -9.98
C SER A 35 -1.38 8.74 -9.82
N ALA A 36 -0.77 7.98 -8.93
CA ALA A 36 -1.21 6.62 -8.71
C ALA A 36 -1.48 6.39 -7.23
N THR A 37 -2.28 5.39 -6.93
CA THR A 37 -2.52 4.99 -5.57
C THR A 37 -2.31 3.49 -5.43
N VAL A 38 -1.72 3.08 -4.34
CA VAL A 38 -1.39 1.68 -4.15
C VAL A 38 -2.21 1.09 -3.00
N THR A 39 -2.84 -0.04 -3.27
CA THR A 39 -3.66 -0.71 -2.29
C THR A 39 -3.01 -2.03 -1.87
N PHE A 40 -2.70 -2.15 -0.59
CA PHE A 40 -2.04 -3.35 -0.08
C PHE A 40 -3.03 -4.26 0.63
N THR A 41 -3.15 -5.48 0.13
CA THR A 41 -3.90 -6.52 0.82
C THR A 41 -2.89 -7.45 1.51
N GLU A 42 -3.37 -8.40 2.29
CA GLU A 42 -2.51 -9.31 3.03
C GLU A 42 -1.49 -10.00 2.12
N ASP A 43 -1.95 -10.51 0.99
CA ASP A 43 -1.06 -11.19 0.05
C ASP A 43 -1.23 -10.64 -1.37
N GLU A 44 -2.01 -9.58 -1.50
CA GLU A 44 -2.32 -9.02 -2.81
C GLU A 44 -1.88 -7.57 -2.92
N VAL A 45 -1.26 -7.24 -4.04
CA VAL A 45 -0.94 -5.86 -4.36
C VAL A 45 -1.86 -5.37 -5.47
N VAL A 46 -2.66 -4.37 -5.18
CA VAL A 46 -3.58 -3.82 -6.16
C VAL A 46 -3.12 -2.43 -6.59
N GLU A 47 -2.91 -2.27 -7.89
CA GLU A 47 -2.50 -0.99 -8.43
C GLU A 47 -3.68 -0.23 -8.97
N THR A 48 -3.74 1.01 -8.58
CA THR A 48 -4.76 1.92 -9.04
C THR A 48 -4.13 3.19 -9.60
N GLU A 49 -4.35 3.45 -10.87
CA GLU A 49 -3.77 4.61 -11.52
C GLU A 49 -4.83 5.65 -11.82
N VAL A 50 -4.61 6.87 -11.38
CA VAL A 50 -5.58 7.94 -11.57
C VAL A 50 -5.34 8.61 -12.92
N MET A 51 -6.28 8.42 -13.82
CA MET A 51 -6.18 8.98 -15.15
C MET A 51 -7.35 9.92 -15.38
N GLU A 52 -7.03 11.14 -15.77
CA GLU A 52 -8.03 12.19 -15.90
C GLU A 52 -9.03 11.86 -17.01
N GLY A 53 -10.31 11.89 -16.67
CA GLY A 53 -11.36 11.59 -17.63
C GLY A 53 -12.06 10.29 -17.27
N ARG A 54 -11.33 9.39 -16.63
CA ARG A 54 -11.87 8.09 -16.27
C ARG A 54 -11.72 7.83 -14.78
N GLY A 55 -10.63 8.31 -14.22
CA GLY A 55 -10.43 8.21 -12.78
C GLY A 55 -9.48 7.10 -12.42
N GLU A 56 -9.80 6.41 -11.33
CA GLU A 56 -9.01 5.29 -10.87
C GLU A 56 -9.15 4.10 -11.79
N VAL A 57 -8.02 3.45 -12.04
CA VAL A 57 -7.99 2.28 -12.90
C VAL A 57 -7.27 1.13 -12.20
N GLN A 58 -7.96 0.02 -12.03
CA GLN A 58 -7.41 -1.14 -11.38
C GLN A 58 -6.56 -1.96 -12.34
N LEU A 59 -5.35 -2.30 -11.90
CA LEU A 59 -4.50 -3.22 -12.64
C LEU A 59 -4.66 -4.63 -12.07
N PRO A 60 -4.31 -5.66 -12.84
CA PRO A 60 -4.35 -7.05 -12.38
C PRO A 60 -3.55 -7.23 -11.10
N PHE A 61 -4.24 -7.63 -10.03
CA PHE A 61 -3.61 -7.73 -8.70
C PHE A 61 -2.48 -8.75 -8.70
N MET A 62 -1.33 -8.30 -8.24
CA MET A 62 -0.14 -9.10 -8.18
C MET A 62 0.01 -9.75 -6.81
N ALA A 63 0.53 -10.97 -6.78
CA ALA A 63 0.77 -11.66 -5.53
C ALA A 63 2.20 -11.44 -5.05
N TYR A 64 2.36 -11.27 -3.76
CA TYR A 64 3.68 -11.06 -3.18
C TYR A 64 3.83 -11.86 -1.89
N LYS A 65 5.05 -12.05 -1.44
CA LYS A 65 5.28 -12.73 -0.18
C LYS A 65 6.08 -11.83 0.76
N VAL A 66 5.88 -12.05 2.04
CA VAL A 66 6.57 -11.29 3.09
C VAL A 66 7.70 -12.13 3.67
N ILE A 67 8.93 -11.70 3.43
CA ILE A 67 10.10 -12.42 3.89
C ILE A 67 10.40 -12.04 5.33
N SER A 68 10.53 -10.74 5.56
CA SER A 68 10.81 -10.24 6.89
C SER A 68 9.79 -9.19 7.27
N GLN A 69 9.53 -9.05 8.54
CA GLN A 69 8.49 -8.14 9.03
C GLN A 69 8.85 -7.59 10.38
N SER A 70 8.44 -6.35 10.63
CA SER A 70 8.60 -5.74 11.93
C SER A 70 7.33 -4.99 12.30
N THR A 71 7.08 -4.83 13.60
CA THR A 71 5.97 -4.02 14.06
C THR A 71 6.38 -2.55 13.99
N ASP A 72 7.67 -2.31 14.16
CA ASP A 72 8.23 -0.97 14.07
C ASP A 72 9.69 -1.04 13.64
N GLY A 73 9.88 -1.19 12.33
CA GLY A 73 11.21 -1.22 11.76
C GLY A 73 11.18 -1.27 10.25
N SER A 74 11.25 -2.46 9.70
CA SER A 74 11.23 -2.64 8.27
C SER A 74 10.57 -3.96 7.89
N ILE A 75 10.03 -4.00 6.68
CA ILE A 75 9.41 -5.19 6.13
C ILE A 75 10.01 -5.49 4.77
N GLU A 76 10.42 -6.72 4.54
CA GLU A 76 10.98 -7.09 3.26
C GLU A 76 10.03 -8.02 2.54
N ILE A 77 9.65 -7.63 1.34
CA ILE A 77 8.71 -8.39 0.53
C ILE A 77 9.33 -8.72 -0.81
N GLN A 78 8.81 -9.75 -1.45
CA GLN A 78 9.33 -10.17 -2.73
C GLN A 78 8.19 -10.40 -3.70
N TYR A 79 8.34 -9.91 -4.92
CA TYR A 79 7.32 -10.07 -5.95
C TYR A 79 7.33 -11.49 -6.46
N LEU A 80 6.14 -12.00 -6.77
CA LEU A 80 6.01 -13.34 -7.30
C LEU A 80 5.51 -13.28 -8.73
N GLY A 81 5.33 -14.43 -9.36
CA GLY A 81 4.97 -14.42 -10.76
C GLY A 81 6.18 -14.19 -11.62
N PRO A 82 6.03 -13.60 -12.82
CA PRO A 82 7.17 -13.26 -13.68
C PRO A 82 8.10 -12.23 -13.05
N TYR A 83 7.66 -11.64 -11.94
CA TYR A 83 8.46 -10.64 -11.24
C TYR A 83 9.17 -11.27 -10.04
N TYR A 84 9.36 -12.57 -10.10
CA TYR A 84 10.01 -13.34 -9.04
C TYR A 84 11.45 -12.84 -8.79
N PRO A 85 12.20 -13.46 -7.84
CA PRO A 85 13.24 -12.88 -7.01
C PRO A 85 13.45 -11.35 -6.93
N LEU A 86 12.68 -10.55 -7.63
CA LEU A 86 12.74 -9.11 -7.44
C LEU A 86 12.11 -8.73 -6.10
N LYS A 87 12.93 -8.23 -5.18
CA LYS A 87 12.43 -7.82 -3.87
C LYS A 87 12.03 -6.36 -3.86
N SER A 88 11.40 -5.96 -2.76
CA SER A 88 11.10 -4.57 -2.48
C SER A 88 11.05 -4.39 -0.96
N THR A 89 11.34 -3.19 -0.49
CA THR A 89 11.45 -2.96 0.94
C THR A 89 10.41 -1.95 1.41
N LEU A 90 9.88 -2.21 2.58
CA LEU A 90 8.90 -1.34 3.23
C LEU A 90 9.46 -0.90 4.57
N LYS A 91 9.54 0.40 4.79
CA LYS A 91 10.17 0.92 5.99
C LYS A 91 9.32 1.99 6.65
N ARG A 92 9.55 2.18 7.95
CA ARG A 92 8.85 3.18 8.73
C ARG A 92 9.21 4.59 8.25
N GLY A 93 8.24 5.49 8.29
CA GLY A 93 8.47 6.83 7.81
C GLY A 93 8.63 7.84 8.94
N GLU A 94 8.60 9.10 8.58
CA GLU A 94 8.83 10.19 9.52
C GLU A 94 7.54 10.61 10.22
N ASN A 95 6.48 10.68 9.44
CA ASN A 95 5.20 11.16 9.95
C ASN A 95 4.26 9.99 10.20
N GLY A 96 4.83 8.80 10.30
CA GLY A 96 4.04 7.60 10.36
C GLY A 96 3.62 7.17 8.97
N THR A 97 4.49 7.43 8.01
CA THR A 97 4.25 7.11 6.62
C THR A 97 5.06 5.91 6.19
N LEU A 98 4.87 5.45 4.96
CA LEU A 98 5.55 4.26 4.50
C LEU A 98 6.67 4.62 3.55
N ILE A 99 7.86 4.11 3.81
CA ILE A 99 8.98 4.26 2.92
C ILE A 99 9.09 3.00 2.07
N TRP A 100 8.76 3.14 0.79
CA TRP A 100 8.74 2.02 -0.12
C TRP A 100 9.98 2.05 -1.00
N GLU A 101 10.86 1.09 -0.83
CA GLU A 101 12.05 1.02 -1.64
C GLU A 101 11.91 -0.06 -2.68
N GLN A 102 12.22 0.29 -3.90
CA GLN A 102 11.93 -0.55 -5.05
C GLN A 102 12.94 -0.30 -6.16
N ASN A 103 13.66 -1.35 -6.54
CA ASN A 103 14.67 -1.27 -7.61
C ASN A 103 15.79 -0.30 -7.27
N GLY A 104 15.97 -0.06 -5.97
CA GLY A 104 17.04 0.81 -5.52
C GLY A 104 16.58 2.24 -5.30
N GLN A 105 15.36 2.53 -5.71
CA GLN A 105 14.82 3.86 -5.55
C GLN A 105 14.01 3.95 -4.26
N ARG A 106 14.11 5.09 -3.58
CA ARG A 106 13.33 5.32 -2.38
C ARG A 106 12.04 6.03 -2.74
N LYS A 107 10.93 5.36 -2.51
CA LYS A 107 9.61 5.91 -2.81
C LYS A 107 8.90 6.30 -1.53
N THR A 108 8.64 7.56 -1.36
CA THR A 108 7.96 8.04 -0.17
C THR A 108 6.46 8.11 -0.44
N MET A 109 5.71 7.32 0.32
CA MET A 109 4.28 7.20 0.07
C MET A 109 3.51 8.07 1.04
N THR A 110 2.48 8.72 0.55
CA THR A 110 1.71 9.63 1.36
C THR A 110 0.49 8.90 1.93
N ARG A 111 0.14 9.25 3.15
CA ARG A 111 -1.01 8.67 3.81
C ARG A 111 -2.27 9.35 3.30
N ILE A 112 -3.24 8.56 2.87
CA ILE A 112 -4.48 9.13 2.41
C ILE A 112 -5.31 9.57 3.60
N GLU A 113 -5.99 10.68 3.43
CA GLU A 113 -6.75 11.31 4.49
C GLU A 113 -7.92 12.03 3.86
N SER A 114 -9.12 11.75 4.36
CA SER A 114 -10.33 12.28 3.75
C SER A 114 -10.45 11.79 2.31
N LYS A 115 -11.24 12.50 1.51
CA LYS A 115 -11.42 12.15 0.10
C LYS A 115 -10.55 13.03 -0.80
N THR A 116 -9.49 13.60 -0.22
CA THR A 116 -8.56 14.50 -0.93
C THR A 116 -9.27 15.79 -1.37
N GLY A 117 -8.48 16.79 -1.74
CA GLY A 117 -9.04 18.04 -2.20
C GLY A 117 -8.76 19.18 -1.24
N ARG A 118 -9.81 19.70 -0.60
CA ARG A 118 -9.67 20.85 0.27
C ARG A 118 -10.48 20.70 1.54
N GLU A 119 -9.79 20.49 2.65
CA GLU A 119 -10.41 20.47 3.97
C GLU A 119 -9.59 21.32 4.92
N GLU A 120 -10.25 22.28 5.56
CA GLU A 120 -9.56 23.16 6.50
C GLU A 120 -9.13 22.39 7.74
N LYS A 121 -7.83 22.42 7.99
CA LYS A 121 -7.22 21.65 9.06
C LYS A 121 -6.33 22.57 9.89
N ASP A 122 -6.37 22.41 11.21
CA ASP A 122 -5.64 23.31 12.10
C ASP A 122 -4.73 22.53 13.05
N GLU A 123 -3.53 23.04 13.25
CA GLU A 123 -2.56 22.43 14.16
C GLU A 123 -2.63 23.10 15.53
N LYS A 124 -3.18 22.39 16.50
CA LYS A 124 -3.29 22.94 17.84
C LYS A 124 -2.19 22.39 18.75
N SER A 125 -1.11 23.15 18.88
CA SER A 125 -0.01 22.77 19.74
C SER A 125 0.28 23.89 20.74
N LYS A 126 0.14 23.56 22.02
CA LYS A 126 0.38 24.52 23.10
C LYS A 126 1.19 23.83 24.18
N SER A 127 2.04 24.58 24.88
CA SER A 127 2.89 23.99 25.90
C SER A 127 3.09 24.94 27.09
N LEU A 128 2.84 24.42 28.28
CA LEU A 128 3.09 25.14 29.52
C LEU A 128 3.03 24.18 30.69
N GLU A 129 3.92 24.36 31.65
CA GLU A 129 3.97 23.54 32.86
C GLU A 129 5.03 24.06 33.81
N HIS A 130 4.63 24.37 35.03
CA HIS A 130 5.55 24.88 36.04
C HIS A 130 5.24 24.26 37.40
N HIS A 131 6.02 23.25 37.77
CA HIS A 131 5.83 22.55 39.05
C HIS A 131 6.40 23.37 40.20
N HIS A 132 6.25 22.83 41.41
CA HIS A 132 6.72 23.50 42.61
C HIS A 132 7.98 22.82 43.12
N HIS A 133 9.03 23.60 43.31
CA HIS A 133 10.33 23.07 43.73
C HIS A 133 10.43 23.05 45.25
N HIS A 134 11.61 22.72 45.77
CA HIS A 134 11.81 22.61 47.20
C HIS A 134 11.90 23.96 47.88
N HIS A 135 10.75 24.63 47.99
CA HIS A 135 10.60 25.84 48.80
C HIS A 135 9.14 26.31 48.70
N MET A 1 21.52 10.17 13.18
CA MET A 1 21.30 9.44 11.90
C MET A 1 21.42 7.94 12.15
N ILE A 2 20.80 7.15 11.27
CA ILE A 2 20.87 5.70 11.33
C ILE A 2 20.20 5.15 12.58
N MET A 3 18.88 5.01 12.53
CA MET A 3 18.15 4.37 13.59
C MET A 3 18.15 2.87 13.34
N VAL A 4 18.32 2.09 14.40
CA VAL A 4 18.42 0.64 14.27
C VAL A 4 17.06 0.04 13.92
N SER A 5 16.88 -0.23 12.63
CA SER A 5 15.67 -0.88 12.16
C SER A 5 15.71 -2.36 12.48
N GLY A 6 14.90 -2.79 13.41
CA GLY A 6 14.90 -4.17 13.84
C GLY A 6 13.90 -4.98 13.06
N CYS A 7 13.98 -6.30 13.17
CA CYS A 7 13.03 -7.18 12.52
C CYS A 7 12.28 -8.00 13.55
N GLN A 8 11.26 -7.41 14.14
CA GLN A 8 10.41 -8.10 15.10
C GLN A 8 9.38 -8.95 14.38
N GLN A 9 9.79 -10.13 13.96
CA GLN A 9 8.91 -11.01 13.19
C GLN A 9 8.19 -11.97 14.13
N GLN A 10 7.31 -11.43 14.96
CA GLN A 10 6.51 -12.24 15.88
C GLN A 10 5.55 -11.36 16.68
N LYS A 11 4.56 -10.79 15.98
CA LYS A 11 3.54 -9.97 16.62
C LYS A 11 2.31 -9.86 15.73
N GLU A 12 1.21 -9.42 16.32
CA GLU A 12 -0.02 -9.16 15.58
C GLU A 12 -0.56 -7.78 15.94
N GLU A 13 -0.19 -6.80 15.13
CA GLU A 13 -0.64 -5.43 15.34
C GLU A 13 -1.15 -4.86 14.02
N THR A 14 -1.75 -3.68 14.07
CA THR A 14 -2.34 -3.06 12.89
C THR A 14 -1.33 -2.94 11.75
N PRO A 15 -1.59 -3.62 10.62
CA PRO A 15 -0.73 -3.57 9.43
C PRO A 15 -0.75 -2.18 8.79
N PHE A 16 0.32 -1.43 9.00
CA PHE A 16 0.41 -0.06 8.50
C PHE A 16 0.26 0.00 6.98
N TYR A 17 0.75 -1.02 6.30
CA TYR A 17 0.76 -1.03 4.84
C TYR A 17 -0.61 -1.38 4.25
N TYR A 18 -1.53 -1.81 5.10
CA TYR A 18 -2.82 -2.33 4.65
C TYR A 18 -3.80 -1.21 4.32
N GLY A 19 -3.25 -0.05 4.02
CA GLY A 19 -4.07 1.11 3.71
C GLY A 19 -3.89 1.57 2.28
N THR A 20 -4.57 2.65 1.92
CA THR A 20 -4.46 3.21 0.59
C THR A 20 -3.48 4.39 0.59
N TRP A 21 -2.40 4.25 -0.14
CA TRP A 21 -1.35 5.28 -0.14
C TRP A 21 -1.23 5.94 -1.51
N ASP A 22 -1.18 7.26 -1.51
CA ASP A 22 -0.84 8.02 -2.71
C ASP A 22 0.62 8.43 -2.65
N GLU A 23 1.35 8.17 -3.73
CA GLU A 23 2.77 8.47 -3.75
C GLU A 23 3.01 9.97 -3.61
N GLY A 24 2.39 10.74 -4.50
CA GLY A 24 2.57 12.18 -4.48
C GLY A 24 3.99 12.58 -4.83
N ARG A 25 4.66 11.74 -5.62
CA ARG A 25 6.02 12.03 -6.03
C ARG A 25 6.33 11.33 -7.33
N ALA A 26 7.14 12.00 -8.16
CA ALA A 26 7.59 11.46 -9.44
C ALA A 26 6.44 11.31 -10.44
N PRO A 27 6.76 11.22 -11.75
CA PRO A 27 5.77 10.94 -12.79
C PRO A 27 5.23 9.51 -12.69
N GLY A 28 4.02 9.30 -13.17
CA GLY A 28 3.40 8.00 -13.07
C GLY A 28 3.75 7.09 -14.23
N PRO A 29 3.05 5.95 -14.31
CA PRO A 29 3.20 4.96 -15.39
C PRO A 29 3.14 5.56 -16.80
N THR A 30 3.62 4.78 -17.77
CA THR A 30 3.82 5.25 -19.13
C THR A 30 2.51 5.53 -19.88
N ASP A 31 1.38 5.14 -19.32
CA ASP A 31 0.10 5.31 -20.01
C ASP A 31 -0.36 6.78 -19.96
N GLY A 32 0.34 7.57 -19.16
CA GLY A 32 -0.02 8.98 -19.03
C GLY A 32 -0.74 9.25 -17.73
N VAL A 33 -0.44 8.42 -16.73
CA VAL A 33 -1.08 8.52 -15.44
C VAL A 33 -0.55 9.71 -14.67
N LYS A 34 -1.47 10.47 -14.07
CA LYS A 34 -1.11 11.70 -13.39
C LYS A 34 -0.56 11.44 -12.00
N SER A 35 -1.08 10.38 -11.38
CA SER A 35 -0.68 10.00 -10.03
C SER A 35 -1.01 8.53 -9.80
N ALA A 36 -0.39 7.93 -8.81
CA ALA A 36 -0.56 6.50 -8.58
C ALA A 36 -0.81 6.22 -7.10
N THR A 37 -1.76 5.35 -6.83
CA THR A 37 -2.08 4.96 -5.48
C THR A 37 -1.85 3.45 -5.31
N VAL A 38 -1.25 3.08 -4.20
CA VAL A 38 -0.92 1.69 -3.94
C VAL A 38 -1.66 1.18 -2.71
N THR A 39 -2.24 0.00 -2.84
CA THR A 39 -2.94 -0.63 -1.73
C THR A 39 -2.33 -2.01 -1.47
N PHE A 40 -1.97 -2.29 -0.22
CA PHE A 40 -1.39 -3.57 0.11
C PHE A 40 -2.42 -4.47 0.78
N THR A 41 -2.73 -5.57 0.13
CA THR A 41 -3.68 -6.54 0.65
C THR A 41 -2.95 -7.75 1.22
N GLU A 42 -3.71 -8.74 1.70
CA GLU A 42 -3.16 -9.93 2.37
C GLU A 42 -1.98 -10.55 1.63
N ASP A 43 -2.22 -11.04 0.42
CA ASP A 43 -1.19 -11.79 -0.31
C ASP A 43 -1.03 -11.21 -1.71
N GLU A 44 -1.65 -10.06 -1.95
CA GLU A 44 -1.58 -9.40 -3.24
C GLU A 44 -1.37 -7.90 -3.08
N VAL A 45 -0.64 -7.31 -4.00
CA VAL A 45 -0.47 -5.87 -4.07
C VAL A 45 -1.38 -5.32 -5.16
N VAL A 46 -2.12 -4.27 -4.84
CA VAL A 46 -2.99 -3.64 -5.82
C VAL A 46 -2.48 -2.26 -6.17
N GLU A 47 -2.23 -2.03 -7.45
CA GLU A 47 -1.84 -0.72 -7.93
C GLU A 47 -3.00 -0.05 -8.61
N THR A 48 -3.15 1.22 -8.35
CA THR A 48 -4.22 2.01 -8.91
C THR A 48 -3.66 3.22 -9.65
N GLU A 49 -3.97 3.31 -10.92
CA GLU A 49 -3.49 4.40 -11.76
C GLU A 49 -4.57 5.45 -11.91
N VAL A 50 -4.29 6.65 -11.48
CA VAL A 50 -5.25 7.74 -11.57
C VAL A 50 -5.13 8.43 -12.92
N MET A 51 -6.14 8.30 -13.75
CA MET A 51 -6.12 8.91 -15.07
C MET A 51 -7.21 9.95 -15.16
N GLU A 52 -6.83 11.15 -15.58
CA GLU A 52 -7.74 12.27 -15.66
C GLU A 52 -8.95 11.95 -16.55
N GLY A 53 -10.14 12.25 -16.06
CA GLY A 53 -11.36 11.99 -16.81
C GLY A 53 -12.02 10.69 -16.38
N ARG A 54 -11.20 9.69 -16.11
CA ARG A 54 -11.69 8.38 -15.71
C ARG A 54 -11.74 8.28 -14.20
N GLY A 55 -10.56 8.37 -13.60
CA GLY A 55 -10.40 8.18 -12.18
C GLY A 55 -9.34 7.15 -11.91
N GLU A 56 -9.39 6.53 -10.74
CA GLU A 56 -8.44 5.48 -10.40
C GLU A 56 -8.78 4.20 -11.13
N VAL A 57 -7.77 3.65 -11.76
CA VAL A 57 -7.89 2.42 -12.53
C VAL A 57 -7.13 1.30 -11.84
N GLN A 58 -7.84 0.23 -11.51
CA GLN A 58 -7.25 -0.88 -10.77
C GLN A 58 -6.54 -1.86 -11.70
N LEU A 59 -5.32 -2.21 -11.32
CA LEU A 59 -4.55 -3.22 -12.05
C LEU A 59 -4.84 -4.61 -11.51
N PRO A 60 -4.46 -5.66 -12.26
CA PRO A 60 -4.59 -7.05 -11.82
C PRO A 60 -3.90 -7.31 -10.48
N PHE A 61 -4.40 -8.29 -9.73
CA PHE A 61 -3.84 -8.60 -8.42
C PHE A 61 -2.49 -9.26 -8.56
N MET A 62 -1.48 -8.57 -8.09
CA MET A 62 -0.11 -9.05 -8.15
C MET A 62 0.26 -9.71 -6.83
N ALA A 63 0.58 -10.99 -6.87
CA ALA A 63 0.85 -11.74 -5.65
C ALA A 63 2.22 -11.41 -5.07
N TYR A 64 2.29 -11.32 -3.75
CA TYR A 64 3.55 -11.07 -3.07
C TYR A 64 3.56 -11.80 -1.74
N LYS A 65 4.74 -12.20 -1.29
CA LYS A 65 4.87 -12.88 -0.01
C LYS A 65 5.99 -12.28 0.82
N VAL A 66 5.81 -12.39 2.12
CA VAL A 66 6.70 -11.76 3.09
C VAL A 66 7.96 -12.58 3.32
N ILE A 67 9.09 -11.92 3.21
CA ILE A 67 10.38 -12.53 3.51
C ILE A 67 10.72 -12.30 4.96
N SER A 68 10.66 -11.04 5.35
CA SER A 68 10.90 -10.64 6.73
C SER A 68 9.89 -9.58 7.13
N GLN A 69 9.64 -9.44 8.41
CA GLN A 69 8.61 -8.56 8.92
C GLN A 69 9.02 -7.97 10.26
N SER A 70 8.52 -6.80 10.58
CA SER A 70 8.83 -6.16 11.84
C SER A 70 7.77 -5.14 12.22
N THR A 71 7.38 -5.17 13.48
CA THR A 71 6.50 -4.16 14.03
C THR A 71 7.27 -2.89 14.36
N ASP A 72 8.60 -3.00 14.35
CA ASP A 72 9.48 -1.86 14.58
C ASP A 72 9.34 -0.87 13.43
N GLY A 73 9.21 -1.38 12.21
CA GLY A 73 8.93 -0.50 11.08
C GLY A 73 9.73 -0.84 9.84
N SER A 74 9.95 -2.13 9.57
CA SER A 74 10.54 -2.55 8.33
C SER A 74 10.05 -3.93 7.93
N ILE A 75 9.74 -4.08 6.66
CA ILE A 75 9.25 -5.33 6.11
C ILE A 75 9.94 -5.61 4.77
N GLU A 76 10.35 -6.85 4.54
CA GLU A 76 10.91 -7.24 3.26
C GLU A 76 9.99 -8.23 2.58
N ILE A 77 9.63 -7.97 1.33
CA ILE A 77 8.68 -8.79 0.60
C ILE A 77 9.21 -9.16 -0.77
N GLN A 78 8.70 -10.24 -1.34
CA GLN A 78 9.05 -10.65 -2.70
C GLN A 78 7.79 -10.78 -3.53
N TYR A 79 7.90 -10.46 -4.81
CA TYR A 79 6.76 -10.53 -5.70
C TYR A 79 6.77 -11.87 -6.45
N LEU A 80 5.59 -12.32 -6.82
CA LEU A 80 5.46 -13.59 -7.52
C LEU A 80 5.10 -13.34 -8.98
N GLY A 81 5.40 -14.30 -9.84
CA GLY A 81 5.22 -14.11 -11.26
C GLY A 81 6.49 -13.59 -11.90
N PRO A 82 6.42 -12.88 -13.03
CA PRO A 82 7.60 -12.31 -13.70
C PRO A 82 8.32 -11.27 -12.84
N TYR A 83 7.74 -10.97 -11.69
CA TYR A 83 8.32 -9.97 -10.78
C TYR A 83 9.12 -10.65 -9.67
N TYR A 84 9.37 -11.94 -9.84
CA TYR A 84 10.15 -12.71 -8.87
C TYR A 84 11.61 -12.21 -8.81
N PRO A 85 12.43 -12.79 -7.90
CA PRO A 85 13.56 -12.18 -7.18
C PRO A 85 13.90 -10.68 -7.31
N LEU A 86 13.17 -9.90 -8.10
CA LEU A 86 13.31 -8.45 -8.03
C LEU A 86 12.31 -7.93 -7.02
N LYS A 87 12.81 -7.59 -5.84
CA LYS A 87 11.94 -7.37 -4.69
C LYS A 87 12.00 -5.92 -4.21
N SER A 88 11.21 -5.64 -3.18
CA SER A 88 11.08 -4.31 -2.64
C SER A 88 11.18 -4.33 -1.12
N THR A 89 11.36 -3.17 -0.54
CA THR A 89 11.45 -3.03 0.90
C THR A 89 10.42 -2.03 1.40
N LEU A 90 9.85 -2.32 2.54
CA LEU A 90 8.85 -1.47 3.17
C LEU A 90 9.37 -0.99 4.51
N LYS A 91 9.41 0.32 4.72
CA LYS A 91 9.93 0.87 5.95
C LYS A 91 9.05 2.01 6.44
N ARG A 92 9.10 2.24 7.75
CA ARG A 92 8.28 3.26 8.39
C ARG A 92 8.65 4.65 7.91
N GLY A 93 7.65 5.50 7.78
CA GLY A 93 7.89 6.89 7.49
C GLY A 93 7.38 7.77 8.60
N GLU A 94 8.19 8.71 9.03
CA GLU A 94 7.83 9.60 10.11
C GLU A 94 6.71 10.54 9.68
N ASN A 95 5.99 11.09 10.67
CA ASN A 95 4.80 11.92 10.46
C ASN A 95 3.60 11.05 10.08
N GLY A 96 3.85 9.77 9.84
CA GLY A 96 2.77 8.87 9.47
C GLY A 96 2.79 8.58 7.99
N THR A 97 3.92 8.12 7.49
CA THR A 97 4.07 7.81 6.08
C THR A 97 4.68 6.44 5.86
N LEU A 98 4.74 6.02 4.61
CA LEU A 98 5.36 4.75 4.27
C LEU A 98 6.50 4.98 3.29
N ILE A 99 7.62 4.35 3.56
CA ILE A 99 8.75 4.41 2.66
C ILE A 99 8.90 3.09 1.91
N TRP A 100 8.61 3.14 0.62
CA TRP A 100 8.66 1.96 -0.22
C TRP A 100 9.90 2.01 -1.09
N GLU A 101 10.82 1.09 -0.86
CA GLU A 101 12.03 1.02 -1.65
C GLU A 101 11.89 -0.08 -2.67
N GLN A 102 12.29 0.22 -3.88
CA GLN A 102 12.09 -0.68 -5.01
C GLN A 102 13.20 -0.53 -6.02
N ASN A 103 14.04 -1.55 -6.13
CA ASN A 103 14.96 -1.64 -7.26
C ASN A 103 15.92 -0.44 -7.28
N GLY A 104 16.24 0.05 -6.08
CA GLY A 104 17.14 1.18 -5.95
C GLY A 104 16.42 2.50 -5.71
N GLN A 105 15.12 2.54 -5.99
CA GLN A 105 14.35 3.77 -5.87
C GLN A 105 13.73 3.88 -4.48
N ARG A 106 13.82 5.06 -3.90
CA ARG A 106 13.18 5.34 -2.63
C ARG A 106 11.86 6.08 -2.88
N LYS A 107 10.75 5.45 -2.53
CA LYS A 107 9.45 6.08 -2.70
C LYS A 107 8.85 6.42 -1.35
N THR A 108 8.28 7.60 -1.25
CA THR A 108 7.61 8.03 -0.04
C THR A 108 6.16 8.35 -0.34
N MET A 109 5.26 7.57 0.22
CA MET A 109 3.84 7.78 -0.02
C MET A 109 3.10 8.10 1.27
N THR A 110 2.02 8.85 1.14
CA THR A 110 1.21 9.25 2.28
C THR A 110 -0.12 8.50 2.25
N ARG A 111 -0.71 8.28 3.41
CA ARG A 111 -1.94 7.52 3.49
C ARG A 111 -3.14 8.45 3.33
N ILE A 112 -4.10 8.02 2.53
CA ILE A 112 -5.31 8.78 2.33
C ILE A 112 -6.21 8.67 3.55
N GLU A 113 -6.95 9.73 3.83
CA GLU A 113 -7.75 9.77 5.03
C GLU A 113 -9.13 9.17 4.78
N SER A 114 -9.73 8.64 5.83
CA SER A 114 -11.00 7.94 5.72
C SER A 114 -12.17 8.91 5.58
N LYS A 115 -12.31 9.46 4.38
CA LYS A 115 -13.50 10.21 4.02
C LYS A 115 -14.25 9.43 2.95
N THR A 116 -14.72 8.25 3.33
CA THR A 116 -15.32 7.33 2.40
C THR A 116 -16.75 7.70 2.05
N GLY A 117 -16.93 8.28 0.88
CA GLY A 117 -18.26 8.58 0.39
C GLY A 117 -18.89 7.37 -0.28
N ARG A 118 -19.15 6.34 0.53
CA ARG A 118 -19.70 5.09 0.03
C ARG A 118 -21.21 5.05 0.24
N GLU A 119 -21.93 5.65 -0.69
CA GLU A 119 -23.38 5.64 -0.68
C GLU A 119 -23.88 5.29 -2.07
N GLU A 120 -25.12 4.86 -2.18
CA GLU A 120 -25.71 4.60 -3.47
C GLU A 120 -26.04 5.92 -4.14
N LYS A 121 -25.21 6.31 -5.08
CA LYS A 121 -25.39 7.57 -5.77
C LYS A 121 -26.37 7.42 -6.92
N ASP A 122 -27.23 8.41 -7.07
CA ASP A 122 -28.10 8.47 -8.24
C ASP A 122 -27.39 9.28 -9.31
N GLU A 123 -27.79 9.12 -10.56
CA GLU A 123 -27.11 9.78 -11.67
C GLU A 123 -27.31 11.29 -11.61
N LYS A 124 -26.21 12.02 -11.76
CA LYS A 124 -26.23 13.48 -11.65
C LYS A 124 -27.07 14.11 -12.74
N SER A 125 -28.25 14.56 -12.35
CA SER A 125 -29.16 15.24 -13.25
C SER A 125 -28.87 16.74 -13.27
N LYS A 126 -28.22 17.20 -14.35
CA LYS A 126 -27.88 18.61 -14.54
C LYS A 126 -26.78 19.06 -13.58
N SER A 127 -27.14 19.24 -12.32
CA SER A 127 -26.23 19.73 -11.30
C SER A 127 -26.82 19.46 -9.92
N LEU A 128 -26.01 18.92 -9.03
CA LEU A 128 -26.51 18.52 -7.72
C LEU A 128 -25.91 19.39 -6.62
N GLU A 129 -26.73 20.27 -6.07
CA GLU A 129 -26.34 21.10 -4.94
C GLU A 129 -27.56 21.75 -4.32
N HIS A 130 -27.49 22.05 -3.03
CA HIS A 130 -28.51 22.85 -2.39
C HIS A 130 -28.09 24.31 -2.46
N HIS A 131 -28.76 25.08 -3.32
CA HIS A 131 -28.40 26.47 -3.54
C HIS A 131 -28.57 27.27 -2.25
N HIS A 132 -27.45 27.64 -1.66
CA HIS A 132 -27.47 28.28 -0.35
C HIS A 132 -26.92 29.69 -0.39
N HIS A 133 -27.67 30.61 0.19
CA HIS A 133 -27.26 32.01 0.27
C HIS A 133 -26.80 32.30 1.70
N HIS A 134 -25.54 32.66 1.87
CA HIS A 134 -24.97 32.78 3.22
C HIS A 134 -25.31 34.15 3.84
N HIS A 135 -25.93 35.02 3.07
CA HIS A 135 -26.36 36.31 3.58
C HIS A 135 -27.67 36.68 2.92
N MET A 1 -17.33 20.74 33.98
CA MET A 1 -16.43 21.70 33.29
C MET A 1 -15.02 21.13 33.22
N ILE A 2 -14.16 21.79 32.46
CA ILE A 2 -12.76 21.39 32.27
C ILE A 2 -12.66 20.08 31.49
N MET A 3 -12.44 20.21 30.19
CA MET A 3 -12.24 19.06 29.33
C MET A 3 -11.01 19.26 28.45
N VAL A 4 -10.05 18.36 28.58
CA VAL A 4 -8.80 18.48 27.82
C VAL A 4 -8.80 17.49 26.66
N SER A 5 -8.24 17.90 25.53
CA SER A 5 -8.17 17.04 24.36
C SER A 5 -6.77 16.44 24.22
N GLY A 6 -5.88 16.77 25.14
CA GLY A 6 -4.54 16.21 25.13
C GLY A 6 -4.53 14.80 25.71
N CYS A 7 -5.19 13.89 25.01
CA CYS A 7 -5.37 12.53 25.48
C CYS A 7 -4.19 11.66 25.12
N GLN A 8 -3.94 10.65 25.93
CA GLN A 8 -2.87 9.68 25.67
C GLN A 8 -3.47 8.37 25.18
N GLN A 9 -2.93 7.25 25.67
CA GLN A 9 -3.46 5.92 25.38
C GLN A 9 -3.22 5.53 23.93
N GLN A 10 -2.08 5.95 23.40
CA GLN A 10 -1.67 5.55 22.06
C GLN A 10 -1.46 4.05 22.02
N LYS A 11 -2.18 3.39 21.13
CA LYS A 11 -2.27 1.94 21.12
C LYS A 11 -1.09 1.29 20.39
N GLU A 12 -0.58 1.97 19.37
CA GLU A 12 0.41 1.39 18.46
C GLU A 12 -0.11 0.07 17.90
N GLU A 13 -1.22 0.17 17.19
CA GLU A 13 -1.93 -0.98 16.66
C GLU A 13 -2.24 -0.73 15.18
N THR A 14 -2.75 -1.75 14.50
CA THR A 14 -3.12 -1.66 13.09
C THR A 14 -1.88 -1.63 12.19
N PRO A 15 -1.81 -2.57 11.23
CA PRO A 15 -0.71 -2.69 10.28
C PRO A 15 -0.37 -1.35 9.60
N PHE A 16 0.87 -0.91 9.79
CA PHE A 16 1.31 0.39 9.27
C PHE A 16 1.41 0.37 7.74
N TYR A 17 1.39 -0.82 7.16
CA TYR A 17 1.53 -0.98 5.73
C TYR A 17 0.17 -1.13 5.04
N TYR A 18 -0.87 -1.34 5.84
CA TYR A 18 -2.19 -1.63 5.29
C TYR A 18 -2.94 -0.35 4.96
N GLY A 19 -3.56 -0.33 3.80
CA GLY A 19 -4.33 0.83 3.39
C GLY A 19 -4.01 1.25 1.97
N THR A 20 -4.46 2.43 1.60
CA THR A 20 -4.18 2.99 0.29
C THR A 20 -3.13 4.07 0.40
N TRP A 21 -2.10 3.99 -0.43
CA TRP A 21 -1.00 4.93 -0.38
C TRP A 21 -0.85 5.65 -1.71
N ASP A 22 -0.64 6.96 -1.62
CA ASP A 22 -0.36 7.80 -2.77
C ASP A 22 1.15 7.95 -2.91
N GLU A 23 1.67 7.89 -4.14
CA GLU A 23 3.12 7.98 -4.36
C GLU A 23 3.72 9.18 -3.64
N GLY A 24 3.05 10.33 -3.73
CA GLY A 24 3.48 11.51 -3.01
C GLY A 24 4.68 12.18 -3.63
N ARG A 25 5.76 11.43 -3.77
CA ARG A 25 7.00 11.96 -4.28
C ARG A 25 7.22 11.48 -5.71
N ALA A 26 7.74 12.38 -6.53
CA ALA A 26 8.03 12.15 -7.95
C ALA A 26 6.74 11.94 -8.76
N PRO A 27 6.72 12.45 -10.00
CA PRO A 27 5.56 12.34 -10.89
C PRO A 27 5.52 10.99 -11.62
N GLY A 28 4.40 10.73 -12.29
CA GLY A 28 4.27 9.51 -13.05
C GLY A 28 4.75 9.66 -14.47
N PRO A 29 4.24 8.84 -15.39
CA PRO A 29 4.64 8.84 -16.80
C PRO A 29 4.36 10.16 -17.52
N THR A 30 3.29 10.84 -17.09
CA THR A 30 2.85 12.09 -17.70
C THR A 30 2.13 11.85 -19.03
N ASP A 31 2.39 10.68 -19.65
CA ASP A 31 1.72 10.29 -20.89
C ASP A 31 0.21 10.42 -20.75
N GLY A 32 -0.31 9.77 -19.72
CA GLY A 32 -1.72 9.87 -19.40
C GLY A 32 -1.94 9.76 -17.91
N VAL A 33 -1.22 8.83 -17.28
CA VAL A 33 -1.26 8.70 -15.84
C VAL A 33 -0.38 9.79 -15.22
N LYS A 34 -0.90 10.44 -14.20
CA LYS A 34 -0.17 11.49 -13.52
C LYS A 34 0.60 10.92 -12.34
N SER A 35 0.01 9.90 -11.74
CA SER A 35 0.54 9.28 -10.52
C SER A 35 -0.20 7.97 -10.28
N ALA A 36 0.34 7.15 -9.40
CA ALA A 36 -0.29 5.89 -9.07
C ALA A 36 -0.57 5.80 -7.57
N THR A 37 -1.65 5.12 -7.23
CA THR A 37 -1.98 4.85 -5.85
C THR A 37 -1.97 3.35 -5.62
N VAL A 38 -1.45 2.91 -4.48
CA VAL A 38 -1.30 1.49 -4.24
C VAL A 38 -2.01 1.09 -2.94
N THR A 39 -2.71 -0.03 -2.98
CA THR A 39 -3.37 -0.57 -1.81
C THR A 39 -2.82 -1.95 -1.48
N PHE A 40 -2.39 -2.15 -0.24
CA PHE A 40 -1.76 -3.39 0.17
C PHE A 40 -2.73 -4.28 0.93
N THR A 41 -2.86 -5.51 0.45
CA THR A 41 -3.65 -6.53 1.10
C THR A 41 -2.69 -7.47 1.85
N GLU A 42 -3.23 -8.48 2.55
CA GLU A 42 -2.42 -9.36 3.35
C GLU A 42 -1.30 -10.03 2.54
N ASP A 43 -1.60 -10.45 1.32
CA ASP A 43 -0.57 -11.01 0.44
C ASP A 43 -0.80 -10.56 -1.01
N GLU A 44 -1.57 -9.49 -1.17
CA GLU A 44 -1.92 -9.00 -2.50
C GLU A 44 -1.64 -7.51 -2.62
N VAL A 45 -1.23 -7.10 -3.82
CA VAL A 45 -1.01 -5.68 -4.11
C VAL A 45 -1.96 -5.21 -5.21
N VAL A 46 -2.78 -4.21 -4.90
CA VAL A 46 -3.64 -3.61 -5.91
C VAL A 46 -3.12 -2.22 -6.26
N GLU A 47 -2.86 -1.98 -7.53
CA GLU A 47 -2.36 -0.70 -7.97
C GLU A 47 -3.41 0.00 -8.81
N THR A 48 -3.69 1.25 -8.45
CA THR A 48 -4.62 2.07 -9.19
C THR A 48 -3.89 3.21 -9.89
N GLU A 49 -4.08 3.31 -11.19
CA GLU A 49 -3.41 4.35 -11.97
C GLU A 49 -4.36 5.50 -12.21
N VAL A 50 -3.92 6.71 -11.88
CA VAL A 50 -4.75 7.89 -12.02
C VAL A 50 -4.54 8.54 -13.38
N MET A 51 -5.58 8.48 -14.21
CA MET A 51 -5.51 8.98 -15.57
C MET A 51 -6.41 10.20 -15.72
N GLU A 52 -6.18 10.97 -16.77
CA GLU A 52 -6.92 12.22 -16.99
C GLU A 52 -8.32 11.91 -17.51
N GLY A 53 -9.33 12.41 -16.79
CA GLY A 53 -10.70 12.24 -17.22
C GLY A 53 -11.27 10.89 -16.86
N ARG A 54 -10.40 9.99 -16.43
CA ARG A 54 -10.80 8.64 -16.07
C ARG A 54 -10.96 8.54 -14.56
N GLY A 55 -9.84 8.62 -13.87
CA GLY A 55 -9.81 8.44 -12.45
C GLY A 55 -8.81 7.38 -12.07
N GLU A 56 -9.13 6.58 -11.06
CA GLU A 56 -8.27 5.48 -10.65
C GLU A 56 -8.70 4.18 -11.30
N VAL A 57 -7.78 3.61 -12.05
CA VAL A 57 -8.02 2.36 -12.74
C VAL A 57 -7.30 1.21 -12.02
N GLN A 58 -8.05 0.18 -11.65
CA GLN A 58 -7.52 -0.89 -10.83
C GLN A 58 -6.87 -1.97 -11.67
N LEU A 59 -5.59 -2.19 -11.45
CA LEU A 59 -4.88 -3.29 -12.08
C LEU A 59 -5.15 -4.58 -11.31
N PRO A 60 -4.86 -5.75 -11.92
CA PRO A 60 -5.06 -7.04 -11.26
C PRO A 60 -4.19 -7.18 -10.02
N PHE A 61 -4.70 -7.89 -9.02
CA PHE A 61 -4.00 -8.05 -7.75
C PHE A 61 -2.70 -8.81 -7.94
N MET A 62 -1.63 -8.26 -7.39
CA MET A 62 -0.32 -8.86 -7.49
C MET A 62 -0.02 -9.67 -6.22
N ALA A 63 0.18 -10.97 -6.37
CA ALA A 63 0.48 -11.82 -5.24
C ALA A 63 1.95 -11.73 -4.89
N TYR A 64 2.24 -11.45 -3.63
CA TYR A 64 3.63 -11.31 -3.19
C TYR A 64 3.91 -12.17 -1.96
N LYS A 65 5.18 -12.24 -1.58
CA LYS A 65 5.62 -12.98 -0.41
C LYS A 65 6.32 -12.06 0.56
N VAL A 66 6.37 -12.51 1.79
CA VAL A 66 7.08 -11.80 2.84
C VAL A 66 8.41 -12.48 3.12
N ILE A 67 9.49 -11.76 2.96
CA ILE A 67 10.82 -12.29 3.22
C ILE A 67 11.17 -12.10 4.68
N SER A 68 11.08 -10.86 5.13
CA SER A 68 11.49 -10.49 6.47
C SER A 68 10.45 -9.56 7.10
N GLN A 69 10.37 -9.58 8.43
CA GLN A 69 9.42 -8.74 9.14
C GLN A 69 9.98 -8.31 10.49
N SER A 70 10.01 -7.01 10.69
CA SER A 70 10.46 -6.44 11.95
C SER A 70 9.27 -5.85 12.70
N THR A 71 8.22 -5.53 11.95
CA THR A 71 6.99 -4.94 12.51
C THR A 71 7.19 -3.48 12.90
N ASP A 72 8.35 -3.16 13.44
CA ASP A 72 8.64 -1.81 13.91
C ASP A 72 9.44 -1.02 12.88
N GLY A 73 10.62 -1.53 12.56
CA GLY A 73 11.50 -0.84 11.64
C GLY A 73 11.09 -0.98 10.20
N SER A 74 11.06 -2.21 9.70
CA SER A 74 10.78 -2.44 8.29
C SER A 74 10.18 -3.82 8.06
N ILE A 75 9.62 -3.99 6.87
CA ILE A 75 9.14 -5.27 6.38
C ILE A 75 9.64 -5.46 4.95
N GLU A 76 10.10 -6.65 4.64
CA GLU A 76 10.66 -6.93 3.32
C GLU A 76 9.81 -7.95 2.58
N ILE A 77 9.47 -7.63 1.34
CA ILE A 77 8.56 -8.46 0.55
C ILE A 77 9.13 -8.73 -0.84
N GLN A 78 8.66 -9.78 -1.47
CA GLN A 78 9.09 -10.12 -2.83
C GLN A 78 7.87 -10.41 -3.69
N TYR A 79 7.89 -9.96 -4.93
CA TYR A 79 6.75 -10.13 -5.83
C TYR A 79 6.80 -11.48 -6.52
N LEU A 80 5.80 -11.74 -7.35
CA LEU A 80 5.71 -12.98 -8.11
C LEU A 80 5.33 -12.70 -9.55
N GLY A 81 5.15 -13.75 -10.34
CA GLY A 81 4.89 -13.57 -11.76
C GLY A 81 6.20 -13.38 -12.49
N PRO A 82 6.20 -12.69 -13.63
CA PRO A 82 7.44 -12.37 -14.36
C PRO A 82 8.35 -11.43 -13.56
N TYR A 83 7.82 -10.93 -12.45
CA TYR A 83 8.54 -10.00 -11.59
C TYR A 83 8.85 -10.65 -10.23
N TYR A 84 9.10 -11.95 -10.24
CA TYR A 84 9.20 -12.72 -9.01
C TYR A 84 10.59 -12.68 -8.37
N PRO A 85 11.70 -12.48 -9.11
CA PRO A 85 12.99 -12.49 -8.47
C PRO A 85 13.36 -11.14 -7.85
N LEU A 86 12.51 -10.15 -8.06
CA LEU A 86 12.78 -8.82 -7.55
C LEU A 86 11.99 -8.57 -6.27
N LYS A 87 12.68 -8.03 -5.26
CA LYS A 87 12.04 -7.78 -3.98
C LYS A 87 11.90 -6.28 -3.71
N SER A 88 11.12 -5.96 -2.69
CA SER A 88 10.85 -4.59 -2.33
C SER A 88 10.85 -4.45 -0.81
N THR A 89 11.08 -3.25 -0.31
CA THR A 89 11.16 -3.04 1.12
C THR A 89 10.18 -1.95 1.56
N LEU A 90 9.58 -2.15 2.72
CA LEU A 90 8.64 -1.20 3.27
C LEU A 90 9.14 -0.73 4.63
N LYS A 91 9.28 0.58 4.78
CA LYS A 91 9.72 1.16 6.04
C LYS A 91 8.71 2.18 6.53
N ARG A 92 8.79 2.51 7.81
CA ARG A 92 7.91 3.51 8.38
C ARG A 92 8.42 4.92 8.05
N GLY A 93 7.50 5.83 7.84
CA GLY A 93 7.85 7.18 7.47
C GLY A 93 7.81 8.12 8.64
N GLU A 94 8.30 9.32 8.40
CA GLU A 94 8.49 10.33 9.44
C GLU A 94 7.16 10.94 9.88
N ASN A 95 6.16 10.82 9.05
CA ASN A 95 4.88 11.48 9.30
C ASN A 95 3.75 10.46 9.38
N GLY A 96 4.07 9.26 9.81
CA GLY A 96 3.08 8.19 9.85
C GLY A 96 2.76 7.72 8.44
N THR A 97 3.79 7.65 7.62
CA THR A 97 3.65 7.27 6.23
C THR A 97 4.39 5.96 5.95
N LEU A 98 4.27 5.44 4.74
CA LEU A 98 4.96 4.22 4.38
C LEU A 98 6.02 4.53 3.32
N ILE A 99 7.22 4.02 3.54
CA ILE A 99 8.32 4.20 2.60
C ILE A 99 8.46 2.96 1.73
N TRP A 100 8.14 3.11 0.46
CA TRP A 100 8.17 2.02 -0.49
C TRP A 100 9.48 2.01 -1.25
N GLU A 101 10.30 1.01 -1.01
CA GLU A 101 11.61 0.92 -1.63
C GLU A 101 11.63 -0.21 -2.65
N GLN A 102 12.14 0.08 -3.82
CA GLN A 102 12.20 -0.90 -4.89
C GLN A 102 13.38 -0.62 -5.79
N ASN A 103 14.21 -1.65 -6.03
CA ASN A 103 15.38 -1.54 -6.90
C ASN A 103 16.39 -0.53 -6.36
N GLY A 104 16.25 -0.20 -5.09
CA GLY A 104 17.17 0.74 -4.47
C GLY A 104 16.61 2.15 -4.42
N GLN A 105 15.49 2.37 -5.11
CA GLN A 105 14.86 3.68 -5.13
C GLN A 105 13.81 3.76 -4.02
N ARG A 106 13.82 4.86 -3.29
CA ARG A 106 12.89 5.06 -2.21
C ARG A 106 11.75 5.99 -2.61
N LYS A 107 10.53 5.51 -2.46
CA LYS A 107 9.36 6.35 -2.62
C LYS A 107 8.74 6.61 -1.24
N THR A 108 8.56 7.88 -0.92
CA THR A 108 7.88 8.24 0.31
C THR A 108 6.43 8.55 -0.02
N MET A 109 5.53 7.72 0.48
CA MET A 109 4.14 7.76 0.06
C MET A 109 3.27 8.48 1.07
N THR A 110 2.16 9.02 0.58
CA THR A 110 1.18 9.66 1.42
C THR A 110 0.09 8.66 1.77
N ARG A 111 -0.52 8.82 2.92
CA ARG A 111 -1.58 7.92 3.32
C ARG A 111 -2.92 8.53 2.95
N ILE A 112 -3.80 7.69 2.49
CA ILE A 112 -5.16 8.09 2.16
C ILE A 112 -6.06 7.77 3.35
N GLU A 113 -7.17 8.47 3.48
CA GLU A 113 -8.12 8.20 4.55
C GLU A 113 -8.81 6.87 4.29
N SER A 114 -8.16 5.82 4.73
CA SER A 114 -8.61 4.46 4.54
C SER A 114 -9.31 3.94 5.79
N LYS A 115 -10.34 4.67 6.19
CA LYS A 115 -11.10 4.33 7.38
C LYS A 115 -12.08 3.19 7.06
N THR A 116 -11.60 1.96 7.18
CA THR A 116 -12.41 0.79 6.86
C THR A 116 -11.91 -0.42 7.64
N GLY A 117 -12.57 -1.56 7.45
CA GLY A 117 -12.17 -2.77 8.13
C GLY A 117 -11.51 -3.75 7.18
N ARG A 118 -10.77 -4.71 7.72
CA ARG A 118 -10.06 -5.67 6.90
C ARG A 118 -10.94 -6.87 6.61
N GLU A 119 -11.57 -6.87 5.44
CA GLU A 119 -12.37 -8.00 5.00
C GLU A 119 -11.45 -9.10 4.46
N GLU A 120 -11.91 -10.34 4.54
CA GLU A 120 -11.08 -11.49 4.21
C GLU A 120 -11.60 -12.21 2.97
N LYS A 121 -10.78 -12.25 1.93
CA LYS A 121 -11.13 -12.92 0.68
C LYS A 121 -10.70 -14.38 0.72
N ASP A 122 -11.66 -15.27 0.83
CA ASP A 122 -11.37 -16.69 0.72
C ASP A 122 -11.87 -17.21 -0.61
N GLU A 123 -10.93 -17.32 -1.50
CA GLU A 123 -11.19 -17.74 -2.87
C GLU A 123 -9.91 -18.26 -3.50
N LYS A 124 -10.05 -19.13 -4.48
CA LYS A 124 -8.94 -19.53 -5.32
C LYS A 124 -9.40 -19.49 -6.77
N SER A 125 -9.47 -18.29 -7.30
CA SER A 125 -9.98 -18.06 -8.63
C SER A 125 -8.89 -18.25 -9.69
N LYS A 126 -9.05 -19.29 -10.49
CA LYS A 126 -8.09 -19.61 -11.54
C LYS A 126 -8.69 -19.42 -12.92
N SER A 127 -8.33 -18.33 -13.58
CA SER A 127 -8.81 -18.06 -14.92
C SER A 127 -7.86 -18.64 -15.96
N LEU A 128 -8.02 -19.94 -16.21
CA LEU A 128 -7.17 -20.65 -17.14
C LEU A 128 -7.61 -20.41 -18.58
N GLU A 129 -7.00 -19.42 -19.21
CA GLU A 129 -7.31 -19.10 -20.59
C GLU A 129 -6.30 -19.72 -21.53
N HIS A 130 -6.79 -20.62 -22.37
CA HIS A 130 -5.95 -21.33 -23.33
C HIS A 130 -6.55 -21.20 -24.73
N HIS A 131 -7.23 -20.09 -24.96
CA HIS A 131 -7.77 -19.78 -26.27
C HIS A 131 -6.75 -18.98 -27.07
N HIS A 132 -6.71 -19.18 -28.37
CA HIS A 132 -5.73 -18.47 -29.19
C HIS A 132 -6.23 -17.08 -29.55
N HIS A 133 -5.53 -16.08 -29.06
CA HIS A 133 -5.88 -14.69 -29.32
C HIS A 133 -5.63 -14.35 -30.79
N HIS A 134 -6.69 -14.02 -31.51
CA HIS A 134 -6.59 -13.61 -32.90
C HIS A 134 -7.50 -12.42 -33.16
N HIS A 135 -6.90 -11.30 -33.55
CA HIS A 135 -7.67 -10.11 -33.87
C HIS A 135 -7.29 -9.61 -35.25
N MET A 1 -7.43 -14.07 3.72
CA MET A 1 -8.81 -13.72 3.32
C MET A 1 -9.82 -14.22 4.36
N ILE A 2 -10.17 -13.35 5.30
CA ILE A 2 -11.23 -13.62 6.26
C ILE A 2 -12.07 -12.36 6.43
N MET A 3 -13.11 -12.23 5.63
CA MET A 3 -13.94 -11.03 5.64
C MET A 3 -14.66 -10.91 6.97
N VAL A 4 -14.39 -9.82 7.68
CA VAL A 4 -14.96 -9.61 9.01
C VAL A 4 -15.65 -8.25 9.10
N SER A 5 -16.65 -8.17 9.96
CA SER A 5 -17.32 -6.92 10.26
C SER A 5 -17.75 -6.92 11.72
N GLY A 6 -17.84 -5.78 12.35
CA GLY A 6 -18.15 -5.76 13.77
C GLY A 6 -18.66 -4.43 14.26
N CYS A 7 -18.46 -4.20 15.54
CA CYS A 7 -18.96 -2.99 16.19
C CYS A 7 -17.85 -2.34 17.03
N GLN A 8 -16.64 -2.87 16.90
CA GLN A 8 -15.50 -2.34 17.65
C GLN A 8 -14.72 -1.38 16.76
N GLN A 9 -13.59 -0.89 17.26
CA GLN A 9 -12.80 0.09 16.53
C GLN A 9 -11.39 -0.43 16.26
N GLN A 10 -11.07 -0.62 14.99
CA GLN A 10 -9.71 -0.94 14.59
C GLN A 10 -8.88 0.34 14.63
N LYS A 11 -8.26 0.58 15.79
CA LYS A 11 -7.63 1.87 16.05
C LYS A 11 -6.14 1.86 15.73
N GLU A 12 -5.44 0.80 16.10
CA GLU A 12 -4.00 0.72 15.88
C GLU A 12 -3.53 -0.74 15.90
N GLU A 13 -3.27 -1.25 14.70
CA GLU A 13 -2.86 -2.61 14.51
C GLU A 13 -1.35 -2.72 14.28
N THR A 14 -0.88 -3.94 14.07
CA THR A 14 0.54 -4.19 13.87
C THR A 14 0.97 -3.89 12.41
N PRO A 15 0.38 -4.56 11.40
CA PRO A 15 0.75 -4.34 10.00
C PRO A 15 0.34 -2.97 9.50
N PHE A 16 1.24 -2.01 9.65
CA PHE A 16 0.99 -0.62 9.27
C PHE A 16 1.05 -0.42 7.76
N TYR A 17 1.50 -1.44 7.04
CA TYR A 17 1.68 -1.30 5.59
C TYR A 17 0.39 -1.55 4.83
N TYR A 18 -0.63 -2.07 5.51
CA TYR A 18 -1.92 -2.32 4.88
C TYR A 18 -2.66 -1.03 4.61
N GLY A 19 -3.48 -1.02 3.57
CA GLY A 19 -4.27 0.15 3.25
C GLY A 19 -3.93 0.71 1.89
N THR A 20 -4.39 1.92 1.62
CA THR A 20 -4.13 2.58 0.35
C THR A 20 -3.19 3.77 0.56
N TRP A 21 -2.13 3.80 -0.23
CA TRP A 21 -1.14 4.87 -0.14
C TRP A 21 -1.16 5.72 -1.40
N ASP A 22 -1.27 7.03 -1.23
CA ASP A 22 -1.29 7.96 -2.35
C ASP A 22 0.13 8.40 -2.76
N GLU A 23 0.47 8.12 -4.00
CA GLU A 23 1.70 8.63 -4.60
C GLU A 23 1.40 9.85 -5.46
N GLY A 24 1.18 10.97 -4.79
CA GLY A 24 0.93 12.22 -5.49
C GLY A 24 2.15 13.12 -5.44
N ARG A 25 3.32 12.52 -5.61
CA ARG A 25 4.57 13.25 -5.57
C ARG A 25 5.38 12.92 -6.82
N ALA A 26 6.10 13.93 -7.32
CA ALA A 26 6.97 13.80 -8.48
C ALA A 26 6.16 13.65 -9.79
N PRO A 27 6.77 14.00 -10.93
CA PRO A 27 6.13 13.84 -12.23
C PRO A 27 5.81 12.38 -12.53
N GLY A 28 4.61 12.13 -13.02
CA GLY A 28 4.20 10.78 -13.33
C GLY A 28 4.38 10.44 -14.79
N PRO A 29 3.92 9.25 -15.21
CA PRO A 29 4.05 8.79 -16.60
C PRO A 29 3.36 9.72 -17.60
N THR A 30 4.10 10.12 -18.63
CA THR A 30 3.56 11.00 -19.66
C THR A 30 2.50 10.28 -20.50
N ASP A 31 2.41 8.97 -20.28
CA ASP A 31 1.43 8.12 -20.95
C ASP A 31 0.01 8.62 -20.73
N GLY A 32 -0.25 9.20 -19.57
CA GLY A 32 -1.57 9.73 -19.28
C GLY A 32 -1.86 9.83 -17.81
N VAL A 33 -1.25 8.97 -17.01
CA VAL A 33 -1.48 8.96 -15.58
C VAL A 33 -0.63 10.01 -14.89
N LYS A 34 -1.24 10.79 -14.00
CA LYS A 34 -0.51 11.83 -13.30
C LYS A 34 0.07 11.31 -12.00
N SER A 35 -0.62 10.36 -11.40
CA SER A 35 -0.26 9.85 -10.08
C SER A 35 -0.90 8.49 -9.86
N ALA A 36 -0.44 7.76 -8.86
CA ALA A 36 -0.95 6.42 -8.62
C ALA A 36 -1.24 6.20 -7.15
N THR A 37 -2.15 5.29 -6.87
CA THR A 37 -2.44 4.88 -5.51
C THR A 37 -2.23 3.39 -5.37
N VAL A 38 -1.50 2.98 -4.36
CA VAL A 38 -1.20 1.58 -4.17
C VAL A 38 -1.89 1.05 -2.92
N THR A 39 -2.56 -0.07 -3.08
CA THR A 39 -3.26 -0.71 -1.97
C THR A 39 -2.61 -2.06 -1.67
N PHE A 40 -2.24 -2.26 -0.42
CA PHE A 40 -1.61 -3.51 -0.02
C PHE A 40 -2.62 -4.41 0.65
N THR A 41 -2.84 -5.55 0.04
CA THR A 41 -3.72 -6.56 0.59
C THR A 41 -2.86 -7.65 1.24
N GLU A 42 -3.51 -8.66 1.82
CA GLU A 42 -2.81 -9.71 2.52
C GLU A 42 -1.71 -10.35 1.67
N ASP A 43 -2.12 -10.99 0.58
CA ASP A 43 -1.18 -11.74 -0.24
C ASP A 43 -1.11 -11.19 -1.66
N GLU A 44 -1.63 -10.00 -1.86
CA GLU A 44 -1.64 -9.38 -3.18
C GLU A 44 -1.45 -7.86 -3.07
N VAL A 45 -0.83 -7.29 -4.08
CA VAL A 45 -0.65 -5.85 -4.17
C VAL A 45 -1.50 -5.30 -5.30
N VAL A 46 -2.43 -4.41 -4.96
CA VAL A 46 -3.32 -3.84 -5.95
C VAL A 46 -2.84 -2.44 -6.34
N GLU A 47 -2.61 -2.24 -7.62
CA GLU A 47 -2.23 -0.94 -8.13
C GLU A 47 -3.41 -0.23 -8.74
N THR A 48 -3.51 1.03 -8.44
CA THR A 48 -4.57 1.87 -8.97
C THR A 48 -3.97 3.12 -9.60
N GLU A 49 -4.25 3.33 -10.87
CA GLU A 49 -3.74 4.50 -11.57
C GLU A 49 -4.81 5.57 -11.64
N VAL A 50 -4.43 6.81 -11.38
CA VAL A 50 -5.37 7.91 -11.45
C VAL A 50 -5.40 8.46 -12.87
N MET A 51 -6.52 8.27 -13.55
CA MET A 51 -6.65 8.69 -14.92
C MET A 51 -7.62 9.85 -15.05
N GLU A 52 -7.14 10.92 -15.65
CA GLU A 52 -7.92 12.15 -15.83
C GLU A 52 -9.17 11.88 -16.66
N GLY A 53 -10.33 12.02 -16.04
CA GLY A 53 -11.59 11.81 -16.73
C GLY A 53 -12.21 10.46 -16.44
N ARG A 54 -11.35 9.50 -16.11
CA ARG A 54 -11.79 8.14 -15.86
C ARG A 54 -11.98 7.91 -14.37
N GLY A 55 -10.91 8.21 -13.65
CA GLY A 55 -10.90 8.00 -12.21
C GLY A 55 -9.81 7.01 -11.83
N GLU A 56 -9.95 6.36 -10.68
CA GLU A 56 -9.04 5.32 -10.30
C GLU A 56 -9.25 4.08 -11.15
N VAL A 57 -8.17 3.61 -11.74
CA VAL A 57 -8.20 2.43 -12.59
C VAL A 57 -7.39 1.31 -11.95
N GLN A 58 -8.04 0.17 -11.72
CA GLN A 58 -7.41 -0.96 -11.07
C GLN A 58 -6.58 -1.77 -12.05
N LEU A 59 -5.34 -2.01 -11.69
CA LEU A 59 -4.45 -2.88 -12.45
C LEU A 59 -4.52 -4.30 -11.89
N PRO A 60 -4.02 -5.30 -12.63
CA PRO A 60 -4.01 -6.69 -12.16
C PRO A 60 -3.23 -6.83 -10.85
N PHE A 61 -3.85 -7.45 -9.85
CA PHE A 61 -3.23 -7.56 -8.53
C PHE A 61 -2.00 -8.46 -8.57
N MET A 62 -0.89 -7.89 -8.15
CA MET A 62 0.38 -8.54 -8.16
C MET A 62 0.52 -9.48 -6.97
N ALA A 63 0.86 -10.72 -7.24
CA ALA A 63 1.10 -11.68 -6.17
C ALA A 63 2.44 -11.40 -5.50
N TYR A 64 2.47 -11.44 -4.17
CA TYR A 64 3.70 -11.19 -3.45
C TYR A 64 3.73 -12.02 -2.18
N LYS A 65 4.93 -12.25 -1.66
CA LYS A 65 5.12 -12.95 -0.43
C LYS A 65 5.91 -12.09 0.54
N VAL A 66 5.48 -12.07 1.79
CA VAL A 66 6.19 -11.36 2.83
C VAL A 66 7.42 -12.16 3.24
N ILE A 67 8.59 -11.53 3.14
CA ILE A 67 9.83 -12.16 3.58
C ILE A 67 9.99 -11.96 5.08
N SER A 68 9.92 -10.70 5.47
CA SER A 68 10.09 -10.32 6.86
C SER A 68 9.14 -9.21 7.25
N GLN A 69 8.86 -9.12 8.53
CA GLN A 69 7.99 -8.09 9.06
C GLN A 69 8.44 -7.75 10.47
N SER A 70 8.68 -6.48 10.70
CA SER A 70 9.17 -6.03 11.98
C SER A 70 8.95 -4.53 12.13
N THR A 71 8.88 -4.07 13.38
CA THR A 71 8.72 -2.66 13.66
C THR A 71 10.08 -1.96 13.58
N ASP A 72 11.14 -2.71 13.84
CA ASP A 72 12.50 -2.16 13.80
C ASP A 72 13.35 -2.86 12.75
N GLY A 73 13.04 -4.13 12.49
CA GLY A 73 13.68 -4.85 11.42
C GLY A 73 13.03 -4.56 10.08
N SER A 74 12.01 -3.70 10.13
CA SER A 74 11.27 -3.22 8.97
C SER A 74 10.58 -4.35 8.22
N ILE A 75 9.90 -4.01 7.15
CA ILE A 75 9.17 -4.98 6.37
C ILE A 75 9.88 -5.26 5.05
N GLU A 76 10.07 -6.52 4.74
CA GLU A 76 10.71 -6.91 3.50
C GLU A 76 9.81 -7.88 2.77
N ILE A 77 9.55 -7.61 1.50
CA ILE A 77 8.64 -8.44 0.73
C ILE A 77 9.24 -8.83 -0.61
N GLN A 78 8.76 -9.93 -1.16
CA GLN A 78 9.22 -10.42 -2.44
C GLN A 78 8.02 -10.57 -3.37
N TYR A 79 8.21 -10.32 -4.65
CA TYR A 79 7.13 -10.39 -5.61
C TYR A 79 7.13 -11.71 -6.33
N LEU A 80 5.96 -12.15 -6.75
CA LEU A 80 5.81 -13.40 -7.46
C LEU A 80 5.36 -13.13 -8.89
N GLY A 81 5.48 -14.11 -9.77
CA GLY A 81 5.08 -13.90 -11.14
C GLY A 81 6.21 -13.33 -11.97
N PRO A 82 5.90 -12.54 -13.02
CA PRO A 82 6.91 -11.92 -13.87
C PRO A 82 7.77 -10.89 -13.11
N TYR A 83 7.40 -10.63 -11.87
CA TYR A 83 8.09 -9.65 -11.04
C TYR A 83 8.95 -10.35 -9.98
N TYR A 84 9.12 -11.65 -10.16
CA TYR A 84 9.80 -12.52 -9.19
C TYR A 84 11.25 -12.08 -8.93
N PRO A 85 11.92 -12.73 -7.95
CA PRO A 85 12.96 -12.23 -7.05
C PRO A 85 13.39 -10.74 -7.05
N LEU A 86 12.81 -9.89 -7.87
CA LEU A 86 13.02 -8.46 -7.69
C LEU A 86 12.13 -7.99 -6.55
N LYS A 87 12.74 -7.76 -5.38
CA LYS A 87 11.97 -7.59 -4.15
C LYS A 87 11.72 -6.13 -3.81
N SER A 88 11.08 -5.92 -2.66
CA SER A 88 10.73 -4.59 -2.21
C SER A 88 10.92 -4.48 -0.69
N THR A 89 11.06 -3.26 -0.20
CA THR A 89 11.28 -3.01 1.23
C THR A 89 10.42 -1.85 1.70
N LEU A 90 9.95 -1.94 2.93
CA LEU A 90 9.10 -0.90 3.51
C LEU A 90 9.67 -0.43 4.84
N LYS A 91 9.90 0.88 4.95
CA LYS A 91 10.41 1.47 6.18
C LYS A 91 9.49 2.54 6.71
N ARG A 92 9.72 2.95 7.96
CA ARG A 92 8.86 3.90 8.63
C ARG A 92 9.15 5.35 8.21
N GLY A 93 8.11 6.17 8.24
CA GLY A 93 8.24 7.58 7.99
C GLY A 93 7.87 8.38 9.22
N GLU A 94 8.66 9.40 9.51
CA GLU A 94 8.56 10.15 10.75
C GLU A 94 7.17 10.72 11.01
N ASN A 95 6.55 11.24 9.96
CA ASN A 95 5.24 11.89 10.07
C ASN A 95 4.11 10.89 9.81
N GLY A 96 4.38 9.61 10.06
CA GLY A 96 3.38 8.60 9.81
C GLY A 96 3.35 8.21 8.36
N THR A 97 4.52 8.14 7.75
CA THR A 97 4.66 7.86 6.34
C THR A 97 5.22 6.44 6.15
N LEU A 98 5.24 5.97 4.92
CA LEU A 98 5.85 4.69 4.61
C LEU A 98 6.84 4.86 3.47
N ILE A 99 8.03 4.33 3.64
CA ILE A 99 9.05 4.42 2.62
C ILE A 99 9.08 3.13 1.81
N TRP A 100 8.69 3.24 0.56
CA TRP A 100 8.59 2.08 -0.31
C TRP A 100 9.86 1.96 -1.14
N GLU A 101 10.63 0.92 -0.89
CA GLU A 101 11.83 0.69 -1.65
C GLU A 101 11.62 -0.43 -2.64
N GLN A 102 11.99 -0.16 -3.87
CA GLN A 102 11.84 -1.12 -4.94
C GLN A 102 12.87 -0.85 -6.02
N ASN A 103 13.52 -1.91 -6.51
CA ASN A 103 14.44 -1.80 -7.65
C ASN A 103 15.68 -0.97 -7.30
N GLY A 104 15.87 -0.72 -6.01
CA GLY A 104 16.98 0.11 -5.58
C GLY A 104 16.61 1.58 -5.56
N GLN A 105 15.33 1.87 -5.74
CA GLN A 105 14.83 3.23 -5.70
C GLN A 105 13.96 3.44 -4.47
N ARG A 106 14.05 4.62 -3.87
CA ARG A 106 13.26 4.93 -2.70
C ARG A 106 12.03 5.77 -3.05
N LYS A 107 10.87 5.20 -2.81
CA LYS A 107 9.60 5.87 -3.05
C LYS A 107 9.01 6.39 -1.75
N THR A 108 8.42 7.56 -1.81
CA THR A 108 7.81 8.16 -0.63
C THR A 108 6.32 8.36 -0.87
N MET A 109 5.51 7.62 -0.13
CA MET A 109 4.06 7.65 -0.33
C MET A 109 3.35 7.95 0.98
N THR A 110 2.29 8.74 0.90
CA THR A 110 1.56 9.15 2.08
C THR A 110 0.32 8.29 2.26
N ARG A 111 -0.13 8.16 3.49
CA ARG A 111 -1.27 7.33 3.80
C ARG A 111 -2.56 8.12 3.64
N ILE A 112 -3.64 7.41 3.44
CA ILE A 112 -4.95 8.01 3.39
C ILE A 112 -5.59 7.89 4.77
N GLU A 113 -6.39 8.86 5.13
CA GLU A 113 -6.92 8.94 6.48
C GLU A 113 -8.20 8.12 6.62
N SER A 114 -8.17 7.17 7.54
CA SER A 114 -9.33 6.39 7.87
C SER A 114 -9.95 6.94 9.16
N LYS A 115 -11.18 7.42 9.06
CA LYS A 115 -11.86 8.01 10.21
C LYS A 115 -12.83 7.01 10.82
N THR A 116 -12.80 5.80 10.29
CA THR A 116 -13.68 4.73 10.74
C THR A 116 -12.99 3.39 10.62
N GLY A 117 -13.36 2.46 11.49
CA GLY A 117 -12.78 1.14 11.46
C GLY A 117 -13.60 0.16 12.26
N ARG A 118 -14.84 -0.07 11.83
CA ARG A 118 -15.76 -0.90 12.59
C ARG A 118 -15.75 -2.33 12.06
N GLU A 119 -14.81 -3.12 12.55
CA GLU A 119 -14.66 -4.51 12.13
C GLU A 119 -14.26 -5.37 13.32
N GLU A 120 -14.96 -6.49 13.49
CA GLU A 120 -14.79 -7.37 14.64
C GLU A 120 -15.26 -6.69 15.93
N LYS A 121 -15.28 -7.45 17.02
CA LYS A 121 -15.57 -6.91 18.35
C LYS A 121 -15.38 -7.98 19.41
N ASP A 122 -14.64 -7.62 20.45
CA ASP A 122 -14.48 -8.45 21.62
C ASP A 122 -15.03 -7.67 22.82
N GLU A 123 -14.49 -7.92 24.01
CA GLU A 123 -14.83 -7.14 25.20
C GLU A 123 -16.25 -7.43 25.67
N LYS A 124 -16.39 -8.45 26.50
CA LYS A 124 -17.67 -8.81 27.08
C LYS A 124 -17.48 -9.24 28.54
N SER A 125 -18.09 -8.51 29.45
CA SER A 125 -18.00 -8.81 30.88
C SER A 125 -19.23 -8.29 31.61
N LYS A 126 -20.08 -9.20 32.05
CA LYS A 126 -21.26 -8.83 32.81
C LYS A 126 -21.23 -9.48 34.19
N SER A 127 -20.06 -9.94 34.60
CA SER A 127 -19.88 -10.50 35.92
C SER A 127 -19.45 -9.39 36.88
N LEU A 128 -20.39 -8.89 37.66
CA LEU A 128 -20.10 -7.82 38.60
C LEU A 128 -20.53 -8.21 40.01
N GLU A 129 -19.63 -8.86 40.73
CA GLU A 129 -19.90 -9.33 42.09
C GLU A 129 -20.04 -8.15 43.05
N HIS A 130 -21.11 -8.18 43.85
CA HIS A 130 -21.37 -7.14 44.85
C HIS A 130 -22.61 -7.53 45.65
N HIS A 131 -22.43 -7.74 46.95
CA HIS A 131 -23.52 -8.25 47.79
C HIS A 131 -24.20 -7.14 48.57
N HIS A 132 -25.47 -7.35 48.89
CA HIS A 132 -26.25 -6.40 49.67
C HIS A 132 -26.94 -7.13 50.81
N HIS A 133 -26.83 -6.61 52.02
CA HIS A 133 -27.49 -7.20 53.17
C HIS A 133 -28.04 -6.13 54.10
N HIS A 134 -27.17 -5.57 54.94
CA HIS A 134 -27.55 -4.64 56.01
C HIS A 134 -28.39 -5.36 57.07
N HIS A 135 -29.53 -5.89 56.66
CA HIS A 135 -30.39 -6.65 57.54
C HIS A 135 -31.08 -7.76 56.75
N MET A 1 18.36 -6.29 18.33
CA MET A 1 18.84 -6.26 16.93
C MET A 1 18.71 -7.62 16.26
N ILE A 2 18.94 -8.70 17.01
CA ILE A 2 18.91 -10.04 16.44
C ILE A 2 17.83 -10.92 17.08
N MET A 3 16.76 -11.15 16.33
CA MET A 3 15.66 -11.98 16.77
C MET A 3 14.66 -12.16 15.62
N VAL A 4 13.65 -13.00 15.83
CA VAL A 4 12.61 -13.19 14.82
C VAL A 4 11.36 -12.39 15.17
N SER A 5 11.34 -11.14 14.72
CA SER A 5 10.28 -10.20 15.07
C SER A 5 9.04 -10.40 14.20
N GLY A 6 8.74 -11.64 13.85
CA GLY A 6 7.60 -11.91 12.99
C GLY A 6 6.99 -13.27 13.23
N CYS A 7 5.79 -13.28 13.79
CA CYS A 7 5.04 -14.52 13.98
C CYS A 7 3.55 -14.25 13.77
N GLN A 8 2.91 -15.10 12.96
CA GLN A 8 1.51 -14.91 12.60
C GLN A 8 0.57 -15.28 13.74
N GLN A 9 1.13 -15.82 14.80
CA GLN A 9 0.35 -16.19 15.97
C GLN A 9 0.29 -15.05 16.98
N GLN A 10 1.20 -14.10 16.84
CA GLN A 10 1.28 -12.97 17.77
C GLN A 10 0.11 -12.03 17.59
N LYS A 11 -0.19 -11.71 16.32
CA LYS A 11 -1.24 -10.76 15.96
C LYS A 11 -0.82 -9.33 16.34
N GLU A 12 -0.78 -9.06 17.64
CA GLU A 12 -0.33 -7.78 18.19
C GLU A 12 -1.27 -6.63 17.82
N GLU A 13 -1.27 -6.23 16.55
CA GLU A 13 -2.03 -5.08 16.10
C GLU A 13 -2.34 -5.24 14.61
N THR A 14 -3.13 -4.35 14.05
CA THR A 14 -3.41 -4.36 12.62
C THR A 14 -2.19 -3.81 11.86
N PRO A 15 -1.81 -4.47 10.74
CA PRO A 15 -0.67 -4.05 9.91
C PRO A 15 -0.72 -2.58 9.52
N PHE A 16 0.34 -1.85 9.84
CA PHE A 16 0.41 -0.41 9.59
C PHE A 16 0.37 -0.07 8.11
N TYR A 17 0.85 -0.99 7.27
CA TYR A 17 0.94 -0.73 5.84
C TYR A 17 -0.39 -1.02 5.14
N TYR A 18 -1.35 -1.56 5.88
CA TYR A 18 -2.62 -1.96 5.30
C TYR A 18 -3.44 -0.72 4.94
N GLY A 19 -4.04 -0.76 3.76
CA GLY A 19 -4.81 0.38 3.28
C GLY A 19 -4.36 0.82 1.91
N THR A 20 -4.48 2.11 1.63
CA THR A 20 -4.10 2.67 0.34
C THR A 20 -3.15 3.85 0.52
N TRP A 21 -2.07 3.85 -0.23
CA TRP A 21 -1.07 4.91 -0.14
C TRP A 21 -0.91 5.61 -1.48
N ASP A 22 -0.55 6.89 -1.45
CA ASP A 22 -0.34 7.67 -2.66
C ASP A 22 1.14 7.92 -2.89
N GLU A 23 1.62 7.59 -4.09
CA GLU A 23 3.01 7.79 -4.46
C GLU A 23 3.24 9.24 -4.91
N GLY A 24 2.17 9.92 -5.25
CA GLY A 24 2.28 11.25 -5.82
C GLY A 24 2.17 11.19 -7.32
N ARG A 25 3.05 10.41 -7.94
CA ARG A 25 3.02 10.16 -9.37
C ARG A 25 3.99 9.04 -9.71
N ALA A 26 3.68 8.29 -10.76
CA ALA A 26 4.51 7.16 -11.16
C ALA A 26 4.50 7.00 -12.67
N PRO A 27 5.55 6.37 -13.23
CA PRO A 27 5.59 6.03 -14.66
C PRO A 27 4.56 4.97 -15.01
N GLY A 28 3.83 5.19 -16.09
CA GLY A 28 2.76 4.29 -16.45
C GLY A 28 2.31 4.50 -17.88
N PRO A 29 1.03 4.18 -18.19
CA PRO A 29 0.47 4.38 -19.53
C PRO A 29 0.64 5.83 -20.01
N THR A 30 0.98 5.98 -21.27
CA THR A 30 1.29 7.28 -21.85
C THR A 30 0.04 8.08 -22.21
N ASP A 31 -1.09 7.66 -21.67
CA ASP A 31 -2.34 8.38 -21.86
C ASP A 31 -2.40 9.58 -20.92
N GLY A 32 -1.77 9.44 -19.76
CA GLY A 32 -1.74 10.52 -18.80
C GLY A 32 -2.18 10.10 -17.41
N VAL A 33 -1.20 9.77 -16.56
CA VAL A 33 -1.49 9.44 -15.17
C VAL A 33 -1.10 10.61 -14.28
N LYS A 34 -1.99 11.00 -13.39
CA LYS A 34 -1.74 12.11 -12.49
C LYS A 34 -1.00 11.64 -11.24
N SER A 35 -1.37 10.46 -10.79
CA SER A 35 -0.86 9.91 -9.54
C SER A 35 -1.04 8.40 -9.53
N ALA A 36 -0.34 7.74 -8.62
CA ALA A 36 -0.42 6.30 -8.50
C ALA A 36 -0.73 5.93 -7.05
N THR A 37 -1.73 5.08 -6.88
CA THR A 37 -2.13 4.67 -5.55
C THR A 37 -2.07 3.16 -5.43
N VAL A 38 -1.44 2.69 -4.36
CA VAL A 38 -1.30 1.27 -4.14
C VAL A 38 -2.10 0.83 -2.92
N THR A 39 -2.93 -0.18 -3.11
CA THR A 39 -3.75 -0.71 -2.04
C THR A 39 -3.22 -2.07 -1.63
N PHE A 40 -3.01 -2.26 -0.33
CA PHE A 40 -2.46 -3.51 0.17
C PHE A 40 -3.56 -4.39 0.75
N THR A 41 -3.75 -5.53 0.13
CA THR A 41 -4.72 -6.51 0.59
C THR A 41 -3.99 -7.63 1.34
N GLU A 42 -4.73 -8.63 1.82
CA GLU A 42 -4.18 -9.72 2.61
C GLU A 42 -2.89 -10.29 2.01
N ASP A 43 -2.99 -10.89 0.84
CA ASP A 43 -1.83 -11.53 0.21
C ASP A 43 -1.62 -11.01 -1.21
N GLU A 44 -2.35 -9.97 -1.57
CA GLU A 44 -2.26 -9.43 -2.92
C GLU A 44 -2.13 -7.91 -2.91
N VAL A 45 -1.36 -7.41 -3.84
CA VAL A 45 -1.18 -5.98 -4.02
C VAL A 45 -2.11 -5.48 -5.13
N VAL A 46 -2.87 -4.45 -4.83
CA VAL A 46 -3.76 -3.86 -5.81
C VAL A 46 -3.18 -2.55 -6.33
N GLU A 47 -3.01 -2.46 -7.64
CA GLU A 47 -2.55 -1.24 -8.25
C GLU A 47 -3.72 -0.42 -8.74
N THR A 48 -3.71 0.83 -8.37
CA THR A 48 -4.72 1.76 -8.80
C THR A 48 -4.06 3.00 -9.38
N GLU A 49 -4.27 3.23 -10.66
CA GLU A 49 -3.70 4.38 -11.33
C GLU A 49 -4.76 5.46 -11.51
N VAL A 50 -4.41 6.70 -11.23
CA VAL A 50 -5.33 7.79 -11.45
C VAL A 50 -4.97 8.49 -12.75
N MET A 51 -5.81 8.34 -13.74
CA MET A 51 -5.52 8.82 -15.07
C MET A 51 -6.49 9.90 -15.49
N GLU A 52 -5.95 10.97 -16.07
CA GLU A 52 -6.74 12.11 -16.47
C GLU A 52 -7.64 11.75 -17.64
N GLY A 53 -8.94 11.83 -17.41
CA GLY A 53 -9.90 11.52 -18.46
C GLY A 53 -10.38 10.09 -18.35
N ARG A 54 -9.70 9.31 -17.53
CA ARG A 54 -10.03 7.91 -17.35
C ARG A 54 -10.69 7.70 -15.99
N GLY A 55 -9.95 8.06 -14.95
CA GLY A 55 -10.37 7.80 -13.60
C GLY A 55 -9.43 6.83 -12.91
N GLU A 56 -9.85 6.28 -11.79
CA GLU A 56 -9.07 5.26 -11.12
C GLU A 56 -9.19 3.94 -11.85
N VAL A 57 -8.05 3.37 -12.16
CA VAL A 57 -7.99 2.11 -12.87
C VAL A 57 -7.36 1.05 -11.98
N GLN A 58 -8.09 -0.04 -11.74
CA GLN A 58 -7.58 -1.15 -10.96
C GLN A 58 -6.86 -2.14 -11.87
N LEU A 59 -5.60 -2.40 -11.57
CA LEU A 59 -4.80 -3.32 -12.34
C LEU A 59 -4.90 -4.73 -11.77
N PRO A 60 -4.47 -5.75 -12.53
CA PRO A 60 -4.49 -7.13 -12.08
C PRO A 60 -3.68 -7.32 -10.80
N PHE A 61 -4.26 -8.04 -9.85
CA PHE A 61 -3.67 -8.21 -8.54
C PHE A 61 -2.29 -8.83 -8.62
N MET A 62 -1.35 -8.23 -7.91
CA MET A 62 0.02 -8.73 -7.85
C MET A 62 0.24 -9.54 -6.58
N ALA A 63 0.59 -10.80 -6.77
CA ALA A 63 0.88 -11.67 -5.64
C ALA A 63 2.24 -11.32 -5.03
N TYR A 64 2.29 -11.22 -3.71
CA TYR A 64 3.56 -10.93 -3.05
C TYR A 64 3.82 -11.90 -1.91
N LYS A 65 5.08 -12.00 -1.52
CA LYS A 65 5.49 -12.82 -0.39
C LYS A 65 6.21 -11.99 0.64
N VAL A 66 6.24 -12.48 1.85
CA VAL A 66 6.89 -11.81 2.95
C VAL A 66 8.23 -12.47 3.26
N ILE A 67 9.31 -11.77 2.99
CA ILE A 67 10.64 -12.31 3.24
C ILE A 67 11.02 -12.10 4.70
N SER A 68 10.92 -10.86 5.13
CA SER A 68 11.29 -10.50 6.49
C SER A 68 10.32 -9.44 7.01
N GLN A 69 10.12 -9.44 8.30
CA GLN A 69 9.22 -8.48 8.93
C GLN A 69 9.67 -8.16 10.34
N SER A 70 9.71 -6.89 10.65
CA SER A 70 9.97 -6.43 12.00
C SER A 70 8.64 -6.21 12.70
N THR A 71 7.60 -6.04 11.88
CA THR A 71 6.23 -5.87 12.35
C THR A 71 6.00 -4.47 12.92
N ASP A 72 7.02 -3.91 13.57
CA ASP A 72 6.88 -2.64 14.25
C ASP A 72 7.49 -1.49 13.45
N GLY A 73 8.16 -1.79 12.35
CA GLY A 73 8.78 -0.73 11.58
C GLY A 73 9.08 -1.10 10.15
N SER A 74 9.75 -2.21 9.94
CA SER A 74 10.20 -2.58 8.61
C SER A 74 9.60 -3.89 8.13
N ILE A 75 9.29 -3.94 6.84
CA ILE A 75 8.82 -5.15 6.19
C ILE A 75 9.51 -5.33 4.85
N GLU A 76 9.92 -6.55 4.54
CA GLU A 76 10.53 -6.83 3.24
C GLU A 76 9.68 -7.85 2.48
N ILE A 77 9.27 -7.49 1.27
CA ILE A 77 8.37 -8.32 0.49
C ILE A 77 8.93 -8.59 -0.90
N GLN A 78 8.49 -9.70 -1.48
CA GLN A 78 8.98 -10.12 -2.80
C GLN A 78 7.80 -10.30 -3.75
N TYR A 79 8.00 -10.02 -5.02
CA TYR A 79 6.93 -10.15 -6.00
C TYR A 79 6.87 -11.57 -6.53
N LEU A 80 5.68 -11.99 -6.96
CA LEU A 80 5.52 -13.25 -7.65
C LEU A 80 5.09 -12.99 -9.09
N GLY A 81 5.22 -13.99 -9.94
CA GLY A 81 4.90 -13.79 -11.34
C GLY A 81 6.12 -13.40 -12.14
N PRO A 82 5.96 -12.66 -13.24
CA PRO A 82 7.09 -12.17 -14.06
C PRO A 82 8.02 -11.23 -13.29
N TYR A 83 7.61 -10.85 -12.09
CA TYR A 83 8.39 -9.97 -11.24
C TYR A 83 9.03 -10.77 -10.10
N TYR A 84 9.10 -12.09 -10.31
CA TYR A 84 9.62 -13.02 -9.31
C TYR A 84 11.04 -12.64 -8.87
N PRO A 85 11.55 -13.30 -7.79
CA PRO A 85 12.52 -12.84 -6.81
C PRO A 85 12.98 -11.37 -6.77
N LEU A 86 12.50 -10.51 -7.64
CA LEU A 86 12.69 -9.08 -7.45
C LEU A 86 11.77 -8.64 -6.32
N LYS A 87 12.19 -7.68 -5.54
CA LYS A 87 11.49 -7.40 -4.29
C LYS A 87 11.45 -5.92 -3.95
N SER A 88 10.71 -5.62 -2.91
CA SER A 88 10.60 -4.28 -2.39
C SER A 88 10.77 -4.30 -0.87
N THR A 89 11.11 -3.15 -0.32
CA THR A 89 11.30 -3.03 1.11
C THR A 89 10.51 -1.84 1.64
N LEU A 90 9.96 -1.99 2.82
CA LEU A 90 9.13 -0.95 3.42
C LEU A 90 9.69 -0.51 4.76
N LYS A 91 9.93 0.78 4.89
CA LYS A 91 10.34 1.35 6.15
C LYS A 91 9.26 2.30 6.66
N ARG A 92 9.41 2.73 7.90
CA ARG A 92 8.43 3.61 8.51
C ARG A 92 8.81 5.07 8.31
N GLY A 93 7.81 5.92 8.14
CA GLY A 93 8.06 7.32 7.95
C GLY A 93 7.74 8.13 9.18
N GLU A 94 8.60 9.08 9.47
CA GLU A 94 8.52 9.89 10.68
C GLU A 94 7.20 10.65 10.77
N ASN A 95 6.73 11.10 9.63
CA ASN A 95 5.55 11.96 9.57
C ASN A 95 4.29 11.15 9.29
N GLY A 96 4.31 9.89 9.66
CA GLY A 96 3.19 9.02 9.39
C GLY A 96 3.13 8.62 7.93
N THR A 97 4.29 8.30 7.39
CA THR A 97 4.40 7.92 6.00
C THR A 97 4.99 6.52 5.86
N LEU A 98 5.02 6.01 4.64
CA LEU A 98 5.63 4.73 4.38
C LEU A 98 6.76 4.90 3.38
N ILE A 99 7.92 4.34 3.69
CA ILE A 99 9.07 4.47 2.81
C ILE A 99 9.21 3.21 1.97
N TRP A 100 9.00 3.38 0.67
CA TRP A 100 9.01 2.26 -0.25
C TRP A 100 10.34 2.17 -0.97
N GLU A 101 11.07 1.09 -0.73
CA GLU A 101 12.29 0.82 -1.47
C GLU A 101 11.98 -0.15 -2.59
N GLN A 102 12.41 0.21 -3.77
CA GLN A 102 12.13 -0.58 -4.96
C GLN A 102 13.22 -0.36 -6.01
N ASN A 103 13.84 -1.47 -6.45
CA ASN A 103 14.88 -1.43 -7.49
C ASN A 103 16.15 -0.72 -7.02
N GLY A 104 16.09 -0.12 -5.83
CA GLY A 104 17.21 0.64 -5.33
C GLY A 104 16.83 2.08 -5.03
N GLN A 105 15.63 2.46 -5.46
CA GLN A 105 15.12 3.81 -5.23
C GLN A 105 14.31 3.85 -3.95
N ARG A 106 14.52 4.90 -3.16
CA ARG A 106 13.74 5.11 -1.96
C ARG A 106 12.65 6.15 -2.20
N LYS A 107 11.41 5.72 -2.11
CA LYS A 107 10.27 6.57 -2.45
C LYS A 107 9.37 6.79 -1.25
N THR A 108 8.87 7.99 -1.13
CA THR A 108 8.01 8.35 0.00
C THR A 108 6.55 8.18 -0.36
N MET A 109 5.85 7.37 0.41
CA MET A 109 4.42 7.14 0.20
C MET A 109 3.63 7.94 1.23
N THR A 110 2.60 8.62 0.78
CA THR A 110 1.77 9.42 1.65
C THR A 110 0.52 8.65 2.04
N ARG A 111 0.09 8.83 3.28
CA ARG A 111 -1.05 8.08 3.79
C ARG A 111 -2.36 8.80 3.49
N ILE A 112 -3.25 8.10 2.82
CA ILE A 112 -4.57 8.62 2.54
C ILE A 112 -5.44 8.50 3.77
N GLU A 113 -6.47 9.34 3.86
CA GLU A 113 -7.42 9.26 4.95
C GLU A 113 -8.23 7.99 4.82
N SER A 114 -7.77 6.95 5.49
CA SER A 114 -8.36 5.63 5.34
C SER A 114 -9.32 5.35 6.48
N LYS A 115 -10.60 5.40 6.17
CA LYS A 115 -11.64 5.08 7.14
C LYS A 115 -12.51 3.96 6.60
N THR A 116 -12.86 3.03 7.47
CA THR A 116 -13.58 1.84 7.06
C THR A 116 -15.05 2.13 6.76
N GLY A 117 -15.48 1.77 5.57
CA GLY A 117 -16.89 1.91 5.22
C GLY A 117 -17.61 0.59 5.34
N ARG A 118 -17.70 -0.15 4.25
CA ARG A 118 -18.23 -1.48 4.28
C ARG A 118 -17.20 -2.45 3.71
N GLU A 119 -16.80 -3.40 4.53
CA GLU A 119 -15.87 -4.43 4.09
C GLU A 119 -16.51 -5.80 4.23
N GLU A 120 -16.00 -6.76 3.44
CA GLU A 120 -16.56 -8.10 3.36
C GLU A 120 -17.93 -8.05 2.69
N LYS A 121 -17.94 -8.39 1.42
CA LYS A 121 -19.12 -8.27 0.59
C LYS A 121 -19.45 -9.61 -0.06
N ASP A 122 -20.73 -9.93 -0.15
CA ASP A 122 -21.15 -11.20 -0.73
C ASP A 122 -21.46 -11.04 -2.22
N GLU A 123 -21.36 -12.14 -2.95
CA GLU A 123 -21.47 -12.09 -4.40
C GLU A 123 -22.80 -12.66 -4.90
N LYS A 124 -23.58 -13.24 -3.99
CA LYS A 124 -24.80 -13.93 -4.36
C LYS A 124 -25.79 -12.98 -5.01
N SER A 125 -25.93 -13.12 -6.31
CA SER A 125 -26.83 -12.28 -7.09
C SER A 125 -27.55 -13.11 -8.15
N LYS A 126 -28.72 -12.64 -8.55
CA LYS A 126 -29.49 -13.30 -9.58
C LYS A 126 -30.01 -12.29 -10.58
N SER A 127 -29.67 -12.50 -11.84
CA SER A 127 -30.07 -11.58 -12.89
C SER A 127 -31.44 -11.93 -13.46
N LEU A 128 -32.41 -11.05 -13.27
CA LEU A 128 -33.74 -11.24 -13.82
C LEU A 128 -33.84 -10.56 -15.19
N GLU A 129 -35.06 -10.34 -15.65
CA GLU A 129 -35.28 -9.68 -16.94
C GLU A 129 -36.37 -8.64 -16.82
N HIS A 130 -36.45 -7.76 -17.82
CA HIS A 130 -37.50 -6.75 -17.88
C HIS A 130 -37.64 -6.21 -19.29
N HIS A 131 -38.88 -6.10 -19.75
CA HIS A 131 -39.15 -5.51 -21.05
C HIS A 131 -39.36 -4.01 -20.88
N HIS A 132 -38.26 -3.28 -20.87
CA HIS A 132 -38.28 -1.88 -20.46
C HIS A 132 -37.79 -0.98 -21.59
N HIS A 133 -38.47 0.15 -21.78
CA HIS A 133 -38.06 1.13 -22.78
C HIS A 133 -38.69 2.49 -22.50
N HIS A 134 -38.05 3.55 -22.98
CA HIS A 134 -38.58 4.90 -22.83
C HIS A 134 -38.48 5.66 -24.14
N HIS A 135 -39.57 5.64 -24.90
CA HIS A 135 -39.69 6.38 -26.14
C HIS A 135 -41.06 6.13 -26.74
N MET A 1 -18.66 20.44 28.55
CA MET A 1 -18.38 19.06 28.99
C MET A 1 -18.17 18.13 27.80
N ILE A 2 -17.13 18.41 27.03
CA ILE A 2 -16.75 17.53 25.93
C ILE A 2 -15.65 16.60 26.39
N MET A 3 -16.00 15.35 26.65
CA MET A 3 -15.06 14.38 27.18
C MET A 3 -14.84 13.24 26.20
N VAL A 4 -13.60 13.05 25.80
CA VAL A 4 -13.25 11.94 24.91
C VAL A 4 -13.14 10.64 25.71
N SER A 5 -13.57 9.55 25.10
CA SER A 5 -13.50 8.25 25.75
C SER A 5 -13.16 7.17 24.73
N GLY A 6 -11.87 6.95 24.54
CA GLY A 6 -11.42 5.93 23.61
C GLY A 6 -10.25 5.16 24.17
N CYS A 7 -10.51 3.95 24.64
CA CYS A 7 -9.47 3.10 25.18
C CYS A 7 -9.04 2.06 24.16
N GLN A 8 -7.79 1.63 24.24
CA GLN A 8 -7.26 0.64 23.30
C GLN A 8 -7.04 -0.69 24.02
N GLN A 9 -8.12 -1.27 24.53
CA GLN A 9 -8.05 -2.55 25.22
C GLN A 9 -8.46 -3.67 24.27
N GLN A 10 -8.63 -3.31 23.00
CA GLN A 10 -9.04 -4.26 21.98
C GLN A 10 -7.96 -5.31 21.72
N LYS A 11 -8.37 -6.44 21.17
CA LYS A 11 -7.44 -7.52 20.84
C LYS A 11 -6.96 -7.37 19.41
N GLU A 12 -7.27 -6.23 18.81
CA GLU A 12 -6.96 -5.98 17.41
C GLU A 12 -5.53 -5.50 17.21
N GLU A 13 -4.90 -6.05 16.18
CA GLU A 13 -3.58 -5.62 15.76
C GLU A 13 -3.72 -4.92 14.41
N THR A 14 -2.83 -3.96 14.16
CA THR A 14 -2.91 -3.18 12.95
C THR A 14 -1.55 -3.06 12.26
N PRO A 15 -1.39 -3.72 11.09
CA PRO A 15 -0.18 -3.62 10.28
C PRO A 15 -0.04 -2.22 9.68
N PHE A 16 1.10 -1.59 9.91
CA PHE A 16 1.30 -0.19 9.53
C PHE A 16 1.33 -0.02 8.01
N TYR A 17 1.58 -1.09 7.29
CA TYR A 17 1.68 -1.02 5.83
C TYR A 17 0.33 -1.25 5.17
N TYR A 18 -0.63 -1.73 5.94
CA TYR A 18 -1.90 -2.19 5.39
C TYR A 18 -2.80 -1.01 5.08
N GLY A 19 -3.40 -1.03 3.89
CA GLY A 19 -4.27 0.04 3.46
C GLY A 19 -3.94 0.53 2.06
N THR A 20 -4.28 1.76 1.76
CA THR A 20 -3.99 2.35 0.47
C THR A 20 -3.13 3.61 0.64
N TRP A 21 -2.06 3.69 -0.12
CA TRP A 21 -1.13 4.82 -0.01
C TRP A 21 -1.11 5.63 -1.30
N ASP A 22 -1.02 6.94 -1.16
CA ASP A 22 -1.03 7.86 -2.31
C ASP A 22 0.35 8.45 -2.59
N GLU A 23 0.75 8.44 -3.86
CA GLU A 23 1.98 9.08 -4.29
C GLU A 23 1.68 10.48 -4.80
N GLY A 24 1.35 11.37 -3.89
CA GLY A 24 0.99 12.73 -4.26
C GLY A 24 2.21 13.64 -4.41
N ARG A 25 3.25 13.11 -5.02
CA ARG A 25 4.48 13.86 -5.22
C ARG A 25 5.39 13.12 -6.20
N ALA A 26 6.15 13.90 -6.97
CA ALA A 26 7.06 13.37 -8.00
C ALA A 26 6.29 12.91 -9.24
N PRO A 27 6.88 13.09 -10.43
CA PRO A 27 6.25 12.73 -11.71
C PRO A 27 6.36 11.23 -12.01
N GLY A 28 5.50 10.77 -12.91
CA GLY A 28 5.47 9.37 -13.28
C GLY A 28 5.59 9.18 -14.78
N PRO A 29 5.07 8.05 -15.30
CA PRO A 29 5.00 7.75 -16.73
C PRO A 29 4.69 8.97 -17.59
N THR A 30 5.53 9.19 -18.60
CA THR A 30 5.45 10.35 -19.47
C THR A 30 4.15 10.37 -20.29
N ASP A 31 3.45 9.24 -20.30
CA ASP A 31 2.23 9.08 -21.08
C ASP A 31 1.10 9.97 -20.55
N GLY A 32 1.07 10.18 -19.25
CA GLY A 32 -0.01 10.97 -18.67
C GLY A 32 -0.34 10.55 -17.25
N VAL A 33 0.23 9.43 -16.82
CA VAL A 33 0.07 9.01 -15.43
C VAL A 33 1.08 9.78 -14.59
N LYS A 34 0.63 10.34 -13.49
CA LYS A 34 1.50 11.15 -12.66
C LYS A 34 2.10 10.32 -11.54
N SER A 35 1.38 9.27 -11.18
CA SER A 35 1.75 8.36 -10.08
C SER A 35 0.63 7.35 -9.90
N ALA A 36 0.80 6.47 -8.93
CA ALA A 36 -0.21 5.47 -8.65
C ALA A 36 -0.56 5.44 -7.18
N THR A 37 -1.64 4.75 -6.86
CA THR A 37 -2.01 4.50 -5.49
C THR A 37 -1.98 2.99 -5.26
N VAL A 38 -1.45 2.57 -4.13
CA VAL A 38 -1.28 1.15 -3.87
C VAL A 38 -2.19 0.67 -2.75
N THR A 39 -2.97 -0.34 -3.05
CA THR A 39 -3.84 -0.95 -2.07
C THR A 39 -3.29 -2.30 -1.66
N PHE A 40 -3.10 -2.49 -0.36
CA PHE A 40 -2.54 -3.73 0.15
C PHE A 40 -3.63 -4.64 0.67
N THR A 41 -3.73 -5.81 0.06
CA THR A 41 -4.64 -6.84 0.50
C THR A 41 -3.91 -7.73 1.50
N GLU A 42 -4.58 -8.74 2.04
CA GLU A 42 -4.00 -9.62 3.05
C GLU A 42 -2.60 -10.09 2.65
N ASP A 43 -2.43 -10.53 1.41
CA ASP A 43 -1.13 -10.95 0.90
C ASP A 43 -1.01 -10.66 -0.60
N GLU A 44 -1.77 -9.65 -1.05
CA GLU A 44 -1.81 -9.29 -2.46
C GLU A 44 -1.78 -7.78 -2.62
N VAL A 45 -1.40 -7.32 -3.80
CA VAL A 45 -1.32 -5.89 -4.09
C VAL A 45 -2.29 -5.52 -5.21
N VAL A 46 -3.09 -4.49 -4.97
CA VAL A 46 -3.94 -3.94 -6.02
C VAL A 46 -3.44 -2.55 -6.38
N GLU A 47 -3.15 -2.35 -7.66
CA GLU A 47 -2.66 -1.07 -8.12
C GLU A 47 -3.76 -0.26 -8.77
N THR A 48 -3.76 1.01 -8.45
CA THR A 48 -4.63 1.96 -9.09
C THR A 48 -3.78 3.09 -9.68
N GLU A 49 -3.82 3.24 -10.98
CA GLU A 49 -2.98 4.21 -11.66
C GLU A 49 -3.79 5.46 -11.96
N VAL A 50 -3.22 6.62 -11.66
CA VAL A 50 -3.94 7.88 -11.82
C VAL A 50 -3.60 8.54 -13.14
N MET A 51 -4.59 8.62 -14.02
CA MET A 51 -4.37 9.21 -15.33
C MET A 51 -5.50 10.18 -15.67
N GLU A 52 -5.14 11.29 -16.31
CA GLU A 52 -6.14 12.28 -16.71
C GLU A 52 -7.06 11.72 -17.79
N GLY A 53 -8.35 11.91 -17.60
CA GLY A 53 -9.33 11.39 -18.54
C GLY A 53 -9.80 10.00 -18.17
N ARG A 54 -9.06 9.35 -17.28
CA ARG A 54 -9.38 8.00 -16.85
C ARG A 54 -9.76 7.98 -15.39
N GLY A 55 -8.85 8.49 -14.57
CA GLY A 55 -9.03 8.45 -13.13
C GLY A 55 -8.12 7.41 -12.53
N GLU A 56 -8.59 6.72 -11.50
CA GLU A 56 -7.85 5.61 -10.94
C GLU A 56 -8.34 4.30 -11.51
N VAL A 57 -7.45 3.65 -12.23
CA VAL A 57 -7.76 2.38 -12.86
C VAL A 57 -7.13 1.23 -12.10
N GLN A 58 -7.94 0.23 -11.73
CA GLN A 58 -7.46 -0.89 -10.95
C GLN A 58 -6.84 -1.94 -11.85
N LEU A 59 -5.64 -2.38 -11.49
CA LEU A 59 -4.98 -3.46 -12.20
C LEU A 59 -5.28 -4.79 -11.52
N PRO A 60 -5.10 -5.91 -12.23
CA PRO A 60 -5.37 -7.24 -11.69
C PRO A 60 -4.50 -7.55 -10.49
N PHE A 61 -5.15 -7.84 -9.35
CA PHE A 61 -4.46 -8.08 -8.08
C PHE A 61 -3.27 -9.03 -8.24
N MET A 62 -2.13 -8.59 -7.72
CA MET A 62 -0.89 -9.35 -7.80
C MET A 62 -0.50 -9.87 -6.43
N ALA A 63 -0.21 -11.16 -6.35
CA ALA A 63 0.17 -11.77 -5.08
C ALA A 63 1.64 -11.53 -4.80
N TYR A 64 1.98 -11.42 -3.52
CA TYR A 64 3.37 -11.25 -3.12
C TYR A 64 3.62 -11.99 -1.81
N LYS A 65 4.89 -12.18 -1.49
CA LYS A 65 5.26 -12.84 -0.25
C LYS A 65 6.17 -11.93 0.57
N VAL A 66 6.17 -12.17 1.86
CA VAL A 66 6.98 -11.40 2.77
C VAL A 66 8.21 -12.21 3.16
N ILE A 67 9.37 -11.74 2.73
CA ILE A 67 10.63 -12.42 3.00
C ILE A 67 11.01 -12.23 4.46
N SER A 68 11.01 -10.97 4.87
CA SER A 68 11.35 -10.63 6.24
C SER A 68 10.42 -9.54 6.73
N GLN A 69 10.10 -9.57 8.01
CA GLN A 69 9.20 -8.57 8.59
C GLN A 69 9.55 -8.32 10.04
N SER A 70 9.54 -7.06 10.40
CA SER A 70 9.67 -6.65 11.78
C SER A 70 8.32 -6.16 12.27
N THR A 71 8.04 -6.34 13.55
CA THR A 71 6.84 -5.78 14.14
C THR A 71 6.88 -4.26 14.02
N ASP A 72 8.09 -3.72 14.10
CA ASP A 72 8.32 -2.30 13.91
C ASP A 72 9.76 -2.03 13.50
N GLY A 73 9.99 -2.01 12.20
CA GLY A 73 11.28 -1.66 11.67
C GLY A 73 11.24 -1.50 10.17
N SER A 74 11.57 -2.56 9.45
CA SER A 74 11.44 -2.58 8.02
C SER A 74 10.84 -3.91 7.57
N ILE A 75 10.25 -3.91 6.39
CA ILE A 75 9.68 -5.12 5.83
C ILE A 75 10.30 -5.42 4.49
N GLU A 76 10.69 -6.66 4.28
CA GLU A 76 11.24 -7.09 3.01
C GLU A 76 10.25 -8.00 2.32
N ILE A 77 9.80 -7.59 1.16
CA ILE A 77 8.77 -8.30 0.44
C ILE A 77 9.21 -8.61 -0.97
N GLN A 78 8.58 -9.60 -1.56
CA GLN A 78 8.90 -10.02 -2.91
C GLN A 78 7.62 -10.26 -3.69
N TYR A 79 7.51 -9.63 -4.86
CA TYR A 79 6.30 -9.74 -5.66
C TYR A 79 6.35 -10.98 -6.52
N LEU A 80 5.29 -11.76 -6.46
CA LEU A 80 5.27 -13.03 -7.18
C LEU A 80 4.78 -12.83 -8.62
N GLY A 81 5.05 -13.80 -9.46
CA GLY A 81 4.76 -13.63 -10.87
C GLY A 81 6.04 -13.53 -11.68
N PRO A 82 6.00 -12.83 -12.83
CA PRO A 82 7.18 -12.67 -13.69
C PRO A 82 8.30 -11.90 -12.99
N TYR A 83 7.96 -11.19 -11.93
CA TYR A 83 8.91 -10.33 -11.23
C TYR A 83 9.23 -10.90 -9.85
N TYR A 84 9.20 -12.23 -9.72
CA TYR A 84 9.28 -12.84 -8.42
C TYR A 84 10.71 -13.16 -7.96
N PRO A 85 11.78 -12.89 -8.74
CA PRO A 85 13.11 -12.94 -8.17
C PRO A 85 13.57 -11.57 -7.65
N LEU A 86 12.75 -10.55 -7.86
CA LEU A 86 13.10 -9.19 -7.47
C LEU A 86 12.29 -8.77 -6.24
N LYS A 87 12.95 -8.17 -5.25
CA LYS A 87 12.30 -7.85 -3.99
C LYS A 87 12.18 -6.34 -3.77
N SER A 88 11.49 -5.98 -2.70
CA SER A 88 11.26 -4.58 -2.33
C SER A 88 11.29 -4.43 -0.81
N THR A 89 11.39 -3.20 -0.33
CA THR A 89 11.48 -2.96 1.10
C THR A 89 10.54 -1.83 1.53
N LEU A 90 9.96 -1.99 2.70
CA LEU A 90 9.03 -1.02 3.26
C LEU A 90 9.54 -0.55 4.62
N LYS A 91 9.49 0.76 4.85
CA LYS A 91 9.89 1.33 6.13
C LYS A 91 8.85 2.31 6.64
N ARG A 92 8.90 2.62 7.91
CA ARG A 92 7.95 3.53 8.52
C ARG A 92 8.39 4.98 8.33
N GLY A 93 7.42 5.86 8.15
CA GLY A 93 7.71 7.27 8.02
C GLY A 93 7.59 7.97 9.35
N GLU A 94 8.33 9.04 9.51
CA GLU A 94 8.39 9.77 10.76
C GLU A 94 7.11 10.56 11.04
N ASN A 95 6.26 10.66 10.03
CA ASN A 95 4.98 11.36 10.19
C ASN A 95 3.87 10.63 9.44
N GLY A 96 3.40 9.53 10.01
CA GLY A 96 2.28 8.77 9.45
C GLY A 96 2.42 8.50 7.96
N THR A 97 3.59 8.03 7.55
CA THR A 97 3.88 7.83 6.14
C THR A 97 4.56 6.48 5.91
N LEU A 98 4.70 6.08 4.66
CA LEU A 98 5.34 4.81 4.33
C LEU A 98 6.49 5.05 3.37
N ILE A 99 7.61 4.41 3.64
CA ILE A 99 8.78 4.49 2.78
C ILE A 99 8.90 3.23 1.95
N TRP A 100 8.81 3.38 0.64
CA TRP A 100 8.85 2.26 -0.28
C TRP A 100 10.15 2.26 -1.06
N GLU A 101 10.99 1.26 -0.83
CA GLU A 101 12.25 1.15 -1.53
C GLU A 101 12.23 0.00 -2.52
N GLN A 102 12.72 0.28 -3.70
CA GLN A 102 12.78 -0.72 -4.76
C GLN A 102 13.96 -0.44 -5.68
N ASN A 103 14.89 -1.41 -5.75
CA ASN A 103 16.06 -1.35 -6.63
C ASN A 103 17.03 -0.26 -6.21
N GLY A 104 16.62 0.97 -6.35
CA GLY A 104 17.48 2.09 -6.04
C GLY A 104 16.75 3.39 -5.82
N GLN A 105 15.42 3.38 -5.89
CA GLN A 105 14.64 4.59 -5.67
C GLN A 105 13.81 4.46 -4.40
N ARG A 106 13.82 5.51 -3.61
CA ARG A 106 13.04 5.55 -2.38
C ARG A 106 11.78 6.38 -2.58
N LYS A 107 10.63 5.75 -2.47
CA LYS A 107 9.36 6.46 -2.59
C LYS A 107 8.83 6.84 -1.21
N THR A 108 8.34 8.06 -1.12
CA THR A 108 7.66 8.51 0.09
C THR A 108 6.18 8.65 -0.21
N MET A 109 5.38 7.82 0.43
CA MET A 109 3.95 7.78 0.13
C MET A 109 3.15 8.32 1.30
N THR A 110 2.06 9.01 1.00
CA THR A 110 1.23 9.61 2.01
C THR A 110 0.08 8.67 2.38
N ARG A 111 -0.41 8.81 3.61
CA ARG A 111 -1.48 7.95 4.08
C ARG A 111 -2.83 8.59 3.77
N ILE A 112 -3.78 7.77 3.42
CA ILE A 112 -5.12 8.24 3.13
C ILE A 112 -5.98 8.18 4.38
N GLU A 113 -6.93 9.08 4.48
CA GLU A 113 -7.82 9.13 5.62
C GLU A 113 -9.08 8.35 5.31
N SER A 114 -9.10 7.10 5.72
CA SER A 114 -10.22 6.23 5.47
C SER A 114 -10.43 5.26 6.62
N LYS A 115 -11.56 5.39 7.29
CA LYS A 115 -11.92 4.50 8.39
C LYS A 115 -12.61 3.25 7.87
N THR A 116 -12.33 2.92 6.62
CA THR A 116 -12.93 1.79 5.95
C THR A 116 -11.93 0.63 5.85
N GLY A 117 -12.44 -0.59 5.92
CA GLY A 117 -11.61 -1.76 5.80
C GLY A 117 -12.45 -2.99 5.55
N ARG A 118 -11.80 -4.12 5.22
CA ARG A 118 -12.52 -5.36 4.95
C ARG A 118 -13.39 -5.21 3.70
N GLU A 119 -13.05 -4.21 2.90
CA GLU A 119 -13.80 -3.91 1.68
C GLU A 119 -13.21 -4.66 0.49
N GLU A 120 -13.90 -5.70 0.06
CA GLU A 120 -13.46 -6.46 -1.10
C GLU A 120 -13.90 -5.74 -2.37
N LYS A 121 -13.01 -5.66 -3.34
CA LYS A 121 -13.30 -5.00 -4.58
C LYS A 121 -12.54 -5.65 -5.71
N ASP A 122 -13.20 -6.58 -6.37
CA ASP A 122 -12.59 -7.34 -7.45
C ASP A 122 -12.89 -6.71 -8.79
N GLU A 123 -11.82 -6.41 -9.50
CA GLU A 123 -11.92 -5.88 -10.85
C GLU A 123 -10.73 -6.40 -11.63
N LYS A 124 -10.83 -7.63 -12.09
CA LYS A 124 -9.75 -8.27 -12.80
C LYS A 124 -9.63 -7.73 -14.23
N SER A 125 -8.93 -6.61 -14.36
CA SER A 125 -8.65 -6.05 -15.66
C SER A 125 -7.50 -6.81 -16.31
N LYS A 126 -7.16 -6.46 -17.53
CA LYS A 126 -6.10 -7.15 -18.23
C LYS A 126 -5.20 -6.14 -18.94
N SER A 127 -4.97 -5.02 -18.28
CA SER A 127 -4.09 -4.00 -18.81
C SER A 127 -2.66 -4.29 -18.36
N LEU A 128 -1.80 -4.60 -19.33
CA LEU A 128 -0.39 -4.83 -19.06
C LEU A 128 0.43 -3.69 -19.63
N GLU A 129 -0.18 -2.51 -19.63
CA GLU A 129 0.43 -1.34 -20.23
C GLU A 129 1.45 -0.71 -19.29
N HIS A 130 2.70 -0.71 -19.72
CA HIS A 130 3.78 -0.12 -18.96
C HIS A 130 4.86 0.40 -19.89
N HIS A 131 5.42 1.56 -19.57
CA HIS A 131 6.45 2.16 -20.41
C HIS A 131 7.64 2.61 -19.54
N HIS A 132 8.76 2.87 -20.20
CA HIS A 132 9.97 3.31 -19.51
C HIS A 132 10.08 4.83 -19.47
N HIS A 133 10.52 5.35 -18.33
CA HIS A 133 10.80 6.76 -18.16
C HIS A 133 12.15 6.94 -17.50
N HIS A 134 13.11 7.46 -18.25
CA HIS A 134 14.45 7.66 -17.73
C HIS A 134 14.50 8.86 -16.80
N HIS A 135 15.57 8.97 -16.03
CA HIS A 135 15.73 10.07 -15.11
C HIS A 135 17.07 10.76 -15.35
N MET A 1 2.05 27.63 21.14
CA MET A 1 1.65 27.21 19.78
C MET A 1 1.04 25.82 19.81
N ILE A 2 -0.24 25.72 19.52
CA ILE A 2 -0.95 24.46 19.64
C ILE A 2 -0.76 23.57 18.40
N MET A 3 -0.02 22.49 18.60
CA MET A 3 0.09 21.43 17.62
C MET A 3 -0.08 20.08 18.31
N VAL A 4 0.68 19.92 19.39
CA VAL A 4 0.62 18.73 20.23
C VAL A 4 0.79 17.47 19.38
N SER A 5 1.92 17.39 18.69
CA SER A 5 2.24 16.23 17.89
C SER A 5 2.88 15.15 18.76
N GLY A 6 2.06 14.54 19.61
CA GLY A 6 2.55 13.51 20.50
C GLY A 6 2.94 12.26 19.75
N CYS A 7 4.19 11.84 19.93
CA CYS A 7 4.71 10.65 19.27
C CYS A 7 3.91 9.42 19.69
N GLN A 8 3.82 9.21 21.01
CA GLN A 8 3.05 8.12 21.59
C GLN A 8 3.70 6.76 21.33
N GLN A 9 3.80 5.96 22.37
CA GLN A 9 4.33 4.61 22.26
C GLN A 9 3.86 3.77 23.44
N GLN A 10 2.80 3.02 23.23
CA GLN A 10 2.31 2.11 24.23
C GLN A 10 2.68 0.69 23.82
N LYS A 11 2.09 0.25 22.71
CA LYS A 11 2.44 -1.03 22.07
C LYS A 11 2.08 -0.98 20.59
N GLU A 12 3.12 -0.93 19.77
CA GLU A 12 3.01 -0.62 18.34
C GLU A 12 2.47 -1.80 17.51
N GLU A 13 1.65 -2.66 18.11
CA GLU A 13 1.05 -3.75 17.39
C GLU A 13 -0.05 -3.23 16.46
N THR A 14 0.30 -3.05 15.22
CA THR A 14 -0.62 -2.61 14.20
C THR A 14 0.00 -2.78 12.81
N PRO A 15 -0.78 -3.25 11.83
CA PRO A 15 -0.32 -3.36 10.45
C PRO A 15 -0.27 -1.99 9.77
N PHE A 16 0.84 -1.29 9.98
CA PHE A 16 1.01 0.07 9.45
C PHE A 16 1.03 0.09 7.93
N TYR A 17 1.40 -1.04 7.33
CA TYR A 17 1.56 -1.11 5.88
C TYR A 17 0.20 -1.34 5.20
N TYR A 18 -0.77 -1.83 5.96
CA TYR A 18 -2.04 -2.24 5.39
C TYR A 18 -2.93 -1.04 5.14
N GLY A 19 -3.61 -1.05 4.01
CA GLY A 19 -4.50 0.03 3.66
C GLY A 19 -4.27 0.52 2.25
N THR A 20 -4.60 1.80 2.02
CA THR A 20 -4.44 2.41 0.71
C THR A 20 -3.48 3.59 0.80
N TRP A 21 -2.47 3.62 -0.06
CA TRP A 21 -1.50 4.69 -0.05
C TRP A 21 -1.45 5.38 -1.41
N ASP A 22 -1.33 6.70 -1.40
CA ASP A 22 -1.09 7.45 -2.63
C ASP A 22 0.34 7.96 -2.61
N GLU A 23 1.04 7.83 -3.73
CA GLU A 23 2.43 8.28 -3.81
C GLU A 23 2.54 9.74 -3.37
N GLY A 24 1.63 10.57 -3.89
CA GLY A 24 1.64 11.99 -3.56
C GLY A 24 2.96 12.66 -3.87
N ARG A 25 3.74 12.04 -4.75
CA ARG A 25 5.07 12.49 -5.09
C ARG A 25 5.56 11.69 -6.29
N ALA A 26 6.42 12.31 -7.11
CA ALA A 26 6.92 11.71 -8.35
C ALA A 26 5.81 11.58 -9.40
N PRO A 27 6.16 11.75 -10.68
CA PRO A 27 5.21 11.64 -11.79
C PRO A 27 4.89 10.19 -12.15
N GLY A 28 3.69 9.96 -12.66
CA GLY A 28 3.27 8.63 -13.03
C GLY A 28 3.31 8.40 -14.53
N PRO A 29 2.69 7.29 -14.99
CA PRO A 29 2.58 6.94 -16.42
C PRO A 29 2.19 8.11 -17.32
N THR A 30 2.65 8.04 -18.57
CA THR A 30 2.48 9.13 -19.53
C THR A 30 1.02 9.25 -20.01
N ASP A 31 0.20 8.27 -19.63
CA ASP A 31 -1.21 8.26 -20.00
C ASP A 31 -1.96 9.43 -19.37
N GLY A 32 -1.31 10.09 -18.42
CA GLY A 32 -1.91 11.23 -17.75
C GLY A 32 -2.10 10.97 -16.28
N VAL A 33 -1.11 10.36 -15.65
CA VAL A 33 -1.19 10.01 -14.25
C VAL A 33 -0.34 10.96 -13.41
N LYS A 34 -0.90 11.46 -12.33
CA LYS A 34 -0.19 12.39 -11.46
C LYS A 34 0.60 11.61 -10.41
N SER A 35 0.08 10.44 -10.06
CA SER A 35 0.67 9.55 -9.08
C SER A 35 -0.16 8.30 -9.01
N ALA A 36 0.30 7.32 -8.25
CA ALA A 36 -0.40 6.06 -8.16
C ALA A 36 -0.82 5.77 -6.73
N THR A 37 -1.81 4.92 -6.62
CA THR A 37 -2.31 4.50 -5.34
C THR A 37 -2.11 3.01 -5.18
N VAL A 38 -1.54 2.61 -4.07
CA VAL A 38 -1.24 1.22 -3.85
C VAL A 38 -2.11 0.68 -2.71
N THR A 39 -2.76 -0.43 -2.97
CA THR A 39 -3.63 -1.04 -1.98
C THR A 39 -3.07 -2.38 -1.54
N PHE A 40 -2.98 -2.59 -0.25
CA PHE A 40 -2.48 -3.83 0.29
C PHE A 40 -3.63 -4.70 0.74
N THR A 41 -3.77 -5.84 0.08
CA THR A 41 -4.85 -6.77 0.35
C THR A 41 -4.32 -7.97 1.15
N GLU A 42 -5.20 -8.93 1.44
CA GLU A 42 -4.87 -10.10 2.26
C GLU A 42 -3.56 -10.78 1.81
N ASP A 43 -3.44 -11.07 0.52
CA ASP A 43 -2.25 -11.74 0.00
C ASP A 43 -1.80 -11.14 -1.32
N GLU A 44 -2.38 -10.00 -1.69
CA GLU A 44 -2.07 -9.37 -2.97
C GLU A 44 -1.94 -7.86 -2.84
N VAL A 45 -1.09 -7.27 -3.68
CA VAL A 45 -0.92 -5.83 -3.74
C VAL A 45 -1.45 -5.30 -5.07
N VAL A 46 -2.37 -4.35 -5.01
CA VAL A 46 -2.94 -3.77 -6.21
C VAL A 46 -2.42 -2.35 -6.40
N GLU A 47 -1.84 -2.09 -7.56
CA GLU A 47 -1.42 -0.75 -7.90
C GLU A 47 -2.49 -0.09 -8.76
N THR A 48 -2.81 1.14 -8.43
CA THR A 48 -3.87 1.86 -9.12
C THR A 48 -3.34 3.19 -9.66
N GLU A 49 -3.69 3.51 -10.88
CA GLU A 49 -3.19 4.72 -11.52
C GLU A 49 -4.27 5.80 -11.47
N VAL A 50 -3.91 6.98 -10.97
CA VAL A 50 -4.87 8.07 -10.84
C VAL A 50 -4.77 9.01 -12.03
N MET A 51 -5.83 9.02 -12.82
CA MET A 51 -5.88 9.85 -14.00
C MET A 51 -7.05 10.83 -13.90
N GLU A 52 -6.75 12.10 -13.67
CA GLU A 52 -7.79 13.11 -13.54
C GLU A 52 -8.59 13.22 -14.84
N GLY A 53 -9.88 12.90 -14.74
CA GLY A 53 -10.73 12.86 -15.90
C GLY A 53 -11.30 11.47 -16.08
N ARG A 54 -10.50 10.48 -15.75
CA ARG A 54 -10.91 9.09 -15.80
C ARG A 54 -11.29 8.63 -14.40
N GLY A 55 -10.30 8.66 -13.52
CA GLY A 55 -10.44 8.18 -12.17
C GLY A 55 -9.27 7.29 -11.81
N GLU A 56 -9.39 6.52 -10.74
CA GLU A 56 -8.41 5.52 -10.43
C GLU A 56 -8.64 4.28 -11.27
N VAL A 57 -7.59 3.85 -11.94
CA VAL A 57 -7.64 2.67 -12.77
C VAL A 57 -6.80 1.57 -12.14
N GLN A 58 -7.43 0.44 -11.87
CA GLN A 58 -6.77 -0.67 -11.20
C GLN A 58 -5.92 -1.49 -12.18
N LEU A 59 -4.68 -1.74 -11.81
CA LEU A 59 -3.81 -2.60 -12.58
C LEU A 59 -3.91 -4.03 -12.07
N PRO A 60 -3.45 -5.01 -12.87
CA PRO A 60 -3.44 -6.42 -12.45
C PRO A 60 -2.81 -6.61 -11.08
N PHE A 61 -3.56 -7.25 -10.19
CA PHE A 61 -3.11 -7.48 -8.83
C PHE A 61 -1.83 -8.30 -8.80
N MET A 62 -0.90 -7.90 -7.94
CA MET A 62 0.37 -8.58 -7.80
C MET A 62 0.41 -9.34 -6.48
N ALA A 63 0.62 -10.64 -6.55
CA ALA A 63 0.76 -11.45 -5.35
C ALA A 63 2.12 -11.19 -4.73
N TYR A 64 2.20 -11.26 -3.41
CA TYR A 64 3.46 -11.00 -2.74
C TYR A 64 3.59 -11.86 -1.51
N LYS A 65 4.81 -12.17 -1.14
CA LYS A 65 5.06 -12.88 0.10
C LYS A 65 6.02 -12.07 0.96
N VAL A 66 6.00 -12.34 2.25
CA VAL A 66 6.78 -11.59 3.20
C VAL A 66 8.08 -12.33 3.49
N ILE A 67 9.18 -11.74 3.08
CA ILE A 67 10.50 -12.31 3.31
C ILE A 67 10.89 -12.05 4.75
N SER A 68 10.84 -10.78 5.13
CA SER A 68 11.15 -10.37 6.48
C SER A 68 10.07 -9.42 6.94
N GLN A 69 9.83 -9.38 8.24
CA GLN A 69 8.78 -8.53 8.77
C GLN A 69 9.18 -7.93 10.11
N SER A 70 8.98 -6.64 10.21
CA SER A 70 9.26 -5.93 11.44
C SER A 70 8.42 -4.66 11.50
N THR A 71 7.46 -4.64 12.43
CA THR A 71 6.66 -3.47 12.68
C THR A 71 7.50 -2.38 13.33
N ASP A 72 8.71 -2.78 13.75
CA ASP A 72 9.65 -1.87 14.37
C ASP A 72 10.27 -0.92 13.35
N GLY A 73 10.87 -1.49 12.32
CA GLY A 73 11.63 -0.68 11.40
C GLY A 73 11.23 -0.84 9.96
N SER A 74 11.10 -2.08 9.50
CA SER A 74 10.94 -2.32 8.07
C SER A 74 10.36 -3.69 7.76
N ILE A 75 9.73 -3.78 6.60
CA ILE A 75 9.15 -5.02 6.10
C ILE A 75 9.70 -5.30 4.70
N GLU A 76 10.05 -6.55 4.45
CA GLU A 76 10.61 -6.94 3.15
C GLU A 76 9.69 -7.94 2.46
N ILE A 77 9.30 -7.61 1.24
CA ILE A 77 8.33 -8.41 0.51
C ILE A 77 8.82 -8.73 -0.90
N GLN A 78 8.27 -9.79 -1.48
CA GLN A 78 8.67 -10.23 -2.81
C GLN A 78 7.43 -10.49 -3.66
N TYR A 79 7.46 -10.02 -4.90
CA TYR A 79 6.25 -9.98 -5.74
C TYR A 79 5.95 -11.31 -6.43
N LEU A 80 6.75 -12.30 -6.13
CA LEU A 80 6.58 -13.65 -6.71
C LEU A 80 6.51 -13.59 -8.25
N GLY A 81 6.01 -14.67 -8.86
CA GLY A 81 5.82 -14.68 -10.30
C GLY A 81 7.13 -14.50 -11.04
N PRO A 82 7.09 -13.94 -12.24
CA PRO A 82 8.30 -13.61 -13.00
C PRO A 82 9.09 -12.48 -12.34
N TYR A 83 8.48 -11.87 -11.32
CA TYR A 83 9.08 -10.78 -10.58
C TYR A 83 9.75 -11.29 -9.31
N TYR A 84 9.96 -12.61 -9.24
CA TYR A 84 10.60 -13.21 -8.09
C TYR A 84 12.07 -12.74 -8.01
N PRO A 85 12.82 -13.17 -6.98
CA PRO A 85 13.82 -12.40 -6.26
C PRO A 85 13.95 -10.86 -6.47
N LEU A 86 13.15 -10.27 -7.35
CA LEU A 86 13.01 -8.83 -7.35
C LEU A 86 12.09 -8.44 -6.21
N LYS A 87 12.67 -7.92 -5.13
CA LYS A 87 11.93 -7.69 -3.91
C LYS A 87 11.60 -6.21 -3.73
N SER A 88 10.79 -5.94 -2.72
CA SER A 88 10.42 -4.58 -2.37
C SER A 88 10.58 -4.41 -0.86
N THR A 89 10.91 -3.19 -0.45
CA THR A 89 11.16 -2.90 0.95
C THR A 89 10.26 -1.76 1.42
N LEU A 90 9.82 -1.86 2.65
CA LEU A 90 8.95 -0.86 3.23
C LEU A 90 9.51 -0.38 4.57
N LYS A 91 9.73 0.91 4.70
CA LYS A 91 10.17 1.50 5.97
C LYS A 91 9.20 2.58 6.42
N ARG A 92 9.23 2.91 7.70
CA ARG A 92 8.31 3.87 8.26
C ARG A 92 8.76 5.30 7.98
N GLY A 93 7.79 6.18 7.75
CA GLY A 93 8.10 7.57 7.46
C GLY A 93 7.96 8.46 8.68
N GLU A 94 8.14 9.75 8.46
CA GLU A 94 8.21 10.72 9.54
C GLU A 94 6.84 11.30 9.88
N ASN A 95 5.98 11.38 8.88
CA ASN A 95 4.63 11.91 9.07
C ASN A 95 3.61 10.77 9.13
N GLY A 96 4.06 9.60 9.53
CA GLY A 96 3.20 8.44 9.48
C GLY A 96 3.03 7.97 8.07
N THR A 97 4.10 8.05 7.31
CA THR A 97 4.11 7.70 5.91
C THR A 97 4.82 6.37 5.71
N LEU A 98 4.81 5.86 4.50
CA LEU A 98 5.48 4.61 4.21
C LEU A 98 6.51 4.82 3.11
N ILE A 99 7.69 4.29 3.31
CA ILE A 99 8.76 4.39 2.33
C ILE A 99 8.78 3.11 1.51
N TRP A 100 8.40 3.25 0.26
CA TRP A 100 8.29 2.11 -0.64
C TRP A 100 9.53 2.01 -1.51
N GLU A 101 10.30 0.97 -1.30
CA GLU A 101 11.51 0.74 -2.07
C GLU A 101 11.32 -0.46 -2.97
N GLN A 102 11.68 -0.29 -4.22
CA GLN A 102 11.52 -1.35 -5.20
C GLN A 102 12.55 -1.21 -6.29
N ASN A 103 13.41 -2.22 -6.43
CA ASN A 103 14.21 -2.37 -7.65
C ASN A 103 15.18 -1.19 -7.82
N GLY A 104 15.51 -0.55 -6.70
CA GLY A 104 16.42 0.57 -6.74
C GLY A 104 15.74 1.89 -6.50
N GLN A 105 14.43 1.94 -6.64
CA GLN A 105 13.72 3.21 -6.46
C GLN A 105 13.23 3.37 -5.02
N ARG A 106 13.48 4.55 -4.48
CA ARG A 106 12.96 4.94 -3.18
C ARG A 106 11.78 5.90 -3.36
N LYS A 107 10.59 5.50 -2.94
CA LYS A 107 9.44 6.39 -2.98
C LYS A 107 8.74 6.49 -1.64
N THR A 108 8.72 7.69 -1.07
CA THR A 108 8.01 7.91 0.17
C THR A 108 6.60 8.39 -0.13
N MET A 109 5.61 7.57 0.20
CA MET A 109 4.24 7.84 -0.17
C MET A 109 3.40 8.15 1.06
N THR A 110 2.27 8.81 0.84
CA THR A 110 1.40 9.22 1.92
C THR A 110 0.18 8.32 2.00
N ARG A 111 -0.40 8.22 3.19
CA ARG A 111 -1.54 7.34 3.39
C ARG A 111 -2.82 8.10 3.08
N ILE A 112 -3.88 7.35 2.85
CA ILE A 112 -5.18 7.93 2.64
C ILE A 112 -5.94 7.93 3.96
N GLU A 113 -6.85 8.87 4.12
CA GLU A 113 -7.61 8.98 5.35
C GLU A 113 -8.65 7.87 5.40
N SER A 114 -8.37 6.87 6.23
CA SER A 114 -9.24 5.73 6.39
C SER A 114 -9.29 5.27 7.84
N LYS A 115 -10.50 5.06 8.34
CA LYS A 115 -10.71 4.47 9.66
C LYS A 115 -11.77 3.39 9.56
N THR A 116 -11.38 2.26 8.98
CA THR A 116 -12.31 1.15 8.78
C THR A 116 -11.54 -0.15 8.72
N GLY A 117 -11.96 -1.12 9.53
CA GLY A 117 -11.31 -2.41 9.56
C GLY A 117 -11.74 -3.21 10.77
N ARG A 118 -12.99 -3.63 10.77
CA ARG A 118 -13.55 -4.38 11.89
C ARG A 118 -13.92 -5.79 11.43
N GLU A 119 -13.20 -6.28 10.43
CA GLU A 119 -13.44 -7.61 9.88
C GLU A 119 -12.83 -8.65 10.80
N GLU A 120 -13.68 -9.31 11.58
CA GLU A 120 -13.26 -10.36 12.49
C GLU A 120 -13.89 -11.69 12.07
N LYS A 121 -13.07 -12.71 11.90
CA LYS A 121 -13.54 -13.97 11.36
C LYS A 121 -13.21 -15.15 12.27
N ASP A 122 -13.91 -16.25 12.04
CA ASP A 122 -13.67 -17.47 12.79
C ASP A 122 -12.59 -18.29 12.11
N GLU A 123 -11.81 -18.99 12.90
CA GLU A 123 -10.72 -19.80 12.37
C GLU A 123 -10.69 -21.15 13.08
N LYS A 124 -10.32 -22.19 12.34
CA LYS A 124 -10.10 -23.49 12.93
C LYS A 124 -8.63 -23.86 12.82
N SER A 125 -7.86 -23.46 13.81
CA SER A 125 -6.44 -23.72 13.81
C SER A 125 -6.15 -25.02 14.56
N LYS A 126 -6.01 -26.11 13.81
CA LYS A 126 -5.79 -27.40 14.41
C LYS A 126 -4.33 -27.59 14.75
N SER A 127 -4.06 -27.98 15.98
CA SER A 127 -2.70 -28.17 16.43
C SER A 127 -2.64 -29.20 17.55
N LEU A 128 -2.01 -30.32 17.26
CA LEU A 128 -1.73 -31.34 18.25
C LEU A 128 -0.26 -31.25 18.62
N GLU A 129 0.03 -30.57 19.72
CA GLU A 129 1.39 -30.20 20.04
C GLU A 129 1.72 -30.40 21.51
N HIS A 130 3.00 -30.23 21.83
CA HIS A 130 3.49 -30.21 23.21
C HIS A 130 3.39 -31.58 23.87
N HIS A 131 4.48 -32.33 23.86
CA HIS A 131 4.55 -33.58 24.61
C HIS A 131 5.14 -33.31 25.99
N HIS A 132 4.46 -33.78 27.03
CA HIS A 132 4.90 -33.49 28.38
C HIS A 132 5.29 -34.77 29.12
N HIS A 133 6.44 -34.74 29.77
CA HIS A 133 6.89 -35.87 30.58
C HIS A 133 7.13 -35.39 32.01
N HIS A 134 6.18 -35.66 32.88
CA HIS A 134 6.22 -35.18 34.25
C HIS A 134 6.79 -36.25 35.18
N HIS A 135 7.58 -35.85 36.15
CA HIS A 135 8.13 -36.78 37.13
C HIS A 135 7.10 -37.11 38.19
N MET A 1 23.22 -0.51 30.54
CA MET A 1 22.87 -1.90 30.95
C MET A 1 22.79 -2.81 29.72
N ILE A 2 21.86 -2.48 28.81
CA ILE A 2 21.58 -3.32 27.64
C ILE A 2 21.02 -4.67 28.07
N MET A 3 19.71 -4.73 28.20
CA MET A 3 19.02 -5.95 28.61
C MET A 3 18.68 -6.82 27.40
N VAL A 4 18.78 -6.22 26.21
CA VAL A 4 18.37 -6.87 24.98
C VAL A 4 16.87 -7.15 25.05
N SER A 5 16.10 -6.08 24.95
CA SER A 5 14.66 -6.15 25.19
C SER A 5 13.90 -6.69 23.99
N GLY A 6 13.45 -7.93 24.11
CA GLY A 6 12.56 -8.51 23.14
C GLY A 6 11.20 -8.74 23.74
N CYS A 7 10.16 -8.68 22.93
CA CYS A 7 8.81 -8.82 23.46
C CYS A 7 8.00 -9.82 22.65
N GLN A 8 7.51 -10.84 23.34
CA GLN A 8 6.59 -11.80 22.74
C GLN A 8 5.21 -11.58 23.31
N GLN A 9 4.29 -12.52 23.08
CA GLN A 9 2.89 -12.33 23.43
C GLN A 9 2.37 -11.06 22.77
N GLN A 10 2.64 -10.97 21.47
CA GLN A 10 2.33 -9.80 20.68
C GLN A 10 0.87 -9.40 20.80
N LYS A 11 0.64 -8.27 21.44
CA LYS A 11 -0.71 -7.71 21.55
C LYS A 11 -1.11 -7.14 20.20
N GLU A 12 -2.30 -7.52 19.73
CA GLU A 12 -2.74 -7.22 18.38
C GLU A 12 -2.82 -5.71 18.12
N GLU A 13 -2.18 -5.27 17.05
CA GLU A 13 -2.19 -3.88 16.66
C GLU A 13 -2.37 -3.76 15.14
N THR A 14 -2.76 -2.60 14.67
CA THR A 14 -3.00 -2.38 13.26
C THR A 14 -1.70 -2.35 12.46
N PRO A 15 -1.59 -3.21 11.42
CA PRO A 15 -0.42 -3.24 10.54
C PRO A 15 -0.18 -1.89 9.86
N PHE A 16 0.99 -1.33 10.06
CA PHE A 16 1.30 0.03 9.61
C PHE A 16 1.35 0.16 8.09
N TYR A 17 1.43 -0.97 7.39
CA TYR A 17 1.55 -0.94 5.94
C TYR A 17 0.20 -1.17 5.27
N TYR A 18 -0.80 -1.54 6.05
CA TYR A 18 -2.07 -1.97 5.50
C TYR A 18 -2.95 -0.78 5.14
N GLY A 19 -3.63 -0.89 4.01
CA GLY A 19 -4.53 0.17 3.59
C GLY A 19 -4.15 0.74 2.23
N THR A 20 -4.45 2.01 2.03
CA THR A 20 -4.18 2.67 0.76
C THR A 20 -3.22 3.83 0.97
N TRP A 21 -2.22 3.93 0.10
CA TRP A 21 -1.20 4.97 0.21
C TRP A 21 -1.09 5.73 -1.11
N ASP A 22 -0.88 7.03 -1.00
CA ASP A 22 -0.69 7.89 -2.16
C ASP A 22 0.79 8.10 -2.44
N GLU A 23 1.23 7.71 -3.63
CA GLU A 23 2.62 7.94 -3.99
C GLU A 23 2.73 9.17 -4.85
N GLY A 24 2.70 10.31 -4.19
CA GLY A 24 2.84 11.59 -4.86
C GLY A 24 4.23 11.81 -5.41
N ARG A 25 5.16 10.93 -5.08
CA ARG A 25 6.50 11.00 -5.60
C ARG A 25 6.62 9.98 -6.72
N ALA A 26 7.33 10.38 -7.77
CA ALA A 26 7.43 9.60 -9.02
C ALA A 26 6.06 9.49 -9.71
N PRO A 27 6.06 9.51 -11.05
CA PRO A 27 4.84 9.35 -11.83
C PRO A 27 4.60 7.90 -12.24
N GLY A 28 3.44 7.63 -12.81
CA GLY A 28 3.15 6.30 -13.31
C GLY A 28 3.72 6.10 -14.71
N PRO A 29 3.14 5.18 -15.50
CA PRO A 29 3.58 4.95 -16.88
C PRO A 29 3.53 6.20 -17.73
N THR A 30 4.21 6.14 -18.86
CA THR A 30 4.31 7.26 -19.78
C THR A 30 3.01 7.47 -20.56
N ASP A 31 2.00 6.66 -20.26
CA ASP A 31 0.71 6.75 -20.94
C ASP A 31 0.05 8.09 -20.65
N GLY A 32 0.11 8.51 -19.39
CA GLY A 32 -0.45 9.79 -19.01
C GLY A 32 -1.08 9.77 -17.64
N VAL A 33 -0.28 9.44 -16.63
CA VAL A 33 -0.78 9.31 -15.27
C VAL A 33 -0.45 10.57 -14.46
N LYS A 34 -1.42 11.06 -13.73
CA LYS A 34 -1.25 12.23 -12.89
C LYS A 34 -0.58 11.85 -11.57
N SER A 35 -1.02 10.73 -11.04
CA SER A 35 -0.57 10.25 -9.73
C SER A 35 -1.01 8.79 -9.56
N ALA A 36 -0.45 8.11 -8.58
CA ALA A 36 -0.77 6.72 -8.35
C ALA A 36 -1.08 6.45 -6.88
N THR A 37 -1.96 5.49 -6.64
CA THR A 37 -2.32 5.09 -5.30
C THR A 37 -2.30 3.57 -5.18
N VAL A 38 -1.66 3.08 -4.14
CA VAL A 38 -1.52 1.64 -3.96
C VAL A 38 -2.30 1.17 -2.73
N THR A 39 -2.95 0.03 -2.85
CA THR A 39 -3.67 -0.57 -1.75
C THR A 39 -3.08 -1.95 -1.43
N PHE A 40 -2.78 -2.17 -0.16
CA PHE A 40 -2.22 -3.44 0.27
C PHE A 40 -3.30 -4.28 0.92
N THR A 41 -3.59 -5.43 0.32
CA THR A 41 -4.57 -6.35 0.85
C THR A 41 -3.88 -7.50 1.56
N GLU A 42 -4.68 -8.45 2.05
CA GLU A 42 -4.18 -9.61 2.77
C GLU A 42 -2.97 -10.26 2.09
N ASP A 43 -3.14 -10.63 0.82
CA ASP A 43 -2.10 -11.38 0.11
C ASP A 43 -1.72 -10.71 -1.21
N GLU A 44 -2.42 -9.64 -1.56
CA GLU A 44 -2.21 -9.00 -2.86
C GLU A 44 -1.76 -7.55 -2.70
N VAL A 45 -1.11 -7.04 -3.73
CA VAL A 45 -0.80 -5.63 -3.83
C VAL A 45 -1.53 -5.06 -5.04
N VAL A 46 -2.44 -4.13 -4.80
CA VAL A 46 -3.23 -3.56 -5.88
C VAL A 46 -2.81 -2.13 -6.17
N GLU A 47 -2.45 -1.87 -7.42
CA GLU A 47 -2.11 -0.53 -7.83
C GLU A 47 -3.24 0.10 -8.61
N THR A 48 -3.50 1.35 -8.28
CA THR A 48 -4.50 2.13 -8.96
C THR A 48 -3.89 3.42 -9.45
N GLU A 49 -3.87 3.61 -10.76
CA GLU A 49 -3.23 4.76 -11.36
C GLU A 49 -4.27 5.73 -11.89
N VAL A 50 -4.15 7.00 -11.51
CA VAL A 50 -5.13 7.99 -11.90
C VAL A 50 -4.73 8.64 -13.23
N MET A 51 -5.53 8.39 -14.24
CA MET A 51 -5.27 8.92 -15.57
C MET A 51 -6.45 9.75 -16.05
N GLU A 52 -6.16 10.95 -16.54
CA GLU A 52 -7.20 11.87 -16.97
C GLU A 52 -7.97 11.31 -18.16
N GLY A 53 -9.29 11.35 -18.07
CA GLY A 53 -10.13 10.84 -19.14
C GLY A 53 -10.77 9.52 -18.78
N ARG A 54 -10.10 8.74 -17.94
CA ARG A 54 -10.59 7.42 -17.56
C ARG A 54 -10.75 7.31 -16.05
N GLY A 55 -9.88 7.98 -15.31
CA GLY A 55 -9.95 7.96 -13.86
C GLY A 55 -8.98 6.98 -13.27
N GLU A 56 -9.32 6.44 -12.10
CA GLU A 56 -8.52 5.41 -11.47
C GLU A 56 -8.64 4.10 -12.25
N VAL A 57 -7.51 3.49 -12.50
CA VAL A 57 -7.48 2.24 -13.23
C VAL A 57 -6.78 1.17 -12.40
N GLN A 58 -7.46 0.06 -12.18
CA GLN A 58 -6.92 -1.05 -11.43
C GLN A 58 -6.12 -1.95 -12.34
N LEU A 59 -4.84 -2.09 -12.05
CA LEU A 59 -3.99 -3.00 -12.79
C LEU A 59 -4.09 -4.39 -12.18
N PRO A 60 -3.74 -5.43 -12.94
CA PRO A 60 -3.64 -6.79 -12.41
C PRO A 60 -2.79 -6.82 -11.16
N PHE A 61 -3.40 -7.13 -10.04
CA PHE A 61 -2.75 -7.03 -8.74
C PHE A 61 -1.67 -8.09 -8.59
N MET A 62 -0.62 -7.73 -7.88
CA MET A 62 0.52 -8.61 -7.67
C MET A 62 0.39 -9.34 -6.35
N ALA A 63 0.91 -10.55 -6.28
CA ALA A 63 0.97 -11.29 -5.04
C ALA A 63 2.29 -11.04 -4.35
N TYR A 64 2.26 -10.72 -3.07
CA TYR A 64 3.48 -10.44 -2.34
C TYR A 64 3.70 -11.49 -1.26
N LYS A 65 4.95 -11.86 -1.06
CA LYS A 65 5.31 -12.75 0.04
C LYS A 65 6.32 -12.09 0.95
N VAL A 66 6.28 -12.49 2.20
CA VAL A 66 7.14 -11.93 3.21
C VAL A 66 8.46 -12.68 3.28
N ILE A 67 9.56 -11.94 3.15
CA ILE A 67 10.89 -12.51 3.29
C ILE A 67 11.38 -12.27 4.71
N SER A 68 11.37 -11.00 5.09
CA SER A 68 11.80 -10.58 6.41
C SER A 68 10.76 -9.64 6.99
N GLN A 69 10.66 -9.56 8.31
CA GLN A 69 9.63 -8.75 8.94
C GLN A 69 10.09 -8.18 10.27
N SER A 70 9.52 -7.05 10.65
CA SER A 70 9.76 -6.44 11.94
C SER A 70 8.44 -5.89 12.46
N THR A 71 8.43 -5.53 13.74
CA THR A 71 7.25 -4.96 14.35
C THR A 71 7.10 -3.48 14.02
N ASP A 72 8.22 -2.78 14.00
CA ASP A 72 8.21 -1.34 13.86
C ASP A 72 9.43 -0.80 13.11
N GLY A 73 10.20 -1.72 12.53
CA GLY A 73 11.36 -1.30 11.78
C GLY A 73 11.15 -1.38 10.29
N SER A 74 11.29 -2.58 9.74
CA SER A 74 11.23 -2.77 8.32
C SER A 74 10.58 -4.11 7.96
N ILE A 75 9.98 -4.15 6.78
CA ILE A 75 9.40 -5.37 6.25
C ILE A 75 9.97 -5.61 4.85
N GLU A 76 10.30 -6.85 4.54
CA GLU A 76 10.83 -7.17 3.23
C GLU A 76 9.88 -8.13 2.52
N ILE A 77 9.48 -7.76 1.31
CA ILE A 77 8.51 -8.54 0.56
C ILE A 77 9.04 -8.91 -0.81
N GLN A 78 8.48 -9.96 -1.38
CA GLN A 78 8.89 -10.46 -2.67
C GLN A 78 7.70 -10.57 -3.61
N TYR A 79 7.92 -10.28 -4.89
CA TYR A 79 6.89 -10.42 -5.90
C TYR A 79 6.80 -11.86 -6.37
N LEU A 80 5.62 -12.28 -6.76
CA LEU A 80 5.42 -13.57 -7.39
C LEU A 80 5.20 -13.39 -8.88
N GLY A 81 5.26 -14.47 -9.63
CA GLY A 81 5.12 -14.36 -11.08
C GLY A 81 6.47 -14.16 -11.73
N PRO A 82 6.53 -13.49 -12.90
CA PRO A 82 7.80 -13.23 -13.59
C PRO A 82 8.64 -12.20 -12.85
N TYR A 83 8.08 -11.65 -11.78
CA TYR A 83 8.77 -10.64 -10.98
C TYR A 83 9.39 -11.28 -9.74
N TYR A 84 9.49 -12.60 -9.76
CA TYR A 84 10.15 -13.35 -8.69
C TYR A 84 11.64 -12.97 -8.62
N PRO A 85 12.45 -13.60 -7.72
CA PRO A 85 13.60 -13.05 -7.02
C PRO A 85 13.88 -11.53 -7.04
N LEU A 86 13.06 -10.73 -7.70
CA LEU A 86 13.09 -9.29 -7.53
C LEU A 86 12.22 -8.93 -6.33
N LYS A 87 12.81 -8.29 -5.33
CA LYS A 87 12.09 -8.02 -4.09
C LYS A 87 12.00 -6.54 -3.80
N SER A 88 11.18 -6.20 -2.83
CA SER A 88 10.94 -4.83 -2.45
C SER A 88 11.09 -4.65 -0.94
N THR A 89 11.41 -3.44 -0.54
CA THR A 89 11.60 -3.14 0.87
C THR A 89 10.53 -2.20 1.37
N LEU A 90 10.10 -2.43 2.58
CA LEU A 90 9.10 -1.62 3.22
C LEU A 90 9.64 -1.10 4.54
N LYS A 91 9.63 0.20 4.72
CA LYS A 91 10.04 0.79 5.96
C LYS A 91 9.06 1.84 6.41
N ARG A 92 9.06 2.10 7.70
CA ARG A 92 8.24 3.15 8.26
C ARG A 92 8.73 4.50 7.73
N GLY A 93 7.82 5.44 7.56
CA GLY A 93 8.20 6.74 7.08
C GLY A 93 8.91 7.54 8.15
N GLU A 94 9.10 8.81 7.87
CA GLU A 94 9.79 9.69 8.79
C GLU A 94 8.82 10.28 9.77
N ASN A 95 7.64 10.61 9.27
CA ASN A 95 6.56 11.17 10.08
C ASN A 95 5.22 10.75 9.51
N GLY A 96 4.59 9.76 10.13
CA GLY A 96 3.26 9.32 9.73
C GLY A 96 3.16 8.96 8.26
N THR A 97 4.15 8.22 7.77
CA THR A 97 4.24 7.88 6.36
C THR A 97 4.76 6.46 6.17
N LEU A 98 4.77 5.99 4.92
CA LEU A 98 5.31 4.69 4.59
C LEU A 98 6.29 4.81 3.44
N ILE A 99 7.42 4.13 3.55
CA ILE A 99 8.43 4.16 2.50
C ILE A 99 8.53 2.79 1.83
N TRP A 100 8.09 2.75 0.57
CA TRP A 100 8.14 1.52 -0.21
C TRP A 100 9.27 1.60 -1.23
N GLU A 101 10.27 0.77 -1.05
CA GLU A 101 11.40 0.73 -1.97
C GLU A 101 11.20 -0.37 -2.98
N GLN A 102 11.36 -0.02 -4.24
CA GLN A 102 11.12 -0.91 -5.35
C GLN A 102 11.99 -0.53 -6.53
N ASN A 103 12.62 -1.53 -7.15
CA ASN A 103 13.38 -1.32 -8.40
C ASN A 103 14.62 -0.47 -8.16
N GLY A 104 14.94 -0.23 -6.89
CA GLY A 104 16.08 0.59 -6.54
C GLY A 104 15.66 1.99 -6.09
N GLN A 105 14.38 2.31 -6.28
CA GLN A 105 13.87 3.62 -5.92
C GLN A 105 12.96 3.52 -4.70
N ARG A 106 13.01 4.53 -3.84
CA ARG A 106 12.14 4.57 -2.69
C ARG A 106 10.94 5.49 -2.94
N LYS A 107 9.75 4.96 -2.74
CA LYS A 107 8.52 5.72 -2.90
C LYS A 107 8.15 6.41 -1.60
N THR A 108 7.94 7.71 -1.66
CA THR A 108 7.44 8.44 -0.51
C THR A 108 5.93 8.55 -0.64
N MET A 109 5.21 7.90 0.27
CA MET A 109 3.76 7.81 0.15
C MET A 109 3.04 8.54 1.28
N THR A 110 1.94 9.16 0.91
CA THR A 110 1.11 9.92 1.83
C THR A 110 -0.03 9.05 2.35
N ARG A 111 -0.49 9.34 3.55
CA ARG A 111 -1.57 8.58 4.17
C ARG A 111 -2.92 9.17 3.73
N ILE A 112 -3.76 8.32 3.16
CA ILE A 112 -5.03 8.76 2.58
C ILE A 112 -6.04 9.13 3.66
N GLU A 113 -6.87 10.10 3.33
CA GLU A 113 -7.89 10.62 4.23
C GLU A 113 -9.24 10.62 3.53
N SER A 114 -10.29 10.22 4.25
CA SER A 114 -11.63 10.13 3.71
C SER A 114 -11.69 9.16 2.53
N LYS A 115 -11.01 8.02 2.68
CA LYS A 115 -10.97 7.01 1.64
C LYS A 115 -12.34 6.35 1.49
N THR A 116 -12.81 6.26 0.26
CA THR A 116 -14.12 5.70 -0.02
C THR A 116 -14.16 4.20 0.28
N GLY A 117 -15.16 3.78 1.04
CA GLY A 117 -15.31 2.36 1.36
C GLY A 117 -16.70 1.88 1.04
N ARG A 118 -16.83 0.59 0.73
CA ARG A 118 -18.11 0.02 0.39
C ARG A 118 -18.88 -0.42 1.64
N GLU A 119 -19.62 0.52 2.22
CA GLU A 119 -20.44 0.22 3.40
C GLU A 119 -19.56 -0.15 4.59
N GLU A 120 -20.17 -0.65 5.67
CA GLU A 120 -19.45 -1.13 6.86
C GLU A 120 -18.76 0.02 7.60
N LYS A 121 -19.39 0.44 8.67
CA LYS A 121 -18.86 1.53 9.50
C LYS A 121 -19.58 1.56 10.84
N ASP A 122 -19.08 2.39 11.76
CA ASP A 122 -19.72 2.53 13.06
C ASP A 122 -21.01 3.32 12.92
N GLU A 123 -22.01 2.98 13.72
CA GLU A 123 -23.32 3.61 13.64
C GLU A 123 -23.28 5.04 14.17
N LYS A 124 -22.98 5.17 15.45
CA LYS A 124 -22.94 6.48 16.10
C LYS A 124 -22.07 6.42 17.35
N SER A 125 -20.82 6.80 17.20
CA SER A 125 -19.87 6.78 18.29
C SER A 125 -19.91 8.10 19.06
N LYS A 126 -21.10 8.51 19.47
CA LYS A 126 -21.29 9.80 20.12
C LYS A 126 -22.46 9.74 21.08
N SER A 127 -22.50 10.70 21.99
CA SER A 127 -23.63 10.85 22.91
C SER A 127 -23.74 12.31 23.33
N LEU A 128 -24.83 12.95 22.92
CA LEU A 128 -25.02 14.37 23.19
C LEU A 128 -25.64 14.56 24.57
N GLU A 129 -24.79 14.89 25.53
CA GLU A 129 -25.23 15.10 26.90
C GLU A 129 -24.35 16.12 27.61
N HIS A 130 -24.97 17.07 28.30
CA HIS A 130 -24.22 18.06 29.06
C HIS A 130 -24.13 17.64 30.52
N HIS A 131 -22.99 17.93 31.14
CA HIS A 131 -22.77 17.62 32.55
C HIS A 131 -21.85 18.66 33.18
N HIS A 132 -22.40 19.41 34.13
CA HIS A 132 -21.68 20.49 34.77
C HIS A 132 -21.51 20.22 36.25
N HIS A 133 -20.44 20.73 36.83
CA HIS A 133 -20.16 20.51 38.24
C HIS A 133 -19.88 21.84 38.92
N HIS A 134 -20.29 21.95 40.18
CA HIS A 134 -20.01 23.13 41.01
C HIS A 134 -20.76 24.36 40.49
N HIS A 135 -20.97 25.34 41.36
CA HIS A 135 -21.53 26.63 40.95
C HIS A 135 -20.59 27.29 39.93
N MET A 1 32.24 15.30 31.92
CA MET A 1 31.07 14.55 32.41
C MET A 1 30.45 13.72 31.29
N ILE A 2 29.56 12.80 31.63
CA ILE A 2 28.88 12.01 30.62
C ILE A 2 27.51 12.61 30.32
N MET A 3 27.03 12.36 29.11
CA MET A 3 25.74 12.87 28.68
C MET A 3 24.91 11.75 28.10
N VAL A 4 23.67 11.63 28.56
CA VAL A 4 22.81 10.53 28.14
C VAL A 4 21.43 11.05 27.74
N SER A 5 20.97 10.67 26.56
CA SER A 5 19.68 11.08 26.05
C SER A 5 19.03 9.95 25.27
N GLY A 6 17.87 9.50 25.73
CA GLY A 6 17.16 8.45 25.05
C GLY A 6 15.66 8.58 25.20
N CYS A 7 14.97 8.80 24.10
CA CYS A 7 13.53 8.97 24.12
C CYS A 7 12.83 7.65 24.46
N GLN A 8 11.66 7.74 25.07
CA GLN A 8 10.90 6.56 25.46
C GLN A 8 10.12 6.01 24.27
N GLN A 9 10.61 4.93 23.70
CA GLN A 9 9.92 4.29 22.59
C GLN A 9 8.73 3.48 23.10
N GLN A 10 7.56 4.08 23.07
CA GLN A 10 6.35 3.40 23.45
C GLN A 10 5.87 2.53 22.30
N LYS A 11 5.63 1.26 22.59
CA LYS A 11 5.22 0.31 21.56
C LYS A 11 3.71 0.35 21.36
N GLU A 12 3.30 0.81 20.20
CA GLU A 12 1.89 0.92 19.84
C GLU A 12 1.47 -0.30 19.02
N GLU A 13 0.41 -0.15 18.25
CA GLU A 13 -0.12 -1.25 17.46
C GLU A 13 -0.63 -0.73 16.12
N THR A 14 -1.55 -1.48 15.51
CA THR A 14 -2.12 -1.14 14.22
C THR A 14 -1.13 -1.35 13.07
N PRO A 15 -1.51 -2.17 12.08
CA PRO A 15 -0.69 -2.42 10.89
C PRO A 15 -0.48 -1.16 10.06
N PHE A 16 0.72 -0.59 10.17
CA PHE A 16 1.02 0.69 9.53
C PHE A 16 1.08 0.59 8.02
N TYR A 17 1.14 -0.63 7.50
CA TYR A 17 1.31 -0.83 6.06
C TYR A 17 0.00 -1.21 5.38
N TYR A 18 -1.10 -1.17 6.11
CA TYR A 18 -2.38 -1.57 5.55
C TYR A 18 -3.18 -0.35 5.12
N GLY A 19 -3.60 -0.36 3.86
CA GLY A 19 -4.39 0.73 3.32
C GLY A 19 -3.99 1.08 1.90
N THR A 20 -4.50 2.20 1.41
CA THR A 20 -4.16 2.68 0.08
C THR A 20 -3.14 3.82 0.18
N TRP A 21 -2.07 3.74 -0.61
CA TRP A 21 -1.00 4.71 -0.56
C TRP A 21 -0.90 5.47 -1.87
N ASP A 22 -0.71 6.79 -1.77
CA ASP A 22 -0.60 7.64 -2.96
C ASP A 22 0.85 7.97 -3.30
N GLU A 23 1.22 7.70 -4.54
CA GLU A 23 2.51 8.11 -5.07
C GLU A 23 2.33 9.34 -5.93
N GLY A 24 2.19 10.49 -5.28
CA GLY A 24 2.00 11.74 -5.99
C GLY A 24 3.25 12.21 -6.70
N ARG A 25 4.32 11.46 -6.59
CA ARG A 25 5.56 11.80 -7.25
C ARG A 25 5.87 10.73 -8.29
N ALA A 26 6.45 11.18 -9.40
CA ALA A 26 6.73 10.33 -10.56
C ALA A 26 5.46 9.96 -11.31
N PRO A 27 5.55 9.82 -12.65
CA PRO A 27 4.41 9.44 -13.47
C PRO A 27 4.22 7.92 -13.53
N GLY A 28 3.10 7.51 -14.12
CA GLY A 28 2.79 6.11 -14.26
C GLY A 28 3.07 5.59 -15.66
N PRO A 29 2.39 4.51 -16.06
CA PRO A 29 2.44 3.95 -17.42
C PRO A 29 2.50 5.03 -18.52
N THR A 30 3.22 4.71 -19.58
CA THR A 30 3.54 5.67 -20.63
C THR A 30 2.30 6.09 -21.43
N ASP A 31 1.16 5.48 -21.14
CA ASP A 31 -0.09 5.87 -21.77
C ASP A 31 -0.45 7.31 -21.38
N GLY A 32 -0.14 7.67 -20.15
CA GLY A 32 -0.39 9.01 -19.68
C GLY A 32 -0.97 9.04 -18.28
N VAL A 33 -0.28 8.40 -17.35
CA VAL A 33 -0.72 8.39 -15.96
C VAL A 33 0.09 9.39 -15.15
N LYS A 34 -0.58 10.18 -14.34
CA LYS A 34 0.09 11.21 -13.55
C LYS A 34 0.78 10.64 -12.33
N SER A 35 0.11 9.69 -11.71
CA SER A 35 0.56 9.17 -10.41
C SER A 35 -0.06 7.80 -10.17
N ALA A 36 0.46 7.09 -9.18
CA ALA A 36 -0.03 5.76 -8.88
C ALA A 36 -0.50 5.68 -7.44
N THR A 37 -1.44 4.78 -7.19
CA THR A 37 -1.92 4.52 -5.84
C THR A 37 -1.94 3.02 -5.61
N VAL A 38 -1.31 2.59 -4.53
CA VAL A 38 -1.15 1.17 -4.28
C VAL A 38 -1.89 0.75 -3.01
N THR A 39 -2.57 -0.39 -3.09
CA THR A 39 -3.23 -0.96 -1.94
C THR A 39 -2.70 -2.36 -1.67
N PHE A 40 -2.24 -2.60 -0.46
CA PHE A 40 -1.66 -3.89 -0.12
C PHE A 40 -2.66 -4.73 0.64
N THR A 41 -3.04 -5.85 0.03
CA THR A 41 -3.89 -6.82 0.69
C THR A 41 -3.04 -8.02 1.11
N GLU A 42 -3.61 -8.91 1.89
CA GLU A 42 -2.87 -10.06 2.43
C GLU A 42 -2.35 -10.97 1.31
N ASP A 43 -3.20 -11.27 0.35
CA ASP A 43 -2.85 -12.23 -0.70
C ASP A 43 -2.41 -11.54 -1.99
N GLU A 44 -2.57 -10.23 -2.06
CA GLU A 44 -2.45 -9.54 -3.33
C GLU A 44 -2.11 -8.06 -3.18
N VAL A 45 -1.37 -7.55 -4.15
CA VAL A 45 -1.13 -6.12 -4.28
C VAL A 45 -2.03 -5.57 -5.37
N VAL A 46 -2.91 -4.65 -5.01
CA VAL A 46 -3.83 -4.07 -5.97
C VAL A 46 -3.35 -2.69 -6.41
N GLU A 47 -3.20 -2.51 -7.71
CA GLU A 47 -2.77 -1.24 -8.26
C GLU A 47 -3.94 -0.41 -8.73
N THR A 48 -3.87 0.86 -8.40
CA THR A 48 -4.81 1.84 -8.90
C THR A 48 -4.02 3.00 -9.49
N GLU A 49 -4.36 3.42 -10.68
CA GLU A 49 -3.61 4.44 -11.36
C GLU A 49 -4.49 5.64 -11.68
N VAL A 50 -3.96 6.83 -11.43
CA VAL A 50 -4.73 8.05 -11.63
C VAL A 50 -4.43 8.65 -12.99
N MET A 51 -5.43 8.66 -13.85
CA MET A 51 -5.29 9.20 -15.19
C MET A 51 -6.27 10.35 -15.37
N GLU A 52 -5.76 11.50 -15.80
CA GLU A 52 -6.56 12.72 -15.90
C GLU A 52 -7.48 12.65 -17.11
N GLY A 53 -8.76 12.46 -16.84
CA GLY A 53 -9.74 12.31 -17.89
C GLY A 53 -10.51 11.01 -17.74
N ARG A 54 -9.87 10.05 -17.07
CA ARG A 54 -10.48 8.76 -16.81
C ARG A 54 -10.90 8.69 -15.35
N GLY A 55 -9.91 8.84 -14.49
CA GLY A 55 -10.09 8.64 -13.07
C GLY A 55 -9.17 7.57 -12.58
N GLU A 56 -9.39 7.07 -11.37
CA GLU A 56 -8.64 5.95 -10.85
C GLU A 56 -9.04 4.66 -11.55
N VAL A 57 -8.03 3.98 -12.06
CA VAL A 57 -8.21 2.71 -12.74
C VAL A 57 -7.47 1.60 -12.01
N GLN A 58 -8.19 0.56 -11.62
CA GLN A 58 -7.61 -0.54 -10.90
C GLN A 58 -7.19 -1.66 -11.84
N LEU A 59 -5.93 -2.05 -11.73
CA LEU A 59 -5.38 -3.12 -12.56
C LEU A 59 -5.46 -4.45 -11.81
N PRO A 60 -5.35 -5.58 -12.55
CA PRO A 60 -5.31 -6.91 -11.95
C PRO A 60 -4.28 -7.02 -10.84
N PHE A 61 -4.65 -7.66 -9.74
CA PHE A 61 -3.80 -7.75 -8.56
C PHE A 61 -2.61 -8.67 -8.78
N MET A 62 -1.54 -8.39 -8.07
CA MET A 62 -0.33 -9.20 -8.13
C MET A 62 -0.11 -9.95 -6.82
N ALA A 63 0.32 -11.19 -6.92
CA ALA A 63 0.62 -11.98 -5.72
C ALA A 63 2.04 -11.68 -5.24
N TYR A 64 2.23 -11.67 -3.92
CA TYR A 64 3.55 -11.40 -3.35
C TYR A 64 3.74 -12.19 -2.05
N LYS A 65 4.99 -12.25 -1.60
CA LYS A 65 5.33 -12.91 -0.37
C LYS A 65 6.13 -12.00 0.53
N VAL A 66 6.14 -12.31 1.80
CA VAL A 66 6.90 -11.56 2.78
C VAL A 66 8.14 -12.33 3.17
N ILE A 67 9.29 -11.67 3.06
CA ILE A 67 10.56 -12.28 3.42
C ILE A 67 10.80 -12.11 4.91
N SER A 68 10.66 -10.87 5.36
CA SER A 68 10.83 -10.53 6.76
C SER A 68 9.86 -9.42 7.12
N GLN A 69 9.61 -9.26 8.41
CA GLN A 69 8.67 -8.26 8.88
C GLN A 69 9.07 -7.73 10.24
N SER A 70 9.05 -6.42 10.37
CA SER A 70 9.36 -5.76 11.60
C SER A 70 8.61 -4.45 11.70
N THR A 71 7.81 -4.30 12.74
CA THR A 71 7.02 -3.11 12.92
C THR A 71 7.85 -1.95 13.46
N ASP A 72 9.03 -2.26 13.97
CA ASP A 72 9.89 -1.23 14.54
C ASP A 72 11.04 -0.87 13.62
N GLY A 73 11.36 -1.77 12.71
CA GLY A 73 12.48 -1.53 11.82
C GLY A 73 12.05 -1.38 10.38
N SER A 74 11.56 -2.47 9.80
CA SER A 74 11.27 -2.52 8.37
C SER A 74 10.65 -3.85 7.98
N ILE A 75 9.95 -3.85 6.88
CA ILE A 75 9.34 -5.05 6.33
C ILE A 75 9.96 -5.34 4.96
N GLU A 76 10.35 -6.58 4.72
CA GLU A 76 10.93 -6.95 3.45
C GLU A 76 9.98 -7.87 2.69
N ILE A 77 9.62 -7.48 1.49
CA ILE A 77 8.64 -8.21 0.70
C ILE A 77 9.22 -8.57 -0.67
N GLN A 78 8.64 -9.60 -1.28
CA GLN A 78 9.09 -10.06 -2.59
C GLN A 78 7.88 -10.39 -3.45
N TYR A 79 7.94 -10.04 -4.71
CA TYR A 79 6.80 -10.26 -5.60
C TYR A 79 6.87 -11.65 -6.23
N LEU A 80 5.72 -12.17 -6.60
CA LEU A 80 5.64 -13.48 -7.21
C LEU A 80 5.24 -13.35 -8.68
N GLY A 81 5.06 -14.48 -9.35
CA GLY A 81 4.81 -14.44 -10.77
C GLY A 81 6.10 -14.24 -11.53
N PRO A 82 6.06 -13.63 -12.73
CA PRO A 82 7.27 -13.32 -13.50
C PRO A 82 8.19 -12.35 -12.75
N TYR A 83 7.64 -11.68 -11.74
CA TYR A 83 8.37 -10.71 -10.94
C TYR A 83 8.99 -11.36 -9.71
N TYR A 84 9.15 -12.69 -9.76
CA TYR A 84 9.73 -13.44 -8.65
C TYR A 84 11.16 -12.98 -8.38
N PRO A 85 11.79 -13.47 -7.27
CA PRO A 85 12.80 -12.84 -6.46
C PRO A 85 13.14 -11.34 -6.62
N LEU A 86 12.50 -10.62 -7.52
CA LEU A 86 12.58 -9.17 -7.52
C LEU A 86 11.84 -8.65 -6.30
N LYS A 87 12.59 -8.24 -5.28
CA LYS A 87 11.98 -7.89 -4.00
C LYS A 87 11.90 -6.38 -3.81
N SER A 88 11.27 -5.99 -2.72
CA SER A 88 11.09 -4.60 -2.37
C SER A 88 11.17 -4.44 -0.85
N THR A 89 11.39 -3.24 -0.38
CA THR A 89 11.53 -2.99 1.05
C THR A 89 10.54 -1.93 1.51
N LEU A 90 10.01 -2.12 2.70
CA LEU A 90 9.10 -1.15 3.29
C LEU A 90 9.63 -0.71 4.64
N LYS A 91 9.85 0.58 4.81
CA LYS A 91 10.32 1.08 6.09
C LYS A 91 9.32 2.04 6.70
N ARG A 92 9.45 2.25 8.00
CA ARG A 92 8.64 3.21 8.70
C ARG A 92 9.06 4.62 8.30
N GLY A 93 8.08 5.49 8.20
CA GLY A 93 8.34 6.83 7.77
C GLY A 93 8.82 7.71 8.88
N GLU A 94 9.72 8.60 8.55
CA GLU A 94 10.33 9.51 9.50
C GLU A 94 9.26 10.31 10.25
N ASN A 95 8.28 10.80 9.50
CA ASN A 95 7.16 11.53 10.10
C ASN A 95 5.83 10.95 9.62
N GLY A 96 5.41 9.85 10.26
CA GLY A 96 4.09 9.27 9.98
C GLY A 96 3.88 8.93 8.52
N THR A 97 4.78 8.15 7.95
CA THR A 97 4.72 7.80 6.54
C THR A 97 5.17 6.36 6.30
N LEU A 98 5.07 5.91 5.07
CA LEU A 98 5.62 4.62 4.67
C LEU A 98 6.67 4.82 3.60
N ILE A 99 7.79 4.14 3.75
CA ILE A 99 8.87 4.23 2.79
C ILE A 99 8.92 2.97 1.92
N TRP A 100 8.58 3.14 0.65
CA TRP A 100 8.61 2.03 -0.30
C TRP A 100 9.90 2.06 -1.10
N GLU A 101 10.73 1.05 -0.88
CA GLU A 101 12.00 0.97 -1.57
C GLU A 101 11.95 -0.02 -2.70
N GLN A 102 12.43 0.41 -3.82
CA GLN A 102 12.51 -0.42 -5.00
C GLN A 102 13.66 0.02 -5.88
N ASN A 103 14.57 -0.89 -6.18
CA ASN A 103 15.64 -0.63 -7.13
C ASN A 103 16.54 0.52 -6.67
N GLY A 104 16.49 0.84 -5.37
CA GLY A 104 17.37 1.86 -4.83
C GLY A 104 16.66 3.16 -4.52
N GLN A 105 15.52 3.39 -5.16
CA GLN A 105 14.83 4.67 -5.03
C GLN A 105 13.80 4.62 -3.91
N ARG A 106 13.62 5.74 -3.24
CA ARG A 106 12.66 5.85 -2.15
C ARG A 106 11.33 6.39 -2.65
N LYS A 107 10.29 5.60 -2.52
CA LYS A 107 8.95 6.08 -2.74
C LYS A 107 8.33 6.50 -1.41
N THR A 108 8.00 7.76 -1.31
CA THR A 108 7.41 8.30 -0.10
C THR A 108 5.90 8.43 -0.28
N MET A 109 5.17 7.66 0.50
CA MET A 109 3.74 7.57 0.34
C MET A 109 3.00 7.83 1.64
N THR A 110 1.92 8.59 1.54
CA THR A 110 1.02 8.82 2.64
C THR A 110 -0.21 7.94 2.48
N ARG A 111 -0.78 7.49 3.58
CA ARG A 111 -1.94 6.61 3.52
C ARG A 111 -3.20 7.41 3.28
N ILE A 112 -3.94 7.01 2.27
CA ILE A 112 -5.19 7.68 1.94
C ILE A 112 -6.24 7.31 2.96
N GLU A 113 -7.09 8.26 3.26
CA GLU A 113 -8.11 8.08 4.27
C GLU A 113 -9.49 8.27 3.66
N SER A 114 -10.24 7.18 3.58
CA SER A 114 -11.50 7.18 2.86
C SER A 114 -12.67 7.51 3.76
N LYS A 115 -13.03 8.78 3.80
CA LYS A 115 -14.24 9.23 4.47
C LYS A 115 -15.30 9.56 3.43
N THR A 116 -15.10 9.01 2.24
CA THR A 116 -15.99 9.24 1.12
C THR A 116 -16.19 7.94 0.35
N GLY A 117 -17.33 7.82 -0.31
CA GLY A 117 -17.59 6.65 -1.12
C GLY A 117 -17.78 7.03 -2.57
N ARG A 118 -18.86 7.75 -2.82
CA ARG A 118 -19.18 8.26 -4.16
C ARG A 118 -19.26 7.13 -5.18
N GLU A 119 -20.42 6.50 -5.26
CA GLU A 119 -20.67 5.44 -6.22
C GLU A 119 -21.28 6.01 -7.49
N GLU A 120 -20.74 5.60 -8.63
CA GLU A 120 -21.19 6.10 -9.92
C GLU A 120 -22.19 5.13 -10.54
N LYS A 121 -23.01 5.65 -11.45
CA LYS A 121 -23.94 4.82 -12.21
C LYS A 121 -23.29 4.41 -13.52
N ASP A 122 -24.02 3.69 -14.36
CA ASP A 122 -23.51 3.29 -15.66
C ASP A 122 -23.89 4.35 -16.68
N GLU A 123 -23.06 4.52 -17.70
CA GLU A 123 -23.25 5.57 -18.69
C GLU A 123 -24.31 5.12 -19.71
N LYS A 124 -25.52 5.67 -19.57
CA LYS A 124 -26.62 5.31 -20.45
C LYS A 124 -27.14 6.55 -21.18
N SER A 125 -27.16 6.47 -22.49
CA SER A 125 -27.72 7.54 -23.30
C SER A 125 -28.70 6.97 -24.31
N LYS A 126 -29.69 7.75 -24.70
CA LYS A 126 -30.72 7.29 -25.62
C LYS A 126 -30.82 8.22 -26.82
N SER A 127 -30.34 7.76 -27.97
CA SER A 127 -30.43 8.52 -29.19
C SER A 127 -31.35 7.82 -30.18
N LEU A 128 -32.57 8.35 -30.32
CA LEU A 128 -33.55 7.77 -31.21
C LEU A 128 -33.72 8.63 -32.45
N GLU A 129 -33.08 8.21 -33.53
CA GLU A 129 -33.12 8.95 -34.78
C GLU A 129 -34.39 8.62 -35.58
N HIS A 130 -34.76 9.52 -36.46
CA HIS A 130 -35.80 9.24 -37.43
C HIS A 130 -35.15 8.96 -38.78
N HIS A 131 -35.29 7.74 -39.26
CA HIS A 131 -34.61 7.34 -40.49
C HIS A 131 -35.18 8.07 -41.70
N HIS A 132 -34.29 8.74 -42.41
CA HIS A 132 -34.65 9.41 -43.65
C HIS A 132 -33.73 8.92 -44.77
N HIS A 133 -34.33 8.24 -45.74
CA HIS A 133 -33.58 7.61 -46.82
C HIS A 133 -34.26 7.92 -48.15
N HIS A 134 -33.50 8.41 -49.11
CA HIS A 134 -34.06 8.82 -50.39
C HIS A 134 -34.23 7.64 -51.32
N HIS A 135 -35.36 7.60 -52.02
CA HIS A 135 -35.63 6.56 -52.99
C HIS A 135 -35.49 7.14 -54.39
N MET A 1 31.00 2.19 7.76
CA MET A 1 30.02 1.51 8.63
C MET A 1 28.60 1.76 8.14
N ILE A 2 28.04 0.79 7.42
CA ILE A 2 26.72 0.94 6.85
C ILE A 2 25.84 -0.24 7.24
N MET A 3 24.76 0.06 7.96
CA MET A 3 23.77 -0.95 8.31
C MET A 3 22.60 -0.85 7.34
N VAL A 4 22.27 -1.95 6.68
CA VAL A 4 21.23 -1.95 5.66
C VAL A 4 19.85 -2.12 6.28
N SER A 5 19.56 -3.32 6.75
CA SER A 5 18.24 -3.63 7.27
C SER A 5 18.35 -4.43 8.56
N GLY A 6 17.96 -3.82 9.67
CA GLY A 6 17.99 -4.50 10.94
C GLY A 6 16.74 -5.33 11.16
N CYS A 7 16.68 -6.47 10.50
CA CYS A 7 15.53 -7.36 10.60
C CYS A 7 15.56 -8.13 11.91
N GLN A 8 14.74 -7.69 12.85
CA GLN A 8 14.63 -8.36 14.14
C GLN A 8 13.29 -9.08 14.25
N GLN A 9 13.33 -10.32 14.73
CA GLN A 9 12.13 -11.12 14.85
C GLN A 9 11.61 -11.15 16.28
N GLN A 10 10.42 -10.61 16.48
CA GLN A 10 9.73 -10.74 17.75
C GLN A 10 8.43 -11.53 17.56
N LYS A 11 7.42 -10.88 16.97
CA LYS A 11 6.12 -11.50 16.75
C LYS A 11 5.29 -10.60 15.84
N GLU A 12 4.21 -11.15 15.26
CA GLU A 12 3.35 -10.39 14.36
C GLU A 12 2.72 -9.19 15.09
N GLU A 13 3.08 -8.00 14.64
CA GLU A 13 2.47 -6.77 15.10
C GLU A 13 1.56 -6.25 14.00
N THR A 14 0.71 -5.29 14.33
CA THR A 14 -0.23 -4.75 13.36
C THR A 14 0.48 -4.25 12.10
N PRO A 15 0.13 -4.81 10.94
CA PRO A 15 0.72 -4.42 9.66
C PRO A 15 0.41 -2.97 9.31
N PHE A 16 1.41 -2.11 9.48
CA PHE A 16 1.27 -0.68 9.28
C PHE A 16 1.12 -0.31 7.81
N TYR A 17 1.35 -1.27 6.92
CA TYR A 17 1.34 -1.00 5.49
C TYR A 17 -0.04 -1.18 4.88
N TYR A 18 -1.00 -1.66 5.67
CA TYR A 18 -2.35 -1.87 5.17
C TYR A 18 -3.06 -0.54 4.96
N GLY A 19 -3.79 -0.46 3.86
CA GLY A 19 -4.51 0.76 3.54
C GLY A 19 -4.21 1.25 2.13
N THR A 20 -4.54 2.51 1.87
CA THR A 20 -4.28 3.10 0.56
C THR A 20 -3.27 4.23 0.67
N TRP A 21 -2.17 4.11 -0.06
CA TRP A 21 -1.10 5.09 -0.01
C TRP A 21 -0.95 5.77 -1.36
N ASP A 22 -0.84 7.08 -1.36
CA ASP A 22 -0.66 7.84 -2.59
C ASP A 22 0.73 8.41 -2.68
N GLU A 23 1.34 8.24 -3.84
CA GLU A 23 2.63 8.83 -4.13
C GLU A 23 2.47 10.33 -4.39
N GLY A 24 1.66 10.67 -5.38
CA GLY A 24 1.62 12.03 -5.87
C GLY A 24 2.99 12.49 -6.27
N ARG A 25 3.79 11.54 -6.75
CA ARG A 25 5.20 11.73 -6.94
C ARG A 25 5.69 10.71 -7.96
N ALA A 26 6.92 10.90 -8.45
CA ALA A 26 7.55 9.97 -9.39
C ALA A 26 6.86 9.97 -10.76
N PRO A 27 7.51 9.41 -11.78
CA PRO A 27 6.89 9.18 -13.08
C PRO A 27 5.99 7.94 -13.05
N GLY A 28 4.79 8.06 -13.61
CA GLY A 28 3.87 6.96 -13.64
C GLY A 28 3.73 6.38 -15.03
N PRO A 29 2.70 5.55 -15.24
CA PRO A 29 2.38 4.99 -16.56
C PRO A 29 2.33 6.09 -17.63
N THR A 30 3.10 5.89 -18.68
CA THR A 30 3.26 6.90 -19.72
C THR A 30 2.08 6.88 -20.69
N ASP A 31 1.16 5.97 -20.44
CA ASP A 31 -0.08 5.87 -21.23
C ASP A 31 -0.89 7.15 -21.11
N GLY A 32 -0.83 7.77 -19.95
CA GLY A 32 -1.56 9.00 -19.70
C GLY A 32 -2.03 9.11 -18.27
N VAL A 33 -1.19 8.65 -17.36
CA VAL A 33 -1.53 8.65 -15.94
C VAL A 33 -0.77 9.74 -15.21
N LYS A 34 -1.45 10.43 -14.29
CA LYS A 34 -0.87 11.56 -13.59
C LYS A 34 -0.11 11.10 -12.36
N SER A 35 -0.54 9.97 -11.80
CA SER A 35 0.06 9.40 -10.60
C SER A 35 -0.62 8.08 -10.26
N ALA A 36 0.00 7.34 -9.35
CA ALA A 36 -0.53 6.04 -8.97
C ALA A 36 -0.79 5.96 -7.49
N THR A 37 -1.84 5.25 -7.13
CA THR A 37 -2.19 5.02 -5.74
C THR A 37 -2.13 3.53 -5.45
N VAL A 38 -1.51 3.14 -4.35
CA VAL A 38 -1.33 1.74 -4.05
C VAL A 38 -2.13 1.33 -2.82
N THR A 39 -2.78 0.18 -2.91
CA THR A 39 -3.50 -0.38 -1.79
C THR A 39 -2.97 -1.79 -1.50
N PHE A 40 -2.68 -2.05 -0.25
CA PHE A 40 -2.10 -3.33 0.12
C PHE A 40 -3.18 -4.23 0.71
N THR A 41 -3.37 -5.36 0.07
CA THR A 41 -4.38 -6.33 0.48
C THR A 41 -3.73 -7.39 1.37
N GLU A 42 -4.53 -8.34 1.85
CA GLU A 42 -4.09 -9.36 2.77
C GLU A 42 -2.84 -10.08 2.27
N ASP A 43 -2.77 -10.33 0.97
CA ASP A 43 -1.59 -10.96 0.38
C ASP A 43 -1.40 -10.52 -1.08
N GLU A 44 -2.03 -9.41 -1.45
CA GLU A 44 -1.96 -8.92 -2.82
C GLU A 44 -1.61 -7.43 -2.84
N VAL A 45 -0.90 -7.01 -3.88
CA VAL A 45 -0.61 -5.60 -4.09
C VAL A 45 -1.54 -5.06 -5.17
N VAL A 46 -2.36 -4.08 -4.82
CA VAL A 46 -3.28 -3.47 -5.76
C VAL A 46 -2.83 -2.07 -6.11
N GLU A 47 -2.66 -1.81 -7.39
CA GLU A 47 -2.28 -0.47 -7.84
C GLU A 47 -3.38 0.12 -8.70
N THR A 48 -3.64 1.38 -8.46
CA THR A 48 -4.63 2.12 -9.22
C THR A 48 -3.96 3.27 -9.97
N GLU A 49 -4.36 3.46 -11.21
CA GLU A 49 -3.84 4.54 -12.01
C GLU A 49 -4.81 5.70 -11.96
N VAL A 50 -4.31 6.87 -11.58
CA VAL A 50 -5.13 8.06 -11.62
C VAL A 50 -4.95 8.70 -12.98
N MET A 51 -5.99 8.66 -13.78
CA MET A 51 -5.91 9.13 -15.15
C MET A 51 -6.74 10.37 -15.33
N GLU A 52 -6.16 11.33 -16.01
CA GLU A 52 -6.77 12.64 -16.19
C GLU A 52 -8.05 12.54 -16.99
N GLY A 53 -9.18 12.83 -16.34
CA GLY A 53 -10.46 12.79 -17.03
C GLY A 53 -11.23 11.51 -16.74
N ARG A 54 -10.54 10.48 -16.27
CA ARG A 54 -11.17 9.20 -16.01
C ARG A 54 -11.43 9.03 -14.52
N GLY A 55 -10.37 8.76 -13.79
CA GLY A 55 -10.47 8.41 -12.38
C GLY A 55 -9.42 7.38 -12.03
N GLU A 56 -9.66 6.60 -10.98
CA GLU A 56 -8.74 5.54 -10.59
C GLU A 56 -9.13 4.23 -11.22
N VAL A 57 -8.21 3.68 -12.00
CA VAL A 57 -8.41 2.40 -12.66
C VAL A 57 -7.47 1.36 -12.08
N GLN A 58 -8.02 0.21 -11.67
CA GLN A 58 -7.23 -0.82 -11.02
C GLN A 58 -6.45 -1.66 -12.03
N LEU A 59 -5.17 -1.84 -11.76
CA LEU A 59 -4.31 -2.69 -12.58
C LEU A 59 -4.38 -4.14 -12.11
N PRO A 60 -3.92 -5.08 -12.95
CA PRO A 60 -3.81 -6.49 -12.57
C PRO A 60 -3.05 -6.67 -11.26
N PHE A 61 -3.69 -7.31 -10.30
CA PHE A 61 -3.17 -7.44 -8.95
C PHE A 61 -1.93 -8.32 -8.91
N MET A 62 -0.97 -7.94 -8.09
CA MET A 62 0.27 -8.69 -7.94
C MET A 62 0.33 -9.38 -6.59
N ALA A 63 0.50 -10.69 -6.59
CA ALA A 63 0.63 -11.45 -5.35
C ALA A 63 2.06 -11.36 -4.82
N TYR A 64 2.19 -11.22 -3.51
CA TYR A 64 3.50 -11.09 -2.90
C TYR A 64 3.61 -12.02 -1.69
N LYS A 65 4.83 -12.13 -1.16
CA LYS A 65 5.08 -12.90 0.04
C LYS A 65 6.17 -12.20 0.87
N VAL A 66 6.01 -12.27 2.17
CA VAL A 66 6.92 -11.63 3.09
C VAL A 66 8.14 -12.50 3.35
N ILE A 67 9.31 -11.95 3.10
CA ILE A 67 10.56 -12.67 3.34
C ILE A 67 10.98 -12.51 4.79
N SER A 68 11.09 -11.25 5.20
CA SER A 68 11.58 -10.91 6.52
C SER A 68 10.76 -9.78 7.11
N GLN A 69 10.87 -9.58 8.41
CA GLN A 69 10.16 -8.52 9.09
C GLN A 69 11.02 -7.97 10.21
N SER A 70 10.84 -6.69 10.49
CA SER A 70 11.53 -6.03 11.58
C SER A 70 10.52 -5.37 12.50
N THR A 71 10.53 -5.78 13.77
CA THR A 71 9.65 -5.18 14.76
C THR A 71 10.08 -3.76 15.08
N ASP A 72 11.20 -3.34 14.53
CA ASP A 72 11.62 -1.95 14.58
C ASP A 72 10.63 -1.11 13.77
N GLY A 73 10.35 -1.58 12.57
CA GLY A 73 9.36 -0.90 11.74
C GLY A 73 9.69 -0.98 10.27
N SER A 74 10.06 -2.15 9.81
CA SER A 74 10.31 -2.38 8.40
C SER A 74 9.91 -3.80 8.02
N ILE A 75 9.54 -3.98 6.76
CA ILE A 75 9.10 -5.28 6.26
C ILE A 75 9.73 -5.57 4.90
N GLU A 76 10.17 -6.80 4.71
CA GLU A 76 10.78 -7.21 3.45
C GLU A 76 9.84 -8.16 2.71
N ILE A 77 9.55 -7.83 1.46
CA ILE A 77 8.59 -8.59 0.67
C ILE A 77 9.17 -8.99 -0.68
N GLN A 78 8.60 -10.02 -1.25
CA GLN A 78 9.01 -10.54 -2.55
C GLN A 78 7.79 -10.75 -3.44
N TYR A 79 7.94 -10.51 -4.72
CA TYR A 79 6.82 -10.66 -5.65
C TYR A 79 6.81 -12.06 -6.27
N LEU A 80 5.65 -12.47 -6.74
CA LEU A 80 5.49 -13.77 -7.37
C LEU A 80 5.19 -13.61 -8.85
N GLY A 81 4.97 -14.72 -9.55
CA GLY A 81 4.72 -14.65 -10.98
C GLY A 81 6.00 -14.40 -11.75
N PRO A 82 5.92 -13.76 -12.92
CA PRO A 82 7.11 -13.37 -13.68
C PRO A 82 7.97 -12.35 -12.94
N TYR A 83 7.48 -11.90 -11.79
CA TYR A 83 8.21 -10.93 -10.96
C TYR A 83 8.84 -11.66 -9.77
N TYR A 84 9.01 -12.97 -9.92
CA TYR A 84 9.55 -13.83 -8.87
C TYR A 84 10.94 -13.38 -8.44
N PRO A 85 11.48 -13.98 -7.35
CA PRO A 85 12.46 -13.45 -6.41
C PRO A 85 12.90 -11.96 -6.43
N LEU A 86 12.37 -11.15 -7.32
CA LEU A 86 12.60 -9.71 -7.24
C LEU A 86 11.90 -9.17 -5.99
N LYS A 87 12.69 -8.77 -5.00
CA LYS A 87 12.12 -8.35 -3.72
C LYS A 87 12.10 -6.83 -3.58
N SER A 88 11.35 -6.36 -2.60
CA SER A 88 11.21 -4.94 -2.33
C SER A 88 11.22 -4.70 -0.82
N THR A 89 11.57 -3.49 -0.41
CA THR A 89 11.68 -3.16 0.99
C THR A 89 10.60 -2.16 1.40
N LEU A 90 10.06 -2.35 2.58
CA LEU A 90 9.05 -1.45 3.13
C LEU A 90 9.52 -0.88 4.46
N LYS A 91 9.50 0.43 4.58
CA LYS A 91 9.91 1.10 5.80
C LYS A 91 8.81 2.00 6.31
N ARG A 92 8.82 2.26 7.60
CA ARG A 92 7.83 3.14 8.21
C ARG A 92 8.24 4.59 7.97
N GLY A 93 7.26 5.46 7.77
CA GLY A 93 7.54 6.86 7.63
C GLY A 93 7.25 7.60 8.91
N GLU A 94 7.54 8.88 8.92
CA GLU A 94 7.36 9.70 10.10
C GLU A 94 5.90 10.06 10.28
N ASN A 95 5.43 9.92 11.53
CA ASN A 95 4.06 10.28 11.92
C ASN A 95 3.04 9.28 11.37
N GLY A 96 2.88 9.25 10.06
CA GLY A 96 1.92 8.36 9.44
C GLY A 96 2.11 8.25 7.95
N THR A 97 3.29 7.80 7.53
CA THR A 97 3.60 7.62 6.13
C THR A 97 4.28 6.27 5.89
N LEU A 98 4.44 5.89 4.63
CA LEU A 98 5.07 4.62 4.30
C LEU A 98 6.17 4.83 3.26
N ILE A 99 7.32 4.19 3.48
CA ILE A 99 8.43 4.27 2.55
C ILE A 99 8.55 2.96 1.78
N TRP A 100 8.57 3.06 0.46
CA TRP A 100 8.63 1.88 -0.39
C TRP A 100 9.92 1.89 -1.21
N GLU A 101 10.78 0.93 -0.99
CA GLU A 101 12.03 0.85 -1.71
C GLU A 101 12.06 -0.33 -2.66
N GLN A 102 12.51 -0.07 -3.86
CA GLN A 102 12.58 -1.09 -4.89
C GLN A 102 13.75 -0.81 -5.82
N ASN A 103 14.66 -1.76 -5.92
CA ASN A 103 15.80 -1.70 -6.84
C ASN A 103 16.76 -0.55 -6.47
N GLY A 104 16.53 0.07 -5.31
CA GLY A 104 17.38 1.15 -4.88
C GLY A 104 16.67 2.49 -4.90
N GLN A 105 15.46 2.51 -5.44
CA GLN A 105 14.68 3.76 -5.49
C GLN A 105 13.79 3.86 -4.27
N ARG A 106 13.77 5.03 -3.67
CA ARG A 106 12.97 5.25 -2.47
C ARG A 106 11.69 5.99 -2.78
N LYS A 107 10.57 5.33 -2.57
CA LYS A 107 9.25 5.93 -2.75
C LYS A 107 8.70 6.39 -1.42
N THR A 108 8.07 7.55 -1.43
CA THR A 108 7.48 8.12 -0.24
C THR A 108 5.99 8.34 -0.45
N MET A 109 5.17 7.58 0.26
CA MET A 109 3.75 7.61 0.04
C MET A 109 3.01 8.09 1.27
N THR A 110 1.97 8.88 1.05
CA THR A 110 1.15 9.39 2.13
C THR A 110 -0.10 8.53 2.27
N ARG A 111 -0.64 8.46 3.47
CA ARG A 111 -1.81 7.64 3.71
C ARG A 111 -3.07 8.38 3.33
N ILE A 112 -3.90 7.77 2.50
CA ILE A 112 -5.15 8.39 2.11
C ILE A 112 -6.23 8.08 3.13
N GLU A 113 -7.09 9.04 3.32
CA GLU A 113 -8.26 8.90 4.17
C GLU A 113 -9.46 9.40 3.40
N SER A 114 -10.32 8.48 3.04
CA SER A 114 -11.41 8.77 2.15
C SER A 114 -12.76 8.65 2.83
N LYS A 115 -13.51 9.74 2.81
CA LYS A 115 -14.87 9.72 3.31
C LYS A 115 -15.82 9.47 2.16
N THR A 116 -15.37 8.62 1.26
CA THR A 116 -16.12 8.23 0.10
C THR A 116 -15.60 6.87 -0.38
N GLY A 117 -16.38 6.17 -1.16
CA GLY A 117 -15.97 4.86 -1.62
C GLY A 117 -17.14 3.90 -1.64
N ARG A 118 -17.80 3.82 -2.78
CA ARG A 118 -18.94 2.94 -2.93
C ARG A 118 -18.66 1.94 -4.03
N GLU A 119 -18.47 0.69 -3.64
CA GLU A 119 -18.22 -0.38 -4.58
C GLU A 119 -19.41 -0.58 -5.50
N GLU A 120 -19.32 -0.03 -6.69
CA GLU A 120 -20.33 -0.25 -7.71
C GLU A 120 -19.81 -1.25 -8.73
N LYS A 121 -20.15 -2.50 -8.49
CA LYS A 121 -19.61 -3.60 -9.28
C LYS A 121 -20.47 -3.83 -10.52
N ASP A 122 -19.80 -4.00 -11.65
CA ASP A 122 -20.49 -4.25 -12.90
C ASP A 122 -20.15 -5.66 -13.38
N GLU A 123 -21.13 -6.34 -13.95
CA GLU A 123 -20.95 -7.71 -14.36
C GLU A 123 -20.33 -7.77 -15.76
N LYS A 124 -19.05 -8.08 -15.82
CA LYS A 124 -18.30 -8.08 -17.06
C LYS A 124 -17.61 -9.43 -17.26
N SER A 125 -17.89 -10.07 -18.38
CA SER A 125 -17.29 -11.37 -18.67
C SER A 125 -16.15 -11.23 -19.66
N LYS A 126 -15.09 -12.01 -19.44
CA LYS A 126 -13.98 -12.07 -20.38
C LYS A 126 -14.11 -13.33 -21.22
N SER A 127 -14.87 -13.25 -22.29
CA SER A 127 -15.19 -14.41 -23.10
C SER A 127 -14.18 -14.62 -24.22
N LEU A 128 -13.00 -15.11 -23.86
CA LEU A 128 -11.95 -15.44 -24.82
C LEU A 128 -11.25 -16.72 -24.40
N GLU A 129 -11.05 -17.63 -25.36
CA GLU A 129 -10.38 -18.88 -25.06
C GLU A 129 -8.89 -18.81 -25.33
N HIS A 130 -8.11 -19.35 -24.40
CA HIS A 130 -6.67 -19.44 -24.57
C HIS A 130 -6.32 -20.77 -25.22
N HIS A 131 -5.67 -20.71 -26.37
CA HIS A 131 -5.26 -21.92 -27.06
C HIS A 131 -3.75 -22.09 -26.99
N HIS A 132 -3.32 -23.31 -26.69
CA HIS A 132 -1.91 -23.63 -26.58
C HIS A 132 -1.25 -23.56 -27.96
N HIS A 133 -0.51 -22.50 -28.20
CA HIS A 133 0.09 -22.28 -29.51
C HIS A 133 1.61 -22.29 -29.44
N HIS A 134 2.19 -23.45 -29.76
CA HIS A 134 3.64 -23.63 -29.89
C HIS A 134 3.96 -25.11 -30.03
N HIS A 135 4.03 -25.79 -28.90
CA HIS A 135 4.28 -27.21 -28.87
C HIS A 135 3.28 -27.90 -27.96
N MET A 1 -18.43 2.92 37.27
CA MET A 1 -18.93 2.69 35.90
C MET A 1 -17.79 2.58 34.89
N ILE A 2 -16.55 2.58 35.39
CA ILE A 2 -15.39 2.41 34.52
C ILE A 2 -14.73 1.06 34.77
N MET A 3 -14.87 0.17 33.81
CA MET A 3 -14.24 -1.13 33.90
C MET A 3 -13.04 -1.17 32.96
N VAL A 4 -11.86 -1.09 33.54
CA VAL A 4 -10.63 -1.09 32.76
C VAL A 4 -9.57 -1.97 33.41
N SER A 5 -8.90 -2.78 32.62
CA SER A 5 -7.83 -3.63 33.11
C SER A 5 -6.73 -3.74 32.07
N GLY A 6 -5.54 -3.28 32.42
CA GLY A 6 -4.40 -3.42 31.53
C GLY A 6 -3.92 -4.86 31.47
N CYS A 7 -4.19 -5.52 30.36
CA CYS A 7 -3.82 -6.91 30.20
C CYS A 7 -3.05 -7.14 28.91
N GLN A 8 -2.10 -8.06 28.94
CA GLN A 8 -1.30 -8.38 27.75
C GLN A 8 -2.07 -9.38 26.89
N GLN A 9 -3.00 -8.88 26.09
CA GLN A 9 -3.81 -9.73 25.24
C GLN A 9 -3.15 -9.98 23.89
N GLN A 10 -2.53 -8.95 23.34
CA GLN A 10 -1.90 -9.06 22.04
C GLN A 10 -0.59 -8.27 22.02
N LYS A 11 0.46 -8.93 21.54
CA LYS A 11 1.79 -8.30 21.46
C LYS A 11 1.95 -7.61 20.11
N GLU A 12 1.33 -8.18 19.10
CA GLU A 12 1.48 -7.70 17.72
C GLU A 12 0.68 -6.42 17.51
N GLU A 13 1.35 -5.40 17.01
CA GLU A 13 0.74 -4.12 16.75
C GLU A 13 0.06 -4.10 15.39
N THR A 14 -0.39 -2.92 14.97
CA THR A 14 -1.10 -2.78 13.71
C THR A 14 -0.13 -2.68 12.53
N PRO A 15 -0.46 -3.33 11.40
CA PRO A 15 0.36 -3.28 10.19
C PRO A 15 0.51 -1.86 9.64
N PHE A 16 1.70 -1.30 9.78
CA PHE A 16 1.96 0.09 9.43
C PHE A 16 1.87 0.33 7.91
N TYR A 17 1.97 -0.73 7.13
CA TYR A 17 1.99 -0.63 5.68
C TYR A 17 0.59 -0.81 5.09
N TYR A 18 -0.34 -1.26 5.93
CA TYR A 18 -1.66 -1.64 5.43
C TYR A 18 -2.54 -0.41 5.23
N GLY A 19 -3.14 -0.33 4.06
CA GLY A 19 -4.01 0.79 3.74
C GLY A 19 -3.80 1.29 2.33
N THR A 20 -4.30 2.48 2.05
CA THR A 20 -4.15 3.09 0.73
C THR A 20 -3.11 4.19 0.77
N TRP A 21 -2.18 4.16 -0.16
CA TRP A 21 -1.12 5.14 -0.23
C TRP A 21 -1.17 5.89 -1.54
N ASP A 22 -0.84 7.17 -1.50
CA ASP A 22 -0.76 7.99 -2.71
C ASP A 22 0.69 8.06 -3.17
N GLU A 23 0.90 8.01 -4.49
CA GLU A 23 2.24 8.07 -5.07
C GLU A 23 3.04 9.22 -4.44
N GLY A 24 2.43 10.40 -4.43
CA GLY A 24 3.04 11.56 -3.80
C GLY A 24 4.14 12.18 -4.63
N ARG A 25 5.12 11.38 -5.00
CA ARG A 25 6.31 11.87 -5.66
C ARG A 25 6.67 10.98 -6.83
N ALA A 26 7.54 11.49 -7.71
CA ALA A 26 8.00 10.75 -8.90
C ALA A 26 6.91 10.64 -9.96
N PRO A 27 7.29 10.35 -11.22
CA PRO A 27 6.33 10.15 -12.31
C PRO A 27 5.55 8.84 -12.16
N GLY A 28 4.60 8.63 -13.04
CA GLY A 28 3.78 7.45 -12.97
C GLY A 28 3.66 6.74 -14.32
N PRO A 29 2.57 6.00 -14.53
CA PRO A 29 2.32 5.22 -15.75
C PRO A 29 2.57 6.00 -17.04
N THR A 30 3.00 5.29 -18.07
CA THR A 30 3.44 5.91 -19.31
C THR A 30 2.26 6.28 -20.21
N ASP A 31 1.07 5.96 -19.77
CA ASP A 31 -0.15 6.29 -20.50
C ASP A 31 -0.54 7.75 -20.30
N GLY A 32 0.23 8.46 -19.48
CA GLY A 32 -0.09 9.84 -19.20
C GLY A 32 -1.18 9.97 -18.16
N VAL A 33 -1.17 9.06 -17.21
CA VAL A 33 -2.16 9.07 -16.13
C VAL A 33 -1.79 10.15 -15.13
N LYS A 34 -2.79 10.95 -14.75
CA LYS A 34 -2.56 12.14 -13.96
C LYS A 34 -2.64 11.89 -12.45
N SER A 35 -3.17 10.74 -12.06
CA SER A 35 -3.18 10.37 -10.65
C SER A 35 -3.09 8.87 -10.50
N ALA A 36 -2.65 8.42 -9.34
CA ALA A 36 -2.50 7.00 -9.06
C ALA A 36 -2.46 6.77 -7.57
N THR A 37 -3.01 5.65 -7.14
CA THR A 37 -2.97 5.25 -5.74
C THR A 37 -2.61 3.78 -5.63
N VAL A 38 -1.77 3.45 -4.66
CA VAL A 38 -1.37 2.07 -4.46
C VAL A 38 -1.96 1.53 -3.16
N THR A 39 -2.50 0.33 -3.22
CA THR A 39 -3.16 -0.26 -2.07
C THR A 39 -2.51 -1.59 -1.70
N PHE A 40 -2.07 -1.71 -0.46
CA PHE A 40 -1.44 -2.92 0.02
C PHE A 40 -2.43 -3.73 0.85
N THR A 41 -2.73 -4.92 0.38
CA THR A 41 -3.61 -5.82 1.09
C THR A 41 -2.77 -6.88 1.80
N GLU A 42 -3.44 -7.79 2.50
CA GLU A 42 -2.78 -8.82 3.30
C GLU A 42 -1.81 -9.65 2.47
N ASP A 43 -2.22 -10.03 1.27
CA ASP A 43 -1.43 -10.94 0.44
C ASP A 43 -1.22 -10.37 -0.96
N GLU A 44 -2.01 -9.37 -1.34
CA GLU A 44 -1.99 -8.85 -2.70
C GLU A 44 -1.75 -7.34 -2.73
N VAL A 45 -0.99 -6.89 -3.70
CA VAL A 45 -0.81 -5.46 -3.94
C VAL A 45 -1.65 -5.03 -5.13
N VAL A 46 -2.50 -4.03 -4.93
CA VAL A 46 -3.37 -3.55 -5.98
C VAL A 46 -3.01 -2.12 -6.35
N GLU A 47 -2.72 -1.89 -7.63
CA GLU A 47 -2.49 -0.55 -8.13
C GLU A 47 -3.76 0.01 -8.74
N THR A 48 -4.01 1.27 -8.46
CA THR A 48 -5.16 1.95 -9.01
C THR A 48 -4.70 3.23 -9.71
N GLU A 49 -4.96 3.29 -10.99
CA GLU A 49 -4.54 4.42 -11.79
C GLU A 49 -5.75 5.29 -12.10
N VAL A 50 -5.66 6.56 -11.77
CA VAL A 50 -6.79 7.44 -11.96
C VAL A 50 -6.63 8.24 -13.24
N MET A 51 -7.47 7.95 -14.22
CA MET A 51 -7.43 8.65 -15.47
C MET A 51 -8.51 9.72 -15.46
N GLU A 52 -8.08 10.95 -15.38
CA GLU A 52 -9.00 12.09 -15.29
C GLU A 52 -9.80 12.21 -16.57
N GLY A 53 -11.07 11.84 -16.48
CA GLY A 53 -11.92 11.81 -17.64
C GLY A 53 -12.87 10.63 -17.59
N ARG A 54 -12.42 9.55 -16.95
CA ARG A 54 -13.24 8.37 -16.78
C ARG A 54 -13.35 7.98 -15.31
N GLY A 55 -12.22 7.85 -14.64
CA GLY A 55 -12.20 7.41 -13.26
C GLY A 55 -11.02 6.50 -12.96
N GLU A 56 -11.14 5.68 -11.94
CA GLU A 56 -10.09 4.78 -11.52
C GLU A 56 -10.02 3.54 -12.39
N VAL A 57 -8.80 3.06 -12.57
CA VAL A 57 -8.55 1.82 -13.27
C VAL A 57 -7.68 0.90 -12.40
N GLN A 58 -8.19 -0.28 -12.11
CA GLN A 58 -7.47 -1.24 -11.29
C GLN A 58 -6.70 -2.23 -12.16
N LEU A 59 -5.44 -2.43 -11.84
CA LEU A 59 -4.62 -3.40 -12.55
C LEU A 59 -4.65 -4.74 -11.83
N PRO A 60 -4.36 -5.84 -12.56
CA PRO A 60 -4.25 -7.18 -11.97
C PRO A 60 -3.35 -7.18 -10.75
N PHE A 61 -3.91 -7.54 -9.60
CA PHE A 61 -3.20 -7.49 -8.33
C PHE A 61 -1.96 -8.39 -8.35
N MET A 62 -0.91 -7.96 -7.67
CA MET A 62 0.32 -8.72 -7.58
C MET A 62 0.43 -9.39 -6.23
N ALA A 63 0.63 -10.70 -6.24
CA ALA A 63 0.82 -11.45 -5.02
C ALA A 63 2.27 -11.37 -4.58
N TYR A 64 2.49 -11.16 -3.29
CA TYR A 64 3.84 -11.07 -2.77
C TYR A 64 4.04 -12.03 -1.59
N LYS A 65 5.29 -12.31 -1.29
CA LYS A 65 5.64 -13.15 -0.16
C LYS A 65 6.55 -12.40 0.79
N VAL A 66 6.36 -12.65 2.06
CA VAL A 66 7.10 -11.96 3.10
C VAL A 66 8.40 -12.69 3.43
N ILE A 67 9.50 -12.05 3.11
CA ILE A 67 10.82 -12.61 3.39
C ILE A 67 11.17 -12.36 4.85
N SER A 68 11.15 -11.10 5.22
CA SER A 68 11.42 -10.69 6.58
C SER A 68 10.25 -9.86 7.10
N GLN A 69 10.00 -9.93 8.39
CA GLN A 69 8.79 -9.34 8.93
C GLN A 69 9.00 -8.81 10.34
N SER A 70 8.47 -7.62 10.57
CA SER A 70 8.48 -7.00 11.87
C SER A 70 7.14 -6.30 12.09
N THR A 71 6.73 -6.20 13.33
CA THR A 71 5.43 -5.63 13.65
C THR A 71 5.49 -4.11 13.80
N ASP A 72 6.70 -3.57 13.82
CA ASP A 72 6.87 -2.14 14.03
C ASP A 72 8.06 -1.57 13.27
N GLY A 73 9.06 -2.38 13.03
CA GLY A 73 10.26 -1.90 12.36
C GLY A 73 10.07 -1.76 10.87
N SER A 74 10.09 -2.88 10.17
CA SER A 74 10.01 -2.90 8.73
C SER A 74 9.56 -4.26 8.23
N ILE A 75 9.13 -4.32 6.97
CA ILE A 75 8.73 -5.58 6.36
C ILE A 75 9.38 -5.72 4.98
N GLU A 76 9.91 -6.89 4.68
CA GLU A 76 10.54 -7.13 3.41
C GLU A 76 9.72 -8.13 2.61
N ILE A 77 9.46 -7.82 1.35
CA ILE A 77 8.57 -8.62 0.53
C ILE A 77 9.20 -8.95 -0.82
N GLN A 78 8.73 -10.02 -1.42
CA GLN A 78 9.21 -10.46 -2.71
C GLN A 78 8.04 -10.59 -3.68
N TYR A 79 8.20 -10.04 -4.88
CA TYR A 79 7.14 -10.08 -5.87
C TYR A 79 7.20 -11.36 -6.68
N LEU A 80 6.04 -11.77 -7.17
CA LEU A 80 5.94 -12.94 -8.02
C LEU A 80 5.45 -12.54 -9.41
N GLY A 81 5.26 -13.51 -10.29
CA GLY A 81 4.84 -13.19 -11.64
C GLY A 81 6.01 -12.73 -12.48
N PRO A 82 5.78 -11.88 -13.49
CA PRO A 82 6.85 -11.35 -14.34
C PRO A 82 7.86 -10.51 -13.56
N TYR A 83 7.53 -10.21 -12.31
CA TYR A 83 8.41 -9.42 -11.45
C TYR A 83 8.98 -10.30 -10.35
N TYR A 84 9.06 -11.60 -10.65
CA TYR A 84 9.57 -12.61 -9.73
C TYR A 84 10.96 -12.27 -9.21
N PRO A 85 11.39 -12.98 -8.15
CA PRO A 85 12.37 -12.60 -7.13
C PRO A 85 12.92 -11.16 -7.04
N LEU A 86 12.52 -10.26 -7.90
CA LEU A 86 12.88 -8.85 -7.71
C LEU A 86 12.09 -8.33 -6.53
N LYS A 87 12.75 -8.19 -5.39
CA LYS A 87 12.05 -7.94 -4.14
C LYS A 87 12.04 -6.47 -3.76
N SER A 88 11.30 -6.17 -2.72
CA SER A 88 11.09 -4.80 -2.29
C SER A 88 11.08 -4.73 -0.76
N THR A 89 11.34 -3.56 -0.22
CA THR A 89 11.36 -3.36 1.21
C THR A 89 10.39 -2.26 1.61
N LEU A 90 9.71 -2.47 2.73
CA LEU A 90 8.75 -1.51 3.24
C LEU A 90 9.18 -1.06 4.63
N LYS A 91 9.37 0.24 4.79
CA LYS A 91 9.78 0.80 6.07
C LYS A 91 8.99 2.07 6.33
N ARG A 92 8.77 2.37 7.59
CA ARG A 92 8.04 3.57 7.94
C ARG A 92 9.00 4.73 8.12
N GLY A 93 8.55 5.93 7.78
CA GLY A 93 9.38 7.10 7.94
C GLY A 93 8.86 7.99 9.04
N GLU A 94 9.27 9.24 9.04
CA GLU A 94 8.74 10.22 9.97
C GLU A 94 7.25 10.42 9.72
N ASN A 95 6.48 10.49 10.79
CA ASN A 95 5.03 10.65 10.70
C ASN A 95 4.41 9.41 10.07
N GLY A 96 3.22 9.56 9.52
CA GLY A 96 2.52 8.44 8.92
C GLY A 96 2.85 8.28 7.44
N THR A 97 4.13 8.15 7.13
CA THR A 97 4.56 7.94 5.76
C THR A 97 5.32 6.63 5.62
N LEU A 98 5.21 6.02 4.45
CA LEU A 98 5.88 4.75 4.21
C LEU A 98 6.99 4.95 3.18
N ILE A 99 8.15 4.41 3.49
CA ILE A 99 9.29 4.48 2.59
C ILE A 99 9.38 3.18 1.81
N TRP A 100 9.16 3.29 0.52
CA TRP A 100 9.15 2.15 -0.37
C TRP A 100 10.51 1.98 -1.03
N GLU A 101 11.19 0.90 -0.71
CA GLU A 101 12.47 0.61 -1.32
C GLU A 101 12.34 -0.51 -2.32
N GLN A 102 12.92 -0.28 -3.46
CA GLN A 102 12.89 -1.26 -4.54
C GLN A 102 14.15 -1.10 -5.38
N ASN A 103 14.80 -2.22 -5.69
CA ASN A 103 16.02 -2.24 -6.50
C ASN A 103 17.22 -1.72 -5.73
N GLY A 104 17.00 -0.63 -5.01
CA GLY A 104 18.05 -0.02 -4.24
C GLY A 104 17.69 1.40 -3.81
N GLN A 105 16.73 2.01 -4.49
CA GLN A 105 16.35 3.39 -4.21
C GLN A 105 15.05 3.45 -3.41
N ARG A 106 15.01 4.38 -2.47
CA ARG A 106 13.85 4.56 -1.62
C ARG A 106 12.99 5.75 -2.07
N LYS A 107 11.68 5.55 -2.04
CA LYS A 107 10.74 6.62 -2.30
C LYS A 107 9.74 6.74 -1.17
N THR A 108 9.50 7.95 -0.71
CA THR A 108 8.54 8.18 0.36
C THR A 108 7.18 8.53 -0.23
N MET A 109 6.15 7.83 0.23
CA MET A 109 4.80 8.06 -0.24
C MET A 109 3.88 8.38 0.93
N THR A 110 2.86 9.18 0.68
CA THR A 110 1.99 9.66 1.73
C THR A 110 0.74 8.78 1.81
N ARG A 111 0.18 8.68 3.01
CA ARG A 111 -0.97 7.82 3.23
C ARG A 111 -2.25 8.57 2.89
N ILE A 112 -3.28 7.82 2.56
CA ILE A 112 -4.61 8.35 2.44
C ILE A 112 -5.35 8.07 3.75
N GLU A 113 -6.29 8.92 4.09
CA GLU A 113 -7.03 8.74 5.34
C GLU A 113 -8.22 7.84 5.08
N SER A 114 -7.96 6.55 5.11
CA SER A 114 -8.99 5.55 4.85
C SER A 114 -9.80 5.28 6.12
N LYS A 115 -11.11 5.26 5.97
CA LYS A 115 -11.99 5.02 7.11
C LYS A 115 -12.00 3.53 7.44
N THR A 116 -11.08 3.13 8.30
CA THR A 116 -10.93 1.74 8.70
C THR A 116 -10.34 1.68 10.11
N GLY A 117 -10.89 0.83 10.96
CA GLY A 117 -10.41 0.74 12.32
C GLY A 117 -11.49 0.29 13.30
N ARG A 118 -12.71 0.76 13.08
CA ARG A 118 -13.82 0.35 13.91
C ARG A 118 -14.54 -0.84 13.27
N GLU A 119 -14.15 -2.04 13.65
CA GLU A 119 -14.70 -3.24 13.04
C GLU A 119 -14.80 -4.39 14.03
N GLU A 120 -16.04 -4.87 14.21
CA GLU A 120 -16.29 -6.15 14.86
C GLU A 120 -16.04 -6.12 16.37
N LYS A 121 -16.80 -6.93 17.09
CA LYS A 121 -16.58 -7.10 18.52
C LYS A 121 -16.57 -8.59 18.88
N ASP A 122 -15.67 -8.96 19.76
CA ASP A 122 -15.63 -10.32 20.29
C ASP A 122 -15.79 -10.28 21.79
N GLU A 123 -16.64 -11.15 22.31
CA GLU A 123 -17.03 -11.09 23.71
C GLU A 123 -16.51 -12.29 24.48
N LYS A 124 -15.46 -12.07 25.25
CA LYS A 124 -14.86 -13.11 26.06
C LYS A 124 -14.97 -12.77 27.54
N SER A 125 -15.79 -13.52 28.27
CA SER A 125 -16.01 -13.25 29.68
C SER A 125 -16.23 -14.54 30.48
N LYS A 126 -15.56 -14.62 31.62
CA LYS A 126 -15.74 -15.75 32.54
C LYS A 126 -15.62 -15.28 33.98
N SER A 127 -16.57 -15.67 34.81
CA SER A 127 -16.55 -15.32 36.23
C SER A 127 -17.12 -16.47 37.06
N LEU A 128 -16.25 -17.17 37.77
CA LEU A 128 -16.64 -18.31 38.57
C LEU A 128 -15.49 -18.74 39.47
N GLU A 129 -15.75 -18.81 40.78
CA GLU A 129 -14.75 -19.28 41.73
C GLU A 129 -15.24 -20.56 42.41
N HIS A 130 -14.43 -21.12 43.30
CA HIS A 130 -14.75 -22.40 43.91
C HIS A 130 -14.23 -22.48 45.34
N HIS A 131 -14.86 -23.31 46.16
CA HIS A 131 -14.50 -23.46 47.56
C HIS A 131 -14.35 -24.94 47.92
N HIS A 132 -13.34 -25.24 48.73
CA HIS A 132 -13.18 -26.57 49.28
C HIS A 132 -12.60 -26.52 50.68
N HIS A 133 -13.42 -26.89 51.65
CA HIS A 133 -13.01 -26.95 53.03
C HIS A 133 -12.33 -28.28 53.32
N HIS A 134 -11.10 -28.23 53.81
CA HIS A 134 -10.34 -29.45 54.07
C HIS A 134 -10.91 -30.20 55.25
N HIS A 135 -11.33 -31.43 55.00
CA HIS A 135 -11.91 -32.28 56.02
C HIS A 135 -10.79 -33.00 56.77
N MET A 1 -3.33 8.51 29.42
CA MET A 1 -2.25 8.01 28.56
C MET A 1 -1.44 9.18 27.99
N ILE A 2 -0.23 9.36 28.52
CA ILE A 2 0.68 10.38 28.02
C ILE A 2 1.31 9.91 26.71
N MET A 3 1.61 10.84 25.82
CA MET A 3 2.24 10.49 24.55
C MET A 3 3.72 10.21 24.73
N VAL A 4 4.05 8.95 24.93
CA VAL A 4 5.43 8.52 25.03
C VAL A 4 5.78 7.63 23.84
N SER A 5 6.64 8.13 22.97
CA SER A 5 7.02 7.39 21.78
C SER A 5 8.11 6.37 22.11
N GLY A 6 7.71 5.11 22.13
CA GLY A 6 8.65 4.04 22.41
C GLY A 6 8.19 2.74 21.78
N CYS A 7 9.08 1.76 21.74
CA CYS A 7 8.76 0.47 21.16
C CYS A 7 7.95 -0.40 22.13
N GLN A 8 6.64 -0.25 22.11
CA GLN A 8 5.77 -1.04 22.97
C GLN A 8 4.63 -1.62 22.17
N GLN A 9 4.57 -2.94 22.12
CA GLN A 9 3.52 -3.64 21.40
C GLN A 9 3.16 -4.94 22.11
N GLN A 10 1.88 -5.13 22.37
CA GLN A 10 1.40 -6.33 23.02
C GLN A 10 1.18 -7.43 22.00
N LYS A 11 2.02 -8.46 22.06
CA LYS A 11 1.92 -9.63 21.17
C LYS A 11 2.31 -9.26 19.74
N GLU A 12 1.40 -8.62 19.04
CA GLU A 12 1.59 -8.27 17.63
C GLU A 12 0.44 -7.39 17.19
N GLU A 13 0.73 -6.42 16.33
CA GLU A 13 -0.27 -5.50 15.86
C GLU A 13 -0.69 -5.82 14.41
N THR A 14 -1.45 -4.92 13.83
CA THR A 14 -1.89 -5.07 12.45
C THR A 14 -0.82 -4.48 11.52
N PRO A 15 -0.71 -4.98 10.28
CA PRO A 15 0.27 -4.47 9.30
C PRO A 15 0.11 -2.98 9.06
N PHE A 16 1.13 -2.20 9.39
CA PHE A 16 1.08 -0.75 9.25
C PHE A 16 0.94 -0.33 7.79
N TYR A 17 1.44 -1.16 6.88
CA TYR A 17 1.40 -0.84 5.46
C TYR A 17 0.08 -1.28 4.84
N TYR A 18 -0.79 -1.87 5.65
CA TYR A 18 -2.08 -2.34 5.16
C TYR A 18 -3.03 -1.16 4.97
N GLY A 19 -3.57 -1.06 3.78
CA GLY A 19 -4.47 0.04 3.47
C GLY A 19 -4.13 0.69 2.14
N THR A 20 -4.56 1.93 1.97
CA THR A 20 -4.34 2.65 0.72
C THR A 20 -3.34 3.79 0.92
N TRP A 21 -2.37 3.88 0.02
CA TRP A 21 -1.35 4.92 0.10
C TRP A 21 -1.32 5.75 -1.20
N ASP A 22 -1.20 7.06 -1.05
CA ASP A 22 -1.15 7.96 -2.21
C ASP A 22 0.27 8.44 -2.49
N GLU A 23 0.70 8.29 -3.74
CA GLU A 23 1.99 8.79 -4.17
C GLU A 23 1.81 10.16 -4.81
N GLY A 24 1.61 11.16 -3.98
CA GLY A 24 1.38 12.51 -4.47
C GLY A 24 2.66 13.24 -4.85
N ARG A 25 3.60 12.53 -5.47
CA ARG A 25 4.84 13.14 -5.92
C ARG A 25 5.53 12.20 -6.92
N ALA A 26 6.45 12.77 -7.71
CA ALA A 26 7.17 12.04 -8.75
C ALA A 26 6.27 11.73 -9.95
N PRO A 27 6.82 11.77 -11.17
CA PRO A 27 6.06 11.54 -12.40
C PRO A 27 5.55 10.11 -12.52
N GLY A 28 4.33 9.97 -13.01
CA GLY A 28 3.74 8.65 -13.19
C GLY A 28 4.16 8.01 -14.50
N PRO A 29 3.49 6.91 -14.87
CA PRO A 29 3.73 6.20 -16.12
C PRO A 29 3.65 7.10 -17.36
N THR A 30 4.19 6.59 -18.46
CA THR A 30 4.29 7.35 -19.70
C THR A 30 2.92 7.53 -20.38
N ASP A 31 1.98 6.64 -20.09
CA ASP A 31 0.68 6.65 -20.77
C ASP A 31 -0.23 7.81 -20.33
N GLY A 32 0.35 8.79 -19.63
CA GLY A 32 -0.40 9.97 -19.28
C GLY A 32 -1.06 9.86 -17.92
N VAL A 33 -0.44 9.08 -17.04
CA VAL A 33 -0.94 8.92 -15.69
C VAL A 33 -0.32 9.98 -14.80
N LYS A 34 -1.13 10.63 -13.97
CA LYS A 34 -0.66 11.67 -13.09
C LYS A 34 0.24 11.10 -12.02
N SER A 35 -0.21 10.00 -11.46
CA SER A 35 0.47 9.32 -10.38
C SER A 35 -0.26 8.02 -10.06
N ALA A 36 0.29 7.25 -9.16
CA ALA A 36 -0.30 5.98 -8.81
C ALA A 36 -0.59 5.92 -7.31
N THR A 37 -1.57 5.10 -6.96
CA THR A 37 -1.86 4.81 -5.58
C THR A 37 -1.70 3.32 -5.33
N VAL A 38 -1.16 2.96 -4.18
CA VAL A 38 -0.91 1.56 -3.90
C VAL A 38 -1.83 1.05 -2.80
N THR A 39 -2.45 -0.09 -3.05
CA THR A 39 -3.31 -0.71 -2.07
C THR A 39 -2.75 -2.07 -1.66
N PHE A 40 -2.47 -2.22 -0.38
CA PHE A 40 -1.95 -3.48 0.12
C PHE A 40 -3.06 -4.26 0.80
N THR A 41 -3.38 -5.41 0.24
CA THR A 41 -4.38 -6.28 0.83
C THR A 41 -3.70 -7.41 1.58
N GLU A 42 -4.49 -8.32 2.13
CA GLU A 42 -3.98 -9.37 3.00
C GLU A 42 -2.87 -10.19 2.33
N ASP A 43 -3.08 -10.57 1.08
CA ASP A 43 -2.11 -11.44 0.40
C ASP A 43 -1.64 -10.85 -0.94
N GLU A 44 -2.35 -9.84 -1.43
CA GLU A 44 -2.10 -9.32 -2.77
C GLU A 44 -1.84 -7.81 -2.76
N VAL A 45 -1.12 -7.34 -3.77
CA VAL A 45 -0.89 -5.92 -3.95
C VAL A 45 -1.64 -5.42 -5.17
N VAL A 46 -2.38 -4.33 -5.01
CA VAL A 46 -3.12 -3.76 -6.11
C VAL A 46 -2.63 -2.35 -6.40
N GLU A 47 -2.20 -2.12 -7.64
CA GLU A 47 -1.80 -0.79 -8.06
C GLU A 47 -2.94 -0.08 -8.75
N THR A 48 -3.08 1.18 -8.42
CA THR A 48 -4.13 2.00 -8.99
C THR A 48 -3.53 3.21 -9.69
N GLU A 49 -3.77 3.32 -10.98
CA GLU A 49 -3.24 4.43 -11.77
C GLU A 49 -4.32 5.47 -11.98
N VAL A 50 -4.01 6.71 -11.66
CA VAL A 50 -4.96 7.80 -11.87
C VAL A 50 -4.63 8.54 -13.15
N MET A 51 -5.50 8.43 -14.13
CA MET A 51 -5.26 9.03 -15.44
C MET A 51 -6.29 10.11 -15.75
N GLU A 52 -5.81 11.22 -16.31
CA GLU A 52 -6.66 12.36 -16.63
C GLU A 52 -7.84 11.96 -17.50
N GLY A 53 -9.03 12.30 -17.05
CA GLY A 53 -10.23 12.01 -17.82
C GLY A 53 -10.88 10.70 -17.40
N ARG A 54 -10.07 9.78 -16.89
CA ARG A 54 -10.58 8.49 -16.46
C ARG A 54 -10.91 8.51 -14.98
N GLY A 55 -9.86 8.47 -14.18
CA GLY A 55 -9.98 8.29 -12.76
C GLY A 55 -9.05 7.20 -12.28
N GLU A 56 -9.46 6.43 -11.27
CA GLU A 56 -8.66 5.33 -10.80
C GLU A 56 -8.81 4.12 -11.69
N VAL A 57 -7.69 3.56 -12.05
CA VAL A 57 -7.63 2.34 -12.81
C VAL A 57 -6.91 1.27 -11.99
N GLN A 58 -7.60 0.17 -11.73
CA GLN A 58 -7.04 -0.89 -10.90
C GLN A 58 -6.35 -1.93 -11.77
N LEU A 59 -5.11 -2.22 -11.45
CA LEU A 59 -4.34 -3.22 -12.17
C LEU A 59 -4.54 -4.59 -11.54
N PRO A 60 -4.28 -5.66 -12.31
CA PRO A 60 -4.34 -7.04 -11.81
C PRO A 60 -3.57 -7.21 -10.51
N PHE A 61 -4.20 -7.86 -9.54
CA PHE A 61 -3.61 -8.07 -8.24
C PHE A 61 -2.32 -8.89 -8.33
N MET A 62 -1.27 -8.36 -7.73
CA MET A 62 0.01 -9.04 -7.70
C MET A 62 0.23 -9.66 -6.33
N ALA A 63 0.41 -10.97 -6.30
CA ALA A 63 0.63 -11.68 -5.05
C ALA A 63 2.04 -11.42 -4.54
N TYR A 64 2.13 -11.01 -3.29
CA TYR A 64 3.43 -10.72 -2.68
C TYR A 64 3.70 -11.70 -1.55
N LYS A 65 4.97 -11.89 -1.26
CA LYS A 65 5.37 -12.74 -0.15
C LYS A 65 6.31 -12.00 0.75
N VAL A 66 6.23 -12.33 2.02
CA VAL A 66 7.00 -11.65 3.05
C VAL A 66 8.24 -12.45 3.40
N ILE A 67 9.40 -11.88 3.10
CA ILE A 67 10.67 -12.51 3.39
C ILE A 67 11.04 -12.27 4.84
N SER A 68 11.03 -11.01 5.22
CA SER A 68 11.31 -10.62 6.60
C SER A 68 10.28 -9.61 7.05
N GLN A 69 10.04 -9.57 8.35
CA GLN A 69 8.96 -8.78 8.89
C GLN A 69 9.31 -8.26 10.28
N SER A 70 8.85 -7.06 10.59
CA SER A 70 9.05 -6.48 11.90
C SER A 70 7.73 -5.90 12.40
N THR A 71 7.50 -5.96 13.71
CA THR A 71 6.33 -5.35 14.30
C THR A 71 6.47 -3.83 14.29
N ASP A 72 7.72 -3.37 14.24
CA ASP A 72 8.03 -1.96 14.07
C ASP A 72 9.49 -1.79 13.70
N GLY A 73 9.77 -1.80 12.41
CA GLY A 73 11.12 -1.60 11.92
C GLY A 73 11.19 -1.60 10.41
N SER A 74 11.30 -2.78 9.83
CA SER A 74 11.39 -2.91 8.38
C SER A 74 10.70 -4.18 7.92
N ILE A 75 10.29 -4.18 6.67
CA ILE A 75 9.67 -5.34 6.06
C ILE A 75 10.29 -5.58 4.69
N GLU A 76 10.57 -6.83 4.38
CA GLU A 76 11.11 -7.18 3.08
C GLU A 76 10.15 -8.12 2.38
N ILE A 77 9.67 -7.70 1.23
CA ILE A 77 8.67 -8.46 0.49
C ILE A 77 9.17 -8.76 -0.91
N GLN A 78 8.62 -9.79 -1.51
CA GLN A 78 8.99 -10.20 -2.85
C GLN A 78 7.73 -10.40 -3.69
N TYR A 79 7.81 -10.05 -4.97
CA TYR A 79 6.68 -10.19 -5.87
C TYR A 79 6.75 -11.51 -6.61
N LEU A 80 5.59 -11.99 -7.05
CA LEU A 80 5.51 -13.23 -7.79
C LEU A 80 5.19 -12.96 -9.25
N GLY A 81 5.04 -14.03 -10.03
CA GLY A 81 4.80 -13.86 -11.46
C GLY A 81 6.09 -13.69 -12.20
N PRO A 82 6.06 -13.02 -13.37
CA PRO A 82 7.28 -12.75 -14.15
C PRO A 82 8.26 -11.84 -13.40
N TYR A 83 7.76 -11.19 -12.35
CA TYR A 83 8.58 -10.28 -11.57
C TYR A 83 9.05 -10.97 -10.30
N TYR A 84 9.24 -12.29 -10.40
CA TYR A 84 9.78 -13.09 -9.32
C TYR A 84 11.19 -12.59 -8.93
N PRO A 85 11.78 -13.15 -7.85
CA PRO A 85 12.78 -12.56 -6.97
C PRO A 85 13.09 -11.04 -7.02
N LEU A 86 12.47 -10.27 -7.88
CA LEU A 86 12.53 -8.82 -7.78
C LEU A 86 11.76 -8.40 -6.54
N LYS A 87 12.49 -8.04 -5.49
CA LYS A 87 11.86 -7.79 -4.20
C LYS A 87 11.80 -6.29 -3.89
N SER A 88 11.13 -5.97 -2.80
CA SER A 88 10.88 -4.59 -2.42
C SER A 88 11.03 -4.43 -0.90
N THR A 89 11.28 -3.21 -0.45
CA THR A 89 11.49 -2.93 0.95
C THR A 89 10.43 -1.95 1.47
N LEU A 90 10.01 -2.16 2.71
CA LEU A 90 8.99 -1.33 3.34
C LEU A 90 9.43 -0.87 4.72
N LYS A 91 9.31 0.42 4.97
CA LYS A 91 9.59 0.98 6.28
C LYS A 91 8.62 2.13 6.56
N ARG A 92 8.54 2.54 7.82
CA ARG A 92 7.75 3.71 8.16
C ARG A 92 8.66 4.92 8.30
N GLY A 93 8.09 6.10 8.11
CA GLY A 93 8.86 7.31 8.23
C GLY A 93 8.71 7.96 9.59
N GLU A 94 8.90 9.27 9.64
CA GLU A 94 8.75 10.02 10.88
C GLU A 94 7.28 10.20 11.21
N ASN A 95 6.53 10.59 10.20
CA ASN A 95 5.10 10.83 10.33
C ASN A 95 4.33 9.60 9.86
N GLY A 96 3.06 9.79 9.53
CA GLY A 96 2.26 8.71 8.97
C GLY A 96 2.59 8.47 7.52
N THR A 97 3.87 8.31 7.23
CA THR A 97 4.36 8.12 5.88
C THR A 97 5.03 6.76 5.75
N LEU A 98 4.80 6.12 4.61
CA LEU A 98 5.42 4.83 4.33
C LEU A 98 6.58 5.03 3.37
N ILE A 99 7.69 4.37 3.66
CA ILE A 99 8.83 4.38 2.78
C ILE A 99 8.80 3.12 1.94
N TRP A 100 8.52 3.28 0.66
CA TRP A 100 8.43 2.14 -0.25
C TRP A 100 9.63 2.14 -1.18
N GLU A 101 10.48 1.15 -1.00
CA GLU A 101 11.63 0.98 -1.87
C GLU A 101 11.40 -0.22 -2.77
N GLN A 102 11.63 -0.01 -4.04
CA GLN A 102 11.34 -1.04 -5.03
C GLN A 102 12.28 -0.93 -6.22
N ASN A 103 13.05 -2.00 -6.44
CA ASN A 103 13.77 -2.17 -7.70
C ASN A 103 14.90 -1.16 -7.88
N GLY A 104 15.01 -0.23 -6.95
CA GLY A 104 16.05 0.77 -7.02
C GLY A 104 15.53 2.16 -6.69
N GLN A 105 14.21 2.34 -6.68
CA GLN A 105 13.65 3.64 -6.39
C GLN A 105 12.98 3.66 -5.02
N ARG A 106 13.24 4.72 -4.26
CA ARG A 106 12.61 4.92 -2.98
C ARG A 106 11.49 5.95 -3.09
N LYS A 107 10.30 5.59 -2.63
CA LYS A 107 9.17 6.51 -2.65
C LYS A 107 8.67 6.81 -1.24
N THR A 108 8.62 8.09 -0.90
CA THR A 108 8.03 8.51 0.35
C THR A 108 6.57 8.89 0.13
N MET A 109 5.66 8.13 0.71
CA MET A 109 4.24 8.34 0.49
C MET A 109 3.51 8.51 1.82
N THR A 110 2.42 9.25 1.79
CA THR A 110 1.65 9.50 2.99
C THR A 110 0.43 8.59 3.03
N ARG A 111 -0.08 8.34 4.22
CA ARG A 111 -1.23 7.45 4.37
C ARG A 111 -2.52 8.24 4.23
N ILE A 112 -3.50 7.63 3.59
CA ILE A 112 -4.81 8.23 3.47
C ILE A 112 -5.52 8.17 4.81
N GLU A 113 -6.35 9.16 5.08
CA GLU A 113 -7.01 9.27 6.36
C GLU A 113 -8.13 8.25 6.48
N SER A 114 -7.90 7.23 7.31
CA SER A 114 -8.84 6.15 7.49
C SER A 114 -9.66 6.33 8.77
N LYS A 115 -9.63 7.54 9.32
CA LYS A 115 -10.29 7.80 10.59
C LYS A 115 -11.05 9.14 10.56
N THR A 116 -11.33 9.61 9.36
CA THR A 116 -12.02 10.89 9.19
C THR A 116 -13.48 10.68 8.80
N GLY A 117 -14.38 10.80 9.77
CA GLY A 117 -15.79 10.67 9.49
C GLY A 117 -16.44 9.55 10.28
N ARG A 118 -17.54 9.02 9.75
CA ARG A 118 -18.27 7.95 10.39
C ARG A 118 -19.09 7.23 9.33
N GLU A 119 -19.38 5.98 9.58
CA GLU A 119 -20.16 5.17 8.65
C GLU A 119 -21.65 5.52 8.73
N GLU A 120 -21.97 6.76 8.37
CA GLU A 120 -23.36 7.19 8.23
C GLU A 120 -24.00 6.46 7.06
N LYS A 121 -25.30 6.22 7.14
CA LYS A 121 -25.98 5.44 6.12
C LYS A 121 -26.61 6.34 5.07
N ASP A 122 -25.98 6.39 3.90
CA ASP A 122 -26.52 7.08 2.75
C ASP A 122 -27.36 6.13 1.93
N GLU A 123 -28.47 6.60 1.40
CA GLU A 123 -29.36 5.78 0.60
C GLU A 123 -28.67 5.38 -0.70
N LYS A 124 -28.18 4.14 -0.74
CA LYS A 124 -27.46 3.63 -1.89
C LYS A 124 -28.11 2.37 -2.43
N SER A 125 -29.10 2.56 -3.29
CA SER A 125 -29.74 1.44 -3.96
C SER A 125 -28.96 1.11 -5.22
N LYS A 126 -28.24 0.00 -5.18
CA LYS A 126 -27.38 -0.38 -6.28
C LYS A 126 -28.12 -1.22 -7.30
N SER A 127 -27.67 -1.16 -8.54
CA SER A 127 -28.26 -1.92 -9.62
C SER A 127 -27.16 -2.56 -10.46
N LEU A 128 -26.80 -3.79 -10.11
CA LEU A 128 -25.73 -4.49 -10.80
C LEU A 128 -26.29 -5.37 -11.90
N GLU A 129 -26.09 -4.94 -13.13
CA GLU A 129 -26.45 -5.74 -14.29
C GLU A 129 -25.32 -6.72 -14.55
N HIS A 130 -25.43 -7.92 -13.98
CA HIS A 130 -24.39 -8.93 -14.10
C HIS A 130 -24.35 -9.47 -15.53
N HIS A 131 -23.43 -8.94 -16.32
CA HIS A 131 -23.39 -9.28 -17.74
C HIS A 131 -22.52 -10.51 -17.96
N HIS A 132 -21.40 -10.58 -17.26
CA HIS A 132 -20.50 -11.73 -17.28
C HIS A 132 -19.81 -11.90 -18.64
N HIS A 133 -18.54 -11.55 -18.68
CA HIS A 133 -17.70 -11.79 -19.85
C HIS A 133 -17.43 -13.28 -19.99
N HIS A 134 -17.58 -13.80 -21.19
CA HIS A 134 -17.43 -15.24 -21.42
C HIS A 134 -16.24 -15.51 -22.33
N HIS A 135 -15.30 -16.30 -21.84
CA HIS A 135 -14.17 -16.73 -22.65
C HIS A 135 -13.86 -18.19 -22.35
N MET A 1 -19.17 8.14 17.46
CA MET A 1 -18.38 9.38 17.35
C MET A 1 -16.93 9.06 17.03
N ILE A 2 -16.39 9.70 16.02
CA ILE A 2 -15.01 9.44 15.60
C ILE A 2 -14.01 10.17 16.50
N MET A 3 -13.61 9.50 17.56
CA MET A 3 -12.66 10.05 18.51
C MET A 3 -11.96 8.93 19.27
N VAL A 4 -10.64 9.02 19.37
CA VAL A 4 -9.82 8.08 20.12
C VAL A 4 -9.79 6.69 19.47
N SER A 5 -8.62 6.33 18.96
CA SER A 5 -8.41 4.99 18.43
C SER A 5 -7.96 4.05 19.54
N GLY A 6 -7.17 4.58 20.46
CA GLY A 6 -6.72 3.82 21.61
C GLY A 6 -5.89 4.67 22.56
N CYS A 7 -6.42 4.91 23.76
CA CYS A 7 -5.75 5.76 24.73
C CYS A 7 -4.43 5.15 25.19
N GLN A 8 -4.38 3.84 25.27
CA GLN A 8 -3.15 3.14 25.65
C GLN A 8 -2.58 2.37 24.46
N GLN A 9 -1.47 2.87 23.95
CA GLN A 9 -0.78 2.21 22.84
C GLN A 9 0.25 1.22 23.38
N GLN A 10 -0.08 0.59 24.49
CA GLN A 10 0.78 -0.39 25.12
C GLN A 10 0.86 -1.66 24.27
N LYS A 11 -0.23 -1.96 23.59
CA LYS A 11 -0.25 -3.07 22.64
C LYS A 11 -0.18 -2.51 21.23
N GLU A 12 0.87 -2.88 20.51
CA GLU A 12 1.10 -2.32 19.18
C GLU A 12 1.13 -3.44 18.13
N GLU A 13 -0.04 -3.77 17.60
CA GLU A 13 -0.15 -4.82 16.61
C GLU A 13 -0.42 -4.25 15.23
N THR A 14 -0.50 -2.95 15.20
CA THR A 14 -0.91 -2.21 14.01
C THR A 14 0.02 -2.46 12.82
N PRO A 15 -0.55 -2.96 11.70
CA PRO A 15 0.16 -3.11 10.44
C PRO A 15 0.25 -1.77 9.71
N PHE A 16 1.39 -1.10 9.86
CA PHE A 16 1.56 0.25 9.33
C PHE A 16 1.46 0.29 7.80
N TYR A 17 1.77 -0.83 7.15
CA TYR A 17 1.81 -0.88 5.69
C TYR A 17 0.43 -1.07 5.09
N TYR A 18 -0.52 -1.53 5.91
CA TYR A 18 -1.84 -1.87 5.41
C TYR A 18 -2.64 -0.60 5.12
N GLY A 19 -3.34 -0.60 3.99
CA GLY A 19 -4.15 0.54 3.63
C GLY A 19 -3.90 0.99 2.21
N THR A 20 -4.23 2.24 1.93
CA THR A 20 -4.01 2.84 0.62
C THR A 20 -3.04 4.01 0.72
N TRP A 21 -2.02 4.01 -0.11
CA TRP A 21 -1.04 5.08 -0.12
C TRP A 21 -1.11 5.85 -1.44
N ASP A 22 -0.96 7.15 -1.37
CA ASP A 22 -1.13 8.03 -2.53
C ASP A 22 0.21 8.59 -3.01
N GLU A 23 0.42 8.56 -4.32
CA GLU A 23 1.65 9.09 -4.92
C GLU A 23 1.45 10.52 -5.42
N GLY A 24 0.74 11.33 -4.65
CA GLY A 24 0.65 12.74 -4.95
C GLY A 24 1.95 13.45 -4.64
N ARG A 25 2.77 12.80 -3.85
CA ARG A 25 4.06 13.32 -3.48
C ARG A 25 5.10 12.80 -4.46
N ALA A 26 6.05 13.66 -4.78
CA ALA A 26 7.12 13.35 -5.73
C ALA A 26 6.59 13.24 -7.16
N PRO A 27 7.44 13.47 -8.17
CA PRO A 27 7.06 13.33 -9.58
C PRO A 27 6.68 11.89 -9.93
N GLY A 28 5.59 11.74 -10.65
CA GLY A 28 5.11 10.41 -10.99
C GLY A 28 5.38 10.06 -12.44
N PRO A 29 4.58 9.15 -13.02
CA PRO A 29 4.71 8.73 -14.42
C PRO A 29 4.50 9.87 -15.41
N THR A 30 4.77 9.60 -16.68
CA THR A 30 4.67 10.62 -17.73
C THR A 30 3.84 10.12 -18.92
N ASP A 31 3.49 8.85 -18.87
CA ASP A 31 2.68 8.21 -19.91
C ASP A 31 1.37 8.97 -20.16
N GLY A 32 0.77 9.39 -19.07
CA GLY A 32 -0.52 10.03 -19.10
C GLY A 32 -1.08 10.03 -17.71
N VAL A 33 -0.80 8.95 -17.00
CA VAL A 33 -0.96 8.92 -15.57
C VAL A 33 0.08 9.85 -14.97
N LYS A 34 -0.32 10.67 -14.02
CA LYS A 34 0.60 11.57 -13.38
C LYS A 34 0.83 11.17 -11.94
N SER A 35 -0.04 10.31 -11.43
CA SER A 35 0.01 9.89 -10.04
C SER A 35 -0.69 8.56 -9.87
N ALA A 36 -0.35 7.84 -8.81
CA ALA A 36 -0.91 6.52 -8.59
C ALA A 36 -1.30 6.34 -7.14
N THR A 37 -2.09 5.32 -6.89
CA THR A 37 -2.49 4.94 -5.55
C THR A 37 -2.27 3.46 -5.36
N VAL A 38 -1.62 3.09 -4.27
CA VAL A 38 -1.31 1.69 -4.03
C VAL A 38 -2.12 1.15 -2.85
N THR A 39 -2.76 0.02 -3.08
CA THR A 39 -3.55 -0.63 -2.05
C THR A 39 -2.93 -1.96 -1.68
N PHE A 40 -2.67 -2.16 -0.39
CA PHE A 40 -2.10 -3.41 0.08
C PHE A 40 -3.20 -4.26 0.70
N THR A 41 -3.44 -5.41 0.10
CA THR A 41 -4.43 -6.35 0.58
C THR A 41 -3.76 -7.49 1.34
N GLU A 42 -4.58 -8.44 1.81
CA GLU A 42 -4.11 -9.52 2.67
C GLU A 42 -2.86 -10.21 2.12
N ASP A 43 -2.91 -10.66 0.87
CA ASP A 43 -1.80 -11.42 0.31
C ASP A 43 -1.45 -10.92 -1.10
N GLU A 44 -2.05 -9.81 -1.50
CA GLU A 44 -1.82 -9.28 -2.83
C GLU A 44 -1.50 -7.79 -2.79
N VAL A 45 -0.96 -7.29 -3.89
CA VAL A 45 -0.75 -5.86 -4.07
C VAL A 45 -1.61 -5.36 -5.22
N VAL A 46 -2.46 -4.40 -4.95
CA VAL A 46 -3.29 -3.81 -6.00
C VAL A 46 -2.83 -2.40 -6.30
N GLU A 47 -2.49 -2.16 -7.54
CA GLU A 47 -2.05 -0.84 -7.97
C GLU A 47 -3.12 -0.16 -8.78
N THR A 48 -3.31 1.11 -8.50
CA THR A 48 -4.27 1.92 -9.21
C THR A 48 -3.61 3.16 -9.76
N GLU A 49 -3.84 3.42 -11.03
CA GLU A 49 -3.23 4.56 -11.70
C GLU A 49 -4.29 5.61 -12.01
N VAL A 50 -3.97 6.87 -11.76
CA VAL A 50 -4.89 7.94 -12.07
C VAL A 50 -4.59 8.51 -13.46
N MET A 51 -5.51 8.29 -14.39
CA MET A 51 -5.31 8.73 -15.75
C MET A 51 -6.38 9.76 -16.12
N GLU A 52 -5.95 10.98 -16.36
CA GLU A 52 -6.87 12.08 -16.58
C GLU A 52 -7.61 11.93 -17.90
N GLY A 53 -8.91 11.72 -17.81
CA GLY A 53 -9.72 11.49 -18.99
C GLY A 53 -10.34 10.11 -18.96
N ARG A 54 -9.75 9.24 -18.16
CA ARG A 54 -10.22 7.89 -17.98
C ARG A 54 -10.76 7.71 -16.57
N GLY A 55 -9.87 7.90 -15.62
CA GLY A 55 -10.18 7.71 -14.22
C GLY A 55 -9.13 6.86 -13.56
N GLU A 56 -9.46 6.24 -12.44
CA GLU A 56 -8.57 5.32 -11.80
C GLU A 56 -8.57 3.98 -12.50
N VAL A 57 -7.39 3.49 -12.78
CA VAL A 57 -7.20 2.23 -13.48
C VAL A 57 -6.57 1.21 -12.53
N GLN A 58 -7.25 0.10 -12.31
CA GLN A 58 -6.75 -0.96 -11.45
C GLN A 58 -5.97 -1.98 -12.26
N LEU A 59 -4.75 -2.27 -11.82
CA LEU A 59 -3.96 -3.33 -12.42
C LEU A 59 -4.31 -4.66 -11.77
N PRO A 60 -4.01 -5.78 -12.44
CA PRO A 60 -4.30 -7.11 -11.90
C PRO A 60 -3.54 -7.36 -10.60
N PHE A 61 -4.24 -7.86 -9.59
CA PHE A 61 -3.64 -8.05 -8.27
C PHE A 61 -2.42 -8.95 -8.35
N MET A 62 -1.33 -8.47 -7.81
CA MET A 62 -0.08 -9.22 -7.84
C MET A 62 0.21 -9.82 -6.47
N ALA A 63 0.51 -11.10 -6.46
CA ALA A 63 0.79 -11.80 -5.22
C ALA A 63 2.17 -11.42 -4.71
N TYR A 64 2.24 -11.09 -3.43
CA TYR A 64 3.50 -10.77 -2.80
C TYR A 64 3.71 -11.66 -1.59
N LYS A 65 4.95 -12.01 -1.32
CA LYS A 65 5.27 -12.80 -0.15
C LYS A 65 6.24 -12.07 0.73
N VAL A 66 6.19 -12.43 1.99
CA VAL A 66 6.98 -11.78 3.02
C VAL A 66 8.27 -12.55 3.28
N ILE A 67 9.39 -11.92 2.96
CA ILE A 67 10.69 -12.51 3.22
C ILE A 67 11.06 -12.27 4.67
N SER A 68 11.02 -11.00 5.06
CA SER A 68 11.34 -10.60 6.42
C SER A 68 10.33 -9.58 6.90
N GLN A 69 10.14 -9.53 8.20
CA GLN A 69 9.21 -8.60 8.81
C GLN A 69 9.72 -8.21 10.18
N SER A 70 9.39 -7.00 10.62
CA SER A 70 9.81 -6.52 11.91
C SER A 70 8.72 -5.67 12.56
N THR A 71 8.54 -5.86 13.85
CA THR A 71 7.64 -5.03 14.64
C THR A 71 8.21 -3.61 14.79
N ASP A 72 9.51 -3.49 14.52
CA ASP A 72 10.21 -2.22 14.60
C ASP A 72 9.71 -1.24 13.57
N GLY A 73 9.54 -1.71 12.35
CA GLY A 73 9.05 -0.86 11.29
C GLY A 73 9.76 -1.07 9.97
N SER A 74 10.23 -2.30 9.75
CA SER A 74 10.85 -2.66 8.50
C SER A 74 10.33 -3.99 8.00
N ILE A 75 9.94 -4.04 6.75
CA ILE A 75 9.38 -5.24 6.15
C ILE A 75 9.99 -5.48 4.78
N GLU A 76 10.32 -6.73 4.50
CA GLU A 76 10.86 -7.10 3.21
C GLU A 76 9.90 -8.07 2.53
N ILE A 77 9.49 -7.71 1.33
CA ILE A 77 8.52 -8.49 0.59
C ILE A 77 8.98 -8.67 -0.85
N GLN A 78 8.47 -9.68 -1.52
CA GLN A 78 8.86 -9.96 -2.88
C GLN A 78 7.65 -10.37 -3.70
N TYR A 79 7.62 -9.92 -4.96
CA TYR A 79 6.54 -10.28 -5.87
C TYR A 79 6.66 -11.74 -6.28
N LEU A 80 5.69 -12.23 -7.01
CA LEU A 80 5.72 -13.58 -7.52
C LEU A 80 5.48 -13.60 -9.01
N GLY A 81 5.60 -14.78 -9.61
CA GLY A 81 5.57 -14.86 -11.05
C GLY A 81 6.92 -14.53 -11.64
N PRO A 82 6.98 -14.01 -12.87
CA PRO A 82 8.25 -13.60 -13.49
C PRO A 82 8.88 -12.43 -12.74
N TYR A 83 8.14 -11.85 -11.81
CA TYR A 83 8.60 -10.68 -11.08
C TYR A 83 9.07 -11.09 -9.68
N TYR A 84 9.40 -12.36 -9.50
CA TYR A 84 9.72 -12.88 -8.19
C TYR A 84 11.22 -12.89 -7.89
N PRO A 85 12.13 -12.41 -8.77
CA PRO A 85 13.46 -12.10 -8.33
C PRO A 85 13.61 -10.62 -7.93
N LEU A 86 12.55 -9.86 -8.16
CA LEU A 86 12.53 -8.45 -7.79
C LEU A 86 11.77 -8.27 -6.49
N LYS A 87 12.47 -7.90 -5.44
CA LYS A 87 11.83 -7.72 -4.14
C LYS A 87 11.56 -6.23 -3.87
N SER A 88 10.81 -5.99 -2.82
CA SER A 88 10.41 -4.66 -2.43
C SER A 88 10.71 -4.47 -0.94
N THR A 89 10.84 -3.23 -0.52
CA THR A 89 11.16 -2.94 0.86
C THR A 89 10.20 -1.93 1.46
N LEU A 90 9.86 -2.14 2.71
CA LEU A 90 8.99 -1.25 3.44
C LEU A 90 9.73 -0.72 4.67
N LYS A 91 9.81 0.58 4.79
CA LYS A 91 10.55 1.19 5.88
C LYS A 91 9.74 2.29 6.54
N ARG A 92 10.06 2.54 7.79
CA ARG A 92 9.46 3.64 8.53
C ARG A 92 10.22 4.92 8.22
N GLY A 93 9.54 6.06 8.32
CA GLY A 93 10.23 7.33 8.22
C GLY A 93 10.68 7.81 9.58
N GLU A 94 10.89 9.11 9.72
CA GLU A 94 11.22 9.69 11.02
C GLU A 94 9.92 9.91 11.77
N ASN A 95 8.87 10.14 11.01
CA ASN A 95 7.52 10.26 11.53
C ASN A 95 6.71 9.03 11.13
N GLY A 96 5.39 9.11 11.26
CA GLY A 96 4.53 8.00 10.91
C GLY A 96 4.28 7.92 9.43
N THR A 97 5.34 7.89 8.64
CA THR A 97 5.22 7.75 7.21
C THR A 97 5.89 6.46 6.72
N LEU A 98 5.43 5.95 5.59
CA LEU A 98 5.96 4.70 5.06
C LEU A 98 6.85 4.97 3.85
N ILE A 99 8.05 4.43 3.89
CA ILE A 99 8.94 4.47 2.76
C ILE A 99 8.88 3.14 2.02
N TRP A 100 8.32 3.18 0.83
CA TRP A 100 8.17 1.97 0.02
C TRP A 100 9.22 1.96 -1.07
N GLU A 101 10.11 0.99 -1.03
CA GLU A 101 11.09 0.82 -2.07
C GLU A 101 10.64 -0.24 -3.03
N GLN A 102 10.70 0.10 -4.29
CA GLN A 102 10.31 -0.80 -5.36
C GLN A 102 11.03 -0.45 -6.64
N ASN A 103 11.60 -1.46 -7.29
CA ASN A 103 12.19 -1.30 -8.64
C ASN A 103 13.44 -0.40 -8.60
N GLY A 104 13.92 -0.10 -7.41
CA GLY A 104 15.06 0.77 -7.27
C GLY A 104 14.66 2.18 -6.90
N GLN A 105 13.36 2.40 -6.71
CA GLN A 105 12.86 3.71 -6.32
C GLN A 105 12.68 3.77 -4.81
N ARG A 106 13.08 4.86 -4.21
CA ARG A 106 12.79 5.12 -2.81
C ARG A 106 11.59 6.06 -2.76
N LYS A 107 10.48 5.59 -2.23
CA LYS A 107 9.25 6.37 -2.28
C LYS A 107 8.72 6.66 -0.90
N THR A 108 8.27 7.88 -0.72
CA THR A 108 7.61 8.31 0.50
C THR A 108 6.20 8.77 0.15
N MET A 109 5.20 8.19 0.79
CA MET A 109 3.82 8.42 0.40
C MET A 109 2.97 8.89 1.55
N THR A 110 1.84 9.50 1.21
CA THR A 110 0.86 9.93 2.20
C THR A 110 -0.23 8.88 2.34
N ARG A 111 -0.67 8.67 3.57
CA ARG A 111 -1.67 7.65 3.85
C ARG A 111 -3.07 8.16 3.54
N ILE A 112 -3.79 7.42 2.72
CA ILE A 112 -5.19 7.71 2.44
C ILE A 112 -6.03 7.21 3.60
N GLU A 113 -7.11 7.91 3.87
CA GLU A 113 -7.93 7.61 5.02
C GLU A 113 -9.16 6.80 4.60
N SER A 114 -9.35 5.67 5.23
CA SER A 114 -10.45 4.80 4.91
C SER A 114 -11.52 4.86 6.00
N LYS A 115 -12.59 5.60 5.72
CA LYS A 115 -13.65 5.79 6.70
C LYS A 115 -14.72 4.71 6.50
N THR A 116 -14.85 3.84 7.50
CA THR A 116 -15.81 2.75 7.44
C THR A 116 -17.02 3.07 8.32
N GLY A 117 -18.16 2.47 7.99
CA GLY A 117 -19.37 2.67 8.78
C GLY A 117 -20.47 1.71 8.40
N ARG A 118 -21.06 1.06 9.39
CA ARG A 118 -22.17 0.13 9.14
C ARG A 118 -23.07 0.10 10.37
N GLU A 119 -23.99 1.04 10.45
CA GLU A 119 -24.84 1.17 11.62
C GLU A 119 -26.31 1.00 11.23
N GLU A 120 -26.75 -0.25 11.22
CA GLU A 120 -28.15 -0.60 10.91
C GLU A 120 -28.52 -0.28 9.46
N LYS A 121 -29.45 -1.06 8.92
CA LYS A 121 -30.01 -0.81 7.59
C LYS A 121 -31.25 -1.65 7.38
N ASP A 122 -32.27 -1.05 6.78
CA ASP A 122 -33.51 -1.74 6.46
C ASP A 122 -33.29 -2.79 5.38
N GLU A 123 -34.28 -3.66 5.18
CA GLU A 123 -34.16 -4.73 4.20
C GLU A 123 -34.45 -4.24 2.79
N LYS A 124 -35.73 -3.99 2.50
CA LYS A 124 -36.15 -3.62 1.17
C LYS A 124 -36.65 -2.19 1.11
N SER A 125 -35.92 -1.35 0.42
CA SER A 125 -36.37 0.00 0.08
C SER A 125 -35.94 0.33 -1.33
N LYS A 126 -36.88 0.27 -2.26
CA LYS A 126 -36.57 0.48 -3.67
C LYS A 126 -36.55 1.97 -3.99
N SER A 127 -37.21 2.76 -3.15
CA SER A 127 -37.25 4.20 -3.33
C SER A 127 -35.92 4.82 -2.88
N LEU A 128 -34.89 4.64 -3.70
CA LEU A 128 -33.59 5.24 -3.47
C LEU A 128 -33.39 6.42 -4.41
N GLU A 129 -34.48 7.15 -4.61
CA GLU A 129 -34.48 8.30 -5.50
C GLU A 129 -33.81 9.49 -4.82
N HIS A 130 -32.57 9.74 -5.19
CA HIS A 130 -31.78 10.80 -4.60
C HIS A 130 -31.45 11.85 -5.65
N HIS A 131 -31.56 13.12 -5.26
CA HIS A 131 -31.30 14.22 -6.18
C HIS A 131 -29.84 14.64 -6.18
N HIS A 132 -29.53 15.63 -7.00
CA HIS A 132 -28.18 16.16 -7.13
C HIS A 132 -28.26 17.66 -7.37
N HIS A 133 -27.22 18.38 -6.97
CA HIS A 133 -27.25 19.84 -7.05
C HIS A 133 -25.84 20.40 -7.26
N HIS A 134 -25.66 21.15 -8.33
CA HIS A 134 -24.37 21.74 -8.67
C HIS A 134 -24.57 22.92 -9.63
N HIS A 135 -24.18 24.10 -9.20
CA HIS A 135 -24.23 25.29 -10.05
C HIS A 135 -23.11 26.24 -9.68
N MET A 1 3.30 -18.72 -15.54
CA MET A 1 2.31 -17.78 -14.99
C MET A 1 1.34 -18.48 -14.05
N ILE A 2 0.52 -19.38 -14.60
CA ILE A 2 -0.43 -20.11 -13.80
C ILE A 2 0.22 -21.37 -13.22
N MET A 3 0.87 -21.20 -12.08
CA MET A 3 1.58 -22.29 -11.43
C MET A 3 0.64 -23.07 -10.50
N VAL A 4 -0.53 -22.49 -10.25
CA VAL A 4 -1.52 -23.07 -9.34
C VAL A 4 -0.90 -23.32 -7.97
N SER A 5 -0.39 -22.25 -7.38
CA SER A 5 0.21 -22.31 -6.06
C SER A 5 0.07 -20.94 -5.39
N GLY A 6 -0.91 -20.83 -4.50
CA GLY A 6 -1.17 -19.56 -3.85
C GLY A 6 -1.94 -19.76 -2.57
N CYS A 7 -2.35 -18.65 -1.96
CA CYS A 7 -3.07 -18.71 -0.70
C CYS A 7 -3.85 -17.44 -0.46
N GLN A 8 -4.60 -17.43 0.64
CA GLN A 8 -5.24 -16.23 1.17
C GLN A 8 -5.43 -16.40 2.66
N GLN A 9 -4.36 -16.16 3.41
CA GLN A 9 -4.35 -16.41 4.84
C GLN A 9 -4.39 -15.09 5.61
N GLN A 10 -5.55 -14.81 6.20
CA GLN A 10 -5.68 -13.66 7.08
C GLN A 10 -4.84 -13.87 8.33
N LYS A 11 -3.77 -13.10 8.45
CA LYS A 11 -2.87 -13.24 9.58
C LYS A 11 -3.52 -12.72 10.86
N GLU A 12 -4.48 -11.80 10.69
CA GLU A 12 -5.14 -11.16 11.81
C GLU A 12 -4.11 -10.41 12.65
N GLU A 13 -3.16 -9.84 11.93
CA GLU A 13 -2.06 -9.10 12.50
C GLU A 13 -2.44 -7.63 12.57
N THR A 14 -1.78 -6.88 13.44
CA THR A 14 -1.97 -5.44 13.52
C THR A 14 -1.21 -4.77 12.36
N PRO A 15 -1.94 -4.40 11.30
CA PRO A 15 -1.34 -4.01 10.04
C PRO A 15 -1.22 -2.50 9.86
N PHE A 16 -0.05 -2.06 9.42
CA PHE A 16 0.14 -0.66 9.08
C PHE A 16 0.21 -0.51 7.55
N TYR A 17 0.36 -1.65 6.86
CA TYR A 17 0.54 -1.65 5.42
C TYR A 17 -0.72 -2.13 4.67
N TYR A 18 -1.77 -2.47 5.40
CA TYR A 18 -2.99 -3.02 4.80
C TYR A 18 -3.89 -1.93 4.22
N GLY A 19 -3.32 -0.82 3.84
CA GLY A 19 -4.12 0.30 3.38
C GLY A 19 -3.79 0.73 1.97
N THR A 20 -4.25 1.92 1.60
CA THR A 20 -3.99 2.48 0.29
C THR A 20 -3.03 3.66 0.42
N TRP A 21 -1.93 3.61 -0.31
CA TRP A 21 -0.91 4.63 -0.18
C TRP A 21 -0.82 5.49 -1.43
N ASP A 22 -0.72 6.79 -1.21
CA ASP A 22 -0.65 7.77 -2.27
C ASP A 22 0.80 8.00 -2.72
N GLU A 23 1.05 7.81 -4.00
CA GLU A 23 2.32 8.19 -4.59
C GLU A 23 2.20 9.57 -5.22
N GLY A 24 2.19 10.59 -4.38
CA GLY A 24 2.15 11.96 -4.85
C GLY A 24 3.52 12.43 -5.31
N ARG A 25 4.14 11.64 -6.16
CA ARG A 25 5.49 11.92 -6.63
C ARG A 25 5.68 11.29 -8.01
N ALA A 26 6.40 11.99 -8.87
CA ALA A 26 6.71 11.53 -10.24
C ALA A 26 5.44 11.38 -11.10
N PRO A 27 5.59 11.40 -12.43
CA PRO A 27 4.48 11.15 -13.36
C PRO A 27 4.27 9.66 -13.61
N GLY A 28 3.25 9.32 -14.40
CA GLY A 28 2.97 7.93 -14.69
C GLY A 28 3.02 7.62 -16.17
N PRO A 29 2.42 6.49 -16.58
CA PRO A 29 2.29 6.08 -17.99
C PRO A 29 1.89 7.20 -18.95
N THR A 30 2.22 7.01 -20.22
CA THR A 30 2.12 8.04 -21.24
C THR A 30 0.68 8.45 -21.59
N ASP A 31 -0.30 7.61 -21.24
CA ASP A 31 -1.68 7.90 -21.59
C ASP A 31 -2.17 9.19 -20.94
N GLY A 32 -2.05 9.26 -19.63
CA GLY A 32 -2.47 10.43 -18.90
C GLY A 32 -2.55 10.20 -17.41
N VAL A 33 -1.48 9.64 -16.85
CA VAL A 33 -1.42 9.39 -15.42
C VAL A 33 -0.64 10.49 -14.74
N LYS A 34 -1.19 11.01 -13.66
CA LYS A 34 -0.54 12.09 -12.93
C LYS A 34 -0.06 11.62 -11.58
N SER A 35 -0.59 10.50 -11.13
CA SER A 35 -0.35 10.01 -9.78
C SER A 35 -0.55 8.50 -9.72
N ALA A 36 -0.10 7.89 -8.64
CA ALA A 36 -0.33 6.47 -8.42
C ALA A 36 -0.77 6.22 -6.99
N THR A 37 -1.57 5.18 -6.80
CA THR A 37 -1.97 4.73 -5.48
C THR A 37 -1.82 3.21 -5.37
N VAL A 38 -1.20 2.74 -4.31
CA VAL A 38 -0.98 1.31 -4.14
C VAL A 38 -1.82 0.78 -2.98
N THR A 39 -2.53 -0.31 -3.22
CA THR A 39 -3.32 -0.93 -2.19
C THR A 39 -2.76 -2.30 -1.84
N PHE A 40 -2.48 -2.53 -0.58
CA PHE A 40 -1.99 -3.82 -0.14
C PHE A 40 -3.13 -4.61 0.49
N THR A 41 -3.43 -5.74 -0.13
CA THR A 41 -4.53 -6.59 0.32
C THR A 41 -3.96 -7.76 1.13
N GLU A 42 -4.84 -8.65 1.60
CA GLU A 42 -4.43 -9.77 2.44
C GLU A 42 -3.27 -10.54 1.83
N ASP A 43 -3.46 -11.06 0.62
CA ASP A 43 -2.44 -11.84 -0.06
C ASP A 43 -2.06 -11.18 -1.39
N GLU A 44 -2.78 -10.13 -1.77
CA GLU A 44 -2.59 -9.50 -3.07
C GLU A 44 -2.08 -8.08 -2.93
N VAL A 45 -1.42 -7.61 -3.97
CA VAL A 45 -1.04 -6.20 -4.07
C VAL A 45 -1.72 -5.61 -5.30
N VAL A 46 -2.57 -4.62 -5.09
CA VAL A 46 -3.33 -4.03 -6.17
C VAL A 46 -2.78 -2.66 -6.52
N GLU A 47 -2.43 -2.48 -7.80
CA GLU A 47 -1.96 -1.19 -8.27
C GLU A 47 -3.08 -0.39 -8.87
N THR A 48 -3.13 0.86 -8.47
CA THR A 48 -4.09 1.80 -9.00
C THR A 48 -3.38 3.04 -9.48
N GLU A 49 -3.49 3.34 -10.75
CA GLU A 49 -2.86 4.53 -11.28
C GLU A 49 -3.90 5.59 -11.53
N VAL A 50 -3.63 6.80 -11.06
CA VAL A 50 -4.60 7.88 -11.13
C VAL A 50 -4.49 8.59 -12.46
N MET A 51 -5.53 8.43 -13.26
CA MET A 51 -5.60 9.02 -14.57
C MET A 51 -6.68 10.07 -14.60
N GLU A 52 -6.30 11.30 -14.90
CA GLU A 52 -7.25 12.39 -14.93
C GLU A 52 -8.35 12.10 -15.94
N GLY A 53 -9.59 12.24 -15.49
CA GLY A 53 -10.72 11.97 -16.36
C GLY A 53 -11.24 10.55 -16.19
N ARG A 54 -10.41 9.67 -15.67
CA ARG A 54 -10.80 8.29 -15.42
C ARG A 54 -10.99 8.08 -13.92
N GLY A 55 -9.97 8.48 -13.17
CA GLY A 55 -9.93 8.21 -11.75
C GLY A 55 -8.84 7.21 -11.44
N GLU A 56 -9.01 6.44 -10.38
CA GLU A 56 -8.08 5.37 -10.08
C GLU A 56 -8.41 4.15 -10.92
N VAL A 57 -7.44 3.71 -11.69
CA VAL A 57 -7.62 2.57 -12.56
C VAL A 57 -6.91 1.35 -11.98
N GLN A 58 -7.64 0.29 -11.75
CA GLN A 58 -7.12 -0.90 -11.13
C GLN A 58 -6.43 -1.80 -12.16
N LEU A 59 -5.15 -2.01 -11.95
CA LEU A 59 -4.36 -2.88 -12.81
C LEU A 59 -4.29 -4.28 -12.22
N PRO A 60 -3.90 -5.29 -13.03
CA PRO A 60 -3.75 -6.67 -12.57
C PRO A 60 -3.04 -6.78 -11.23
N PHE A 61 -3.73 -7.36 -10.25
CA PHE A 61 -3.20 -7.49 -8.90
C PHE A 61 -2.09 -8.52 -8.84
N MET A 62 -1.07 -8.23 -8.05
CA MET A 62 0.09 -9.10 -7.92
C MET A 62 0.05 -9.88 -6.62
N ALA A 63 0.62 -11.08 -6.62
CA ALA A 63 0.74 -11.86 -5.40
C ALA A 63 2.09 -11.58 -4.75
N TYR A 64 2.12 -11.51 -3.42
CA TYR A 64 3.35 -11.18 -2.73
C TYR A 64 3.63 -12.18 -1.60
N LYS A 65 4.87 -12.19 -1.14
CA LYS A 65 5.27 -12.99 0.01
C LYS A 65 6.16 -12.16 0.90
N VAL A 66 6.25 -12.57 2.16
CA VAL A 66 7.00 -11.82 3.15
C VAL A 66 8.34 -12.50 3.43
N ILE A 67 9.42 -11.79 3.15
CA ILE A 67 10.76 -12.32 3.39
C ILE A 67 11.17 -12.04 4.83
N SER A 68 11.02 -10.79 5.24
CA SER A 68 11.37 -10.38 6.59
C SER A 68 10.32 -9.43 7.14
N GLN A 69 10.29 -9.30 8.44
CA GLN A 69 9.36 -8.40 9.11
C GLN A 69 10.00 -7.85 10.38
N SER A 70 9.85 -6.55 10.58
CA SER A 70 10.39 -5.88 11.76
C SER A 70 9.36 -4.89 12.30
N THR A 71 8.90 -5.14 13.52
CA THR A 71 8.00 -4.21 14.19
C THR A 71 8.72 -2.89 14.47
N ASP A 72 10.05 -2.94 14.46
CA ASP A 72 10.87 -1.75 14.62
C ASP A 72 10.53 -0.71 13.56
N GLY A 73 10.36 -1.16 12.31
CA GLY A 73 9.89 -0.24 11.29
C GLY A 73 10.35 -0.57 9.88
N SER A 74 10.44 -1.86 9.55
CA SER A 74 10.70 -2.26 8.19
C SER A 74 10.17 -3.66 7.89
N ILE A 75 9.63 -3.81 6.70
CA ILE A 75 9.18 -5.11 6.22
C ILE A 75 9.75 -5.38 4.83
N GLU A 76 10.21 -6.60 4.60
CA GLU A 76 10.78 -7.00 3.32
C GLU A 76 9.84 -7.97 2.64
N ILE A 77 9.43 -7.63 1.43
CA ILE A 77 8.48 -8.44 0.69
C ILE A 77 8.98 -8.73 -0.71
N GLN A 78 8.45 -9.78 -1.31
CA GLN A 78 8.80 -10.16 -2.66
C GLN A 78 7.55 -10.44 -3.45
N TYR A 79 7.59 -10.16 -4.74
CA TYR A 79 6.44 -10.40 -5.60
C TYR A 79 6.61 -11.70 -6.36
N LEU A 80 5.49 -12.26 -6.80
CA LEU A 80 5.49 -13.46 -7.59
C LEU A 80 5.02 -13.13 -9.00
N GLY A 81 4.96 -14.13 -9.87
CA GLY A 81 4.57 -13.85 -11.24
C GLY A 81 5.70 -13.18 -12.00
N PRO A 82 5.38 -12.35 -12.99
CA PRO A 82 6.39 -11.60 -13.77
C PRO A 82 7.26 -10.69 -12.89
N TYR A 83 6.84 -10.50 -11.65
CA TYR A 83 7.59 -9.66 -10.71
C TYR A 83 8.35 -10.51 -9.69
N TYR A 84 8.58 -11.77 -10.03
CA TYR A 84 9.36 -12.67 -9.19
C TYR A 84 10.82 -12.16 -9.16
N PRO A 85 11.78 -12.87 -8.51
CA PRO A 85 12.84 -12.33 -7.65
C PRO A 85 12.94 -10.81 -7.37
N LEU A 86 12.09 -9.98 -7.93
CA LEU A 86 12.11 -8.56 -7.63
C LEU A 86 11.55 -8.30 -6.22
N LYS A 87 12.41 -7.77 -5.36
CA LYS A 87 12.01 -7.42 -4.01
C LYS A 87 11.39 -6.03 -3.93
N SER A 88 10.78 -5.76 -2.80
CA SER A 88 10.31 -4.44 -2.46
C SER A 88 10.35 -4.30 -0.94
N THR A 89 10.66 -3.11 -0.44
CA THR A 89 10.80 -2.92 0.99
C THR A 89 9.85 -1.83 1.47
N LEU A 90 9.28 -2.03 2.64
CA LEU A 90 8.42 -1.04 3.27
C LEU A 90 9.07 -0.56 4.56
N LYS A 91 9.27 0.74 4.67
CA LYS A 91 9.94 1.30 5.83
C LYS A 91 9.14 2.44 6.45
N ARG A 92 9.53 2.82 7.65
CA ARG A 92 8.85 3.87 8.40
C ARG A 92 9.24 5.25 7.87
N GLY A 93 8.31 6.19 7.94
CA GLY A 93 8.60 7.55 7.57
C GLY A 93 8.80 8.43 8.78
N GLU A 94 9.20 9.66 8.54
CA GLU A 94 9.50 10.60 9.61
C GLU A 94 8.32 11.49 9.91
N ASN A 95 7.25 11.32 9.15
CA ASN A 95 6.07 12.16 9.29
C ASN A 95 4.82 11.32 9.42
N GLY A 96 4.97 10.12 9.96
CA GLY A 96 3.86 9.19 10.02
C GLY A 96 3.47 8.69 8.64
N THR A 97 4.48 8.26 7.90
CA THR A 97 4.30 7.84 6.52
C THR A 97 4.96 6.49 6.28
N LEU A 98 4.76 5.93 5.09
CA LEU A 98 5.37 4.66 4.74
C LEU A 98 6.28 4.85 3.53
N ILE A 99 7.47 4.29 3.63
CA ILE A 99 8.44 4.38 2.55
C ILE A 99 8.40 3.13 1.69
N TRP A 100 8.04 3.29 0.43
CA TRP A 100 7.98 2.16 -0.50
C TRP A 100 9.27 2.11 -1.30
N GLU A 101 10.05 1.08 -1.07
CA GLU A 101 11.28 0.89 -1.79
C GLU A 101 11.10 -0.20 -2.83
N GLN A 102 11.55 0.07 -4.03
CA GLN A 102 11.45 -0.88 -5.12
C GLN A 102 12.61 -0.67 -6.07
N ASN A 103 13.31 -1.75 -6.40
CA ASN A 103 14.47 -1.68 -7.30
C ASN A 103 15.58 -0.81 -6.69
N GLY A 104 15.55 -0.67 -5.37
CA GLY A 104 16.54 0.13 -4.68
C GLY A 104 16.16 1.60 -4.64
N GLN A 105 15.10 1.96 -5.37
CA GLN A 105 14.68 3.36 -5.45
C GLN A 105 13.63 3.65 -4.39
N ARG A 106 13.66 4.88 -3.87
CA ARG A 106 12.85 5.25 -2.73
C ARG A 106 11.59 6.03 -3.14
N LYS A 107 10.44 5.45 -2.86
CA LYS A 107 9.18 6.15 -3.03
C LYS A 107 8.62 6.59 -1.68
N THR A 108 8.20 7.84 -1.59
CA THR A 108 7.54 8.34 -0.39
C THR A 108 6.03 8.35 -0.61
N MET A 109 5.28 7.74 0.29
CA MET A 109 3.85 7.60 0.09
C MET A 109 3.06 8.30 1.19
N THR A 110 1.93 8.87 0.80
CA THR A 110 1.01 9.49 1.73
C THR A 110 -0.09 8.50 2.07
N ARG A 111 -0.77 8.68 3.20
CA ARG A 111 -1.83 7.76 3.57
C ARG A 111 -3.18 8.29 3.11
N ILE A 112 -3.87 7.50 2.30
CA ILE A 112 -5.21 7.86 1.84
C ILE A 112 -6.18 7.72 3.01
N GLU A 113 -7.18 8.57 3.02
CA GLU A 113 -8.08 8.67 4.16
C GLU A 113 -9.30 7.77 3.99
N SER A 114 -9.11 6.52 4.39
CA SER A 114 -10.18 5.51 4.40
C SER A 114 -10.64 5.17 2.98
N LYS A 115 -10.23 4.01 2.49
CA LYS A 115 -10.70 3.53 1.20
C LYS A 115 -12.09 2.93 1.34
N THR A 116 -13.07 3.80 1.53
CA THR A 116 -14.44 3.38 1.74
C THR A 116 -15.15 3.16 0.41
N GLY A 117 -15.10 1.93 -0.06
CA GLY A 117 -15.69 1.58 -1.34
C GLY A 117 -15.36 0.16 -1.73
N ARG A 118 -15.65 -0.78 -0.84
CA ARG A 118 -15.39 -2.18 -1.10
C ARG A 118 -16.68 -2.85 -1.54
N GLU A 119 -16.81 -3.02 -2.84
CA GLU A 119 -17.97 -3.67 -3.42
C GLU A 119 -17.68 -4.15 -4.84
N GLU A 120 -17.08 -5.32 -4.92
CA GLU A 120 -16.84 -5.97 -6.21
C GLU A 120 -17.25 -7.43 -6.10
N LYS A 121 -18.14 -7.84 -6.97
CA LYS A 121 -18.65 -9.21 -6.92
C LYS A 121 -17.58 -10.18 -7.39
N ASP A 122 -17.42 -11.27 -6.67
CA ASP A 122 -16.55 -12.33 -7.11
C ASP A 122 -17.29 -13.22 -8.07
N GLU A 123 -16.67 -13.49 -9.20
CA GLU A 123 -17.30 -14.26 -10.25
C GLU A 123 -16.25 -14.79 -11.20
N LYS A 124 -15.97 -16.07 -11.09
CA LYS A 124 -14.94 -16.71 -11.90
C LYS A 124 -15.43 -18.06 -12.40
N SER A 125 -15.26 -18.28 -13.68
CA SER A 125 -15.65 -19.54 -14.30
C SER A 125 -14.40 -20.36 -14.58
N LYS A 126 -14.59 -21.55 -15.13
CA LYS A 126 -13.48 -22.44 -15.40
C LYS A 126 -13.73 -23.23 -16.68
N SER A 127 -12.84 -23.08 -17.64
CA SER A 127 -12.95 -23.83 -18.89
C SER A 127 -12.21 -25.16 -18.76
N LEU A 128 -12.82 -26.22 -19.25
CA LEU A 128 -12.22 -27.54 -19.17
C LEU A 128 -12.68 -28.39 -20.35
N GLU A 129 -11.71 -28.97 -21.05
CA GLU A 129 -12.00 -29.82 -22.19
C GLU A 129 -11.03 -31.00 -22.21
N HIS A 130 -11.44 -32.12 -21.64
CA HIS A 130 -10.61 -33.31 -21.62
C HIS A 130 -11.24 -34.44 -22.43
N HIS A 131 -10.92 -34.47 -23.71
CA HIS A 131 -11.43 -35.51 -24.59
C HIS A 131 -10.31 -36.05 -25.45
N HIS A 132 -10.17 -37.36 -25.49
CA HIS A 132 -9.15 -38.01 -26.31
C HIS A 132 -9.79 -39.10 -27.13
N HIS A 133 -9.27 -39.33 -28.33
CA HIS A 133 -9.89 -40.26 -29.27
C HIS A 133 -9.15 -41.59 -29.31
N HIS A 134 -9.93 -42.68 -29.33
CA HIS A 134 -9.42 -44.05 -29.45
C HIS A 134 -8.53 -44.41 -28.26
N HIS A 135 -7.24 -44.14 -28.38
CA HIS A 135 -6.31 -44.31 -27.27
C HIS A 135 -5.01 -43.57 -27.59
N MET A 1 -10.49 12.32 34.91
CA MET A 1 -10.43 11.75 33.54
C MET A 1 -9.12 12.12 32.87
N ILE A 2 -8.19 11.18 32.82
CA ILE A 2 -6.91 11.39 32.15
C ILE A 2 -6.98 10.89 30.71
N MET A 3 -5.93 11.15 29.96
CA MET A 3 -5.88 10.72 28.57
C MET A 3 -5.28 9.33 28.45
N VAL A 4 -6.11 8.36 28.11
CA VAL A 4 -5.66 7.00 27.89
C VAL A 4 -5.91 6.59 26.45
N SER A 5 -5.37 5.44 26.06
CA SER A 5 -5.55 4.95 24.71
C SER A 5 -6.52 3.77 24.71
N GLY A 6 -7.56 3.87 23.89
CA GLY A 6 -8.53 2.80 23.78
C GLY A 6 -8.05 1.72 22.84
N CYS A 7 -7.06 2.06 22.01
CA CYS A 7 -6.47 1.11 21.10
C CYS A 7 -5.46 0.22 21.81
N GLN A 8 -5.98 -0.72 22.58
CA GLN A 8 -5.16 -1.69 23.31
C GLN A 8 -5.79 -3.07 23.22
N GLN A 9 -4.99 -4.06 22.83
CA GLN A 9 -5.45 -5.44 22.74
C GLN A 9 -6.63 -5.54 21.77
N GLN A 10 -6.55 -4.76 20.70
CA GLN A 10 -7.61 -4.67 19.72
C GLN A 10 -7.76 -5.97 18.94
N LYS A 11 -8.97 -6.24 18.48
CA LYS A 11 -9.25 -7.47 17.75
C LYS A 11 -8.93 -7.31 16.26
N GLU A 12 -8.52 -6.10 15.89
CA GLU A 12 -8.07 -5.80 14.54
C GLU A 12 -6.70 -5.13 14.61
N GLU A 13 -5.70 -5.76 14.03
CA GLU A 13 -4.37 -5.21 14.03
C GLU A 13 -4.29 -3.97 13.17
N THR A 14 -3.46 -3.05 13.58
CA THR A 14 -3.23 -1.83 12.83
C THR A 14 -1.85 -1.88 12.16
N PRO A 15 -1.79 -2.35 10.91
CA PRO A 15 -0.55 -2.44 10.15
C PRO A 15 -0.20 -1.11 9.49
N PHE A 16 0.99 -0.62 9.79
CA PHE A 16 1.41 0.71 9.34
C PHE A 16 1.64 0.75 7.82
N TYR A 17 1.62 -0.40 7.16
CA TYR A 17 1.89 -0.48 5.74
C TYR A 17 0.65 -0.91 4.96
N TYR A 18 -0.44 -1.16 5.67
CA TYR A 18 -1.62 -1.77 5.07
C TYR A 18 -2.66 -0.73 4.68
N GLY A 19 -3.07 -0.79 3.42
CA GLY A 19 -4.07 0.13 2.93
C GLY A 19 -3.72 0.69 1.57
N THR A 20 -4.33 1.81 1.21
CA THR A 20 -4.05 2.47 -0.05
C THR A 20 -3.14 3.67 0.17
N TRP A 21 -2.01 3.69 -0.53
CA TRP A 21 -1.03 4.75 -0.35
C TRP A 21 -1.05 5.73 -1.51
N ASP A 22 -0.90 7.00 -1.16
CA ASP A 22 -0.84 8.09 -2.12
C ASP A 22 0.53 8.20 -2.76
N GLU A 23 0.54 8.15 -4.08
CA GLU A 23 1.73 8.38 -4.86
C GLU A 23 1.83 9.87 -5.17
N GLY A 24 2.43 10.60 -4.24
CA GLY A 24 2.77 12.00 -4.45
C GLY A 24 3.39 12.21 -5.81
N ARG A 25 4.22 11.27 -6.23
CA ARG A 25 4.67 11.16 -7.60
C ARG A 25 4.63 9.69 -7.95
N ALA A 26 4.23 9.37 -9.16
CA ALA A 26 4.00 7.98 -9.50
C ALA A 26 4.67 7.57 -10.80
N PRO A 27 5.22 6.35 -10.81
CA PRO A 27 5.70 5.70 -12.01
C PRO A 27 4.66 4.73 -12.56
N GLY A 28 4.57 4.64 -13.87
CA GLY A 28 3.63 3.71 -14.44
C GLY A 28 3.55 3.80 -15.95
N PRO A 29 2.42 3.35 -16.49
CA PRO A 29 2.09 3.36 -17.92
C PRO A 29 2.32 4.71 -18.60
N THR A 30 2.41 4.68 -19.91
CA THR A 30 2.63 5.87 -20.71
C THR A 30 1.31 6.51 -21.14
N ASP A 31 0.23 6.07 -20.52
CA ASP A 31 -1.11 6.57 -20.82
C ASP A 31 -1.23 8.06 -20.51
N GLY A 32 -0.44 8.51 -19.55
CA GLY A 32 -0.52 9.89 -19.11
C GLY A 32 -1.16 9.98 -17.74
N VAL A 33 -0.55 9.34 -16.77
CA VAL A 33 -1.09 9.29 -15.42
C VAL A 33 -0.45 10.39 -14.58
N LYS A 34 -1.27 11.12 -13.84
CA LYS A 34 -0.77 12.22 -13.02
C LYS A 34 -0.54 11.79 -11.59
N SER A 35 -1.22 10.73 -11.17
CA SER A 35 -1.10 10.22 -9.82
C SER A 35 -1.53 8.77 -9.79
N ALA A 36 -1.17 8.06 -8.74
CA ALA A 36 -1.57 6.68 -8.61
C ALA A 36 -1.74 6.32 -7.14
N THR A 37 -2.37 5.21 -6.89
CA THR A 37 -2.54 4.71 -5.55
C THR A 37 -2.19 3.23 -5.49
N VAL A 38 -1.40 2.85 -4.51
CA VAL A 38 -1.00 1.47 -4.35
C VAL A 38 -1.65 0.89 -3.12
N THR A 39 -2.43 -0.16 -3.32
CA THR A 39 -3.15 -0.79 -2.25
C THR A 39 -2.55 -2.15 -1.93
N PHE A 40 -2.21 -2.36 -0.67
CA PHE A 40 -1.69 -3.64 -0.24
C PHE A 40 -2.80 -4.42 0.44
N THR A 41 -3.14 -5.55 -0.15
CA THR A 41 -4.22 -6.37 0.36
C THR A 41 -3.63 -7.53 1.18
N GLU A 42 -4.50 -8.30 1.81
CA GLU A 42 -4.08 -9.41 2.67
C GLU A 42 -3.07 -10.33 1.97
N ASP A 43 -3.28 -10.60 0.69
CA ASP A 43 -2.38 -11.49 -0.04
C ASP A 43 -2.03 -10.95 -1.43
N GLU A 44 -2.57 -9.79 -1.80
CA GLU A 44 -2.36 -9.25 -3.14
C GLU A 44 -1.82 -7.83 -3.09
N VAL A 45 -1.07 -7.46 -4.12
CA VAL A 45 -0.67 -6.08 -4.33
C VAL A 45 -1.45 -5.51 -5.50
N VAL A 46 -2.24 -4.46 -5.24
CA VAL A 46 -3.08 -3.89 -6.28
C VAL A 46 -2.69 -2.45 -6.57
N GLU A 47 -2.39 -2.18 -7.84
CA GLU A 47 -2.09 -0.82 -8.26
C GLU A 47 -3.31 -0.18 -8.88
N THR A 48 -3.49 1.08 -8.56
CA THR A 48 -4.58 1.85 -9.10
C THR A 48 -4.03 3.10 -9.80
N GLU A 49 -4.57 3.40 -10.97
CA GLU A 49 -4.14 4.57 -11.71
C GLU A 49 -5.11 5.70 -11.45
N VAL A 50 -4.60 6.87 -11.09
CA VAL A 50 -5.44 8.04 -11.02
C VAL A 50 -5.23 8.79 -12.32
N MET A 51 -6.21 8.74 -13.18
CA MET A 51 -6.04 9.24 -14.53
C MET A 51 -7.21 10.10 -14.93
N GLU A 52 -6.89 11.24 -15.50
CA GLU A 52 -7.88 12.22 -15.87
C GLU A 52 -8.55 11.85 -17.19
N GLY A 53 -9.60 11.06 -17.08
CA GLY A 53 -10.27 10.56 -18.26
C GLY A 53 -10.97 9.25 -17.98
N ARG A 54 -10.23 8.29 -17.44
CA ARG A 54 -10.78 6.99 -17.10
C ARG A 54 -11.21 6.96 -15.64
N GLY A 55 -10.49 7.68 -14.81
CA GLY A 55 -10.74 7.65 -13.38
C GLY A 55 -9.80 6.68 -12.71
N GLU A 56 -9.99 6.44 -11.42
CA GLU A 56 -9.22 5.44 -10.73
C GLU A 56 -9.54 4.06 -11.24
N VAL A 57 -8.55 3.44 -11.81
CA VAL A 57 -8.70 2.12 -12.41
C VAL A 57 -7.71 1.15 -11.80
N GLN A 58 -8.21 0.01 -11.35
CA GLN A 58 -7.39 -1.02 -10.75
C GLN A 58 -6.66 -1.83 -11.82
N LEU A 59 -5.37 -2.00 -11.63
CA LEU A 59 -4.56 -2.83 -12.51
C LEU A 59 -4.55 -4.28 -12.01
N PRO A 60 -4.18 -5.24 -12.88
CA PRO A 60 -4.07 -6.65 -12.50
C PRO A 60 -3.31 -6.85 -11.20
N PHE A 61 -3.97 -7.46 -10.22
CA PHE A 61 -3.37 -7.63 -8.91
C PHE A 61 -2.24 -8.65 -8.95
N MET A 62 -1.18 -8.36 -8.20
CA MET A 62 -0.02 -9.22 -8.16
C MET A 62 0.06 -9.95 -6.83
N ALA A 63 0.59 -11.16 -6.85
CA ALA A 63 0.80 -11.93 -5.64
C ALA A 63 2.14 -11.55 -5.02
N TYR A 64 2.23 -11.61 -3.70
CA TYR A 64 3.46 -11.27 -3.01
C TYR A 64 3.64 -12.14 -1.77
N LYS A 65 4.88 -12.32 -1.37
CA LYS A 65 5.19 -13.06 -0.15
C LYS A 65 6.10 -12.25 0.74
N VAL A 66 6.05 -12.55 2.01
CA VAL A 66 6.81 -11.82 3.01
C VAL A 66 8.13 -12.53 3.31
N ILE A 67 9.23 -11.80 3.16
CA ILE A 67 10.55 -12.32 3.47
C ILE A 67 10.84 -12.08 4.94
N SER A 68 10.65 -10.83 5.35
CA SER A 68 10.82 -10.44 6.73
C SER A 68 9.79 -9.38 7.09
N GLN A 69 9.48 -9.27 8.36
CA GLN A 69 8.44 -8.35 8.79
C GLN A 69 8.73 -7.82 10.19
N SER A 70 8.69 -6.52 10.32
CA SER A 70 8.94 -5.85 11.58
C SER A 70 7.90 -4.76 11.78
N THR A 71 7.52 -4.51 13.02
CA THR A 71 6.51 -3.52 13.32
C THR A 71 7.08 -2.11 13.33
N ASP A 72 8.38 -2.00 13.53
CA ASP A 72 9.00 -0.69 13.67
C ASP A 72 10.39 -0.63 13.03
N GLY A 73 10.93 -1.77 12.65
CA GLY A 73 12.20 -1.76 11.96
C GLY A 73 12.03 -1.55 10.48
N SER A 74 11.74 -2.64 9.79
CA SER A 74 11.49 -2.62 8.37
C SER A 74 10.82 -3.92 7.92
N ILE A 75 10.07 -3.86 6.84
CA ILE A 75 9.41 -5.03 6.28
C ILE A 75 10.00 -5.35 4.92
N GLU A 76 10.23 -6.62 4.64
CA GLU A 76 10.74 -7.02 3.35
C GLU A 76 9.78 -7.99 2.68
N ILE A 77 9.37 -7.65 1.47
CA ILE A 77 8.43 -8.45 0.72
C ILE A 77 8.96 -8.75 -0.67
N GLN A 78 8.46 -9.81 -1.28
CA GLN A 78 8.89 -10.19 -2.62
C GLN A 78 7.68 -10.42 -3.51
N TYR A 79 7.80 -10.05 -4.78
CA TYR A 79 6.72 -10.22 -5.74
C TYR A 79 6.71 -11.64 -6.28
N LEU A 80 5.64 -12.01 -6.96
CA LEU A 80 5.54 -13.31 -7.58
C LEU A 80 5.13 -13.19 -9.04
N GLY A 81 5.26 -14.27 -9.78
CA GLY A 81 4.99 -14.24 -11.20
C GLY A 81 6.27 -14.23 -11.99
N PRO A 82 6.27 -13.69 -13.21
CA PRO A 82 7.49 -13.57 -14.01
C PRO A 82 8.48 -12.58 -13.40
N TYR A 83 7.95 -11.69 -12.57
CA TYR A 83 8.76 -10.66 -11.91
C TYR A 83 8.96 -11.01 -10.44
N TYR A 84 9.19 -12.28 -10.16
CA TYR A 84 9.25 -12.76 -8.80
C TYR A 84 10.58 -12.44 -8.11
N PRO A 85 11.74 -12.39 -8.81
CA PRO A 85 13.00 -12.27 -8.10
C PRO A 85 13.24 -10.88 -7.53
N LEU A 86 12.33 -9.96 -7.82
CA LEU A 86 12.44 -8.59 -7.34
C LEU A 86 11.78 -8.47 -5.96
N LYS A 87 12.54 -7.99 -4.98
CA LYS A 87 11.99 -7.80 -3.65
C LYS A 87 11.89 -6.32 -3.32
N SER A 88 11.21 -6.02 -2.23
CA SER A 88 10.91 -4.64 -1.87
C SER A 88 11.09 -4.42 -0.37
N THR A 89 11.38 -3.19 0.00
CA THR A 89 11.59 -2.85 1.40
C THR A 89 10.59 -1.80 1.86
N LEU A 90 10.13 -1.94 3.09
CA LEU A 90 9.18 -1.01 3.68
C LEU A 90 9.73 -0.48 5.00
N LYS A 91 9.83 0.83 5.12
CA LYS A 91 10.31 1.46 6.33
C LYS A 91 9.36 2.56 6.76
N ARG A 92 9.47 2.98 8.00
CA ARG A 92 8.75 4.15 8.46
C ARG A 92 9.53 5.42 8.18
N GLY A 93 8.81 6.46 7.84
CA GLY A 93 9.44 7.76 7.69
C GLY A 93 9.16 8.63 8.88
N GLU A 94 9.04 9.93 8.66
CA GLU A 94 8.68 10.85 9.71
C GLU A 94 7.16 10.95 9.78
N ASN A 95 6.60 10.71 10.96
CA ASN A 95 5.16 10.69 11.15
C ASN A 95 4.55 9.54 10.36
N GLY A 96 3.29 9.68 9.97
CA GLY A 96 2.60 8.62 9.26
C GLY A 96 2.97 8.53 7.80
N THR A 97 4.26 8.44 7.52
CA THR A 97 4.74 8.27 6.16
C THR A 97 5.44 6.93 6.01
N LEU A 98 5.28 6.31 4.85
CA LEU A 98 5.91 5.02 4.59
C LEU A 98 7.02 5.18 3.57
N ILE A 99 8.16 4.59 3.85
CA ILE A 99 9.27 4.58 2.91
C ILE A 99 9.27 3.27 2.16
N TRP A 100 8.95 3.33 0.89
CA TRP A 100 8.84 2.16 0.05
C TRP A 100 10.03 2.06 -0.89
N GLU A 101 10.84 1.05 -0.70
CA GLU A 101 11.98 0.85 -1.56
C GLU A 101 11.73 -0.30 -2.52
N GLN A 102 12.00 -0.05 -3.76
CA GLN A 102 11.75 -1.00 -4.83
C GLN A 102 12.74 -0.78 -5.95
N ASN A 103 13.32 -1.86 -6.47
CA ASN A 103 14.25 -1.79 -7.61
C ASN A 103 15.52 -1.02 -7.26
N GLY A 104 15.70 -0.71 -5.99
CA GLY A 104 16.86 0.02 -5.55
C GLY A 104 16.63 1.51 -5.52
N GLN A 105 15.37 1.93 -5.62
CA GLN A 105 15.04 3.35 -5.51
C GLN A 105 14.07 3.58 -4.36
N ARG A 106 14.16 4.75 -3.74
CA ARG A 106 13.34 5.06 -2.58
C ARG A 106 12.09 5.84 -2.99
N LYS A 107 10.94 5.33 -2.59
CA LYS A 107 9.68 6.04 -2.78
C LYS A 107 9.11 6.49 -1.45
N THR A 108 8.57 7.68 -1.41
CA THR A 108 7.95 8.21 -0.21
C THR A 108 6.44 8.17 -0.36
N MET A 109 5.79 7.36 0.47
CA MET A 109 4.35 7.16 0.35
C MET A 109 3.62 7.97 1.41
N THR A 110 2.58 8.66 0.98
CA THR A 110 1.70 9.38 1.90
C THR A 110 0.42 8.59 2.08
N ARG A 111 -0.13 8.57 3.28
CA ARG A 111 -1.35 7.81 3.50
C ARG A 111 -2.56 8.61 3.07
N ILE A 112 -3.42 7.99 2.28
CA ILE A 112 -4.69 8.61 1.92
C ILE A 112 -5.50 8.83 3.17
N GLU A 113 -6.24 9.91 3.21
CA GLU A 113 -6.92 10.29 4.42
C GLU A 113 -8.42 10.25 4.24
N SER A 114 -9.03 9.28 4.90
CA SER A 114 -10.47 9.07 4.82
C SER A 114 -10.88 8.03 5.86
N LYS A 115 -11.53 8.48 6.91
CA LYS A 115 -12.05 7.56 7.92
C LYS A 115 -13.46 7.13 7.51
N THR A 116 -13.67 5.82 7.49
CA THR A 116 -14.87 5.23 6.89
C THR A 116 -14.79 5.35 5.37
N GLY A 117 -15.00 4.23 4.69
CA GLY A 117 -14.87 4.23 3.25
C GLY A 117 -16.14 4.71 2.56
N ARG A 118 -16.90 3.77 2.03
CA ARG A 118 -18.08 4.06 1.28
C ARG A 118 -19.27 3.33 1.89
N GLU A 119 -20.43 3.88 1.64
CA GLU A 119 -21.67 3.28 2.12
C GLU A 119 -22.61 3.00 0.95
N GLU A 120 -22.02 2.77 -0.22
CA GLU A 120 -22.77 2.36 -1.39
C GLU A 120 -23.24 0.91 -1.20
N LYS A 121 -24.34 0.75 -0.52
CA LYS A 121 -24.82 -0.57 -0.12
C LYS A 121 -26.12 -0.93 -0.80
N ASP A 122 -26.05 -1.82 -1.79
CA ASP A 122 -27.23 -2.33 -2.47
C ASP A 122 -26.85 -3.52 -3.34
N GLU A 123 -27.62 -4.58 -3.24
CA GLU A 123 -27.34 -5.82 -3.97
C GLU A 123 -28.63 -6.58 -4.28
N LYS A 124 -28.76 -6.98 -5.53
CA LYS A 124 -29.83 -7.89 -5.93
C LYS A 124 -29.22 -9.02 -6.75
N SER A 125 -28.85 -10.11 -6.09
CA SER A 125 -28.23 -11.23 -6.78
C SER A 125 -29.25 -11.95 -7.65
N LYS A 126 -29.27 -11.61 -8.93
CA LYS A 126 -30.17 -12.26 -9.87
C LYS A 126 -29.61 -13.61 -10.28
N SER A 127 -30.28 -14.67 -9.88
CA SER A 127 -29.82 -16.02 -10.19
C SER A 127 -30.87 -16.79 -10.99
N LEU A 128 -30.47 -17.33 -12.13
CA LEU A 128 -31.34 -18.15 -12.94
C LEU A 128 -30.84 -19.58 -12.91
N GLU A 129 -31.56 -20.45 -12.22
CA GLU A 129 -31.15 -21.83 -12.07
C GLU A 129 -31.87 -22.70 -13.11
N HIS A 130 -31.10 -23.27 -14.02
CA HIS A 130 -31.67 -24.03 -15.12
C HIS A 130 -31.14 -25.47 -15.09
N HIS A 131 -32.04 -26.43 -15.18
CA HIS A 131 -31.69 -27.84 -15.19
C HIS A 131 -32.40 -28.56 -16.33
N HIS A 132 -31.65 -28.90 -17.36
CA HIS A 132 -32.21 -29.66 -18.47
C HIS A 132 -31.13 -30.55 -19.07
N HIS A 133 -31.15 -31.82 -18.72
CA HIS A 133 -30.15 -32.76 -19.19
C HIS A 133 -30.76 -34.15 -19.39
N HIS A 134 -31.14 -34.44 -20.62
CA HIS A 134 -31.75 -35.71 -20.96
C HIS A 134 -30.69 -36.68 -21.47
N HIS A 135 -30.48 -37.77 -20.75
CA HIS A 135 -29.54 -38.80 -21.17
C HIS A 135 -30.25 -39.87 -21.99
#